data_2JXA
#
_entry.id   2JXA
#
loop_
_entity.id
_entity.type
_entity.pdbx_description
1 polymer 'Latrophilin 1'
2 non-polymer 2-acetamido-2-deoxy-beta-D-glucopyranose
3 non-polymer alpha-L-rhamnopyranose
#
_entity_poly.entity_id   1
_entity_poly.type   'polypeptide(L)'
_entity_poly.pdbx_seq_one_letter_code
;GLPFGLMRRELACEGYPIELRCPGSDVIMVENANYGRTDDKICDADPFQMENVQCYLPDAFKIMSQRCNNRTQCVVVAGS
DAFPDPCPGTYKYLEVQYDCVPYKVE
;
_entity_poly.pdbx_strand_id   A
#
# COMPACT_ATOMS: atom_id res chain seq x y z
N GLY A 1 -19.98 12.17 3.18
CA GLY A 1 -18.83 11.36 2.70
C GLY A 1 -17.71 12.28 2.23
N LEU A 2 -16.87 12.71 3.17
CA LEU A 2 -15.76 13.59 2.85
C LEU A 2 -14.87 12.99 1.76
N PRO A 3 -14.68 11.70 1.77
CA PRO A 3 -13.83 11.00 0.77
C PRO A 3 -14.59 10.72 -0.53
N PHE A 4 -14.13 9.72 -1.28
CA PHE A 4 -14.78 9.37 -2.55
C PHE A 4 -16.03 8.53 -2.30
N GLY A 5 -16.22 8.13 -1.05
CA GLY A 5 -17.39 7.34 -0.68
C GLY A 5 -17.39 5.97 -1.36
N LEU A 6 -16.22 5.53 -1.82
CA LEU A 6 -16.13 4.24 -2.49
C LEU A 6 -14.68 3.78 -2.63
N MET A 7 -14.41 2.54 -2.21
CA MET A 7 -13.05 1.99 -2.31
C MET A 7 -12.01 2.97 -1.75
N ARG A 8 -11.33 2.54 -0.69
CA ARG A 8 -10.31 3.35 -0.05
C ARG A 8 -8.93 3.03 -0.63
N ARG A 9 -8.02 4.00 -0.58
CA ARG A 9 -6.68 3.77 -1.10
C ARG A 9 -5.65 4.65 -0.41
N GLU A 10 -4.50 4.06 -0.12
CA GLU A 10 -3.40 4.77 0.51
C GLU A 10 -2.09 4.51 -0.23
N LEU A 11 -1.20 5.49 -0.21
CA LEU A 11 0.09 5.36 -0.86
C LEU A 11 1.17 5.91 0.07
N ALA A 12 2.32 5.25 0.15
CA ALA A 12 3.38 5.73 1.03
C ALA A 12 4.77 5.51 0.44
N CYS A 13 5.67 6.44 0.72
CA CYS A 13 7.04 6.39 0.22
C CYS A 13 7.84 5.29 0.90
N GLU A 14 8.56 4.51 0.10
CA GLU A 14 9.35 3.41 0.64
C GLU A 14 10.13 3.81 1.88
N GLY A 15 10.12 2.92 2.87
CA GLY A 15 10.86 3.12 4.12
C GLY A 15 10.04 3.75 5.24
N TYR A 16 8.80 4.17 4.98
CA TYR A 16 7.99 4.80 6.03
C TYR A 16 6.75 3.97 6.33
N PRO A 17 6.22 4.06 7.52
CA PRO A 17 4.99 3.32 7.90
C PRO A 17 3.73 3.87 7.22
N ILE A 18 2.85 2.94 6.85
CA ILE A 18 1.59 3.30 6.21
C ILE A 18 0.47 2.85 7.14
N GLU A 19 -0.62 3.61 7.20
CA GLU A 19 -1.70 3.26 8.11
C GLU A 19 -3.05 3.24 7.43
N LEU A 20 -3.76 2.14 7.58
CA LEU A 20 -5.10 1.99 7.01
C LEU A 20 -6.13 1.96 8.13
N ARG A 21 -7.29 2.53 7.90
CA ARG A 21 -8.34 2.53 8.90
C ARG A 21 -9.71 2.48 8.23
N CYS A 22 -10.53 1.52 8.64
CA CYS A 22 -11.86 1.38 8.09
C CYS A 22 -12.86 2.08 9.00
N PRO A 23 -13.87 2.68 8.43
CA PRO A 23 -14.91 3.42 9.21
C PRO A 23 -15.78 2.48 10.04
N GLY A 24 -16.39 3.02 11.09
CA GLY A 24 -17.28 2.25 11.94
C GLY A 24 -16.64 0.95 12.42
N SER A 25 -17.42 -0.12 12.32
CA SER A 25 -16.97 -1.45 12.73
C SER A 25 -16.65 -2.32 11.52
N ASP A 26 -16.37 -1.68 10.39
CA ASP A 26 -16.04 -2.40 9.18
C ASP A 26 -14.60 -2.90 9.26
N VAL A 27 -14.22 -3.79 8.35
CA VAL A 27 -12.85 -4.30 8.34
C VAL A 27 -12.22 -4.14 6.96
N ILE A 28 -10.92 -3.87 6.96
CA ILE A 28 -10.17 -3.67 5.73
C ILE A 28 -10.07 -4.96 4.92
N MET A 29 -10.27 -4.83 3.61
CA MET A 29 -10.17 -5.98 2.71
C MET A 29 -9.33 -5.58 1.50
N VAL A 30 -8.06 -5.99 1.54
CA VAL A 30 -7.12 -5.66 0.47
C VAL A 30 -7.53 -6.30 -0.85
N GLU A 31 -7.66 -5.46 -1.87
CA GLU A 31 -8.05 -5.93 -3.20
C GLU A 31 -6.83 -6.00 -4.10
N ASN A 32 -6.07 -4.91 -4.13
CA ASN A 32 -4.88 -4.84 -4.96
C ASN A 32 -3.85 -3.96 -4.31
N ALA A 33 -2.58 -4.30 -4.51
CA ALA A 33 -1.50 -3.53 -3.92
C ALA A 33 -0.17 -3.90 -4.56
N ASN A 34 0.77 -2.96 -4.54
CA ASN A 34 2.08 -3.23 -5.13
C ASN A 34 3.19 -2.42 -4.45
N TYR A 35 4.40 -2.94 -4.52
CA TYR A 35 5.58 -2.28 -3.95
C TYR A 35 6.60 -2.09 -5.06
N GLY A 36 7.02 -0.86 -5.33
CA GLY A 36 7.95 -0.63 -6.43
C GLY A 36 7.84 0.82 -6.90
N ARG A 37 7.88 1.02 -8.22
CA ARG A 37 7.80 2.35 -8.79
C ARG A 37 7.27 2.30 -10.22
N THR A 38 6.10 2.91 -10.43
CA THR A 38 5.48 2.93 -11.75
C THR A 38 5.17 4.36 -12.17
N ASP A 39 5.66 5.31 -11.38
CA ASP A 39 5.43 6.72 -11.67
C ASP A 39 6.64 7.54 -11.20
N ASP A 40 6.84 8.70 -11.80
CA ASP A 40 7.97 9.54 -11.41
C ASP A 40 7.49 10.80 -10.69
N LYS A 41 6.17 10.93 -10.51
CA LYS A 41 5.63 12.11 -9.84
C LYS A 41 5.15 11.78 -8.43
N ILE A 42 5.45 10.59 -7.95
CA ILE A 42 5.02 10.19 -6.61
C ILE A 42 6.23 10.02 -5.70
N CYS A 43 6.13 10.52 -4.48
CA CYS A 43 7.23 10.42 -3.53
C CYS A 43 8.46 11.12 -4.10
N ASP A 44 8.35 12.42 -4.29
CA ASP A 44 9.45 13.21 -4.86
C ASP A 44 10.78 12.91 -4.19
N ALA A 45 11.65 12.23 -4.94
CA ALA A 45 12.99 11.90 -4.44
C ALA A 45 14.02 12.36 -5.47
N ASP A 46 15.24 11.87 -5.34
CA ASP A 46 16.28 12.26 -6.30
C ASP A 46 15.90 11.78 -7.71
N PRO A 47 16.24 12.55 -8.70
CA PRO A 47 15.90 12.21 -10.11
C PRO A 47 16.39 10.83 -10.52
N PHE A 48 17.57 10.46 -10.03
CA PHE A 48 18.16 9.16 -10.36
C PHE A 48 17.29 8.01 -9.84
N GLN A 49 16.67 8.21 -8.68
CA GLN A 49 15.82 7.18 -8.10
C GLN A 49 14.41 7.31 -8.67
N MET A 50 14.16 8.42 -9.36
CA MET A 50 12.86 8.66 -9.93
C MET A 50 12.83 8.37 -11.44
N GLU A 51 13.99 8.07 -12.01
CA GLU A 51 14.07 7.80 -13.45
C GLU A 51 13.26 6.57 -13.88
N ASN A 52 13.49 5.43 -13.23
CA ASN A 52 12.78 4.21 -13.62
C ASN A 52 11.35 4.17 -13.08
N VAL A 53 10.39 4.19 -14.00
CA VAL A 53 8.98 4.14 -13.65
C VAL A 53 8.40 2.77 -14.00
N GLN A 54 9.23 1.75 -13.90
CA GLN A 54 8.80 0.39 -14.21
C GLN A 54 9.37 -0.61 -13.21
N CYS A 55 8.68 -0.78 -12.09
CA CYS A 55 9.10 -1.73 -11.07
C CYS A 55 7.85 -2.28 -10.39
N TYR A 56 7.65 -3.59 -10.48
CA TYR A 56 6.47 -4.20 -9.88
C TYR A 56 6.85 -5.33 -8.94
N LEU A 57 6.00 -5.59 -7.95
CA LEU A 57 6.26 -6.66 -7.00
C LEU A 57 4.92 -7.26 -6.55
N PRO A 58 4.40 -8.18 -7.33
CA PRO A 58 3.07 -8.83 -7.05
C PRO A 58 2.93 -9.29 -5.59
N ASP A 59 3.95 -9.96 -5.09
CA ASP A 59 3.92 -10.49 -3.73
C ASP A 59 3.60 -9.40 -2.71
N ALA A 60 3.87 -8.15 -3.05
CA ALA A 60 3.59 -7.06 -2.13
C ALA A 60 2.13 -7.11 -1.69
N PHE A 61 1.27 -7.57 -2.59
CA PHE A 61 -0.16 -7.67 -2.32
C PHE A 61 -0.45 -8.68 -1.21
N LYS A 62 0.23 -9.82 -1.26
CA LYS A 62 0.01 -10.85 -0.26
C LYS A 62 0.40 -10.34 1.12
N ILE A 63 1.50 -9.58 1.17
CA ILE A 63 1.97 -9.03 2.44
C ILE A 63 0.93 -8.13 3.09
N MET A 64 0.43 -7.16 2.32
CA MET A 64 -0.56 -6.23 2.84
C MET A 64 -1.88 -6.93 3.11
N SER A 65 -2.22 -7.88 2.25
CA SER A 65 -3.47 -8.62 2.40
C SER A 65 -3.50 -9.35 3.74
N GLN A 66 -2.40 -10.04 4.04
CA GLN A 66 -2.31 -10.78 5.30
C GLN A 66 -2.28 -9.84 6.50
N ARG A 67 -1.62 -8.70 6.32
CA ARG A 67 -1.48 -7.72 7.40
C ARG A 67 -2.74 -6.89 7.65
N CYS A 68 -3.51 -6.60 6.61
CA CYS A 68 -4.70 -5.74 6.79
C CYS A 68 -6.02 -6.49 6.61
N ASN A 69 -5.99 -7.67 6.03
CA ASN A 69 -7.24 -8.41 5.81
C ASN A 69 -7.95 -8.69 7.13
N ASN A 70 -9.26 -8.44 7.14
CA ASN A 70 -10.09 -8.70 8.30
C ASN A 70 -9.75 -7.80 9.49
N ARG A 71 -8.98 -6.75 9.27
CA ARG A 71 -8.65 -5.85 10.35
C ARG A 71 -9.22 -4.46 10.08
N THR A 72 -9.59 -3.79 11.17
CA THR A 72 -10.15 -2.44 11.06
C THR A 72 -9.05 -1.46 10.69
N GLN A 73 -7.83 -1.74 11.15
CA GLN A 73 -6.69 -0.88 10.84
C GLN A 73 -5.39 -1.69 10.85
N CYS A 74 -4.40 -1.20 10.12
CA CYS A 74 -3.11 -1.89 10.05
C CYS A 74 -1.97 -0.93 9.71
N VAL A 75 -0.84 -1.08 10.40
CA VAL A 75 0.32 -0.23 10.14
C VAL A 75 1.47 -1.09 9.65
N VAL A 76 2.10 -0.69 8.55
CA VAL A 76 3.20 -1.46 7.99
C VAL A 76 4.28 -0.56 7.41
N VAL A 77 5.53 -1.00 7.50
CA VAL A 77 6.63 -0.21 6.95
C VAL A 77 6.71 -0.46 5.46
N ALA A 78 6.53 0.61 4.70
CA ALA A 78 6.56 0.51 3.24
C ALA A 78 7.95 0.16 2.72
N GLY A 79 8.68 -0.68 3.44
CA GLY A 79 10.01 -1.05 2.99
C GLY A 79 10.70 -2.02 3.94
N SER A 80 11.94 -1.69 4.31
CA SER A 80 12.73 -2.54 5.18
C SER A 80 12.48 -4.01 4.90
N ASP A 81 12.70 -4.83 5.92
CA ASP A 81 12.53 -6.28 5.82
C ASP A 81 11.07 -6.64 5.53
N ALA A 82 10.19 -5.65 5.60
CA ALA A 82 8.77 -5.90 5.38
C ALA A 82 8.44 -6.02 3.90
N PHE A 83 9.39 -5.62 3.04
CA PHE A 83 9.16 -5.73 1.60
C PHE A 83 10.43 -6.17 0.89
N PRO A 84 10.36 -7.19 0.08
CA PRO A 84 11.55 -7.70 -0.67
C PRO A 84 12.32 -6.58 -1.37
N ASP A 85 13.09 -6.93 -2.38
CA ASP A 85 13.87 -5.94 -3.13
C ASP A 85 13.82 -6.24 -4.63
N PRO A 86 12.87 -5.65 -5.31
CA PRO A 86 12.68 -5.84 -6.77
C PRO A 86 13.60 -4.96 -7.61
N CYS A 87 13.67 -3.67 -7.27
CA CYS A 87 14.51 -2.73 -8.01
C CYS A 87 15.38 -1.90 -7.07
N PRO A 88 16.45 -2.46 -6.58
CA PRO A 88 17.37 -1.74 -5.65
C PRO A 88 18.00 -0.52 -6.32
N GLY A 89 17.96 0.62 -5.64
CA GLY A 89 18.54 1.84 -6.18
C GLY A 89 17.47 2.84 -6.66
N THR A 90 16.20 2.44 -6.64
CA THR A 90 15.12 3.33 -7.06
C THR A 90 14.24 3.67 -5.85
N TYR A 91 13.67 4.87 -5.80
CA TYR A 91 12.81 5.23 -4.66
C TYR A 91 11.40 4.74 -4.94
N LYS A 92 11.09 3.60 -4.36
CA LYS A 92 9.80 2.95 -4.57
C LYS A 92 8.65 3.59 -3.77
N TYR A 93 7.60 2.81 -3.68
CA TYR A 93 6.42 3.17 -2.92
C TYR A 93 5.50 1.97 -2.78
N LEU A 94 4.48 2.14 -1.98
CA LEU A 94 3.52 1.08 -1.79
C LEU A 94 2.12 1.64 -1.99
N GLU A 95 1.40 1.04 -2.93
CA GLU A 95 0.04 1.48 -3.23
C GLU A 95 -0.93 0.38 -2.88
N VAL A 96 -1.95 0.70 -2.10
CA VAL A 96 -2.91 -0.33 -1.72
C VAL A 96 -4.36 0.13 -1.82
N GLN A 97 -5.14 -0.63 -2.59
CA GLN A 97 -6.55 -0.33 -2.76
C GLN A 97 -7.35 -1.37 -1.98
N TYR A 98 -8.28 -0.91 -1.16
CA TYR A 98 -9.07 -1.82 -0.35
C TYR A 98 -10.45 -1.25 -0.02
N ASP A 99 -11.33 -2.11 0.47
CA ASP A 99 -12.67 -1.70 0.84
C ASP A 99 -12.98 -2.10 2.28
N CYS A 100 -13.99 -1.48 2.86
CA CYS A 100 -14.38 -1.78 4.23
C CYS A 100 -15.75 -2.47 4.26
N VAL A 101 -15.78 -3.67 4.83
CA VAL A 101 -17.03 -4.43 4.92
C VAL A 101 -17.35 -4.82 6.37
N PRO A 102 -18.61 -5.04 6.69
CA PRO A 102 -19.02 -5.45 8.06
C PRO A 102 -18.33 -6.73 8.53
N TYR A 103 -18.10 -6.84 9.83
CA TYR A 103 -17.46 -8.01 10.39
C TYR A 103 -18.46 -9.17 10.46
N LYS A 104 -19.67 -8.92 9.97
CA LYS A 104 -20.72 -9.92 9.97
C LYS A 104 -21.58 -9.81 8.72
N VAL A 105 -22.75 -10.43 8.76
CA VAL A 105 -23.66 -10.39 7.62
C VAL A 105 -24.55 -9.15 7.71
N GLU A 106 -24.65 -8.44 6.59
CA GLU A 106 -25.45 -7.22 6.54
C GLU A 106 -24.96 -6.22 7.60
N GLY A 1 -14.70 11.93 8.51
CA GLY A 1 -15.00 12.67 7.25
C GLY A 1 -16.00 11.87 6.43
N LEU A 2 -15.92 12.01 5.11
CA LEU A 2 -16.83 11.29 4.22
C LEU A 2 -16.06 10.55 3.12
N PRO A 3 -16.49 9.38 2.76
CA PRO A 3 -15.84 8.58 1.70
C PRO A 3 -16.03 9.20 0.32
N PHE A 4 -15.05 9.02 -0.55
CA PHE A 4 -15.12 9.56 -1.89
C PHE A 4 -16.02 8.70 -2.77
N GLY A 5 -16.46 7.58 -2.22
CA GLY A 5 -17.34 6.68 -2.95
C GLY A 5 -16.59 6.07 -4.14
N LEU A 6 -15.31 5.74 -3.91
CA LEU A 6 -14.50 5.16 -4.96
C LEU A 6 -13.36 4.35 -4.36
N MET A 7 -13.71 3.39 -3.52
CA MET A 7 -12.70 2.56 -2.89
C MET A 7 -11.72 3.42 -2.11
N ARG A 8 -11.16 2.86 -1.05
CA ARG A 8 -10.20 3.59 -0.23
C ARG A 8 -8.80 3.33 -0.77
N ARG A 9 -7.92 4.31 -0.65
CA ARG A 9 -6.57 4.15 -1.16
C ARG A 9 -5.53 4.81 -0.28
N GLU A 10 -4.41 4.13 -0.12
CA GLU A 10 -3.31 4.66 0.68
C GLU A 10 -2.00 4.40 -0.03
N LEU A 11 -1.12 5.38 0.03
CA LEU A 11 0.19 5.26 -0.60
C LEU A 11 1.23 5.92 0.29
N ALA A 12 2.31 5.21 0.58
CA ALA A 12 3.34 5.78 1.43
C ALA A 12 4.72 5.62 0.81
N CYS A 13 5.57 6.60 1.03
CA CYS A 13 6.91 6.57 0.47
C CYS A 13 7.72 5.46 1.13
N GLU A 14 8.40 4.70 0.28
CA GLU A 14 9.20 3.57 0.75
C GLU A 14 10.00 3.87 2.00
N GLY A 15 9.99 2.91 2.93
CA GLY A 15 10.73 3.03 4.17
C GLY A 15 9.93 3.69 5.27
N TYR A 16 8.71 4.11 4.98
CA TYR A 16 7.90 4.77 6.00
C TYR A 16 6.64 3.96 6.28
N PRO A 17 6.14 4.04 7.47
CA PRO A 17 4.91 3.33 7.88
C PRO A 17 3.66 3.87 7.20
N ILE A 18 2.78 2.97 6.81
CA ILE A 18 1.52 3.36 6.18
C ILE A 18 0.38 2.98 7.12
N GLU A 19 -0.71 3.73 7.10
CA GLU A 19 -1.80 3.44 8.00
C GLU A 19 -3.12 3.29 7.27
N LEU A 20 -3.79 2.18 7.54
CA LEU A 20 -5.08 1.91 6.96
C LEU A 20 -6.11 1.86 8.08
N ARG A 21 -7.27 2.43 7.86
CA ARG A 21 -8.31 2.43 8.87
C ARG A 21 -9.69 2.37 8.25
N CYS A 22 -10.51 1.44 8.75
CA CYS A 22 -11.87 1.28 8.25
C CYS A 22 -12.85 2.01 9.16
N PRO A 23 -13.89 2.55 8.60
CA PRO A 23 -14.93 3.29 9.38
C PRO A 23 -15.80 2.35 10.20
N GLY A 24 -16.43 2.91 11.23
CA GLY A 24 -17.32 2.14 12.09
C GLY A 24 -16.67 0.84 12.57
N SER A 25 -17.40 -0.25 12.38
CA SER A 25 -16.90 -1.57 12.78
C SER A 25 -16.59 -2.43 11.57
N ASP A 26 -16.28 -1.77 10.46
CA ASP A 26 -15.95 -2.47 9.23
C ASP A 26 -14.51 -2.95 9.28
N VAL A 27 -14.14 -3.82 8.34
CA VAL A 27 -12.77 -4.34 8.29
C VAL A 27 -12.18 -4.17 6.90
N ILE A 28 -10.87 -3.90 6.85
CA ILE A 28 -10.18 -3.71 5.59
C ILE A 28 -10.10 -5.00 4.77
N MET A 29 -10.33 -4.88 3.48
CA MET A 29 -10.23 -6.03 2.58
C MET A 29 -9.41 -5.61 1.37
N VAL A 30 -8.14 -6.00 1.40
CA VAL A 30 -7.21 -5.63 0.34
C VAL A 30 -7.62 -6.21 -1.01
N GLU A 31 -7.74 -5.34 -2.00
CA GLU A 31 -8.12 -5.75 -3.35
C GLU A 31 -6.88 -5.80 -4.22
N ASN A 32 -6.10 -4.72 -4.21
CA ASN A 32 -4.88 -4.65 -5.01
C ASN A 32 -3.84 -3.77 -4.33
N ALA A 33 -2.57 -4.12 -4.51
CA ALA A 33 -1.48 -3.36 -3.91
C ALA A 33 -0.15 -3.79 -4.49
N ASN A 34 0.82 -2.88 -4.51
CA ASN A 34 2.14 -3.21 -5.03
C ASN A 34 3.23 -2.37 -4.40
N TYR A 35 4.46 -2.85 -4.53
CA TYR A 35 5.64 -2.16 -4.01
C TYR A 35 6.64 -2.01 -5.15
N GLY A 36 7.09 -0.78 -5.41
CA GLY A 36 7.99 -0.57 -6.54
C GLY A 36 7.91 0.87 -7.03
N ARG A 37 7.97 1.04 -8.35
CA ARG A 37 7.90 2.36 -8.94
C ARG A 37 7.38 2.29 -10.38
N THR A 38 6.21 2.88 -10.59
CA THR A 38 5.61 2.91 -11.92
C THR A 38 5.43 4.36 -12.35
N ASP A 39 6.00 5.25 -11.56
CA ASP A 39 5.89 6.68 -11.83
C ASP A 39 7.17 7.39 -11.43
N ASP A 40 7.12 8.72 -11.43
CA ASP A 40 8.27 9.52 -11.07
C ASP A 40 7.81 10.79 -10.35
N LYS A 41 6.49 10.93 -10.22
CA LYS A 41 5.92 12.11 -9.57
C LYS A 41 5.36 11.78 -8.20
N ILE A 42 5.61 10.59 -7.70
CA ILE A 42 5.10 10.22 -6.38
C ILE A 42 6.20 10.28 -5.33
N CYS A 43 5.88 10.89 -4.19
CA CYS A 43 6.84 11.04 -3.11
C CYS A 43 8.07 11.76 -3.64
N ASP A 44 7.87 12.52 -4.71
CA ASP A 44 8.95 13.28 -5.34
C ASP A 44 10.29 13.05 -4.66
N ALA A 45 11.14 12.28 -5.31
CA ALA A 45 12.47 11.98 -4.78
C ALA A 45 13.52 12.42 -5.79
N ASP A 46 14.76 11.98 -5.62
CA ASP A 46 15.80 12.36 -6.55
C ASP A 46 15.48 11.81 -7.94
N PRO A 47 15.85 12.53 -8.97
CA PRO A 47 15.57 12.12 -10.36
C PRO A 47 16.18 10.76 -10.70
N PHE A 48 17.37 10.50 -10.19
CA PHE A 48 18.07 9.24 -10.46
C PHE A 48 17.31 8.04 -9.90
N GLN A 49 16.80 8.17 -8.68
CA GLN A 49 16.06 7.07 -8.07
C GLN A 49 14.60 7.09 -8.53
N MET A 50 14.24 8.13 -9.27
CA MET A 50 12.87 8.25 -9.76
C MET A 50 12.83 8.11 -11.28
N GLU A 51 13.98 7.89 -11.92
CA GLU A 51 14.03 7.76 -13.38
C GLU A 51 13.27 6.54 -13.86
N ASN A 52 13.51 5.39 -13.25
CA ASN A 52 12.84 4.16 -13.68
C ASN A 52 11.42 4.09 -13.15
N VAL A 53 10.47 4.14 -14.07
CA VAL A 53 9.06 4.07 -13.71
C VAL A 53 8.50 2.70 -14.08
N GLN A 54 9.34 1.68 -13.94
CA GLN A 54 8.94 0.31 -14.27
C GLN A 54 9.50 -0.68 -13.24
N CYS A 55 8.76 -0.88 -12.16
CA CYS A 55 9.18 -1.81 -11.11
C CYS A 55 7.93 -2.36 -10.42
N TYR A 56 7.69 -3.67 -10.52
CA TYR A 56 6.52 -4.28 -9.89
C TYR A 56 6.93 -5.43 -8.97
N LEU A 57 6.08 -5.73 -8.00
CA LEU A 57 6.32 -6.82 -7.06
C LEU A 57 4.98 -7.46 -6.69
N PRO A 58 4.58 -8.46 -7.42
CA PRO A 58 3.28 -9.15 -7.18
C PRO A 58 3.10 -9.52 -5.71
N ASP A 59 4.16 -10.06 -5.12
CA ASP A 59 4.12 -10.50 -3.72
C ASP A 59 3.69 -9.39 -2.76
N ALA A 60 3.99 -8.14 -3.08
CA ALA A 60 3.63 -7.05 -2.18
C ALA A 60 2.15 -7.09 -1.82
N PHE A 61 1.32 -7.55 -2.77
CA PHE A 61 -0.12 -7.64 -2.54
C PHE A 61 -0.45 -8.66 -1.44
N LYS A 62 0.19 -9.82 -1.49
CA LYS A 62 -0.08 -10.85 -0.50
C LYS A 62 0.36 -10.40 0.89
N ILE A 63 1.49 -9.69 0.96
CA ILE A 63 1.99 -9.21 2.24
C ILE A 63 0.99 -8.29 2.93
N MET A 64 0.54 -7.26 2.22
CA MET A 64 -0.41 -6.32 2.81
C MET A 64 -1.75 -6.99 3.06
N SER A 65 -2.11 -7.90 2.17
CA SER A 65 -3.36 -8.61 2.30
C SER A 65 -3.40 -9.35 3.63
N GLN A 66 -2.32 -10.06 3.94
CA GLN A 66 -2.23 -10.81 5.18
C GLN A 66 -2.18 -9.89 6.40
N ARG A 67 -1.50 -8.77 6.24
CA ARG A 67 -1.32 -7.80 7.32
C ARG A 67 -2.59 -6.99 7.63
N CYS A 68 -3.39 -6.69 6.61
CA CYS A 68 -4.58 -5.85 6.85
C CYS A 68 -5.92 -6.55 6.62
N ASN A 69 -5.94 -7.72 5.99
CA ASN A 69 -7.22 -8.39 5.73
C ASN A 69 -7.95 -8.74 7.03
N ASN A 70 -9.26 -8.48 7.04
CA ASN A 70 -10.12 -8.76 8.20
C ASN A 70 -9.79 -7.87 9.40
N ARG A 71 -9.02 -6.80 9.18
CA ARG A 71 -8.67 -5.90 10.27
C ARG A 71 -9.26 -4.51 10.05
N THR A 72 -9.62 -3.85 11.14
CA THR A 72 -10.19 -2.51 11.07
C THR A 72 -9.10 -1.52 10.71
N GLN A 73 -7.87 -1.81 11.15
CA GLN A 73 -6.72 -0.94 10.85
C GLN A 73 -5.43 -1.75 10.81
N CYS A 74 -4.44 -1.24 10.09
CA CYS A 74 -3.16 -1.94 9.98
C CYS A 74 -2.01 -0.99 9.63
N VAL A 75 -0.89 -1.11 10.34
CA VAL A 75 0.26 -0.27 10.08
C VAL A 75 1.43 -1.12 9.58
N VAL A 76 2.00 -0.76 8.43
CA VAL A 76 3.10 -1.53 7.88
C VAL A 76 4.18 -0.61 7.30
N VAL A 77 5.43 -1.05 7.40
CA VAL A 77 6.53 -0.26 6.87
C VAL A 77 6.65 -0.52 5.38
N ALA A 78 6.51 0.54 4.61
CA ALA A 78 6.56 0.44 3.15
C ALA A 78 7.97 0.15 2.65
N GLY A 79 8.72 -0.68 3.36
CA GLY A 79 10.08 -1.00 2.93
C GLY A 79 10.77 -1.96 3.89
N SER A 80 11.94 -1.53 4.38
CA SER A 80 12.71 -2.35 5.31
C SER A 80 12.49 -3.84 5.03
N ASP A 81 12.78 -4.66 6.03
CA ASP A 81 12.61 -6.11 5.90
C ASP A 81 11.16 -6.49 5.69
N ALA A 82 10.28 -5.52 5.84
CA ALA A 82 8.85 -5.76 5.70
C ALA A 82 8.45 -5.89 4.23
N PHE A 83 9.38 -5.57 3.32
CA PHE A 83 9.10 -5.69 1.89
C PHE A 83 10.33 -6.22 1.14
N PRO A 84 10.15 -7.22 0.30
CA PRO A 84 11.27 -7.79 -0.50
C PRO A 84 12.08 -6.71 -1.19
N ASP A 85 12.89 -7.11 -2.19
CA ASP A 85 13.72 -6.16 -2.90
C ASP A 85 13.69 -6.43 -4.41
N PRO A 86 12.75 -5.83 -5.11
CA PRO A 86 12.61 -6.01 -6.59
C PRO A 86 13.58 -5.13 -7.40
N CYS A 87 13.56 -3.83 -7.15
CA CYS A 87 14.44 -2.92 -7.89
C CYS A 87 15.27 -2.03 -6.95
N PRO A 88 16.25 -2.59 -6.30
CA PRO A 88 17.12 -1.82 -5.37
C PRO A 88 17.82 -0.66 -6.09
N GLY A 89 17.77 0.53 -5.49
CA GLY A 89 18.41 1.70 -6.08
C GLY A 89 17.41 2.71 -6.63
N THR A 90 16.16 2.31 -6.84
CA THR A 90 15.15 3.24 -7.33
C THR A 90 14.26 3.66 -6.17
N TYR A 91 13.66 4.84 -6.23
CA TYR A 91 12.79 5.29 -5.14
C TYR A 91 11.39 4.77 -5.36
N LYS A 92 11.10 3.70 -4.66
CA LYS A 92 9.82 3.03 -4.78
C LYS A 92 8.70 3.69 -3.95
N TYR A 93 7.70 2.86 -3.72
CA TYR A 93 6.54 3.21 -2.91
C TYR A 93 5.64 2.02 -2.74
N LEU A 94 4.61 2.19 -1.92
CA LEU A 94 3.66 1.13 -1.69
C LEU A 94 2.25 1.69 -1.83
N GLU A 95 1.46 1.08 -2.70
CA GLU A 95 0.10 1.53 -2.92
C GLU A 95 -0.87 0.42 -2.60
N VAL A 96 -1.89 0.71 -1.81
CA VAL A 96 -2.85 -0.32 -1.45
C VAL A 96 -4.29 0.18 -1.57
N GLN A 97 -5.09 -0.55 -2.37
CA GLN A 97 -6.49 -0.20 -2.56
C GLN A 97 -7.34 -1.27 -1.87
N TYR A 98 -8.29 -0.83 -1.05
CA TYR A 98 -9.13 -1.77 -0.32
C TYR A 98 -10.48 -1.18 0.02
N ASP A 99 -11.38 -2.04 0.49
CA ASP A 99 -12.72 -1.59 0.89
C ASP A 99 -13.00 -2.00 2.33
N CYS A 100 -13.98 -1.33 2.93
CA CYS A 100 -14.33 -1.62 4.31
C CYS A 100 -15.73 -2.23 4.39
N VAL A 101 -15.80 -3.50 4.77
CA VAL A 101 -17.07 -4.19 4.89
C VAL A 101 -17.31 -4.57 6.36
N PRO A 102 -18.52 -4.93 6.73
CA PRO A 102 -18.82 -5.32 8.14
C PRO A 102 -18.08 -6.59 8.54
N TYR A 103 -17.74 -6.67 9.81
CA TYR A 103 -17.03 -7.84 10.33
C TYR A 103 -17.98 -9.04 10.39
N LYS A 104 -18.54 -9.27 11.57
CA LYS A 104 -19.47 -10.36 11.75
C LYS A 104 -20.89 -9.88 11.47
N VAL A 105 -21.46 -9.10 12.39
CA VAL A 105 -22.80 -8.56 12.19
C VAL A 105 -22.90 -7.15 12.78
N GLU A 106 -23.53 -6.25 12.03
CA GLU A 106 -23.70 -4.88 12.49
C GLU A 106 -22.37 -4.30 12.97
N GLY A 1 -4.99 16.17 -8.16
CA GLY A 1 -5.53 14.79 -8.09
C GLY A 1 -7.03 14.86 -7.90
N LEU A 2 -7.79 14.46 -8.91
CA LEU A 2 -9.24 14.50 -8.82
C LEU A 2 -9.75 13.44 -7.84
N PRO A 3 -10.80 13.73 -7.12
CA PRO A 3 -11.39 12.78 -6.14
C PRO A 3 -11.77 11.45 -6.81
N PHE A 4 -11.41 10.35 -6.17
CA PHE A 4 -11.72 9.05 -6.73
C PHE A 4 -13.20 8.72 -6.58
N GLY A 5 -13.71 8.80 -5.36
CA GLY A 5 -15.12 8.53 -5.12
C GLY A 5 -15.42 7.05 -5.30
N LEU A 6 -14.41 6.20 -5.15
CA LEU A 6 -14.59 4.76 -5.30
C LEU A 6 -13.44 4.00 -4.65
N MET A 7 -13.77 3.09 -3.73
CA MET A 7 -12.75 2.29 -3.04
C MET A 7 -11.75 3.18 -2.33
N ARG A 8 -11.14 2.62 -1.28
CA ARG A 8 -10.14 3.35 -0.53
C ARG A 8 -8.76 3.06 -1.13
N ARG A 9 -7.88 4.04 -1.09
CA ARG A 9 -6.54 3.85 -1.61
C ARG A 9 -5.52 4.66 -0.85
N GLU A 10 -4.43 4.02 -0.50
CA GLU A 10 -3.36 4.68 0.22
C GLU A 10 -2.04 4.41 -0.49
N LEU A 11 -1.15 5.40 -0.44
CA LEU A 11 0.14 5.26 -1.06
C LEU A 11 1.19 5.91 -0.19
N ALA A 12 2.24 5.18 0.14
CA ALA A 12 3.28 5.75 1.00
C ALA A 12 4.66 5.54 0.40
N CYS A 13 5.54 6.49 0.65
CA CYS A 13 6.90 6.43 0.13
C CYS A 13 7.69 5.33 0.84
N GLU A 14 8.37 4.52 0.05
CA GLU A 14 9.13 3.41 0.60
C GLU A 14 9.95 3.80 1.83
N GLY A 15 9.99 2.91 2.80
CA GLY A 15 10.77 3.10 4.01
C GLY A 15 9.99 3.75 5.14
N TYR A 16 8.78 4.22 4.90
CA TYR A 16 8.01 4.85 5.95
C TYR A 16 6.75 4.06 6.22
N PRO A 17 6.30 4.05 7.43
CA PRO A 17 5.08 3.31 7.82
C PRO A 17 3.81 3.89 7.21
N ILE A 18 2.88 2.99 6.92
CA ILE A 18 1.61 3.34 6.32
C ILE A 18 0.48 2.89 7.25
N GLU A 19 -0.61 3.64 7.25
CA GLU A 19 -1.72 3.31 8.14
C GLU A 19 -3.07 3.32 7.43
N LEU A 20 -3.80 2.21 7.56
CA LEU A 20 -5.13 2.09 6.97
C LEU A 20 -6.16 2.04 8.09
N ARG A 21 -7.33 2.64 7.88
CA ARG A 21 -8.38 2.62 8.89
C ARG A 21 -9.78 2.54 8.27
N CYS A 22 -10.62 1.66 8.81
CA CYS A 22 -11.99 1.50 8.32
C CYS A 22 -13.00 2.15 9.25
N PRO A 23 -14.05 2.74 8.71
CA PRO A 23 -15.11 3.40 9.51
C PRO A 23 -16.01 2.41 10.23
N GLY A 24 -16.60 2.86 11.33
CA GLY A 24 -17.50 2.03 12.12
C GLY A 24 -16.81 0.74 12.60
N SER A 25 -17.48 -0.38 12.37
CA SER A 25 -16.92 -1.67 12.78
C SER A 25 -16.61 -2.51 11.55
N ASP A 26 -16.31 -1.85 10.44
CA ASP A 26 -15.97 -2.54 9.22
C ASP A 26 -14.51 -2.97 9.29
N VAL A 27 -14.11 -3.83 8.37
CA VAL A 27 -12.73 -4.29 8.34
C VAL A 27 -12.14 -4.08 6.95
N ILE A 28 -10.84 -3.86 6.90
CA ILE A 28 -10.18 -3.65 5.63
C ILE A 28 -10.11 -4.95 4.82
N MET A 29 -10.35 -4.84 3.52
CA MET A 29 -10.25 -5.98 2.63
C MET A 29 -9.42 -5.58 1.43
N VAL A 30 -8.14 -5.93 1.49
CA VAL A 30 -7.22 -5.58 0.43
C VAL A 30 -7.59 -6.26 -0.87
N GLU A 31 -7.73 -5.46 -1.93
CA GLU A 31 -8.07 -5.99 -3.24
C GLU A 31 -6.84 -6.05 -4.12
N ASN A 32 -6.09 -4.94 -4.12
CA ASN A 32 -4.89 -4.86 -4.94
C ASN A 32 -3.86 -3.94 -4.30
N ALA A 33 -2.59 -4.27 -4.51
CA ALA A 33 -1.49 -3.46 -3.99
C ALA A 33 -0.18 -3.88 -4.64
N ASN A 34 0.77 -2.95 -4.68
CA ASN A 34 2.06 -3.24 -5.27
C ASN A 34 3.17 -2.43 -4.62
N TYR A 35 4.38 -2.98 -4.63
CA TYR A 35 5.54 -2.31 -4.05
C TYR A 35 6.59 -2.09 -5.13
N GLY A 36 7.00 -0.84 -5.36
CA GLY A 36 7.95 -0.56 -6.43
C GLY A 36 7.87 0.90 -6.88
N ARG A 37 7.94 1.09 -8.19
CA ARG A 37 7.87 2.41 -8.80
C ARG A 37 7.38 2.29 -10.23
N THR A 38 6.20 2.86 -10.49
CA THR A 38 5.60 2.82 -11.81
C THR A 38 5.35 4.23 -12.31
N ASP A 39 5.89 5.20 -11.59
CA ASP A 39 5.73 6.59 -11.94
C ASP A 39 6.99 7.36 -11.57
N ASP A 40 6.92 8.67 -11.66
CA ASP A 40 8.06 9.51 -11.30
C ASP A 40 7.56 10.80 -10.66
N LYS A 41 6.25 10.90 -10.56
CA LYS A 41 5.63 12.07 -9.96
C LYS A 41 5.14 11.77 -8.56
N ILE A 42 5.44 10.58 -8.04
CA ILE A 42 4.99 10.20 -6.71
C ILE A 42 6.17 10.06 -5.76
N CYS A 43 6.01 10.57 -4.55
CA CYS A 43 7.07 10.49 -3.56
C CYS A 43 8.34 11.15 -4.10
N ASP A 44 8.31 12.48 -4.22
CA ASP A 44 9.45 13.20 -4.76
C ASP A 44 10.75 12.86 -4.03
N ALA A 45 11.73 12.38 -4.79
CA ALA A 45 13.04 12.03 -4.27
C ALA A 45 14.09 12.48 -5.26
N ASP A 46 15.31 11.96 -5.15
CA ASP A 46 16.32 12.33 -6.12
C ASP A 46 15.89 11.83 -7.48
N PRO A 47 16.12 12.60 -8.52
CA PRO A 47 15.69 12.23 -9.90
C PRO A 47 16.24 10.88 -10.35
N PHE A 48 17.45 10.59 -9.92
CA PHE A 48 18.10 9.34 -10.28
C PHE A 48 17.32 8.16 -9.72
N GLN A 49 16.77 8.33 -8.53
CA GLN A 49 15.98 7.26 -7.92
C GLN A 49 14.52 7.36 -8.35
N MET A 50 14.26 8.19 -9.36
CA MET A 50 12.92 8.36 -9.88
C MET A 50 12.88 8.17 -11.40
N GLU A 51 14.05 7.97 -12.00
CA GLU A 51 14.13 7.81 -13.45
C GLU A 51 13.37 6.56 -13.92
N ASN A 52 13.59 5.43 -13.27
CA ASN A 52 12.94 4.20 -13.68
C ASN A 52 11.50 4.11 -13.20
N VAL A 53 10.57 4.02 -14.15
CA VAL A 53 9.14 3.93 -13.82
C VAL A 53 8.60 2.55 -14.17
N GLN A 54 9.46 1.56 -14.05
CA GLN A 54 9.07 0.19 -14.33
C GLN A 54 9.62 -0.70 -13.25
N CYS A 55 8.88 -0.83 -12.16
CA CYS A 55 9.29 -1.65 -11.04
C CYS A 55 8.02 -2.20 -10.38
N TYR A 56 7.81 -3.51 -10.47
CA TYR A 56 6.63 -4.12 -9.89
C TYR A 56 7.00 -5.31 -9.00
N LEU A 57 6.16 -5.59 -8.01
CA LEU A 57 6.40 -6.71 -7.11
C LEU A 57 5.07 -7.36 -6.70
N PRO A 58 4.58 -8.28 -7.49
CA PRO A 58 3.27 -8.96 -7.24
C PRO A 58 3.06 -9.42 -5.79
N ASP A 59 4.04 -10.10 -5.22
CA ASP A 59 3.90 -10.64 -3.86
C ASP A 59 3.62 -9.57 -2.81
N ALA A 60 3.95 -8.33 -3.10
CA ALA A 60 3.71 -7.25 -2.15
C ALA A 60 2.23 -7.20 -1.75
N PHE A 61 1.35 -7.60 -2.68
CA PHE A 61 -0.08 -7.63 -2.42
C PHE A 61 -0.46 -8.62 -1.33
N LYS A 62 0.16 -9.80 -1.35
CA LYS A 62 -0.15 -10.83 -0.37
C LYS A 62 0.28 -10.38 1.02
N ILE A 63 1.44 -9.70 1.10
CA ILE A 63 1.95 -9.24 2.37
C ILE A 63 0.99 -8.27 3.07
N MET A 64 0.54 -7.25 2.33
CA MET A 64 -0.37 -6.26 2.90
C MET A 64 -1.72 -6.89 3.20
N SER A 65 -2.14 -7.80 2.34
CA SER A 65 -3.44 -8.46 2.51
C SER A 65 -3.50 -9.23 3.82
N GLN A 66 -2.46 -10.00 4.09
CA GLN A 66 -2.39 -10.78 5.32
C GLN A 66 -2.34 -9.85 6.54
N ARG A 67 -1.66 -8.73 6.35
CA ARG A 67 -1.48 -7.75 7.41
C ARG A 67 -2.72 -6.92 7.73
N CYS A 68 -3.55 -6.61 6.72
CA CYS A 68 -4.72 -5.76 6.95
C CYS A 68 -6.06 -6.47 6.80
N ASN A 69 -6.09 -7.58 6.08
CA ASN A 69 -7.36 -8.28 5.86
C ASN A 69 -8.06 -8.66 7.17
N ASN A 70 -9.36 -8.30 7.24
CA ASN A 70 -10.21 -8.59 8.39
C ASN A 70 -9.87 -7.72 9.60
N ARG A 71 -9.09 -6.67 9.40
CA ARG A 71 -8.75 -5.77 10.49
C ARG A 71 -9.30 -4.38 10.24
N THR A 72 -9.63 -3.69 11.32
CA THR A 72 -10.17 -2.34 11.21
C THR A 72 -9.06 -1.38 10.78
N GLN A 73 -7.83 -1.67 11.22
CA GLN A 73 -6.68 -0.84 10.87
C GLN A 73 -5.39 -1.65 10.91
N CYS A 74 -4.39 -1.21 10.14
CA CYS A 74 -3.10 -1.91 10.11
C CYS A 74 -1.94 -0.97 9.80
N VAL A 75 -0.76 -1.31 10.33
CA VAL A 75 0.43 -0.50 10.10
C VAL A 75 1.53 -1.34 9.45
N VAL A 76 2.04 -0.86 8.32
CA VAL A 76 3.10 -1.58 7.61
C VAL A 76 4.19 -0.62 7.12
N VAL A 77 5.43 -1.09 7.15
CA VAL A 77 6.55 -0.26 6.71
C VAL A 77 6.73 -0.38 5.21
N ALA A 78 6.66 0.75 4.53
CA ALA A 78 6.80 0.76 3.09
C ALA A 78 8.22 0.36 2.68
N GLY A 79 8.91 -0.36 3.55
CA GLY A 79 10.27 -0.80 3.25
C GLY A 79 10.87 -1.62 4.38
N SER A 80 12.06 -2.18 4.12
CA SER A 80 12.75 -3.00 5.11
C SER A 80 12.43 -4.48 4.87
N ASP A 81 12.55 -5.27 5.91
CA ASP A 81 12.29 -6.71 5.83
C ASP A 81 10.81 -6.97 5.55
N ALA A 82 9.99 -5.94 5.66
CA ALA A 82 8.56 -6.10 5.43
C ALA A 82 8.27 -6.24 3.95
N PHE A 83 9.21 -5.83 3.10
CA PHE A 83 9.02 -5.94 1.66
C PHE A 83 10.33 -6.34 0.98
N PRO A 84 10.31 -7.33 0.13
CA PRO A 84 11.53 -7.78 -0.61
C PRO A 84 12.26 -6.63 -1.28
N ASP A 85 13.04 -6.96 -2.32
CA ASP A 85 13.78 -5.94 -3.06
C ASP A 85 13.71 -6.20 -4.56
N PRO A 86 12.80 -5.55 -5.24
CA PRO A 86 12.62 -5.73 -6.70
C PRO A 86 13.57 -4.87 -7.55
N CYS A 87 13.64 -3.57 -7.25
CA CYS A 87 14.53 -2.68 -8.02
C CYS A 87 15.35 -1.78 -7.08
N PRO A 88 16.45 -2.26 -6.58
CA PRO A 88 17.31 -1.46 -5.65
C PRO A 88 17.89 -0.21 -6.32
N GLY A 89 17.85 0.91 -5.61
CA GLY A 89 18.40 2.16 -6.15
C GLY A 89 17.31 3.13 -6.64
N THR A 90 16.05 2.72 -6.63
CA THR A 90 14.98 3.62 -7.05
C THR A 90 14.09 3.93 -5.84
N TYR A 91 13.49 5.11 -5.81
CA TYR A 91 12.63 5.47 -4.69
C TYR A 91 11.23 4.92 -4.95
N LYS A 92 10.96 3.78 -4.34
CA LYS A 92 9.70 3.10 -4.51
C LYS A 92 8.55 3.74 -3.75
N TYR A 93 7.50 2.95 -3.66
CA TYR A 93 6.29 3.30 -2.94
C TYR A 93 5.41 2.08 -2.78
N LEU A 94 4.42 2.19 -1.93
CA LEU A 94 3.51 1.09 -1.71
C LEU A 94 2.08 1.60 -1.87
N GLU A 95 1.34 0.96 -2.78
CA GLU A 95 -0.04 1.37 -3.03
C GLU A 95 -0.99 0.24 -2.68
N VAL A 96 -2.00 0.54 -1.89
CA VAL A 96 -2.95 -0.50 -1.47
C VAL A 96 -4.41 -0.06 -1.64
N GLN A 97 -5.15 -0.80 -2.47
CA GLN A 97 -6.57 -0.52 -2.70
C GLN A 97 -7.39 -1.51 -1.89
N TYR A 98 -8.33 -1.00 -1.10
CA TYR A 98 -9.16 -1.88 -0.28
C TYR A 98 -10.51 -1.27 0.06
N ASP A 99 -11.38 -2.09 0.63
CA ASP A 99 -12.70 -1.64 1.02
C ASP A 99 -12.98 -1.99 2.47
N CYS A 100 -13.99 -1.35 3.04
CA CYS A 100 -14.36 -1.59 4.43
C CYS A 100 -15.71 -2.32 4.49
N VAL A 101 -15.69 -3.56 4.98
CA VAL A 101 -16.92 -4.33 5.09
C VAL A 101 -17.19 -4.66 6.56
N PRO A 102 -18.42 -4.81 6.97
CA PRO A 102 -18.75 -5.12 8.38
C PRO A 102 -18.03 -6.37 8.88
N TYR A 103 -17.59 -6.32 10.14
CA TYR A 103 -16.92 -7.46 10.74
C TYR A 103 -17.94 -8.49 11.17
N LYS A 104 -17.65 -9.76 10.91
CA LYS A 104 -18.55 -10.83 11.27
C LYS A 104 -18.17 -11.37 12.66
N VAL A 105 -19.14 -11.46 13.57
CA VAL A 105 -18.85 -11.93 14.92
C VAL A 105 -19.14 -13.41 15.12
N GLU A 106 -18.21 -14.10 15.76
CA GLU A 106 -18.38 -15.53 16.03
C GLU A 106 -18.54 -16.31 14.74
N GLY A 1 -12.35 13.17 8.77
CA GLY A 1 -12.49 12.08 7.77
C GLY A 1 -13.36 12.56 6.62
N LEU A 2 -12.78 12.62 5.43
CA LEU A 2 -13.51 13.08 4.26
C LEU A 2 -13.46 12.03 3.14
N PRO A 3 -13.92 10.84 3.42
CA PRO A 3 -13.95 9.72 2.43
C PRO A 3 -14.52 10.15 1.08
N PHE A 4 -13.96 9.62 0.00
CA PHE A 4 -14.42 9.95 -1.34
C PHE A 4 -15.65 9.11 -1.70
N GLY A 5 -16.00 8.17 -0.83
CA GLY A 5 -17.17 7.32 -1.06
C GLY A 5 -16.95 6.34 -2.21
N LEU A 6 -15.70 6.07 -2.54
CA LEU A 6 -15.39 5.17 -3.63
C LEU A 6 -14.01 4.52 -3.45
N MET A 7 -14.02 3.30 -2.92
CA MET A 7 -12.80 2.55 -2.69
C MET A 7 -11.76 3.38 -1.93
N ARG A 8 -11.15 2.76 -0.94
CA ARG A 8 -10.11 3.41 -0.15
C ARG A 8 -8.76 3.11 -0.72
N ARG A 9 -7.86 4.08 -0.66
CA ARG A 9 -6.54 3.90 -1.20
C ARG A 9 -5.52 4.73 -0.44
N GLU A 10 -4.37 4.11 -0.17
CA GLU A 10 -3.30 4.78 0.55
C GLU A 10 -1.97 4.54 -0.13
N LEU A 11 -1.09 5.52 -0.08
CA LEU A 11 0.23 5.42 -0.69
C LEU A 11 1.29 6.01 0.23
N ALA A 12 2.45 5.33 0.36
CA ALA A 12 3.51 5.83 1.23
C ALA A 12 4.90 5.62 0.63
N CYS A 13 5.79 6.58 0.87
CA CYS A 13 7.15 6.51 0.36
C CYS A 13 7.95 5.43 1.08
N GLU A 14 8.66 4.63 0.30
CA GLU A 14 9.46 3.55 0.86
C GLU A 14 10.22 3.96 2.12
N GLY A 15 10.19 3.07 3.10
CA GLY A 15 10.90 3.27 4.34
C GLY A 15 10.07 3.91 5.45
N TYR A 16 8.83 4.33 5.16
CA TYR A 16 8.02 4.97 6.20
C TYR A 16 6.75 4.17 6.51
N PRO A 17 6.28 4.25 7.71
CA PRO A 17 5.03 3.54 8.16
C PRO A 17 3.78 4.04 7.42
N ILE A 18 2.93 3.09 7.03
CA ILE A 18 1.67 3.42 6.36
C ILE A 18 0.53 2.88 7.21
N GLU A 19 -0.58 3.61 7.27
CA GLU A 19 -1.70 3.16 8.11
C GLU A 19 -3.03 3.17 7.38
N LEU A 20 -3.74 2.05 7.44
CA LEU A 20 -5.05 1.93 6.84
C LEU A 20 -6.10 1.85 7.94
N ARG A 21 -7.28 2.41 7.70
CA ARG A 21 -8.32 2.41 8.73
C ARG A 21 -9.72 2.34 8.12
N CYS A 22 -10.55 1.44 8.64
CA CYS A 22 -11.92 1.30 8.17
C CYS A 22 -12.87 2.05 9.09
N PRO A 23 -13.90 2.64 8.55
CA PRO A 23 -14.92 3.40 9.32
C PRO A 23 -15.82 2.48 10.17
N GLY A 24 -16.46 3.06 11.19
CA GLY A 24 -17.38 2.29 12.04
C GLY A 24 -16.71 1.03 12.59
N SER A 25 -17.27 -0.13 12.26
CA SER A 25 -16.74 -1.39 12.74
C SER A 25 -16.46 -2.35 11.58
N ASP A 26 -16.21 -1.78 10.40
CA ASP A 26 -15.92 -2.57 9.21
C ASP A 26 -14.46 -3.08 9.25
N VAL A 27 -14.12 -3.98 8.33
CA VAL A 27 -12.76 -4.51 8.26
C VAL A 27 -12.18 -4.31 6.87
N ILE A 28 -10.89 -4.02 6.81
CA ILE A 28 -10.20 -3.78 5.54
C ILE A 28 -10.08 -5.07 4.73
N MET A 29 -10.26 -4.95 3.43
CA MET A 29 -10.12 -6.08 2.54
C MET A 29 -9.29 -5.66 1.33
N VAL A 30 -8.02 -6.02 1.38
CA VAL A 30 -7.08 -5.67 0.32
C VAL A 30 -7.46 -6.33 -1.00
N GLU A 31 -7.57 -5.51 -2.05
CA GLU A 31 -7.91 -6.01 -3.38
C GLU A 31 -6.65 -6.03 -4.25
N ASN A 32 -5.94 -4.91 -4.28
CA ASN A 32 -4.73 -4.82 -5.09
C ASN A 32 -3.71 -3.90 -4.44
N ALA A 33 -2.44 -4.25 -4.61
CA ALA A 33 -1.36 -3.46 -4.01
C ALA A 33 -0.01 -3.86 -4.60
N ASN A 34 0.96 -2.93 -4.56
CA ASN A 34 2.27 -3.21 -5.09
C ASN A 34 3.36 -2.39 -4.40
N TYR A 35 4.58 -2.90 -4.47
CA TYR A 35 5.75 -2.24 -3.87
C TYR A 35 6.80 -2.07 -4.97
N GLY A 36 7.17 -0.84 -5.27
CA GLY A 36 8.12 -0.60 -6.34
C GLY A 36 7.98 0.82 -6.88
N ARG A 37 8.01 0.95 -8.20
CA ARG A 37 7.88 2.27 -8.82
C ARG A 37 7.34 2.18 -10.24
N THR A 38 6.17 2.78 -10.45
CA THR A 38 5.55 2.80 -11.77
C THR A 38 5.26 4.23 -12.19
N ASP A 39 5.73 5.16 -11.35
CA ASP A 39 5.53 6.57 -11.61
C ASP A 39 6.74 7.36 -11.10
N ASP A 40 6.97 8.53 -11.69
CA ASP A 40 8.07 9.38 -11.28
C ASP A 40 7.56 10.66 -10.63
N LYS A 41 6.23 10.75 -10.51
CA LYS A 41 5.59 11.93 -9.92
C LYS A 41 5.10 11.67 -8.50
N ILE A 42 5.41 10.50 -7.97
CA ILE A 42 4.95 10.17 -6.64
C ILE A 42 6.13 10.01 -5.69
N CYS A 43 5.97 10.50 -4.46
CA CYS A 43 7.05 10.40 -3.50
C CYS A 43 8.32 11.00 -4.12
N ASP A 44 8.33 12.32 -4.26
CA ASP A 44 9.46 13.01 -4.86
C ASP A 44 10.77 12.66 -4.16
N ALA A 45 11.73 12.26 -4.96
CA ALA A 45 13.05 11.91 -4.47
C ALA A 45 14.07 12.35 -5.48
N ASP A 46 15.30 11.87 -5.36
CA ASP A 46 16.32 12.23 -6.33
C ASP A 46 15.88 11.72 -7.70
N PRO A 47 16.14 12.46 -8.74
CA PRO A 47 15.72 12.07 -10.11
C PRO A 47 16.24 10.71 -10.52
N PHE A 48 17.44 10.38 -10.08
CA PHE A 48 18.02 9.08 -10.43
C PHE A 48 17.18 7.94 -9.88
N GLN A 49 16.58 8.16 -8.72
CA GLN A 49 15.77 7.12 -8.11
C GLN A 49 14.32 7.22 -8.59
N MET A 50 14.08 8.11 -9.55
CA MET A 50 12.72 8.29 -10.07
C MET A 50 12.71 8.14 -11.59
N GLU A 51 13.89 7.95 -12.20
CA GLU A 51 13.98 7.83 -13.65
C GLU A 51 13.20 6.61 -14.14
N ASN A 52 13.37 5.47 -13.48
CA ASN A 52 12.68 4.25 -13.89
C ASN A 52 11.26 4.19 -13.34
N VAL A 53 10.29 4.25 -14.23
CA VAL A 53 8.89 4.19 -13.83
C VAL A 53 8.32 2.81 -14.15
N GLN A 54 9.15 1.78 -14.07
CA GLN A 54 8.71 0.42 -14.34
C GLN A 54 9.29 -0.57 -13.34
N CYS A 55 8.62 -0.71 -12.21
CA CYS A 55 9.05 -1.65 -11.18
C CYS A 55 7.83 -2.19 -10.45
N TYR A 56 7.66 -3.51 -10.46
CA TYR A 56 6.50 -4.10 -9.79
C TYR A 56 6.88 -5.28 -8.90
N LEU A 57 6.04 -5.53 -7.89
CA LEU A 57 6.27 -6.64 -6.98
C LEU A 57 4.92 -7.22 -6.55
N PRO A 58 4.39 -8.13 -7.31
CA PRO A 58 3.07 -8.76 -7.02
C PRO A 58 2.93 -9.22 -5.57
N ASP A 59 3.95 -9.88 -5.05
CA ASP A 59 3.91 -10.41 -3.69
C ASP A 59 3.53 -9.32 -2.68
N ALA A 60 3.88 -8.07 -2.97
CA ALA A 60 3.57 -6.99 -2.04
C ALA A 60 2.08 -7.01 -1.67
N PHE A 61 1.27 -7.45 -2.61
CA PHE A 61 -0.17 -7.53 -2.41
C PHE A 61 -0.56 -8.59 -1.39
N LYS A 62 0.00 -9.79 -1.53
CA LYS A 62 -0.33 -10.88 -0.61
C LYS A 62 0.13 -10.53 0.80
N ILE A 63 1.32 -9.96 0.91
CA ILE A 63 1.89 -9.60 2.22
C ILE A 63 0.99 -8.61 2.98
N MET A 64 0.56 -7.54 2.31
CA MET A 64 -0.27 -6.55 2.97
C MET A 64 -1.66 -7.10 3.23
N SER A 65 -2.13 -7.93 2.31
CA SER A 65 -3.45 -8.51 2.44
C SER A 65 -3.55 -9.28 3.76
N GLN A 66 -2.49 -10.03 4.07
CA GLN A 66 -2.43 -10.78 5.31
C GLN A 66 -2.40 -9.86 6.53
N ARG A 67 -1.69 -8.74 6.37
CA ARG A 67 -1.54 -7.78 7.45
C ARG A 67 -2.78 -6.90 7.67
N CYS A 68 -3.54 -6.61 6.62
CA CYS A 68 -4.72 -5.75 6.77
C CYS A 68 -6.06 -6.46 6.58
N ASN A 69 -6.07 -7.60 5.89
CA ASN A 69 -7.32 -8.31 5.66
C ASN A 69 -8.06 -8.61 6.96
N ASN A 70 -9.36 -8.37 6.96
CA ASN A 70 -10.21 -8.65 8.12
C ASN A 70 -9.84 -7.78 9.33
N ARG A 71 -9.04 -6.75 9.12
CA ARG A 71 -8.69 -5.89 10.24
C ARG A 71 -9.23 -4.49 10.02
N THR A 72 -9.56 -3.84 11.11
CA THR A 72 -10.08 -2.49 11.03
C THR A 72 -8.96 -1.52 10.65
N GLN A 73 -7.75 -1.81 11.11
CA GLN A 73 -6.61 -0.97 10.77
C GLN A 73 -5.32 -1.75 10.85
N CYS A 74 -4.30 -1.23 10.18
CA CYS A 74 -3.00 -1.89 10.16
C CYS A 74 -1.91 -0.89 9.87
N VAL A 75 -0.80 -1.01 10.58
CA VAL A 75 0.32 -0.11 10.37
C VAL A 75 1.54 -0.92 9.95
N VAL A 76 2.14 -0.54 8.82
CA VAL A 76 3.30 -1.27 8.32
C VAL A 76 4.34 -0.34 7.66
N VAL A 77 5.61 -0.71 7.81
CA VAL A 77 6.70 0.07 7.20
C VAL A 77 6.71 -0.21 5.71
N ALA A 78 6.49 0.82 4.92
CA ALA A 78 6.42 0.66 3.46
C ALA A 78 7.77 0.27 2.86
N GLY A 79 8.48 -0.64 3.51
CA GLY A 79 9.77 -1.08 2.99
C GLY A 79 10.48 -2.05 3.94
N SER A 80 11.72 -1.72 4.26
CA SER A 80 12.53 -2.54 5.15
C SER A 80 12.25 -4.02 4.94
N ASP A 81 12.42 -4.80 5.99
CA ASP A 81 12.22 -6.24 5.96
C ASP A 81 10.78 -6.62 5.64
N ALA A 82 9.89 -5.64 5.64
CA ALA A 82 8.48 -5.89 5.37
C ALA A 82 8.25 -6.10 3.87
N PHE A 83 9.20 -5.68 3.04
CA PHE A 83 9.06 -5.84 1.59
C PHE A 83 10.40 -6.26 0.96
N PRO A 84 10.41 -7.29 0.15
CA PRO A 84 11.65 -7.77 -0.53
C PRO A 84 12.39 -6.65 -1.26
N ASP A 85 13.13 -7.02 -2.30
CA ASP A 85 13.89 -6.06 -3.07
C ASP A 85 13.77 -6.34 -4.56
N PRO A 86 12.83 -5.71 -5.21
CA PRO A 86 12.58 -5.90 -6.67
C PRO A 86 13.48 -5.03 -7.55
N CYS A 87 13.52 -3.74 -7.26
CA CYS A 87 14.33 -2.81 -8.06
C CYS A 87 15.20 -1.91 -7.18
N PRO A 88 16.31 -2.41 -6.68
CA PRO A 88 17.22 -1.62 -5.80
C PRO A 88 17.82 -0.40 -6.51
N GLY A 89 17.90 0.73 -5.81
CA GLY A 89 18.48 1.95 -6.39
C GLY A 89 17.42 2.96 -6.82
N THR A 90 16.15 2.61 -6.67
CA THR A 90 15.06 3.50 -7.05
C THR A 90 14.19 3.80 -5.83
N TYR A 91 13.57 4.99 -5.78
CA TYR A 91 12.73 5.31 -4.63
C TYR A 91 11.33 4.80 -4.93
N LYS A 92 11.07 3.61 -4.41
CA LYS A 92 9.80 2.94 -4.62
C LYS A 92 8.65 3.66 -3.91
N TYR A 93 7.64 2.86 -3.67
CA TYR A 93 6.45 3.29 -2.96
C TYR A 93 5.52 2.12 -2.77
N LEU A 94 4.51 2.28 -1.94
CA LEU A 94 3.57 1.21 -1.69
C LEU A 94 2.16 1.75 -1.87
N GLU A 95 1.41 1.13 -2.77
CA GLU A 95 0.04 1.56 -3.04
C GLU A 95 -0.93 0.46 -2.68
N VAL A 96 -1.97 0.79 -1.93
CA VAL A 96 -2.91 -0.23 -1.50
C VAL A 96 -4.37 0.16 -1.70
N GLN A 97 -5.08 -0.63 -2.51
CA GLN A 97 -6.49 -0.41 -2.77
C GLN A 97 -7.31 -1.43 -2.01
N TYR A 98 -8.24 -0.97 -1.18
CA TYR A 98 -9.06 -1.88 -0.41
C TYR A 98 -10.40 -1.28 -0.04
N ASP A 99 -11.29 -2.15 0.42
CA ASP A 99 -12.62 -1.74 0.83
C ASP A 99 -12.92 -2.12 2.28
N CYS A 100 -13.93 -1.47 2.86
CA CYS A 100 -14.32 -1.75 4.24
C CYS A 100 -15.68 -2.46 4.27
N VAL A 101 -15.69 -3.67 4.83
CA VAL A 101 -16.94 -4.45 4.89
C VAL A 101 -17.36 -4.71 6.34
N PRO A 102 -18.64 -4.96 6.58
CA PRO A 102 -19.12 -5.25 7.95
C PRO A 102 -18.53 -6.57 8.48
N TYR A 103 -18.24 -6.61 9.77
CA TYR A 103 -17.69 -7.83 10.37
C TYR A 103 -18.79 -8.83 10.60
N LYS A 104 -18.44 -9.95 11.23
CA LYS A 104 -19.40 -10.99 11.52
C LYS A 104 -19.99 -10.80 12.91
N VAL A 105 -21.27 -11.12 13.06
CA VAL A 105 -21.93 -10.95 14.34
C VAL A 105 -22.96 -12.06 14.57
N GLU A 106 -23.02 -12.57 15.80
CA GLU A 106 -24.00 -13.60 16.13
C GLU A 106 -23.94 -14.74 15.12
N GLY A 1 -11.98 13.89 -3.99
CA GLY A 1 -11.22 13.65 -2.73
C GLY A 1 -11.03 12.15 -2.51
N LEU A 2 -10.17 11.80 -1.56
CA LEU A 2 -9.91 10.40 -1.25
C LEU A 2 -11.15 9.74 -0.65
N PRO A 3 -11.79 10.38 0.30
CA PRO A 3 -12.99 9.83 0.96
C PRO A 3 -14.25 9.99 0.12
N PHE A 4 -14.23 9.40 -1.07
CA PHE A 4 -15.38 9.49 -1.97
C PHE A 4 -16.46 8.49 -1.52
N GLY A 5 -16.18 7.78 -0.44
CA GLY A 5 -17.13 6.80 0.09
C GLY A 5 -17.20 5.57 -0.81
N LEU A 6 -16.08 5.25 -1.44
CA LEU A 6 -16.02 4.08 -2.32
C LEU A 6 -14.57 3.73 -2.60
N MET A 7 -14.16 2.52 -2.19
CA MET A 7 -12.79 2.08 -2.43
C MET A 7 -11.78 3.09 -1.89
N ARG A 8 -11.12 2.74 -0.80
CA ARG A 8 -10.10 3.61 -0.22
C ARG A 8 -8.75 3.30 -0.85
N ARG A 9 -7.86 4.29 -0.86
CA ARG A 9 -6.54 4.10 -1.44
C ARG A 9 -5.49 4.82 -0.62
N GLU A 10 -4.36 4.15 -0.41
CA GLU A 10 -3.28 4.73 0.37
C GLU A 10 -1.95 4.52 -0.34
N LEU A 11 -1.08 5.51 -0.24
CA LEU A 11 0.22 5.42 -0.89
C LEU A 11 1.29 6.00 0.06
N ALA A 12 2.43 5.33 0.18
CA ALA A 12 3.49 5.83 1.06
C ALA A 12 4.88 5.58 0.47
N CYS A 13 5.79 6.52 0.70
CA CYS A 13 7.15 6.42 0.19
C CYS A 13 7.95 5.33 0.91
N GLU A 14 8.63 4.50 0.13
CA GLU A 14 9.41 3.40 0.70
C GLU A 14 10.22 3.83 1.91
N GLY A 15 10.27 2.94 2.90
CA GLY A 15 11.05 3.16 4.11
C GLY A 15 10.24 3.77 5.24
N TYR A 16 9.03 4.25 4.98
CA TYR A 16 8.23 4.85 6.04
C TYR A 16 6.95 4.04 6.25
N PRO A 17 6.36 4.11 7.42
CA PRO A 17 5.12 3.36 7.74
C PRO A 17 3.86 3.94 7.12
N ILE A 18 2.93 3.05 6.78
CA ILE A 18 1.65 3.41 6.19
C ILE A 18 0.53 2.96 7.11
N GLU A 19 -0.55 3.73 7.17
CA GLU A 19 -1.65 3.37 8.06
C GLU A 19 -2.98 3.31 7.31
N LEU A 20 -3.67 2.19 7.48
CA LEU A 20 -4.97 2.00 6.86
C LEU A 20 -6.03 1.94 7.96
N ARG A 21 -7.21 2.46 7.70
CA ARG A 21 -8.26 2.44 8.72
C ARG A 21 -9.66 2.38 8.10
N CYS A 22 -10.48 1.47 8.58
CA CYS A 22 -11.86 1.36 8.10
C CYS A 22 -12.81 2.05 9.08
N PRO A 23 -13.85 2.64 8.58
CA PRO A 23 -14.84 3.36 9.44
C PRO A 23 -15.71 2.42 10.27
N GLY A 24 -16.32 2.96 11.32
CA GLY A 24 -17.20 2.18 12.17
C GLY A 24 -16.55 0.88 12.60
N SER A 25 -17.30 -0.20 12.44
CA SER A 25 -16.81 -1.53 12.81
C SER A 25 -16.49 -2.35 11.57
N ASP A 26 -16.20 -1.67 10.46
CA ASP A 26 -15.86 -2.37 9.24
C ASP A 26 -14.42 -2.85 9.30
N VAL A 27 -14.07 -3.74 8.38
CA VAL A 27 -12.72 -4.26 8.34
C VAL A 27 -12.13 -4.09 6.96
N ILE A 28 -10.85 -3.80 6.90
CA ILE A 28 -10.18 -3.61 5.62
C ILE A 28 -10.10 -4.92 4.85
N MET A 29 -10.35 -4.84 3.56
CA MET A 29 -10.26 -6.01 2.71
C MET A 29 -9.42 -5.65 1.50
N VAL A 30 -8.14 -6.03 1.58
CA VAL A 30 -7.19 -5.73 0.51
C VAL A 30 -7.61 -6.38 -0.79
N GLU A 31 -7.77 -5.58 -1.83
CA GLU A 31 -8.16 -6.08 -3.13
C GLU A 31 -6.95 -6.12 -4.04
N ASN A 32 -6.21 -5.01 -4.08
CA ASN A 32 -5.03 -4.92 -4.92
C ASN A 32 -3.99 -4.03 -4.25
N ALA A 33 -2.74 -4.37 -4.45
CA ALA A 33 -1.64 -3.60 -3.88
C ALA A 33 -0.33 -4.00 -4.55
N ASN A 34 0.60 -3.06 -4.61
CA ASN A 34 1.89 -3.34 -5.24
C ASN A 34 3.00 -2.51 -4.61
N TYR A 35 4.21 -3.04 -4.65
CA TYR A 35 5.37 -2.35 -4.10
C TYR A 35 6.43 -2.17 -5.18
N GLY A 36 6.86 -0.93 -5.40
CA GLY A 36 7.83 -0.66 -6.45
C GLY A 36 7.72 0.79 -6.90
N ARG A 37 7.75 0.98 -8.21
CA ARG A 37 7.65 2.33 -8.77
C ARG A 37 7.15 2.28 -10.22
N THR A 38 5.99 2.91 -10.44
CA THR A 38 5.40 2.95 -11.78
C THR A 38 5.13 4.40 -12.16
N ASP A 39 5.61 5.31 -11.34
CA ASP A 39 5.43 6.73 -11.61
C ASP A 39 6.67 7.49 -11.16
N ASP A 40 6.92 8.62 -11.79
CA ASP A 40 8.07 9.44 -11.42
C ASP A 40 7.61 10.72 -10.74
N LYS A 41 6.30 10.88 -10.60
CA LYS A 41 5.74 12.07 -9.99
C LYS A 41 5.20 11.81 -8.58
N ILE A 42 5.47 10.62 -8.06
CA ILE A 42 4.98 10.28 -6.72
C ILE A 42 6.15 10.10 -5.76
N CYS A 43 5.98 10.60 -4.54
CA CYS A 43 7.04 10.48 -3.56
C CYS A 43 8.30 11.15 -4.10
N ASP A 44 8.20 12.46 -4.29
CA ASP A 44 9.33 13.22 -4.84
C ASP A 44 10.64 12.88 -4.13
N ALA A 45 11.59 12.41 -4.93
CA ALA A 45 12.92 12.05 -4.43
C ALA A 45 13.97 12.51 -5.43
N ASP A 46 15.20 12.04 -5.28
CA ASP A 46 16.23 12.45 -6.22
C ASP A 46 15.86 11.94 -7.61
N PRO A 47 16.13 12.71 -8.63
CA PRO A 47 15.79 12.32 -10.01
C PRO A 47 16.33 10.95 -10.39
N PHE A 48 17.52 10.60 -9.91
CA PHE A 48 18.12 9.31 -10.22
C PHE A 48 17.29 8.17 -9.66
N GLN A 49 16.68 8.40 -8.51
CA GLN A 49 15.86 7.37 -7.89
C GLN A 49 14.46 7.39 -8.48
N MET A 50 14.16 8.44 -9.21
CA MET A 50 12.85 8.58 -9.85
C MET A 50 12.93 8.29 -11.35
N GLU A 51 14.14 8.02 -11.84
CA GLU A 51 14.32 7.76 -13.28
C GLU A 51 13.49 6.58 -13.75
N ASN A 52 13.62 5.43 -13.09
CA ASN A 52 12.90 4.23 -13.51
C ASN A 52 11.45 4.21 -13.02
N VAL A 53 10.54 4.09 -13.98
CA VAL A 53 9.10 4.07 -13.70
C VAL A 53 8.50 2.69 -13.95
N GLN A 54 9.30 1.63 -13.82
CA GLN A 54 8.77 0.29 -14.05
C GLN A 54 9.38 -0.74 -13.11
N CYS A 55 8.73 -0.92 -11.97
CA CYS A 55 9.14 -1.88 -10.97
C CYS A 55 7.91 -2.48 -10.30
N TYR A 56 7.73 -3.80 -10.37
CA TYR A 56 6.56 -4.41 -9.77
C TYR A 56 6.94 -5.58 -8.85
N LEU A 57 6.09 -5.85 -7.85
CA LEU A 57 6.33 -6.94 -6.93
C LEU A 57 5.00 -7.57 -6.51
N PRO A 58 4.55 -8.57 -7.22
CA PRO A 58 3.25 -9.25 -6.94
C PRO A 58 3.06 -9.65 -5.48
N ASP A 59 4.08 -10.26 -4.87
CA ASP A 59 3.98 -10.71 -3.49
C ASP A 59 3.52 -9.59 -2.55
N ALA A 60 3.73 -8.35 -2.95
CA ALA A 60 3.33 -7.23 -2.12
C ALA A 60 1.86 -7.34 -1.74
N PHE A 61 1.06 -7.88 -2.64
CA PHE A 61 -0.37 -8.05 -2.39
C PHE A 61 -0.63 -9.03 -1.25
N LYS A 62 0.07 -10.16 -1.24
CA LYS A 62 -0.14 -11.17 -0.21
C LYS A 62 0.27 -10.64 1.16
N ILE A 63 1.37 -9.90 1.22
CA ILE A 63 1.88 -9.35 2.47
C ILE A 63 0.87 -8.41 3.12
N MET A 64 0.38 -7.44 2.34
CA MET A 64 -0.57 -6.46 2.86
C MET A 64 -1.91 -7.09 3.19
N SER A 65 -2.33 -8.05 2.38
CA SER A 65 -3.60 -8.71 2.60
C SER A 65 -3.64 -9.40 3.96
N GLN A 66 -2.56 -10.09 4.28
CA GLN A 66 -2.47 -10.78 5.57
C GLN A 66 -2.46 -9.78 6.71
N ARG A 67 -1.78 -8.66 6.48
CA ARG A 67 -1.64 -7.63 7.50
C ARG A 67 -2.90 -6.78 7.68
N CYS A 68 -3.66 -6.53 6.61
CA CYS A 68 -4.84 -5.67 6.75
C CYS A 68 -6.17 -6.41 6.58
N ASN A 69 -6.16 -7.63 6.04
CA ASN A 69 -7.42 -8.34 5.86
C ASN A 69 -8.12 -8.63 7.18
N ASN A 70 -9.42 -8.38 7.20
CA ASN A 70 -10.25 -8.61 8.38
C ASN A 70 -9.85 -7.70 9.54
N ARG A 71 -9.02 -6.68 9.28
CA ARG A 71 -8.63 -5.74 10.33
C ARG A 71 -9.20 -4.36 10.05
N THR A 72 -9.55 -3.66 11.12
CA THR A 72 -10.10 -2.31 11.00
C THR A 72 -8.99 -1.35 10.61
N GLN A 73 -7.78 -1.66 11.06
CA GLN A 73 -6.62 -0.83 10.75
C GLN A 73 -5.35 -1.68 10.73
N CYS A 74 -4.35 -1.21 10.00
CA CYS A 74 -3.09 -1.93 9.91
C CYS A 74 -1.95 -0.97 9.58
N VAL A 75 -0.81 -1.18 10.24
CA VAL A 75 0.36 -0.35 9.98
C VAL A 75 1.50 -1.20 9.45
N VAL A 76 2.12 -0.76 8.36
CA VAL A 76 3.22 -1.51 7.77
C VAL A 76 4.30 -0.58 7.25
N VAL A 77 5.54 -1.07 7.22
CA VAL A 77 6.63 -0.27 6.68
C VAL A 77 6.74 -0.51 5.20
N ALA A 78 6.59 0.56 4.43
CA ALA A 78 6.63 0.46 2.98
C ALA A 78 8.02 0.10 2.46
N GLY A 79 8.75 -0.78 3.14
CA GLY A 79 10.07 -1.16 2.66
C GLY A 79 10.75 -2.18 3.57
N SER A 80 11.96 -1.84 4.01
CA SER A 80 12.73 -2.71 4.90
C SER A 80 12.45 -4.19 4.64
N ASP A 81 12.73 -5.02 5.64
CA ASP A 81 12.53 -6.45 5.56
C ASP A 81 11.06 -6.82 5.38
N ALA A 82 10.19 -5.83 5.55
CA ALA A 82 8.77 -6.09 5.41
C ALA A 82 8.39 -6.19 3.94
N PHE A 83 9.31 -5.81 3.05
CA PHE A 83 9.07 -5.89 1.62
C PHE A 83 10.35 -6.30 0.89
N PRO A 84 10.28 -7.26 -0.01
CA PRO A 84 11.46 -7.73 -0.80
C PRO A 84 12.23 -6.58 -1.43
N ASP A 85 13.02 -6.89 -2.45
CA ASP A 85 13.80 -5.88 -3.16
C ASP A 85 13.76 -6.13 -4.67
N PRO A 86 12.76 -5.63 -5.34
CA PRO A 86 12.60 -5.81 -6.81
C PRO A 86 13.49 -4.86 -7.63
N CYS A 87 13.80 -3.69 -7.07
CA CYS A 87 14.63 -2.73 -7.79
C CYS A 87 15.33 -1.77 -6.84
N PRO A 88 16.46 -2.17 -6.30
CA PRO A 88 17.24 -1.31 -5.37
C PRO A 88 17.88 -0.12 -6.10
N GLY A 89 17.88 1.05 -5.44
CA GLY A 89 18.47 2.26 -6.03
C GLY A 89 17.41 3.23 -6.56
N THR A 90 16.14 2.85 -6.46
CA THR A 90 15.05 3.70 -6.92
C THR A 90 14.16 4.06 -5.73
N TYR A 91 13.57 5.26 -5.73
CA TYR A 91 12.69 5.63 -4.61
C TYR A 91 11.31 5.06 -4.90
N LYS A 92 11.04 3.92 -4.30
CA LYS A 92 9.79 3.22 -4.50
C LYS A 92 8.62 3.81 -3.71
N TYR A 93 7.57 3.02 -3.67
CA TYR A 93 6.37 3.34 -2.93
C TYR A 93 5.48 2.13 -2.83
N LEU A 94 4.48 2.22 -1.98
CA LEU A 94 3.56 1.13 -1.81
C LEU A 94 2.14 1.65 -2.00
N GLU A 95 1.41 1.03 -2.91
CA GLU A 95 0.05 1.45 -3.18
C GLU A 95 -0.92 0.34 -2.84
N VAL A 96 -1.94 0.66 -2.05
CA VAL A 96 -2.91 -0.35 -1.67
C VAL A 96 -4.34 0.16 -1.77
N GLN A 97 -5.15 -0.58 -2.52
CA GLN A 97 -6.56 -0.23 -2.69
C GLN A 97 -7.41 -1.30 -2.04
N TYR A 98 -8.36 -0.88 -1.22
CA TYR A 98 -9.19 -1.84 -0.51
C TYR A 98 -10.55 -1.27 -0.15
N ASP A 99 -11.42 -2.13 0.37
CA ASP A 99 -12.76 -1.69 0.75
C ASP A 99 -13.02 -2.03 2.21
N CYS A 100 -13.99 -1.33 2.81
CA CYS A 100 -14.34 -1.57 4.20
C CYS A 100 -15.67 -2.30 4.27
N VAL A 101 -15.66 -3.50 4.85
CA VAL A 101 -16.89 -4.30 4.94
C VAL A 101 -17.15 -4.72 6.39
N PRO A 102 -18.38 -5.03 6.73
CA PRO A 102 -18.74 -5.47 8.11
C PRO A 102 -17.92 -6.69 8.55
N TYR A 103 -17.60 -6.73 9.84
CA TYR A 103 -16.83 -7.86 10.37
C TYR A 103 -17.71 -9.10 10.45
N LYS A 104 -19.02 -8.89 10.29
CA LYS A 104 -19.96 -9.99 10.32
C LYS A 104 -20.28 -10.42 8.89
N VAL A 105 -20.29 -11.72 8.64
CA VAL A 105 -20.57 -12.20 7.30
C VAL A 105 -21.42 -13.47 7.35
N GLU A 106 -22.63 -13.39 6.79
CA GLU A 106 -23.52 -14.54 6.78
C GLU A 106 -23.81 -15.02 8.20
N GLY A 1 -18.51 10.41 6.03
CA GLY A 1 -18.69 11.86 5.74
C GLY A 1 -17.65 12.33 4.72
N LEU A 2 -16.50 11.65 4.69
CA LEU A 2 -15.44 12.00 3.77
C LEU A 2 -15.00 10.76 2.98
N PRO A 3 -15.81 10.33 2.06
CA PRO A 3 -15.53 9.13 1.21
C PRO A 3 -14.59 9.45 0.05
N PHE A 4 -13.84 8.44 -0.39
CA PHE A 4 -12.91 8.61 -1.50
C PHE A 4 -13.65 8.62 -2.83
N GLY A 5 -14.97 8.57 -2.78
CA GLY A 5 -15.77 8.57 -3.99
C GLY A 5 -15.71 7.21 -4.69
N LEU A 6 -14.56 6.55 -4.61
CA LEU A 6 -14.40 5.25 -5.25
C LEU A 6 -13.25 4.46 -4.64
N MET A 7 -13.60 3.42 -3.88
CA MET A 7 -12.61 2.59 -3.23
C MET A 7 -11.65 3.43 -2.41
N ARG A 8 -11.12 2.83 -1.35
CA ARG A 8 -10.16 3.52 -0.50
C ARG A 8 -8.75 3.15 -0.91
N ARG A 9 -7.82 4.07 -0.80
CA ARG A 9 -6.45 3.78 -1.19
C ARG A 9 -5.45 4.68 -0.48
N GLU A 10 -4.35 4.08 -0.04
CA GLU A 10 -3.30 4.83 0.61
C GLU A 10 -1.97 4.53 -0.08
N LEU A 11 -1.08 5.50 -0.06
CA LEU A 11 0.23 5.32 -0.69
C LEU A 11 1.29 5.93 0.21
N ALA A 12 2.45 5.29 0.29
CA ALA A 12 3.51 5.81 1.15
C ALA A 12 4.88 5.57 0.53
N CYS A 13 5.79 6.53 0.75
CA CYS A 13 7.13 6.42 0.21
C CYS A 13 7.92 5.35 0.95
N GLU A 14 8.61 4.52 0.18
CA GLU A 14 9.37 3.43 0.75
C GLU A 14 10.15 3.83 1.99
N GLY A 15 10.12 2.93 2.98
CA GLY A 15 10.86 3.13 4.22
C GLY A 15 10.06 3.80 5.33
N TYR A 16 8.85 4.28 5.05
CA TYR A 16 8.07 4.94 6.10
C TYR A 16 6.78 4.18 6.37
N PRO A 17 6.26 4.31 7.57
CA PRO A 17 5.00 3.61 7.97
C PRO A 17 3.75 4.13 7.26
N ILE A 18 2.88 3.19 6.91
CA ILE A 18 1.60 3.52 6.26
C ILE A 18 0.48 3.08 7.19
N GLU A 19 -0.63 3.83 7.19
CA GLU A 19 -1.72 3.49 8.09
C GLU A 19 -3.04 3.33 7.34
N LEU A 20 -3.70 2.20 7.56
CA LEU A 20 -4.99 1.95 6.95
C LEU A 20 -6.03 1.84 8.05
N ARG A 21 -7.20 2.41 7.85
CA ARG A 21 -8.23 2.34 8.87
C ARG A 21 -9.62 2.27 8.26
N CYS A 22 -10.43 1.36 8.77
CA CYS A 22 -11.78 1.21 8.30
C CYS A 22 -12.75 1.93 9.23
N PRO A 23 -13.70 2.64 8.69
CA PRO A 23 -14.69 3.39 9.51
C PRO A 23 -15.65 2.45 10.22
N GLY A 24 -16.27 2.93 11.29
CA GLY A 24 -17.22 2.13 12.02
C GLY A 24 -16.63 0.78 12.45
N SER A 25 -17.46 -0.25 12.37
CA SER A 25 -17.04 -1.60 12.74
C SER A 25 -16.67 -2.42 11.50
N ASP A 26 -16.33 -1.75 10.42
CA ASP A 26 -15.96 -2.43 9.19
C ASP A 26 -14.51 -2.93 9.27
N VAL A 27 -14.15 -3.83 8.36
CA VAL A 27 -12.80 -4.37 8.33
C VAL A 27 -12.17 -4.17 6.95
N ILE A 28 -10.86 -4.00 6.95
CA ILE A 28 -10.10 -3.77 5.72
C ILE A 28 -10.01 -5.03 4.85
N MET A 29 -10.21 -4.86 3.54
CA MET A 29 -10.10 -5.97 2.61
C MET A 29 -9.29 -5.52 1.39
N VAL A 30 -8.01 -5.93 1.39
CA VAL A 30 -7.10 -5.56 0.31
C VAL A 30 -7.51 -6.19 -1.01
N GLU A 31 -7.64 -5.35 -2.03
CA GLU A 31 -8.01 -5.83 -3.36
C GLU A 31 -6.79 -5.86 -4.26
N ASN A 32 -6.02 -4.75 -4.28
CA ASN A 32 -4.83 -4.69 -5.12
C ASN A 32 -3.76 -3.82 -4.48
N ALA A 33 -2.50 -4.19 -4.68
CA ALA A 33 -1.38 -3.43 -4.12
C ALA A 33 -0.06 -3.88 -4.73
N ASN A 34 0.91 -2.97 -4.75
CA ASN A 34 2.23 -3.29 -5.30
C ASN A 34 3.33 -2.50 -4.60
N TYR A 35 4.53 -3.07 -4.59
CA TYR A 35 5.70 -2.43 -3.97
C TYR A 35 6.75 -2.23 -5.06
N GLY A 36 7.15 -0.98 -5.29
CA GLY A 36 8.11 -0.71 -6.35
C GLY A 36 7.98 0.73 -6.84
N ARG A 37 7.99 0.91 -8.16
CA ARG A 37 7.85 2.22 -8.75
C ARG A 37 7.32 2.14 -10.17
N THR A 38 6.14 2.72 -10.39
CA THR A 38 5.54 2.72 -11.71
C THR A 38 5.26 4.14 -12.16
N ASP A 39 5.80 5.09 -11.41
CA ASP A 39 5.61 6.51 -11.74
C ASP A 39 6.84 7.31 -11.33
N ASP A 40 6.77 8.60 -11.54
CA ASP A 40 7.88 9.48 -11.18
C ASP A 40 7.35 10.77 -10.55
N LYS A 41 6.02 10.86 -10.45
CA LYS A 41 5.39 12.02 -9.85
C LYS A 41 4.92 11.71 -8.45
N ILE A 42 5.21 10.50 -7.97
CA ILE A 42 4.77 10.11 -6.64
C ILE A 42 5.98 9.94 -5.72
N CYS A 43 5.82 10.43 -4.50
CA CYS A 43 6.90 10.34 -3.53
C CYS A 43 8.17 10.94 -4.10
N ASP A 44 8.16 12.26 -4.22
CA ASP A 44 9.29 12.99 -4.78
C ASP A 44 10.60 12.63 -4.06
N ALA A 45 11.58 12.23 -4.87
CA ALA A 45 12.90 11.88 -4.36
C ALA A 45 13.95 12.33 -5.38
N ASP A 46 15.17 11.82 -5.28
CA ASP A 46 16.18 12.22 -6.25
C ASP A 46 15.76 11.75 -7.64
N PRO A 47 16.02 12.53 -8.65
CA PRO A 47 15.64 12.18 -10.04
C PRO A 47 16.15 10.81 -10.46
N PHE A 48 17.35 10.49 -9.99
CA PHE A 48 17.97 9.20 -10.31
C PHE A 48 17.16 8.05 -9.75
N GLN A 49 16.60 8.24 -8.56
CA GLN A 49 15.81 7.20 -7.96
C GLN A 49 14.39 7.22 -8.50
N MET A 50 14.06 8.27 -9.23
CA MET A 50 12.73 8.38 -9.81
C MET A 50 12.76 8.11 -11.33
N GLU A 51 13.94 7.84 -11.87
CA GLU A 51 14.06 7.59 -13.31
C GLU A 51 13.24 6.39 -13.75
N ASN A 52 13.42 5.25 -13.10
CA ASN A 52 12.71 4.04 -13.51
C ASN A 52 11.26 4.06 -13.03
N VAL A 53 10.34 4.03 -13.99
CA VAL A 53 8.92 4.00 -13.69
C VAL A 53 8.34 2.63 -14.00
N GLN A 54 9.19 1.60 -13.88
CA GLN A 54 8.75 0.24 -14.16
C GLN A 54 9.34 -0.75 -13.17
N CYS A 55 8.69 -0.91 -12.04
CA CYS A 55 9.13 -1.87 -11.03
C CYS A 55 7.92 -2.43 -10.31
N TYR A 56 7.79 -3.74 -10.31
CA TYR A 56 6.63 -4.39 -9.69
C TYR A 56 7.03 -5.56 -8.81
N LEU A 57 6.14 -5.91 -7.88
CA LEU A 57 6.35 -7.05 -6.99
C LEU A 57 5.01 -7.69 -6.67
N PRO A 58 4.64 -8.72 -7.39
CA PRO A 58 3.33 -9.42 -7.20
C PRO A 58 3.03 -9.78 -5.74
N ASP A 59 4.02 -10.29 -5.02
CA ASP A 59 3.81 -10.69 -3.61
C ASP A 59 3.39 -9.52 -2.74
N ALA A 60 3.72 -8.30 -3.13
CA ALA A 60 3.36 -7.14 -2.32
C ALA A 60 1.86 -7.12 -2.02
N PHE A 61 1.06 -7.57 -2.99
CA PHE A 61 -0.39 -7.60 -2.82
C PHE A 61 -0.82 -8.61 -1.76
N LYS A 62 -0.27 -9.81 -1.86
CA LYS A 62 -0.62 -10.87 -0.93
C LYS A 62 -0.13 -10.55 0.48
N ILE A 63 1.09 -10.02 0.56
CA ILE A 63 1.67 -9.68 1.85
C ILE A 63 0.86 -8.63 2.60
N MET A 64 0.47 -7.55 1.91
CA MET A 64 -0.31 -6.51 2.56
C MET A 64 -1.68 -7.04 2.92
N SER A 65 -2.22 -7.90 2.08
CA SER A 65 -3.54 -8.47 2.33
C SER A 65 -3.50 -9.26 3.63
N GLN A 66 -2.43 -10.02 3.84
CA GLN A 66 -2.29 -10.80 5.05
C GLN A 66 -2.17 -9.90 6.29
N ARG A 67 -1.49 -8.77 6.11
CA ARG A 67 -1.27 -7.83 7.21
C ARG A 67 -2.51 -6.99 7.55
N CYS A 68 -3.34 -6.63 6.56
CA CYS A 68 -4.52 -5.79 6.86
C CYS A 68 -5.86 -6.50 6.65
N ASN A 69 -5.87 -7.65 5.99
CA ASN A 69 -7.14 -8.33 5.75
C ASN A 69 -7.85 -8.67 7.07
N ASN A 70 -9.16 -8.45 7.08
CA ASN A 70 -10.00 -8.73 8.24
C ASN A 70 -9.68 -7.85 9.44
N ARG A 71 -8.95 -6.75 9.23
CA ARG A 71 -8.62 -5.86 10.34
C ARG A 71 -9.22 -4.48 10.13
N THR A 72 -9.59 -3.84 11.24
CA THR A 72 -10.18 -2.50 11.19
C THR A 72 -9.10 -1.47 10.87
N GLN A 73 -7.87 -1.74 11.32
CA GLN A 73 -6.74 -0.84 11.06
C GLN A 73 -5.44 -1.64 10.98
N CYS A 74 -4.47 -1.10 10.24
CA CYS A 74 -3.18 -1.79 10.10
C CYS A 74 -2.06 -0.81 9.73
N VAL A 75 -0.95 -0.89 10.45
CA VAL A 75 0.19 -0.03 10.17
C VAL A 75 1.42 -0.87 9.86
N VAL A 76 2.04 -0.62 8.71
CA VAL A 76 3.21 -1.38 8.30
C VAL A 76 4.25 -0.50 7.61
N VAL A 77 5.53 -0.83 7.82
CA VAL A 77 6.60 -0.05 7.19
C VAL A 77 6.63 -0.35 5.71
N ALA A 78 6.44 0.68 4.91
CA ALA A 78 6.42 0.52 3.47
C ALA A 78 7.80 0.22 2.91
N GLY A 79 8.56 -0.64 3.58
CA GLY A 79 9.90 -0.98 3.09
C GLY A 79 10.62 -1.97 4.00
N SER A 80 11.86 -1.64 4.35
CA SER A 80 12.66 -2.51 5.20
C SER A 80 12.30 -3.97 4.98
N ASP A 81 12.38 -4.75 6.05
CA ASP A 81 12.11 -6.19 6.01
C ASP A 81 10.65 -6.48 5.61
N ALA A 82 9.81 -5.44 5.59
CA ALA A 82 8.41 -5.65 5.26
C ALA A 82 8.22 -5.83 3.75
N PHE A 83 9.17 -5.36 2.95
CA PHE A 83 9.08 -5.50 1.49
C PHE A 83 10.42 -5.88 0.91
N PRO A 84 10.49 -6.91 0.11
CA PRO A 84 11.76 -7.34 -0.53
C PRO A 84 12.46 -6.18 -1.25
N ASP A 85 13.19 -6.51 -2.30
CA ASP A 85 13.89 -5.51 -3.09
C ASP A 85 13.80 -5.84 -4.57
N PRO A 86 12.69 -5.52 -5.21
CA PRO A 86 12.49 -5.82 -6.66
C PRO A 86 13.27 -4.89 -7.59
N CYS A 87 13.69 -3.75 -7.07
CA CYS A 87 14.44 -2.80 -7.89
C CYS A 87 15.29 -1.86 -7.02
N PRO A 88 16.43 -2.30 -6.55
CA PRO A 88 17.33 -1.46 -5.72
C PRO A 88 17.89 -0.27 -6.50
N GLY A 89 17.94 0.90 -5.86
CA GLY A 89 18.48 2.09 -6.51
C GLY A 89 17.37 3.06 -6.96
N THR A 90 16.10 2.68 -6.77
CA THR A 90 15.00 3.54 -7.14
C THR A 90 14.16 3.84 -5.90
N TYR A 91 13.60 5.04 -5.80
CA TYR A 91 12.78 5.35 -4.65
C TYR A 91 11.39 4.84 -4.90
N LYS A 92 11.14 3.66 -4.37
CA LYS A 92 9.88 2.98 -4.54
C LYS A 92 8.73 3.61 -3.76
N TYR A 93 7.68 2.83 -3.69
CA TYR A 93 6.49 3.19 -2.95
C TYR A 93 5.57 2.00 -2.79
N LEU A 94 4.57 2.16 -1.95
CA LEU A 94 3.61 1.09 -1.75
C LEU A 94 2.22 1.66 -1.94
N GLU A 95 1.47 1.06 -2.85
CA GLU A 95 0.11 1.49 -3.12
C GLU A 95 -0.85 0.38 -2.76
N VAL A 96 -1.84 0.69 -1.94
CA VAL A 96 -2.79 -0.35 -1.56
C VAL A 96 -4.24 0.10 -1.69
N GLN A 97 -5.00 -0.65 -2.50
CA GLN A 97 -6.41 -0.35 -2.69
C GLN A 97 -7.22 -1.39 -1.91
N TYR A 98 -8.13 -0.91 -1.08
CA TYR A 98 -8.94 -1.81 -0.27
C TYR A 98 -10.29 -1.19 0.06
N ASP A 99 -11.18 -2.02 0.59
CA ASP A 99 -12.51 -1.58 0.94
C ASP A 99 -12.82 -1.92 2.39
N CYS A 100 -13.83 -1.27 2.96
CA CYS A 100 -14.21 -1.53 4.33
C CYS A 100 -15.60 -2.18 4.38
N VAL A 101 -15.63 -3.43 4.82
CA VAL A 101 -16.90 -4.17 4.90
C VAL A 101 -17.24 -4.49 6.36
N PRO A 102 -18.50 -4.72 6.66
CA PRO A 102 -18.92 -5.08 8.04
C PRO A 102 -18.24 -6.38 8.48
N TYR A 103 -17.95 -6.47 9.78
CA TYR A 103 -17.31 -7.65 10.32
C TYR A 103 -18.29 -8.82 10.37
N LYS A 104 -18.20 -9.63 11.40
CA LYS A 104 -19.07 -10.79 11.54
C LYS A 104 -20.33 -10.43 12.33
N VAL A 105 -20.22 -10.41 13.65
CA VAL A 105 -21.36 -10.06 14.51
C VAL A 105 -21.37 -8.57 14.80
N GLU A 106 -22.57 -7.99 14.89
CA GLU A 106 -22.70 -6.57 15.17
C GLU A 106 -21.78 -5.75 14.26
N GLY A 1 -9.23 15.33 3.66
CA GLY A 1 -9.10 14.23 2.67
C GLY A 1 -10.02 14.49 1.48
N LEU A 2 -9.65 13.96 0.32
CA LEU A 2 -10.44 14.13 -0.90
C LEU A 2 -10.80 12.77 -1.49
N PRO A 3 -11.70 12.06 -0.87
CA PRO A 3 -12.13 10.72 -1.38
C PRO A 3 -12.90 10.82 -2.69
N PHE A 4 -12.64 9.88 -3.60
CA PHE A 4 -13.33 9.88 -4.88
C PHE A 4 -14.74 9.30 -4.72
N GLY A 5 -15.07 8.92 -3.49
CA GLY A 5 -16.38 8.36 -3.20
C GLY A 5 -16.47 6.92 -3.68
N LEU A 6 -15.32 6.26 -3.82
CA LEU A 6 -15.30 4.87 -4.27
C LEU A 6 -13.96 4.21 -3.97
N MET A 7 -14.00 3.13 -3.20
CA MET A 7 -12.78 2.42 -2.85
C MET A 7 -11.77 3.35 -2.20
N ARG A 8 -11.14 2.88 -1.14
CA ARG A 8 -10.13 3.66 -0.44
C ARG A 8 -8.73 3.25 -0.91
N ARG A 9 -7.78 4.18 -0.89
CA ARG A 9 -6.43 3.86 -1.31
C ARG A 9 -5.39 4.66 -0.53
N GLU A 10 -4.29 4.01 -0.21
CA GLU A 10 -3.20 4.65 0.52
C GLU A 10 -1.89 4.40 -0.21
N LEU A 11 -1.00 5.38 -0.16
CA LEU A 11 0.29 5.27 -0.80
C LEU A 11 1.35 5.87 0.11
N ALA A 12 2.50 5.20 0.20
CA ALA A 12 3.55 5.71 1.07
C ALA A 12 4.93 5.53 0.45
N CYS A 13 5.81 6.50 0.70
CA CYS A 13 7.17 6.46 0.18
C CYS A 13 7.92 5.30 0.81
N GLU A 14 8.55 4.49 -0.02
CA GLU A 14 9.28 3.34 0.48
C GLU A 14 10.06 3.66 1.75
N GLY A 15 9.99 2.72 2.70
CA GLY A 15 10.71 2.85 3.95
C GLY A 15 9.91 3.50 5.08
N TYR A 16 8.69 3.98 4.81
CA TYR A 16 7.90 4.62 5.85
C TYR A 16 6.64 3.83 6.17
N PRO A 17 6.15 3.94 7.38
CA PRO A 17 4.90 3.23 7.78
C PRO A 17 3.67 3.80 7.11
N ILE A 18 2.79 2.90 6.71
CA ILE A 18 1.54 3.28 6.08
C ILE A 18 0.41 2.87 7.01
N GLU A 19 -0.67 3.62 7.01
CA GLU A 19 -1.76 3.31 7.91
C GLU A 19 -3.09 3.19 7.18
N LEU A 20 -3.77 2.08 7.42
CA LEU A 20 -5.08 1.84 6.83
C LEU A 20 -6.09 1.78 7.96
N ARG A 21 -7.24 2.38 7.75
CA ARG A 21 -8.27 2.37 8.78
C ARG A 21 -9.66 2.27 8.18
N CYS A 22 -10.47 1.37 8.72
CA CYS A 22 -11.83 1.20 8.24
C CYS A 22 -12.81 1.92 9.16
N PRO A 23 -13.79 2.57 8.60
CA PRO A 23 -14.81 3.32 9.40
C PRO A 23 -15.76 2.36 10.11
N GLY A 24 -16.40 2.85 11.17
CA GLY A 24 -17.35 2.03 11.92
C GLY A 24 -16.72 0.71 12.36
N SER A 25 -17.50 -0.35 12.22
CA SER A 25 -17.04 -1.69 12.59
C SER A 25 -16.68 -2.49 11.34
N ASP A 26 -16.35 -1.78 10.28
CA ASP A 26 -15.97 -2.43 9.03
C ASP A 26 -14.53 -2.94 9.11
N VAL A 27 -14.16 -3.81 8.20
CA VAL A 27 -12.80 -4.35 8.19
C VAL A 27 -12.16 -4.15 6.83
N ILE A 28 -10.86 -3.92 6.84
CA ILE A 28 -10.11 -3.71 5.62
C ILE A 28 -10.03 -4.99 4.80
N MET A 29 -10.27 -4.88 3.50
CA MET A 29 -10.16 -6.02 2.60
C MET A 29 -9.29 -5.61 1.44
N VAL A 30 -8.02 -5.98 1.52
CA VAL A 30 -7.05 -5.62 0.50
C VAL A 30 -7.43 -6.23 -0.84
N GLU A 31 -7.54 -5.40 -1.86
CA GLU A 31 -7.90 -5.85 -3.20
C GLU A 31 -6.66 -5.94 -4.06
N ASN A 32 -5.87 -4.87 -4.06
CA ASN A 32 -4.66 -4.84 -4.86
C ASN A 32 -3.64 -3.91 -4.24
N ALA A 33 -2.38 -4.23 -4.47
CA ALA A 33 -1.30 -3.41 -3.94
C ALA A 33 0.04 -3.83 -4.54
N ASN A 34 1.00 -2.91 -4.54
CA ASN A 34 2.31 -3.21 -5.09
C ASN A 34 3.40 -2.41 -4.41
N TYR A 35 4.62 -2.92 -4.52
CA TYR A 35 5.79 -2.26 -3.97
C TYR A 35 6.76 -2.05 -5.12
N GLY A 36 7.12 -0.80 -5.40
CA GLY A 36 8.00 -0.53 -6.53
C GLY A 36 7.85 0.91 -6.98
N ARG A 37 7.86 1.12 -8.30
CA ARG A 37 7.75 2.46 -8.85
C ARG A 37 7.25 2.45 -10.29
N THR A 38 6.09 3.07 -10.50
CA THR A 38 5.51 3.16 -11.84
C THR A 38 5.24 4.60 -12.19
N ASP A 39 5.69 5.49 -11.32
CA ASP A 39 5.52 6.92 -11.52
C ASP A 39 6.72 7.66 -10.97
N ASP A 40 6.99 8.84 -11.50
CA ASP A 40 8.11 9.65 -11.03
C ASP A 40 7.62 10.92 -10.38
N LYS A 41 6.31 11.06 -10.28
CA LYS A 41 5.71 12.24 -9.67
C LYS A 41 5.18 11.92 -8.29
N ILE A 42 5.42 10.70 -7.82
CA ILE A 42 4.95 10.30 -6.50
C ILE A 42 6.14 10.12 -5.57
N CYS A 43 6.01 10.60 -4.35
CA CYS A 43 7.09 10.49 -3.39
C CYS A 43 8.34 11.12 -3.99
N ASP A 44 8.25 12.42 -4.24
CA ASP A 44 9.34 13.17 -4.83
C ASP A 44 10.68 12.83 -4.18
N ALA A 45 11.61 12.34 -4.99
CA ALA A 45 12.94 11.98 -4.53
C ALA A 45 13.98 12.41 -5.55
N ASP A 46 15.20 11.92 -5.42
CA ASP A 46 16.23 12.28 -6.38
C ASP A 46 15.83 11.77 -7.77
N PRO A 47 15.95 12.59 -8.78
CA PRO A 47 15.55 12.21 -10.16
C PRO A 47 16.17 10.89 -10.63
N PHE A 48 17.39 10.62 -10.21
CA PHE A 48 18.05 9.38 -10.60
C PHE A 48 17.28 8.17 -10.07
N GLN A 49 16.74 8.30 -8.87
CA GLN A 49 15.99 7.21 -8.29
C GLN A 49 14.58 7.18 -8.86
N MET A 50 14.16 8.29 -9.46
CA MET A 50 12.82 8.37 -10.02
C MET A 50 12.81 8.22 -11.54
N GLU A 51 13.99 8.00 -12.15
CA GLU A 51 14.04 7.85 -13.61
C GLU A 51 13.23 6.65 -14.08
N ASN A 52 13.42 5.50 -13.45
CA ASN A 52 12.70 4.28 -13.85
C ASN A 52 11.28 4.23 -13.31
N VAL A 53 10.30 4.29 -14.23
CA VAL A 53 8.89 4.25 -13.84
C VAL A 53 8.29 2.87 -14.14
N GLN A 54 9.09 1.83 -13.98
CA GLN A 54 8.63 0.46 -14.24
C GLN A 54 9.24 -0.53 -13.27
N CYS A 55 8.58 -0.71 -12.13
CA CYS A 55 9.03 -1.67 -11.13
C CYS A 55 7.80 -2.25 -10.41
N TYR A 56 7.65 -3.58 -10.44
CA TYR A 56 6.50 -4.23 -9.80
C TYR A 56 6.93 -5.31 -8.82
N LEU A 57 6.07 -5.57 -7.82
CA LEU A 57 6.35 -6.60 -6.82
C LEU A 57 5.04 -7.24 -6.36
N PRO A 58 4.58 -8.25 -7.07
CA PRO A 58 3.30 -8.95 -6.74
C PRO A 58 3.21 -9.37 -5.28
N ASP A 59 4.25 -10.02 -4.77
CA ASP A 59 4.25 -10.51 -3.40
C ASP A 59 3.83 -9.43 -2.41
N ALA A 60 4.11 -8.18 -2.73
CA ALA A 60 3.75 -7.08 -1.84
C ALA A 60 2.26 -7.12 -1.48
N PHE A 61 1.45 -7.59 -2.42
CA PHE A 61 0.01 -7.69 -2.22
C PHE A 61 -0.36 -8.69 -1.11
N LYS A 62 0.33 -9.83 -1.12
CA LYS A 62 0.04 -10.87 -0.12
C LYS A 62 0.40 -10.39 1.28
N ILE A 63 1.52 -9.69 1.39
CA ILE A 63 1.97 -9.19 2.69
C ILE A 63 0.95 -8.23 3.31
N MET A 64 0.48 -7.26 2.54
CA MET A 64 -0.48 -6.30 3.07
C MET A 64 -1.84 -6.96 3.32
N SER A 65 -2.20 -7.88 2.43
CA SER A 65 -3.47 -8.58 2.56
C SER A 65 -3.55 -9.32 3.89
N GLN A 66 -2.49 -10.04 4.20
CA GLN A 66 -2.39 -10.78 5.44
C GLN A 66 -2.38 -9.85 6.65
N ARG A 67 -1.73 -8.70 6.47
CA ARG A 67 -1.62 -7.72 7.54
C ARG A 67 -2.87 -6.85 7.73
N CYS A 68 -3.62 -6.59 6.67
CA CYS A 68 -4.79 -5.72 6.79
C CYS A 68 -6.13 -6.43 6.60
N ASN A 69 -6.14 -7.59 5.95
CA ASN A 69 -7.40 -8.29 5.71
C ASN A 69 -8.13 -8.60 7.02
N ASN A 70 -9.44 -8.36 7.02
CA ASN A 70 -10.28 -8.63 8.19
C ASN A 70 -9.91 -7.79 9.39
N ARG A 71 -9.11 -6.74 9.18
CA ARG A 71 -8.75 -5.87 10.27
C ARG A 71 -9.32 -4.49 10.05
N THR A 72 -9.69 -3.83 11.13
CA THR A 72 -10.25 -2.49 11.06
C THR A 72 -9.14 -1.50 10.69
N GLN A 73 -7.92 -1.81 11.12
CA GLN A 73 -6.77 -0.96 10.83
C GLN A 73 -5.47 -1.76 10.82
N CYS A 74 -4.49 -1.28 10.05
CA CYS A 74 -3.20 -1.96 9.98
C CYS A 74 -2.09 -0.98 9.67
N VAL A 75 -0.93 -1.19 10.29
CA VAL A 75 0.22 -0.34 10.06
C VAL A 75 1.40 -1.17 9.58
N VAL A 76 2.01 -0.75 8.48
CA VAL A 76 3.14 -1.50 7.94
C VAL A 76 4.19 -0.58 7.32
N VAL A 77 5.46 -1.03 7.42
CA VAL A 77 6.56 -0.26 6.84
C VAL A 77 6.60 -0.51 5.35
N ALA A 78 6.42 0.54 4.57
CA ALA A 78 6.41 0.41 3.11
C ALA A 78 7.79 0.08 2.56
N GLY A 79 8.52 -0.80 3.22
CA GLY A 79 9.86 -1.17 2.76
C GLY A 79 10.56 -2.12 3.71
N SER A 80 11.73 -1.69 4.17
CA SER A 80 12.53 -2.51 5.09
C SER A 80 12.30 -3.99 4.83
N ASP A 81 12.57 -4.80 5.86
CA ASP A 81 12.40 -6.25 5.77
C ASP A 81 10.94 -6.61 5.57
N ALA A 82 10.06 -5.63 5.71
CA ALA A 82 8.63 -5.89 5.57
C ALA A 82 8.26 -6.06 4.09
N PHE A 83 9.21 -5.76 3.20
CA PHE A 83 8.96 -5.90 1.77
C PHE A 83 10.21 -6.38 1.04
N PRO A 84 10.10 -7.36 0.18
CA PRO A 84 11.27 -7.87 -0.59
C PRO A 84 12.03 -6.74 -1.25
N ASP A 85 12.84 -7.08 -2.24
CA ASP A 85 13.61 -6.08 -2.97
C ASP A 85 13.62 -6.39 -4.46
N PRO A 86 12.76 -5.75 -5.21
CA PRO A 86 12.64 -5.99 -6.67
C PRO A 86 13.65 -5.16 -7.48
N CYS A 87 13.60 -3.85 -7.32
CA CYS A 87 14.51 -2.97 -8.06
C CYS A 87 15.25 -2.04 -7.11
N PRO A 88 16.29 -2.51 -6.48
CA PRO A 88 17.09 -1.66 -5.54
C PRO A 88 17.79 -0.51 -6.27
N GLY A 89 17.76 0.67 -5.65
CA GLY A 89 18.41 1.85 -6.24
C GLY A 89 17.39 2.94 -6.65
N THR A 90 16.11 2.59 -6.70
CA THR A 90 15.07 3.54 -7.07
C THR A 90 14.20 3.87 -5.86
N TYR A 91 13.61 5.07 -5.81
CA TYR A 91 12.75 5.41 -4.68
C TYR A 91 11.36 4.89 -4.99
N LYS A 92 11.09 3.73 -4.45
CA LYS A 92 9.82 3.04 -4.67
C LYS A 92 8.67 3.63 -3.86
N TYR A 93 7.64 2.81 -3.74
CA TYR A 93 6.48 3.14 -2.96
C TYR A 93 5.59 1.93 -2.78
N LEU A 94 4.60 2.08 -1.93
CA LEU A 94 3.66 1.02 -1.69
C LEU A 94 2.26 1.58 -1.82
N GLU A 95 1.48 0.99 -2.71
CA GLU A 95 0.12 1.45 -2.94
C GLU A 95 -0.84 0.33 -2.59
N VAL A 96 -1.84 0.63 -1.79
CA VAL A 96 -2.79 -0.41 -1.40
C VAL A 96 -4.23 0.04 -1.58
N GLN A 97 -4.99 -0.69 -2.39
CA GLN A 97 -6.38 -0.38 -2.61
C GLN A 97 -7.21 -1.41 -1.85
N TYR A 98 -8.16 -0.92 -1.06
CA TYR A 98 -8.98 -1.83 -0.26
C TYR A 98 -10.35 -1.23 0.04
N ASP A 99 -11.25 -2.08 0.52
CA ASP A 99 -12.60 -1.65 0.87
C ASP A 99 -12.90 -1.98 2.32
N CYS A 100 -13.88 -1.31 2.90
CA CYS A 100 -14.25 -1.54 4.28
C CYS A 100 -15.66 -2.13 4.39
N VAL A 101 -15.73 -3.42 4.71
CA VAL A 101 -17.01 -4.09 4.85
C VAL A 101 -17.26 -4.43 6.31
N PRO A 102 -18.49 -4.63 6.70
CA PRO A 102 -18.83 -4.97 8.12
C PRO A 102 -18.07 -6.19 8.61
N TYR A 103 -17.67 -6.17 9.87
CA TYR A 103 -16.94 -7.29 10.46
C TYR A 103 -17.89 -8.43 10.79
N LYS A 104 -18.63 -8.27 11.89
CA LYS A 104 -19.59 -9.28 12.30
C LYS A 104 -20.83 -8.62 12.88
N VAL A 105 -21.88 -8.55 12.07
CA VAL A 105 -23.13 -7.96 12.51
C VAL A 105 -24.01 -9.02 13.16
N GLU A 106 -24.62 -8.68 14.28
CA GLU A 106 -25.48 -9.63 14.97
C GLU A 106 -24.67 -10.86 15.39
N GLY A 1 -13.91 14.54 6.11
CA GLY A 1 -14.33 15.07 4.78
C GLY A 1 -14.97 13.97 3.94
N LEU A 2 -15.35 14.31 2.72
CA LEU A 2 -15.98 13.35 1.82
C LEU A 2 -15.00 12.26 1.41
N PRO A 3 -15.50 11.08 1.13
CA PRO A 3 -14.67 9.91 0.71
C PRO A 3 -13.95 10.18 -0.61
N PHE A 4 -13.07 9.26 -1.00
CA PHE A 4 -12.33 9.41 -2.25
C PHE A 4 -13.26 9.16 -3.44
N GLY A 5 -14.54 8.98 -3.14
CA GLY A 5 -15.53 8.75 -4.18
C GLY A 5 -15.27 7.46 -4.94
N LEU A 6 -14.19 6.76 -4.60
CA LEU A 6 -13.87 5.52 -5.30
C LEU A 6 -12.96 4.61 -4.46
N MET A 7 -13.57 3.64 -3.79
CA MET A 7 -12.81 2.68 -2.99
C MET A 7 -11.79 3.39 -2.10
N ARG A 8 -11.26 2.65 -1.11
CA ARG A 8 -10.27 3.20 -0.21
C ARG A 8 -8.86 2.93 -0.76
N ARG A 9 -7.97 3.92 -0.68
CA ARG A 9 -6.62 3.74 -1.20
C ARG A 9 -5.59 4.56 -0.43
N GLU A 10 -4.45 3.93 -0.15
CA GLU A 10 -3.37 4.62 0.54
C GLU A 10 -2.04 4.33 -0.13
N LEU A 11 -1.14 5.31 -0.04
CA LEU A 11 0.19 5.19 -0.63
C LEU A 11 1.20 5.81 0.32
N ALA A 12 2.40 5.23 0.38
CA ALA A 12 3.42 5.76 1.28
C ALA A 12 4.81 5.61 0.72
N CYS A 13 5.65 6.59 1.01
CA CYS A 13 7.02 6.60 0.52
C CYS A 13 7.82 5.47 1.15
N GLU A 14 8.52 4.72 0.30
CA GLU A 14 9.31 3.59 0.73
C GLU A 14 10.09 3.87 2.02
N GLY A 15 9.98 2.93 2.95
CA GLY A 15 10.70 3.02 4.22
C GLY A 15 9.88 3.70 5.32
N TYR A 16 8.67 4.15 5.00
CA TYR A 16 7.85 4.82 6.01
C TYR A 16 6.55 4.03 6.25
N PRO A 17 6.00 4.13 7.43
CA PRO A 17 4.73 3.41 7.78
C PRO A 17 3.49 4.01 7.11
N ILE A 18 2.61 3.12 6.66
CA ILE A 18 1.35 3.53 6.03
C ILE A 18 0.21 3.08 6.93
N GLU A 19 -0.82 3.89 7.09
CA GLU A 19 -1.92 3.51 7.96
C GLU A 19 -3.22 3.37 7.19
N LEU A 20 -3.89 2.27 7.44
CA LEU A 20 -5.17 1.98 6.82
C LEU A 20 -6.24 1.96 7.89
N ARG A 21 -7.43 2.47 7.59
CA ARG A 21 -8.48 2.48 8.60
C ARG A 21 -9.86 2.37 7.97
N CYS A 22 -10.67 1.51 8.55
CA CYS A 22 -12.03 1.32 8.07
C CYS A 22 -13.01 2.05 8.96
N PRO A 23 -14.04 2.62 8.39
CA PRO A 23 -15.08 3.37 9.14
C PRO A 23 -15.94 2.46 10.00
N GLY A 24 -16.53 3.03 11.04
CA GLY A 24 -17.41 2.26 11.92
C GLY A 24 -16.75 0.98 12.42
N SER A 25 -17.47 -0.12 12.23
CA SER A 25 -16.98 -1.44 12.65
C SER A 25 -16.65 -2.31 11.45
N ASP A 26 -16.36 -1.68 10.32
CA ASP A 26 -15.99 -2.43 9.12
C ASP A 26 -14.53 -2.86 9.20
N VAL A 27 -14.12 -3.73 8.29
CA VAL A 27 -12.74 -4.19 8.27
C VAL A 27 -12.13 -4.01 6.90
N ILE A 28 -10.83 -3.72 6.89
CA ILE A 28 -10.10 -3.52 5.67
C ILE A 28 -9.98 -4.82 4.87
N MET A 29 -10.17 -4.71 3.56
CA MET A 29 -10.05 -5.88 2.70
C MET A 29 -9.19 -5.51 1.50
N VAL A 30 -7.92 -5.92 1.56
CA VAL A 30 -6.97 -5.61 0.51
C VAL A 30 -7.35 -6.27 -0.81
N GLU A 31 -7.46 -5.45 -1.85
CA GLU A 31 -7.80 -5.94 -3.17
C GLU A 31 -6.55 -6.02 -4.04
N ASN A 32 -5.78 -4.94 -4.05
CA ASN A 32 -4.55 -4.92 -4.82
C ASN A 32 -3.56 -3.94 -4.21
N ALA A 33 -2.28 -4.24 -4.40
CA ALA A 33 -1.21 -3.41 -3.88
C ALA A 33 0.11 -3.86 -4.45
N ASN A 34 1.08 -2.96 -4.48
CA ASN A 34 2.39 -3.31 -5.01
C ASN A 34 3.51 -2.50 -4.35
N TYR A 35 4.72 -3.06 -4.37
CA TYR A 35 5.90 -2.40 -3.81
C TYR A 35 6.89 -2.16 -4.94
N GLY A 36 7.19 -0.90 -5.24
CA GLY A 36 8.09 -0.60 -6.35
C GLY A 36 7.89 0.82 -6.84
N ARG A 37 7.87 0.99 -8.15
CA ARG A 37 7.69 2.32 -8.74
C ARG A 37 7.24 2.23 -10.20
N THR A 38 6.09 2.84 -10.46
CA THR A 38 5.52 2.87 -11.80
C THR A 38 5.28 4.32 -12.22
N ASP A 39 5.79 5.25 -11.40
CA ASP A 39 5.63 6.67 -11.66
C ASP A 39 6.90 7.41 -11.23
N ASP A 40 6.82 8.73 -11.22
CA ASP A 40 7.97 9.55 -10.84
C ASP A 40 7.51 10.83 -10.17
N LYS A 41 6.20 11.00 -10.05
CA LYS A 41 5.66 12.19 -9.42
C LYS A 41 5.15 11.90 -8.01
N ILE A 42 5.39 10.69 -7.52
CA ILE A 42 4.93 10.31 -6.19
C ILE A 42 6.12 10.21 -5.25
N CYS A 43 5.97 10.76 -4.06
CA CYS A 43 7.06 10.75 -3.08
C CYS A 43 8.30 11.36 -3.71
N ASP A 44 8.24 12.67 -3.91
CA ASP A 44 9.36 13.39 -4.52
C ASP A 44 10.68 13.04 -3.86
N ALA A 45 11.52 12.35 -4.63
CA ALA A 45 12.84 11.95 -4.16
C ALA A 45 13.87 12.38 -5.20
N ASP A 46 15.07 11.81 -5.16
CA ASP A 46 16.09 12.19 -6.13
C ASP A 46 15.65 11.80 -7.54
N PRO A 47 15.93 12.62 -8.52
CA PRO A 47 15.54 12.36 -9.92
C PRO A 47 16.05 11.02 -10.46
N PHE A 48 17.27 10.67 -10.07
CA PHE A 48 17.85 9.41 -10.54
C PHE A 48 17.04 8.21 -10.05
N GLN A 49 16.48 8.32 -8.84
CA GLN A 49 15.70 7.22 -8.29
C GLN A 49 14.25 7.33 -8.75
N MET A 50 13.90 8.47 -9.32
CA MET A 50 12.54 8.69 -9.79
C MET A 50 12.47 8.50 -11.31
N GLU A 51 13.62 8.26 -11.93
CA GLU A 51 13.66 8.10 -13.40
C GLU A 51 12.93 6.84 -13.87
N ASN A 52 13.20 5.70 -13.25
CA ASN A 52 12.55 4.47 -13.69
C ASN A 52 11.12 4.36 -13.17
N VAL A 53 10.19 4.28 -14.11
CA VAL A 53 8.77 4.17 -13.76
C VAL A 53 8.23 2.79 -14.11
N GLN A 54 9.09 1.77 -13.98
CA GLN A 54 8.68 0.40 -14.28
C GLN A 54 9.32 -0.56 -13.28
N CYS A 55 8.63 -0.73 -12.16
CA CYS A 55 9.09 -1.63 -11.11
C CYS A 55 7.89 -2.20 -10.39
N TYR A 56 7.75 -3.53 -10.39
CA TYR A 56 6.60 -4.14 -9.73
C TYR A 56 7.02 -5.28 -8.81
N LEU A 57 6.24 -5.50 -7.74
CA LEU A 57 6.49 -6.58 -6.78
C LEU A 57 5.15 -7.21 -6.42
N PRO A 58 4.75 -8.22 -7.13
CA PRO A 58 3.44 -8.90 -6.91
C PRO A 58 3.24 -9.36 -5.47
N ASP A 59 4.24 -10.03 -4.90
CA ASP A 59 4.13 -10.55 -3.54
C ASP A 59 3.74 -9.47 -2.54
N ALA A 60 4.01 -8.22 -2.85
CA ALA A 60 3.68 -7.13 -1.93
C ALA A 60 2.21 -7.18 -1.54
N PHE A 61 1.37 -7.65 -2.47
CA PHE A 61 -0.06 -7.75 -2.21
C PHE A 61 -0.37 -8.77 -1.11
N LYS A 62 0.30 -9.92 -1.17
CA LYS A 62 0.06 -10.97 -0.19
C LYS A 62 0.47 -10.50 1.20
N ILE A 63 1.59 -9.78 1.28
CA ILE A 63 2.09 -9.28 2.55
C ILE A 63 1.06 -8.39 3.23
N MET A 64 0.54 -7.42 2.49
CA MET A 64 -0.44 -6.49 3.05
C MET A 64 -1.75 -7.21 3.33
N SER A 65 -2.10 -8.16 2.48
CA SER A 65 -3.33 -8.90 2.65
C SER A 65 -3.37 -9.58 4.00
N GLN A 66 -2.29 -10.27 4.32
CA GLN A 66 -2.17 -10.96 5.58
C GLN A 66 -2.10 -10.00 6.76
N ARG A 67 -1.41 -8.88 6.55
CA ARG A 67 -1.24 -7.87 7.59
C ARG A 67 -2.46 -6.99 7.87
N CYS A 68 -3.22 -6.64 6.83
CA CYS A 68 -4.36 -5.72 7.05
C CYS A 68 -5.74 -6.34 6.81
N ASN A 69 -5.83 -7.42 6.06
CA ASN A 69 -7.13 -8.01 5.79
C ASN A 69 -7.85 -8.41 7.08
N ASN A 70 -9.16 -8.16 7.09
CA ASN A 70 -10.00 -8.50 8.24
C ASN A 70 -9.74 -7.62 9.47
N ARG A 71 -9.04 -6.50 9.28
CA ARG A 71 -8.78 -5.59 10.39
C ARG A 71 -9.38 -4.21 10.14
N THR A 72 -9.77 -3.53 11.21
CA THR A 72 -10.36 -2.20 11.10
C THR A 72 -9.28 -1.21 10.68
N GLN A 73 -8.07 -1.47 11.13
CA GLN A 73 -6.94 -0.62 10.81
C GLN A 73 -5.68 -1.46 10.65
N CYS A 74 -4.70 -0.91 9.95
CA CYS A 74 -3.47 -1.65 9.72
C CYS A 74 -2.30 -0.70 9.45
N VAL A 75 -1.14 -1.07 9.98
CA VAL A 75 0.06 -0.26 9.78
C VAL A 75 1.20 -1.12 9.26
N VAL A 76 1.84 -0.70 8.18
CA VAL A 76 2.95 -1.46 7.63
C VAL A 76 4.01 -0.55 7.05
N VAL A 77 5.27 -0.95 7.22
CA VAL A 77 6.38 -0.15 6.70
C VAL A 77 6.50 -0.38 5.20
N ALA A 78 6.35 0.69 4.44
CA ALA A 78 6.42 0.59 2.98
C ALA A 78 7.84 0.27 2.54
N GLY A 79 8.58 -0.45 3.37
CA GLY A 79 9.95 -0.82 3.05
C GLY A 79 10.59 -1.60 4.18
N SER A 80 11.82 -2.06 3.94
CA SER A 80 12.56 -2.82 4.95
C SER A 80 12.40 -4.32 4.72
N ASP A 81 12.62 -5.08 5.78
CA ASP A 81 12.52 -6.53 5.75
C ASP A 81 11.09 -6.98 5.49
N ALA A 82 10.16 -6.04 5.53
CA ALA A 82 8.76 -6.37 5.31
C ALA A 82 8.43 -6.48 3.82
N PHE A 83 9.37 -6.04 2.97
CA PHE A 83 9.15 -6.12 1.53
C PHE A 83 10.42 -6.51 0.80
N PRO A 84 10.37 -7.54 -0.01
CA PRO A 84 11.55 -8.01 -0.79
C PRO A 84 12.30 -6.86 -1.48
N ASP A 85 13.06 -7.22 -2.50
CA ASP A 85 13.84 -6.25 -3.26
C ASP A 85 13.75 -6.54 -4.75
N PRO A 86 12.81 -5.92 -5.43
CA PRO A 86 12.58 -6.13 -6.89
C PRO A 86 13.52 -5.30 -7.77
N CYS A 87 13.53 -4.00 -7.56
CA CYS A 87 14.38 -3.12 -8.35
C CYS A 87 15.25 -2.22 -7.47
N PRO A 88 16.43 -2.67 -7.13
CA PRO A 88 17.38 -1.91 -6.29
C PRO A 88 17.94 -0.68 -7.03
N GLY A 89 18.06 0.44 -6.32
CA GLY A 89 18.60 1.66 -6.92
C GLY A 89 17.51 2.64 -7.34
N THR A 90 16.25 2.33 -7.01
CA THR A 90 15.16 3.23 -7.36
C THR A 90 14.32 3.52 -6.11
N TYR A 91 13.77 4.72 -6.01
CA TYR A 91 12.97 5.04 -4.85
C TYR A 91 11.54 4.58 -5.09
N LYS A 92 11.23 3.43 -4.53
CA LYS A 92 9.91 2.82 -4.71
C LYS A 92 8.81 3.52 -3.93
N TYR A 93 7.78 2.73 -3.68
CA TYR A 93 6.63 3.13 -2.89
C TYR A 93 5.69 1.97 -2.71
N LEU A 94 4.65 2.17 -1.93
CA LEU A 94 3.68 1.13 -1.72
C LEU A 94 2.29 1.68 -1.90
N GLU A 95 1.55 1.07 -2.80
CA GLU A 95 0.20 1.50 -3.09
C GLU A 95 -0.75 0.39 -2.68
N VAL A 96 -1.76 0.70 -1.88
CA VAL A 96 -2.66 -0.33 -1.42
C VAL A 96 -4.12 0.08 -1.61
N GLN A 97 -4.85 -0.68 -2.42
CA GLN A 97 -6.26 -0.41 -2.66
C GLN A 97 -7.12 -1.43 -1.94
N TYR A 98 -8.09 -0.95 -1.17
CA TYR A 98 -8.95 -1.84 -0.41
C TYR A 98 -10.33 -1.23 -0.15
N ASP A 99 -11.23 -2.05 0.38
CA ASP A 99 -12.58 -1.61 0.71
C ASP A 99 -12.90 -2.00 2.14
N CYS A 100 -13.90 -1.35 2.73
CA CYS A 100 -14.29 -1.66 4.10
C CYS A 100 -15.64 -2.35 4.15
N VAL A 101 -15.67 -3.54 4.75
CA VAL A 101 -16.93 -4.29 4.84
C VAL A 101 -17.27 -4.62 6.30
N PRO A 102 -18.53 -4.87 6.60
CA PRO A 102 -18.97 -5.21 7.99
C PRO A 102 -18.31 -6.48 8.52
N TYR A 103 -18.11 -6.55 9.83
CA TYR A 103 -17.49 -7.72 10.44
C TYR A 103 -18.51 -8.84 10.59
N LYS A 104 -19.75 -8.54 10.26
CA LYS A 104 -20.82 -9.53 10.36
C LYS A 104 -21.70 -9.47 9.12
N VAL A 105 -21.50 -10.43 8.21
CA VAL A 105 -22.26 -10.46 6.97
C VAL A 105 -23.53 -11.29 7.13
N GLU A 106 -24.64 -10.73 6.68
CA GLU A 106 -25.92 -11.42 6.76
C GLU A 106 -26.27 -11.76 8.20
N GLY A 1 -13.50 8.33 7.30
CA GLY A 1 -14.95 8.27 7.65
C GLY A 1 -15.80 8.48 6.40
N LEU A 2 -17.07 8.14 6.50
CA LEU A 2 -18.00 8.28 5.38
C LEU A 2 -17.26 8.15 4.04
N PRO A 3 -17.13 6.93 3.56
CA PRO A 3 -16.44 6.65 2.27
C PRO A 3 -17.00 7.49 1.12
N PHE A 4 -16.16 7.78 0.14
CA PHE A 4 -16.58 8.60 -0.99
C PHE A 4 -17.31 7.77 -2.05
N GLY A 5 -17.42 6.46 -1.80
CA GLY A 5 -18.10 5.58 -2.74
C GLY A 5 -17.27 5.32 -3.98
N LEU A 6 -15.97 5.11 -3.80
CA LEU A 6 -15.09 4.85 -4.92
C LEU A 6 -13.82 4.14 -4.47
N MET A 7 -13.98 3.21 -3.54
CA MET A 7 -12.85 2.44 -3.04
C MET A 7 -11.86 3.34 -2.31
N ARG A 8 -11.27 2.81 -1.26
CA ARG A 8 -10.29 3.56 -0.49
C ARG A 8 -8.89 3.25 -1.03
N ARG A 9 -7.99 4.22 -0.96
CA ARG A 9 -6.64 4.00 -1.47
C ARG A 9 -5.61 4.82 -0.70
N GLU A 10 -4.51 4.18 -0.36
CA GLU A 10 -3.42 4.84 0.37
C GLU A 10 -2.09 4.52 -0.29
N LEU A 11 -1.16 5.47 -0.20
CA LEU A 11 0.17 5.30 -0.78
C LEU A 11 1.23 5.84 0.17
N ALA A 12 2.39 5.20 0.21
CA ALA A 12 3.46 5.67 1.10
C ALA A 12 4.83 5.48 0.49
N CYS A 13 5.72 6.44 0.73
CA CYS A 13 7.07 6.38 0.20
C CYS A 13 7.87 5.26 0.86
N GLU A 14 8.54 4.45 0.05
CA GLU A 14 9.30 3.33 0.58
C GLU A 14 10.12 3.69 1.81
N GLY A 15 10.13 2.76 2.76
CA GLY A 15 10.91 2.92 3.97
C GLY A 15 10.13 3.60 5.11
N TYR A 16 8.94 4.10 4.83
CA TYR A 16 8.17 4.77 5.87
C TYR A 16 6.91 3.99 6.20
N PRO A 17 6.45 4.06 7.41
CA PRO A 17 5.22 3.37 7.86
C PRO A 17 3.94 3.92 7.20
N ILE A 18 3.03 3.01 6.84
CA ILE A 18 1.75 3.40 6.24
C ILE A 18 0.61 2.92 7.14
N GLU A 19 -0.49 3.67 7.19
CA GLU A 19 -1.60 3.29 8.05
C GLU A 19 -2.94 3.30 7.33
N LEU A 20 -3.67 2.18 7.48
CA LEU A 20 -4.99 2.03 6.88
C LEU A 20 -6.05 1.95 7.98
N ARG A 21 -7.25 2.47 7.72
CA ARG A 21 -8.29 2.43 8.75
C ARG A 21 -9.69 2.29 8.14
N CYS A 22 -10.49 1.43 8.75
CA CYS A 22 -11.87 1.23 8.29
C CYS A 22 -12.84 1.94 9.22
N PRO A 23 -13.82 2.61 8.67
CA PRO A 23 -14.83 3.35 9.48
C PRO A 23 -15.75 2.40 10.26
N GLY A 24 -16.37 2.92 11.31
CA GLY A 24 -17.28 2.13 12.11
C GLY A 24 -16.64 0.82 12.56
N SER A 25 -17.36 -0.27 12.34
CA SER A 25 -16.88 -1.59 12.71
C SER A 25 -16.52 -2.40 11.46
N ASP A 26 -16.18 -1.70 10.39
CA ASP A 26 -15.80 -2.37 9.15
C ASP A 26 -14.37 -2.86 9.21
N VAL A 27 -14.01 -3.73 8.28
CA VAL A 27 -12.65 -4.26 8.23
C VAL A 27 -12.07 -4.08 6.84
N ILE A 28 -10.78 -3.83 6.79
CA ILE A 28 -10.10 -3.64 5.52
C ILE A 28 -10.03 -4.94 4.71
N MET A 29 -10.25 -4.83 3.42
CA MET A 29 -10.15 -5.98 2.53
C MET A 29 -9.33 -5.60 1.31
N VAL A 30 -8.06 -5.99 1.36
CA VAL A 30 -7.12 -5.69 0.29
C VAL A 30 -7.53 -6.34 -1.02
N GLU A 31 -7.68 -5.51 -2.06
CA GLU A 31 -8.05 -6.02 -3.38
C GLU A 31 -6.83 -6.01 -4.29
N ASN A 32 -6.11 -4.88 -4.31
CA ASN A 32 -4.94 -4.75 -5.16
C ASN A 32 -3.87 -3.88 -4.49
N ALA A 33 -2.62 -4.26 -4.68
CA ALA A 33 -1.50 -3.53 -4.08
C ALA A 33 -0.18 -3.94 -4.72
N ASN A 34 0.80 -3.03 -4.70
CA ASN A 34 2.10 -3.32 -5.30
C ASN A 34 3.23 -2.54 -4.62
N TYR A 35 4.42 -3.13 -4.62
CA TYR A 35 5.61 -2.51 -4.04
C TYR A 35 6.61 -2.29 -5.17
N GLY A 36 7.00 -1.05 -5.42
CA GLY A 36 7.91 -0.78 -6.52
C GLY A 36 7.78 0.66 -6.97
N ARG A 37 7.79 0.86 -8.29
CA ARG A 37 7.67 2.20 -8.84
C ARG A 37 7.18 2.15 -10.29
N THR A 38 6.03 2.76 -10.52
CA THR A 38 5.44 2.81 -11.86
C THR A 38 5.21 4.25 -12.28
N ASP A 39 5.74 5.18 -11.51
CA ASP A 39 5.59 6.59 -11.81
C ASP A 39 6.84 7.36 -11.38
N ASP A 40 6.76 8.67 -11.42
CA ASP A 40 7.90 9.50 -11.04
C ASP A 40 7.46 10.81 -10.40
N LYS A 41 6.15 11.02 -10.32
CA LYS A 41 5.62 12.22 -9.71
C LYS A 41 5.09 11.94 -8.31
N ILE A 42 5.27 10.71 -7.83
CA ILE A 42 4.81 10.33 -6.50
C ILE A 42 5.98 10.21 -5.56
N CYS A 43 5.82 10.73 -4.35
CA CYS A 43 6.88 10.66 -3.36
C CYS A 43 8.14 11.31 -3.93
N ASP A 44 8.06 12.62 -4.14
CA ASP A 44 9.19 13.37 -4.70
C ASP A 44 10.50 13.04 -3.98
N ALA A 45 11.47 12.56 -4.75
CA ALA A 45 12.79 12.21 -4.23
C ALA A 45 13.83 12.56 -5.28
N ASP A 46 15.07 12.07 -5.14
CA ASP A 46 16.09 12.39 -6.14
C ASP A 46 15.68 11.80 -7.49
N PRO A 47 15.93 12.52 -8.55
CA PRO A 47 15.55 12.10 -9.94
C PRO A 47 16.13 10.75 -10.35
N PHE A 48 17.35 10.45 -9.93
CA PHE A 48 17.97 9.18 -10.29
C PHE A 48 17.21 8.03 -9.64
N GLN A 49 16.67 8.27 -8.46
CA GLN A 49 15.91 7.25 -7.76
C GLN A 49 14.45 7.32 -8.18
N MET A 50 14.17 8.10 -9.23
CA MET A 50 12.81 8.22 -9.73
C MET A 50 12.75 8.08 -11.25
N GLU A 51 13.90 7.86 -11.89
CA GLU A 51 13.94 7.73 -13.35
C GLU A 51 13.14 6.52 -13.83
N ASN A 52 13.36 5.37 -13.21
CA ASN A 52 12.67 4.14 -13.60
C ASN A 52 11.23 4.11 -13.12
N VAL A 53 10.30 4.13 -14.07
CA VAL A 53 8.88 4.09 -13.74
C VAL A 53 8.31 2.72 -14.08
N GLN A 54 9.14 1.68 -13.98
CA GLN A 54 8.70 0.34 -14.28
C GLN A 54 9.29 -0.67 -13.32
N CYS A 55 8.61 -0.87 -12.20
CA CYS A 55 9.05 -1.83 -11.20
C CYS A 55 7.82 -2.43 -10.51
N TYR A 56 7.70 -3.76 -10.54
CA TYR A 56 6.56 -4.42 -9.92
C TYR A 56 6.99 -5.52 -8.95
N LEU A 57 6.15 -5.78 -7.94
CA LEU A 57 6.44 -6.81 -6.93
C LEU A 57 5.14 -7.47 -6.45
N PRO A 58 4.68 -8.46 -7.16
CA PRO A 58 3.40 -9.17 -6.83
C PRO A 58 3.23 -9.55 -5.34
N ASP A 59 4.28 -10.06 -4.70
CA ASP A 59 4.17 -10.47 -3.29
C ASP A 59 3.71 -9.34 -2.36
N ALA A 60 3.93 -8.09 -2.75
CA ALA A 60 3.50 -6.98 -1.91
C ALA A 60 2.02 -7.10 -1.57
N PHE A 61 1.25 -7.68 -2.49
CA PHE A 61 -0.18 -7.87 -2.32
C PHE A 61 -0.51 -8.84 -1.19
N LYS A 62 0.18 -9.97 -1.18
CA LYS A 62 -0.08 -10.99 -0.17
C LYS A 62 0.29 -10.47 1.22
N ILE A 63 1.37 -9.70 1.29
CA ILE A 63 1.82 -9.15 2.57
C ILE A 63 0.76 -8.23 3.18
N MET A 64 0.31 -7.26 2.41
CA MET A 64 -0.69 -6.33 2.88
C MET A 64 -2.02 -7.03 3.11
N SER A 65 -2.29 -8.03 2.29
CA SER A 65 -3.53 -8.77 2.42
C SER A 65 -3.60 -9.50 3.77
N GLN A 66 -2.52 -10.18 4.12
CA GLN A 66 -2.46 -10.91 5.39
C GLN A 66 -2.45 -9.94 6.57
N ARG A 67 -1.78 -8.82 6.38
CA ARG A 67 -1.64 -7.80 7.42
C ARG A 67 -2.90 -6.94 7.62
N CYS A 68 -3.64 -6.66 6.55
CA CYS A 68 -4.80 -5.77 6.70
C CYS A 68 -6.15 -6.48 6.53
N ASN A 69 -6.18 -7.63 5.87
CA ASN A 69 -7.45 -8.32 5.67
C ASN A 69 -8.13 -8.62 7.00
N ASN A 70 -9.43 -8.34 7.07
CA ASN A 70 -10.24 -8.59 8.26
C ASN A 70 -9.85 -7.71 9.44
N ARG A 71 -8.99 -6.72 9.21
CA ARG A 71 -8.60 -5.83 10.30
C ARG A 71 -9.15 -4.44 10.06
N THR A 72 -9.49 -3.77 11.14
CA THR A 72 -10.04 -2.42 11.06
C THR A 72 -8.91 -1.44 10.71
N GLN A 73 -7.69 -1.79 11.10
CA GLN A 73 -6.53 -0.94 10.81
C GLN A 73 -5.23 -1.76 10.78
N CYS A 74 -4.23 -1.23 10.07
CA CYS A 74 -2.93 -1.92 9.99
C CYS A 74 -1.81 -0.92 9.69
N VAL A 75 -0.65 -1.14 10.31
CA VAL A 75 0.50 -0.29 10.09
C VAL A 75 1.68 -1.11 9.61
N VAL A 76 2.24 -0.75 8.46
CA VAL A 76 3.37 -1.48 7.92
C VAL A 76 4.45 -0.58 7.34
N VAL A 77 5.70 -0.99 7.48
CA VAL A 77 6.79 -0.22 6.93
C VAL A 77 6.83 -0.50 5.44
N ALA A 78 6.65 0.55 4.66
CA ALA A 78 6.63 0.42 3.21
C ALA A 78 8.02 0.12 2.67
N GLY A 79 8.76 -0.75 3.33
CA GLY A 79 10.10 -1.10 2.86
C GLY A 79 10.77 -2.10 3.79
N SER A 80 11.96 -1.74 4.26
CA SER A 80 12.72 -2.60 5.16
C SER A 80 12.45 -4.08 4.89
N ASP A 81 12.65 -4.88 5.93
CA ASP A 81 12.45 -6.33 5.86
C ASP A 81 10.99 -6.67 5.63
N ALA A 82 10.11 -5.69 5.74
CA ALA A 82 8.69 -5.95 5.56
C ALA A 82 8.35 -6.09 4.08
N PHE A 83 9.29 -5.68 3.23
CA PHE A 83 9.07 -5.80 1.79
C PHE A 83 10.37 -6.19 1.07
N PRO A 84 10.32 -7.19 0.22
CA PRO A 84 11.51 -7.65 -0.57
C PRO A 84 12.25 -6.50 -1.23
N ASP A 85 13.01 -6.82 -2.28
CA ASP A 85 13.76 -5.81 -3.02
C ASP A 85 13.68 -6.09 -4.51
N PRO A 86 12.72 -5.50 -5.18
CA PRO A 86 12.53 -5.72 -6.65
C PRO A 86 13.51 -4.90 -7.51
N CYS A 87 13.67 -3.63 -7.19
CA CYS A 87 14.59 -2.79 -7.97
C CYS A 87 15.38 -1.83 -7.09
N PRO A 88 16.48 -2.30 -6.55
CA PRO A 88 17.37 -1.48 -5.67
C PRO A 88 17.89 -0.24 -6.41
N GLY A 89 18.09 0.85 -5.67
CA GLY A 89 18.60 2.08 -6.28
C GLY A 89 17.49 2.96 -6.83
N THR A 90 16.24 2.68 -6.45
CA THR A 90 15.10 3.47 -6.92
C THR A 90 14.24 3.85 -5.73
N TYR A 91 13.65 5.04 -5.74
CA TYR A 91 12.79 5.42 -4.63
C TYR A 91 11.40 4.91 -4.91
N LYS A 92 11.12 3.75 -4.34
CA LYS A 92 9.86 3.06 -4.53
C LYS A 92 8.69 3.69 -3.79
N TYR A 93 7.63 2.92 -3.78
CA TYR A 93 6.41 3.26 -3.09
C TYR A 93 5.49 2.06 -2.99
N LEU A 94 4.46 2.21 -2.19
CA LEU A 94 3.51 1.14 -2.01
C LEU A 94 2.09 1.70 -2.16
N GLU A 95 1.31 1.09 -3.05
CA GLU A 95 -0.05 1.54 -3.29
C GLU A 95 -1.02 0.43 -2.95
N VAL A 96 -2.05 0.74 -2.19
CA VAL A 96 -3.00 -0.29 -1.81
C VAL A 96 -4.46 0.15 -1.93
N GLN A 97 -5.22 -0.60 -2.71
CA GLN A 97 -6.64 -0.32 -2.89
C GLN A 97 -7.45 -1.37 -2.16
N TYR A 98 -8.36 -0.92 -1.31
CA TYR A 98 -9.16 -1.87 -0.53
C TYR A 98 -10.51 -1.27 -0.14
N ASP A 99 -11.40 -2.13 0.35
CA ASP A 99 -12.72 -1.69 0.77
C ASP A 99 -12.96 -1.98 2.25
N CYS A 100 -13.91 -1.28 2.84
CA CYS A 100 -14.23 -1.49 4.26
C CYS A 100 -15.61 -2.13 4.41
N VAL A 101 -15.63 -3.39 4.85
CA VAL A 101 -16.89 -4.09 5.05
C VAL A 101 -17.10 -4.42 6.53
N PRO A 102 -18.33 -4.61 6.96
CA PRO A 102 -18.62 -4.93 8.40
C PRO A 102 -17.84 -6.14 8.89
N TYR A 103 -17.49 -6.15 10.17
CA TYR A 103 -16.75 -7.28 10.73
C TYR A 103 -17.68 -8.48 10.92
N LYS A 104 -18.21 -8.65 12.13
CA LYS A 104 -19.11 -9.76 12.39
C LYS A 104 -20.56 -9.34 12.16
N VAL A 105 -21.30 -10.17 11.41
CA VAL A 105 -22.70 -9.89 11.10
C VAL A 105 -23.62 -10.46 12.18
N GLU A 106 -24.63 -9.67 12.54
CA GLU A 106 -25.60 -10.10 13.55
C GLU A 106 -24.89 -10.57 14.82
N GLY A 1 -18.89 15.81 1.75
CA GLY A 1 -18.11 14.60 2.14
C GLY A 1 -17.42 14.02 0.91
N LEU A 2 -18.01 12.98 0.34
CA LEU A 2 -17.45 12.33 -0.84
C LEU A 2 -16.01 11.91 -0.56
N PRO A 3 -15.84 11.06 0.42
CA PRO A 3 -14.50 10.53 0.82
C PRO A 3 -13.59 10.26 -0.37
N PHE A 4 -13.19 9.00 -0.52
CA PHE A 4 -12.32 8.62 -1.64
C PHE A 4 -13.15 8.53 -2.90
N GLY A 5 -14.47 8.67 -2.73
CA GLY A 5 -15.39 8.62 -3.85
C GLY A 5 -15.45 7.21 -4.44
N LEU A 6 -14.35 6.48 -4.33
CA LEU A 6 -14.32 5.12 -4.88
C LEU A 6 -13.16 4.33 -4.27
N MET A 7 -13.49 3.34 -3.44
CA MET A 7 -12.47 2.51 -2.83
C MET A 7 -11.49 3.34 -2.01
N ARG A 8 -10.93 2.70 -0.99
CA ARG A 8 -9.95 3.36 -0.15
C ARG A 8 -8.57 3.10 -0.72
N ARG A 9 -7.70 4.09 -0.64
CA ARG A 9 -6.35 3.92 -1.14
C ARG A 9 -5.36 4.71 -0.32
N GLU A 10 -4.30 4.05 0.06
CA GLU A 10 -3.24 4.69 0.81
C GLU A 10 -1.92 4.43 0.11
N LEU A 11 -1.06 5.43 0.14
CA LEU A 11 0.23 5.31 -0.52
C LEU A 11 1.30 5.93 0.36
N ALA A 12 2.45 5.28 0.45
CA ALA A 12 3.53 5.81 1.26
C ALA A 12 4.87 5.53 0.59
N CYS A 13 5.79 6.48 0.70
CA CYS A 13 7.09 6.33 0.08
C CYS A 13 7.87 5.23 0.78
N GLU A 14 8.55 4.39 0.00
CA GLU A 14 9.28 3.28 0.56
C GLU A 14 10.05 3.66 1.82
N GLY A 15 10.02 2.75 2.80
CA GLY A 15 10.74 2.93 4.03
C GLY A 15 9.94 3.65 5.11
N TYR A 16 8.73 4.12 4.80
CA TYR A 16 7.93 4.81 5.80
C TYR A 16 6.67 4.00 6.08
N PRO A 17 6.12 4.12 7.26
CA PRO A 17 4.91 3.38 7.65
C PRO A 17 3.64 3.89 6.98
N ILE A 18 2.74 2.95 6.65
CA ILE A 18 1.47 3.29 6.03
C ILE A 18 0.37 2.86 6.99
N GLU A 19 -0.70 3.63 7.05
CA GLU A 19 -1.78 3.31 7.97
C GLU A 19 -3.12 3.23 7.26
N LEU A 20 -3.81 2.11 7.49
CA LEU A 20 -5.12 1.89 6.89
C LEU A 20 -6.15 1.87 8.00
N ARG A 21 -7.31 2.45 7.75
CA ARG A 21 -8.34 2.47 8.77
C ARG A 21 -9.72 2.35 8.15
N CYS A 22 -10.53 1.44 8.68
CA CYS A 22 -11.89 1.28 8.18
C CYS A 22 -12.85 1.98 9.12
N PRO A 23 -13.91 2.52 8.62
CA PRO A 23 -14.91 3.25 9.45
C PRO A 23 -15.81 2.30 10.25
N GLY A 24 -16.38 2.81 11.33
CA GLY A 24 -17.28 2.01 12.15
C GLY A 24 -16.63 0.71 12.61
N SER A 25 -17.39 -0.36 12.48
CA SER A 25 -16.92 -1.68 12.87
C SER A 25 -16.61 -2.51 11.64
N ASP A 26 -16.32 -1.84 10.53
CA ASP A 26 -15.98 -2.50 9.29
C ASP A 26 -14.54 -3.00 9.33
N VAL A 27 -14.20 -3.87 8.40
CA VAL A 27 -12.84 -4.42 8.35
C VAL A 27 -12.21 -4.17 6.97
N ILE A 28 -10.91 -3.94 6.95
CA ILE A 28 -10.20 -3.69 5.69
C ILE A 28 -10.16 -4.96 4.82
N MET A 29 -10.43 -4.80 3.53
CA MET A 29 -10.39 -5.92 2.60
C MET A 29 -9.55 -5.53 1.39
N VAL A 30 -8.30 -5.98 1.41
CA VAL A 30 -7.35 -5.66 0.35
C VAL A 30 -7.77 -6.25 -1.00
N GLU A 31 -7.88 -5.38 -2.00
CA GLU A 31 -8.24 -5.81 -3.35
C GLU A 31 -6.98 -5.91 -4.20
N ASN A 32 -6.19 -4.83 -4.21
CA ASN A 32 -4.95 -4.82 -4.97
C ASN A 32 -3.92 -3.91 -4.29
N ALA A 33 -2.65 -4.28 -4.42
CA ALA A 33 -1.58 -3.51 -3.82
C ALA A 33 -0.25 -3.89 -4.45
N ASN A 34 0.69 -2.95 -4.47
CA ASN A 34 1.98 -3.24 -5.07
C ASN A 34 3.08 -2.40 -4.44
N TYR A 35 4.29 -2.97 -4.41
CA TYR A 35 5.45 -2.29 -3.88
C TYR A 35 6.47 -2.13 -5.00
N GLY A 36 6.88 -0.91 -5.29
CA GLY A 36 7.82 -0.69 -6.38
C GLY A 36 7.75 0.75 -6.85
N ARG A 37 7.82 0.93 -8.16
CA ARG A 37 7.78 2.27 -8.74
C ARG A 37 7.30 2.24 -10.19
N THR A 38 6.15 2.87 -10.45
CA THR A 38 5.60 2.92 -11.80
C THR A 38 5.35 4.38 -12.21
N ASP A 39 5.83 5.30 -11.39
CA ASP A 39 5.66 6.71 -11.66
C ASP A 39 6.85 7.51 -11.14
N ASP A 40 7.05 8.69 -11.70
CA ASP A 40 8.15 9.54 -11.27
C ASP A 40 7.60 10.81 -10.64
N LYS A 41 6.28 10.87 -10.53
CA LYS A 41 5.62 12.04 -9.96
C LYS A 41 5.11 11.77 -8.55
N ILE A 42 5.33 10.55 -8.05
CA ILE A 42 4.88 10.20 -6.70
C ILE A 42 6.09 9.98 -5.81
N CYS A 43 6.02 10.48 -4.58
CA CYS A 43 7.13 10.32 -3.65
C CYS A 43 8.38 10.96 -4.23
N ASP A 44 8.30 12.27 -4.45
CA ASP A 44 9.40 13.02 -5.03
C ASP A 44 10.70 12.78 -4.28
N ALA A 45 11.71 12.39 -5.04
CA ALA A 45 13.05 12.13 -4.51
C ALA A 45 14.08 12.54 -5.55
N ASP A 46 15.31 12.09 -5.37
CA ASP A 46 16.36 12.40 -6.33
C ASP A 46 15.97 11.84 -7.70
N PRO A 47 16.12 12.60 -8.76
CA PRO A 47 15.71 12.15 -10.12
C PRO A 47 16.29 10.81 -10.54
N PHE A 48 17.49 10.49 -10.09
CA PHE A 48 18.10 9.21 -10.44
C PHE A 48 17.32 8.06 -9.82
N GLN A 49 16.79 8.26 -8.63
CA GLN A 49 16.02 7.22 -7.97
C GLN A 49 14.55 7.33 -8.38
N MET A 50 14.30 8.14 -9.41
CA MET A 50 12.96 8.32 -9.94
C MET A 50 12.94 8.11 -11.45
N GLU A 51 14.12 7.88 -12.02
CA GLU A 51 14.22 7.68 -13.47
C GLU A 51 13.41 6.49 -13.94
N ASN A 52 13.60 5.34 -13.30
CA ASN A 52 12.87 4.13 -13.68
C ASN A 52 11.45 4.12 -13.17
N VAL A 53 10.49 4.17 -14.10
CA VAL A 53 9.08 4.14 -13.73
C VAL A 53 8.48 2.77 -14.06
N GLN A 54 9.30 1.72 -13.95
CA GLN A 54 8.84 0.36 -14.24
C GLN A 54 9.42 -0.64 -13.25
N CYS A 55 8.73 -0.84 -12.14
CA CYS A 55 9.15 -1.81 -11.12
C CYS A 55 7.90 -2.41 -10.47
N TYR A 56 7.77 -3.74 -10.51
CA TYR A 56 6.61 -4.39 -9.92
C TYR A 56 7.00 -5.54 -9.00
N LEU A 57 6.16 -5.83 -8.01
CA LEU A 57 6.40 -6.92 -7.07
C LEU A 57 5.08 -7.57 -6.68
N PRO A 58 4.66 -8.58 -7.40
CA PRO A 58 3.38 -9.30 -7.12
C PRO A 58 3.20 -9.69 -5.66
N ASP A 59 4.21 -10.28 -5.05
CA ASP A 59 4.11 -10.74 -3.66
C ASP A 59 3.73 -9.61 -2.71
N ALA A 60 4.10 -8.38 -3.03
CA ALA A 60 3.78 -7.26 -2.14
C ALA A 60 2.28 -7.24 -1.82
N PHE A 61 1.46 -7.70 -2.77
CA PHE A 61 0.01 -7.75 -2.58
C PHE A 61 -0.38 -8.73 -1.47
N LYS A 62 0.29 -9.87 -1.42
CA LYS A 62 0.00 -10.88 -0.41
C LYS A 62 0.36 -10.36 0.99
N ILE A 63 1.50 -9.68 1.09
CA ILE A 63 1.96 -9.14 2.36
C ILE A 63 0.97 -8.17 2.98
N MET A 64 0.51 -7.18 2.21
CA MET A 64 -0.45 -6.21 2.74
C MET A 64 -1.79 -6.89 3.01
N SER A 65 -2.12 -7.87 2.19
CA SER A 65 -3.36 -8.61 2.34
C SER A 65 -3.43 -9.34 3.68
N GLN A 66 -2.36 -10.05 4.03
CA GLN A 66 -2.32 -10.79 5.29
C GLN A 66 -2.31 -9.86 6.51
N ARG A 67 -1.67 -8.70 6.34
CA ARG A 67 -1.54 -7.73 7.43
C ARG A 67 -2.78 -6.86 7.68
N CYS A 68 -3.55 -6.54 6.64
CA CYS A 68 -4.72 -5.66 6.83
C CYS A 68 -6.06 -6.37 6.59
N ASN A 69 -6.05 -7.52 5.94
CA ASN A 69 -7.31 -8.21 5.66
C ASN A 69 -8.05 -8.56 6.95
N ASN A 70 -9.34 -8.22 6.99
CA ASN A 70 -10.19 -8.51 8.13
C ASN A 70 -9.83 -7.70 9.37
N ARG A 71 -9.03 -6.65 9.19
CA ARG A 71 -8.66 -5.80 10.32
C ARG A 71 -9.22 -4.40 10.14
N THR A 72 -9.58 -3.78 11.25
CA THR A 72 -10.12 -2.43 11.21
C THR A 72 -9.01 -1.43 10.86
N GLN A 73 -7.79 -1.74 11.29
CA GLN A 73 -6.65 -0.88 11.00
C GLN A 73 -5.35 -1.66 11.04
N CYS A 74 -4.34 -1.16 10.31
CA CYS A 74 -3.04 -1.81 10.26
C CYS A 74 -1.94 -0.80 9.94
N VAL A 75 -0.75 -1.06 10.48
CA VAL A 75 0.39 -0.19 10.23
C VAL A 75 1.56 -1.03 9.73
N VAL A 76 2.12 -0.66 8.58
CA VAL A 76 3.23 -1.43 8.03
C VAL A 76 4.28 -0.55 7.37
N VAL A 77 5.54 -0.94 7.52
CA VAL A 77 6.63 -0.20 6.90
C VAL A 77 6.66 -0.53 5.41
N ALA A 78 6.45 0.48 4.58
CA ALA A 78 6.44 0.27 3.14
C ALA A 78 7.84 0.00 2.60
N GLY A 79 8.61 -0.85 3.28
CA GLY A 79 9.95 -1.17 2.82
C GLY A 79 10.64 -2.16 3.74
N SER A 80 11.82 -1.77 4.22
CA SER A 80 12.59 -2.61 5.11
C SER A 80 12.30 -4.09 4.87
N ASP A 81 12.48 -4.89 5.91
CA ASP A 81 12.25 -6.33 5.82
C ASP A 81 10.79 -6.65 5.53
N ALA A 82 9.94 -5.63 5.61
CA ALA A 82 8.51 -5.84 5.38
C ALA A 82 8.21 -5.98 3.89
N PHE A 83 9.16 -5.63 3.03
CA PHE A 83 8.95 -5.76 1.60
C PHE A 83 10.25 -6.18 0.91
N PRO A 84 10.20 -7.19 0.07
CA PRO A 84 11.42 -7.68 -0.67
C PRO A 84 12.19 -6.54 -1.32
N ASP A 85 13.00 -6.88 -2.33
CA ASP A 85 13.77 -5.87 -3.04
C ASP A 85 13.76 -6.14 -4.55
N PRO A 86 12.83 -5.56 -5.26
CA PRO A 86 12.71 -5.77 -6.73
C PRO A 86 13.62 -4.84 -7.54
N CYS A 87 13.75 -3.58 -7.11
CA CYS A 87 14.59 -2.63 -7.82
C CYS A 87 15.35 -1.70 -6.88
N PRO A 88 16.48 -2.16 -6.39
CA PRO A 88 17.34 -1.38 -5.47
C PRO A 88 17.93 -0.13 -6.13
N GLY A 89 17.99 0.97 -5.38
CA GLY A 89 18.55 2.22 -5.90
C GLY A 89 17.47 3.16 -6.44
N THR A 90 16.21 2.73 -6.40
CA THR A 90 15.12 3.57 -6.87
C THR A 90 14.23 3.93 -5.69
N TYR A 91 13.64 5.11 -5.69
CA TYR A 91 12.77 5.49 -4.58
C TYR A 91 11.38 4.99 -4.88
N LYS A 92 11.07 3.84 -4.32
CA LYS A 92 9.79 3.18 -4.54
C LYS A 92 8.62 3.83 -3.79
N TYR A 93 7.55 3.05 -3.77
CA TYR A 93 6.35 3.41 -3.08
C TYR A 93 5.45 2.20 -2.92
N LEU A 94 4.46 2.34 -2.06
CA LEU A 94 3.53 1.26 -1.83
C LEU A 94 2.13 1.80 -1.98
N GLU A 95 1.34 1.16 -2.83
CA GLU A 95 -0.01 1.60 -3.07
C GLU A 95 -0.97 0.45 -2.82
N VAL A 96 -1.98 0.69 -1.99
CA VAL A 96 -2.94 -0.36 -1.68
C VAL A 96 -4.38 0.11 -1.80
N GLN A 97 -5.16 -0.64 -2.56
CA GLN A 97 -6.57 -0.31 -2.76
C GLN A 97 -7.43 -1.34 -2.03
N TYR A 98 -8.41 -0.87 -1.26
CA TYR A 98 -9.25 -1.77 -0.49
C TYR A 98 -10.61 -1.17 -0.15
N ASP A 99 -11.48 -2.02 0.40
CA ASP A 99 -12.83 -1.58 0.80
C ASP A 99 -13.10 -2.02 2.23
N CYS A 100 -14.09 -1.40 2.87
CA CYS A 100 -14.42 -1.74 4.26
C CYS A 100 -15.80 -2.38 4.37
N VAL A 101 -15.84 -3.57 4.96
CA VAL A 101 -17.11 -4.29 5.15
C VAL A 101 -17.32 -4.60 6.63
N PRO A 102 -18.54 -4.81 7.06
CA PRO A 102 -18.83 -5.15 8.48
C PRO A 102 -18.02 -6.35 8.94
N TYR A 103 -17.53 -6.30 10.18
CA TYR A 103 -16.75 -7.39 10.72
C TYR A 103 -17.64 -8.61 11.02
N LYS A 104 -18.30 -8.61 12.18
CA LYS A 104 -19.19 -9.71 12.54
C LYS A 104 -20.66 -9.33 12.36
N VAL A 105 -21.42 -10.21 11.71
CA VAL A 105 -22.85 -9.95 11.48
C VAL A 105 -23.70 -10.59 12.58
N GLU A 106 -24.65 -9.81 13.11
CA GLU A 106 -25.54 -10.29 14.18
C GLU A 106 -24.76 -10.49 15.48
N GLY A 1 -19.53 11.62 5.59
CA GLY A 1 -18.20 12.29 5.52
C GLY A 1 -17.21 11.36 4.83
N LEU A 2 -17.55 10.94 3.61
CA LEU A 2 -16.69 10.04 2.86
C LEU A 2 -16.09 10.73 1.63
N PRO A 3 -14.81 11.00 1.63
CA PRO A 3 -14.14 11.66 0.47
C PRO A 3 -14.42 10.94 -0.85
N PHE A 4 -14.96 9.73 -0.76
CA PHE A 4 -15.31 8.96 -1.95
C PHE A 4 -16.44 7.97 -1.66
N GLY A 5 -16.31 7.22 -0.58
CA GLY A 5 -17.35 6.25 -0.21
C GLY A 5 -17.26 5.01 -1.07
N LEU A 6 -16.08 4.79 -1.67
CA LEU A 6 -15.88 3.63 -2.53
C LEU A 6 -14.39 3.33 -2.69
N MET A 7 -13.98 2.15 -2.26
CA MET A 7 -12.58 1.73 -2.36
C MET A 7 -11.65 2.80 -1.78
N ARG A 8 -11.05 2.48 -0.64
CA ARG A 8 -10.09 3.38 -0.03
C ARG A 8 -8.70 3.06 -0.57
N ARG A 9 -7.82 4.04 -0.61
CA ARG A 9 -6.48 3.79 -1.11
C ARG A 9 -5.46 4.66 -0.40
N GLU A 10 -4.34 4.04 -0.04
CA GLU A 10 -3.27 4.76 0.62
C GLU A 10 -1.96 4.48 -0.08
N LEU A 11 -1.09 5.48 -0.07
CA LEU A 11 0.21 5.33 -0.70
C LEU A 11 1.25 5.99 0.18
N ALA A 12 2.37 5.32 0.39
CA ALA A 12 3.42 5.89 1.23
C ALA A 12 4.79 5.68 0.63
N CYS A 13 5.68 6.64 0.87
CA CYS A 13 7.03 6.57 0.35
C CYS A 13 7.78 5.42 1.04
N GLU A 14 8.44 4.61 0.23
CA GLU A 14 9.16 3.47 0.74
C GLU A 14 9.95 3.79 2.01
N GLY A 15 9.92 2.86 2.95
CA GLY A 15 10.64 3.00 4.21
C GLY A 15 9.84 3.65 5.31
N TYR A 16 8.61 4.11 5.03
CA TYR A 16 7.81 4.74 6.07
C TYR A 16 6.54 3.94 6.32
N PRO A 17 6.07 3.93 7.53
CA PRO A 17 4.83 3.20 7.90
C PRO A 17 3.57 3.78 7.26
N ILE A 18 2.70 2.90 6.79
CA ILE A 18 1.45 3.32 6.19
C ILE A 18 0.32 2.90 7.11
N GLU A 19 -0.76 3.67 7.13
CA GLU A 19 -1.86 3.35 8.02
C GLU A 19 -3.19 3.30 7.29
N LEU A 20 -3.90 2.19 7.47
CA LEU A 20 -5.20 2.00 6.86
C LEU A 20 -6.26 1.87 7.93
N ARG A 21 -7.45 2.39 7.69
CA ARG A 21 -8.49 2.28 8.68
C ARG A 21 -9.87 2.20 8.04
N CYS A 22 -10.67 1.26 8.51
CA CYS A 22 -12.02 1.10 8.00
C CYS A 22 -13.01 1.76 8.97
N PRO A 23 -13.99 2.44 8.45
CA PRO A 23 -15.00 3.15 9.30
C PRO A 23 -15.88 2.21 10.09
N GLY A 24 -16.52 2.76 11.13
CA GLY A 24 -17.43 1.98 11.96
C GLY A 24 -16.82 0.65 12.39
N SER A 25 -17.64 -0.39 12.30
CA SER A 25 -17.22 -1.74 12.67
C SER A 25 -16.82 -2.52 11.43
N ASP A 26 -16.44 -1.80 10.39
CA ASP A 26 -16.01 -2.42 9.15
C ASP A 26 -14.58 -2.91 9.25
N VAL A 27 -14.20 -3.82 8.36
CA VAL A 27 -12.85 -4.33 8.35
C VAL A 27 -12.24 -4.19 6.96
N ILE A 28 -10.95 -3.90 6.93
CA ILE A 28 -10.23 -3.72 5.68
C ILE A 28 -10.06 -5.02 4.91
N MET A 29 -10.20 -4.91 3.60
CA MET A 29 -10.04 -6.06 2.72
C MET A 29 -9.19 -5.63 1.52
N VAL A 30 -7.93 -6.03 1.56
CA VAL A 30 -6.98 -5.69 0.51
C VAL A 30 -7.39 -6.30 -0.82
N GLU A 31 -7.53 -5.45 -1.84
CA GLU A 31 -7.92 -5.92 -3.16
C GLU A 31 -6.69 -5.96 -4.06
N ASN A 32 -5.96 -4.85 -4.11
CA ASN A 32 -4.78 -4.76 -4.95
C ASN A 32 -3.76 -3.81 -4.34
N ALA A 33 -2.49 -4.14 -4.54
CA ALA A 33 -1.40 -3.32 -4.01
C ALA A 33 -0.07 -3.76 -4.60
N ASN A 34 0.88 -2.84 -4.64
CA ASN A 34 2.19 -3.15 -5.19
C ASN A 34 3.28 -2.29 -4.56
N TYR A 35 4.50 -2.83 -4.55
CA TYR A 35 5.66 -2.13 -4.01
C TYR A 35 6.68 -1.95 -5.14
N GLY A 36 7.10 -0.70 -5.39
CA GLY A 36 8.04 -0.48 -6.50
C GLY A 36 7.92 0.96 -6.99
N ARG A 37 8.03 1.12 -8.30
CA ARG A 37 7.91 2.43 -8.91
C ARG A 37 7.39 2.32 -10.33
N THR A 38 6.20 2.88 -10.54
CA THR A 38 5.58 2.87 -11.84
C THR A 38 5.33 4.30 -12.28
N ASP A 39 5.86 5.23 -11.48
CA ASP A 39 5.71 6.64 -11.74
C ASP A 39 7.00 7.37 -11.35
N ASP A 40 6.94 8.69 -11.34
CA ASP A 40 8.11 9.49 -10.98
C ASP A 40 7.69 10.81 -10.35
N LYS A 41 6.38 11.02 -10.29
CA LYS A 41 5.85 12.24 -9.70
C LYS A 41 5.37 11.99 -8.28
N ILE A 42 5.59 10.79 -7.77
CA ILE A 42 5.17 10.45 -6.41
C ILE A 42 6.40 10.25 -5.54
N CYS A 43 6.36 10.76 -4.32
CA CYS A 43 7.49 10.63 -3.42
C CYS A 43 8.72 11.29 -4.03
N ASP A 44 8.63 12.61 -4.22
CA ASP A 44 9.72 13.35 -4.83
C ASP A 44 11.06 13.01 -4.19
N ALA A 45 11.94 12.42 -5.00
CA ALA A 45 13.28 12.05 -4.56
C ALA A 45 14.27 12.39 -5.66
N ASP A 46 15.47 11.82 -5.60
CA ASP A 46 16.46 12.10 -6.62
C ASP A 46 15.97 11.57 -7.97
N PRO A 47 16.20 12.30 -9.02
CA PRO A 47 15.74 11.88 -10.37
C PRO A 47 16.29 10.52 -10.76
N PHE A 48 17.49 10.20 -10.27
CA PHE A 48 18.12 8.91 -10.57
C PHE A 48 17.32 7.76 -10.00
N GLN A 49 16.71 7.99 -8.84
CA GLN A 49 15.91 6.96 -8.21
C GLN A 49 14.48 7.03 -8.72
N MET A 50 14.14 8.12 -9.39
CA MET A 50 12.78 8.28 -9.90
C MET A 50 12.73 8.14 -11.43
N GLU A 51 13.89 7.93 -12.08
CA GLU A 51 13.90 7.82 -13.54
C GLU A 51 13.13 6.61 -14.03
N ASN A 52 13.36 5.45 -13.41
CA ASN A 52 12.68 4.24 -13.84
C ASN A 52 11.25 4.17 -13.31
N VAL A 53 10.30 4.21 -14.23
CA VAL A 53 8.89 4.14 -13.87
C VAL A 53 8.32 2.77 -14.22
N GLN A 54 9.16 1.74 -14.13
CA GLN A 54 8.73 0.38 -14.43
C GLN A 54 9.32 -0.61 -13.44
N CYS A 55 8.65 -0.77 -12.32
CA CYS A 55 9.08 -1.71 -11.29
C CYS A 55 7.85 -2.20 -10.54
N TYR A 56 7.56 -3.49 -10.64
CA TYR A 56 6.38 -4.04 -9.95
C TYR A 56 6.77 -5.19 -9.05
N LEU A 57 5.93 -5.47 -8.05
CA LEU A 57 6.20 -6.55 -7.11
C LEU A 57 4.88 -7.19 -6.62
N PRO A 58 4.38 -8.17 -7.32
CA PRO A 58 3.10 -8.84 -6.96
C PRO A 58 3.00 -9.24 -5.49
N ASP A 59 4.06 -9.84 -4.94
CA ASP A 59 4.05 -10.31 -3.55
C ASP A 59 3.65 -9.20 -2.58
N ALA A 60 3.91 -7.96 -2.94
CA ALA A 60 3.57 -6.85 -2.06
C ALA A 60 2.10 -6.92 -1.64
N PHE A 61 1.26 -7.38 -2.56
CA PHE A 61 -0.18 -7.50 -2.31
C PHE A 61 -0.52 -8.56 -1.27
N LYS A 62 0.08 -9.75 -1.40
CA LYS A 62 -0.20 -10.83 -0.46
C LYS A 62 0.28 -10.47 0.94
N ILE A 63 1.45 -9.82 1.02
CA ILE A 63 2.00 -9.43 2.30
C ILE A 63 1.05 -8.48 3.03
N MET A 64 0.51 -7.49 2.32
CA MET A 64 -0.41 -6.54 2.94
C MET A 64 -1.73 -7.20 3.28
N SER A 65 -2.18 -8.11 2.41
CA SER A 65 -3.45 -8.79 2.64
C SER A 65 -3.42 -9.55 3.95
N GLN A 66 -2.32 -10.25 4.21
CA GLN A 66 -2.16 -11.01 5.43
C GLN A 66 -2.12 -10.09 6.65
N ARG A 67 -1.44 -8.96 6.48
CA ARG A 67 -1.27 -7.99 7.56
C ARG A 67 -2.51 -7.15 7.86
N CYS A 68 -3.31 -6.82 6.86
CA CYS A 68 -4.45 -5.94 7.10
C CYS A 68 -5.82 -6.60 6.90
N ASN A 69 -5.90 -7.74 6.22
CA ASN A 69 -7.19 -8.37 5.99
C ASN A 69 -7.90 -8.71 7.30
N ASN A 70 -9.21 -8.42 7.32
CA ASN A 70 -10.06 -8.67 8.48
C ASN A 70 -9.75 -7.76 9.66
N ARG A 71 -8.98 -6.70 9.43
CA ARG A 71 -8.68 -5.75 10.51
C ARG A 71 -9.33 -4.41 10.23
N THR A 72 -9.77 -3.74 11.28
CA THR A 72 -10.39 -2.43 11.15
C THR A 72 -9.33 -1.41 10.77
N GLN A 73 -8.11 -1.67 11.22
CA GLN A 73 -6.98 -0.80 10.92
C GLN A 73 -5.73 -1.65 10.73
N CYS A 74 -4.74 -1.09 10.03
CA CYS A 74 -3.52 -1.84 9.78
C CYS A 74 -2.33 -0.91 9.51
N VAL A 75 -1.19 -1.24 10.10
CA VAL A 75 0.02 -0.43 9.94
C VAL A 75 1.18 -1.31 9.46
N VAL A 76 1.85 -0.88 8.38
CA VAL A 76 2.97 -1.65 7.85
C VAL A 76 4.05 -0.74 7.26
N VAL A 77 5.30 -1.12 7.44
CA VAL A 77 6.40 -0.34 6.89
C VAL A 77 6.47 -0.57 5.39
N ALA A 78 6.24 0.48 4.62
CA ALA A 78 6.26 0.37 3.18
C ALA A 78 7.67 0.15 2.65
N GLY A 79 8.45 -0.70 3.31
CA GLY A 79 9.81 -0.95 2.86
C GLY A 79 10.55 -1.92 3.78
N SER A 80 11.71 -1.50 4.25
CA SER A 80 12.54 -2.31 5.14
C SER A 80 12.33 -3.80 4.90
N ASP A 81 12.60 -4.58 5.95
CA ASP A 81 12.48 -6.04 5.89
C ASP A 81 11.04 -6.46 5.63
N ALA A 82 10.12 -5.50 5.69
CA ALA A 82 8.72 -5.81 5.48
C ALA A 82 8.40 -5.94 3.99
N PHE A 83 9.34 -5.53 3.13
CA PHE A 83 9.12 -5.62 1.69
C PHE A 83 10.43 -6.00 0.97
N PRO A 84 10.42 -7.02 0.16
CA PRO A 84 11.62 -7.48 -0.60
C PRO A 84 12.33 -6.32 -1.31
N ASP A 85 13.09 -6.67 -2.34
CA ASP A 85 13.82 -5.67 -3.11
C ASP A 85 13.75 -5.99 -4.61
N PRO A 86 12.74 -5.49 -5.28
CA PRO A 86 12.54 -5.73 -6.73
C PRO A 86 13.49 -4.93 -7.61
N CYS A 87 13.61 -3.63 -7.31
CA CYS A 87 14.49 -2.77 -8.08
C CYS A 87 15.37 -1.93 -7.16
N PRO A 88 16.41 -2.53 -6.66
CA PRO A 88 17.37 -1.87 -5.74
C PRO A 88 17.98 -0.62 -6.36
N GLY A 89 17.95 0.49 -5.62
CA GLY A 89 18.54 1.72 -6.12
C GLY A 89 17.48 2.74 -6.57
N THR A 90 16.22 2.33 -6.65
CA THR A 90 15.17 3.26 -7.05
C THR A 90 14.34 3.63 -5.81
N TYR A 91 13.79 4.85 -5.78
CA TYR A 91 12.96 5.25 -4.65
C TYR A 91 11.55 4.83 -4.98
N LYS A 92 11.18 3.68 -4.44
CA LYS A 92 9.87 3.09 -4.72
C LYS A 92 8.73 3.77 -3.98
N TYR A 93 7.71 2.96 -3.78
CA TYR A 93 6.52 3.34 -3.04
C TYR A 93 5.62 2.15 -2.86
N LEU A 94 4.61 2.31 -2.03
CA LEU A 94 3.65 1.24 -1.81
C LEU A 94 2.26 1.81 -1.95
N GLU A 95 1.48 1.19 -2.82
CA GLU A 95 0.11 1.61 -3.06
C GLU A 95 -0.84 0.49 -2.69
N VAL A 96 -1.82 0.76 -1.85
CA VAL A 96 -2.73 -0.29 -1.44
C VAL A 96 -4.20 0.12 -1.56
N GLN A 97 -4.96 -0.66 -2.32
CA GLN A 97 -6.38 -0.39 -2.51
C GLN A 97 -7.21 -1.45 -1.79
N TYR A 98 -8.19 -1.00 -1.02
CA TYR A 98 -9.02 -1.93 -0.26
C TYR A 98 -10.42 -1.37 0.02
N ASP A 99 -11.33 -2.25 0.44
CA ASP A 99 -12.70 -1.85 0.75
C ASP A 99 -12.99 -2.09 2.22
N CYS A 100 -14.04 -1.43 2.71
CA CYS A 100 -14.42 -1.59 4.11
C CYS A 100 -15.81 -2.22 4.22
N VAL A 101 -15.85 -3.41 4.80
CA VAL A 101 -17.11 -4.13 4.98
C VAL A 101 -17.32 -4.48 6.44
N PRO A 102 -18.55 -4.67 6.87
CA PRO A 102 -18.85 -5.04 8.29
C PRO A 102 -18.08 -6.28 8.74
N TYR A 103 -17.75 -6.32 10.02
CA TYR A 103 -17.01 -7.44 10.60
C TYR A 103 -17.90 -8.67 10.73
N LYS A 104 -18.77 -8.67 11.75
CA LYS A 104 -19.67 -9.80 11.97
C LYS A 104 -21.04 -9.55 11.37
N VAL A 105 -21.60 -10.58 10.75
CA VAL A 105 -22.92 -10.48 10.13
C VAL A 105 -23.65 -11.81 10.20
N GLU A 106 -24.75 -11.84 10.94
CA GLU A 106 -25.52 -13.06 11.10
C GLU A 106 -24.64 -14.19 11.64
N GLY A 1 -18.69 5.85 7.40
CA GLY A 1 -17.98 7.14 7.21
C GLY A 1 -18.48 7.81 5.95
N LEU A 2 -17.54 8.38 5.18
CA LEU A 2 -17.90 9.07 3.94
C LEU A 2 -17.00 8.59 2.79
N PRO A 3 -17.41 7.55 2.13
CA PRO A 3 -16.63 6.96 0.99
C PRO A 3 -16.28 8.00 -0.07
N PHE A 4 -15.16 7.78 -0.74
CA PHE A 4 -14.71 8.70 -1.79
C PHE A 4 -15.42 8.38 -3.10
N GLY A 5 -16.24 7.33 -3.08
CA GLY A 5 -16.98 6.92 -4.27
C GLY A 5 -16.06 6.26 -5.29
N LEU A 6 -14.92 5.78 -4.82
CA LEU A 6 -13.96 5.12 -5.70
C LEU A 6 -13.01 4.24 -4.89
N MET A 7 -13.58 3.42 -4.01
CA MET A 7 -12.77 2.54 -3.20
C MET A 7 -11.77 3.36 -2.37
N ARG A 8 -11.23 2.75 -1.32
CA ARG A 8 -10.26 3.44 -0.49
C ARG A 8 -8.86 3.17 -1.02
N ARG A 9 -7.98 4.15 -0.94
CA ARG A 9 -6.62 3.97 -1.44
C ARG A 9 -5.61 4.81 -0.67
N GLU A 10 -4.50 4.18 -0.31
CA GLU A 10 -3.44 4.85 0.43
C GLU A 10 -2.09 4.59 -0.24
N LEU A 11 -1.19 5.55 -0.12
CA LEU A 11 0.12 5.40 -0.70
C LEU A 11 1.17 6.02 0.24
N ALA A 12 2.30 5.35 0.38
CA ALA A 12 3.35 5.85 1.27
C ALA A 12 4.74 5.65 0.65
N CYS A 13 5.61 6.62 0.87
CA CYS A 13 6.97 6.56 0.34
C CYS A 13 7.80 5.51 1.07
N GLU A 14 8.51 4.71 0.29
CA GLU A 14 9.34 3.64 0.84
C GLU A 14 10.11 4.09 2.08
N GLY A 15 10.10 3.23 3.09
CA GLY A 15 10.84 3.48 4.32
C GLY A 15 9.98 4.05 5.44
N TYR A 16 8.74 4.44 5.17
CA TYR A 16 7.90 5.00 6.24
C TYR A 16 6.68 4.13 6.48
N PRO A 17 6.18 4.10 7.68
CA PRO A 17 4.97 3.31 8.02
C PRO A 17 3.73 3.87 7.35
N ILE A 18 2.85 2.97 6.91
CA ILE A 18 1.60 3.37 6.29
C ILE A 18 0.45 2.86 7.14
N GLU A 19 -0.62 3.61 7.23
CA GLU A 19 -1.74 3.19 8.06
C GLU A 19 -3.06 3.27 7.32
N LEU A 20 -3.78 2.16 7.38
CA LEU A 20 -5.10 2.06 6.76
C LEU A 20 -6.14 1.98 7.86
N ARG A 21 -7.32 2.55 7.64
CA ARG A 21 -8.35 2.51 8.67
C ARG A 21 -9.74 2.40 8.06
N CYS A 22 -10.55 1.50 8.60
CA CYS A 22 -11.91 1.32 8.13
C CYS A 22 -12.88 1.99 9.09
N PRO A 23 -13.92 2.59 8.57
CA PRO A 23 -14.94 3.30 9.39
C PRO A 23 -15.79 2.34 10.24
N GLY A 24 -16.33 2.86 11.34
CA GLY A 24 -17.20 2.06 12.20
C GLY A 24 -16.55 0.74 12.61
N SER A 25 -17.32 -0.34 12.46
CA SER A 25 -16.85 -1.67 12.81
C SER A 25 -16.54 -2.48 11.55
N ASP A 26 -16.23 -1.77 10.46
CA ASP A 26 -15.88 -2.43 9.22
C ASP A 26 -14.44 -2.91 9.27
N VAL A 27 -14.09 -3.81 8.36
CA VAL A 27 -12.72 -4.31 8.32
C VAL A 27 -12.15 -4.16 6.92
N ILE A 28 -10.85 -3.93 6.85
CA ILE A 28 -10.17 -3.73 5.58
C ILE A 28 -10.07 -5.04 4.77
N MET A 29 -10.27 -4.91 3.47
CA MET A 29 -10.15 -6.06 2.57
C MET A 29 -9.28 -5.66 1.38
N VAL A 30 -8.03 -6.09 1.41
CA VAL A 30 -7.08 -5.76 0.36
C VAL A 30 -7.50 -6.37 -0.98
N GLU A 31 -7.63 -5.51 -1.99
CA GLU A 31 -8.01 -5.96 -3.32
C GLU A 31 -6.78 -6.01 -4.21
N ASN A 32 -6.05 -4.91 -4.25
CA ASN A 32 -4.85 -4.83 -5.08
C ASN A 32 -3.83 -3.89 -4.43
N ALA A 33 -2.56 -4.20 -4.63
CA ALA A 33 -1.48 -3.39 -4.06
C ALA A 33 -0.15 -3.81 -4.65
N ASN A 34 0.82 -2.90 -4.63
CA ASN A 34 2.14 -3.22 -5.19
C ASN A 34 3.24 -2.39 -4.53
N TYR A 35 4.44 -2.98 -4.48
CA TYR A 35 5.60 -2.31 -3.92
C TYR A 35 6.67 -2.18 -5.00
N GLY A 36 7.13 -0.96 -5.26
CA GLY A 36 8.10 -0.76 -6.31
C GLY A 36 8.04 0.67 -6.81
N ARG A 37 8.12 0.82 -8.13
CA ARG A 37 8.06 2.13 -8.75
C ARG A 37 7.56 2.01 -10.18
N THR A 38 6.38 2.58 -10.42
CA THR A 38 5.78 2.57 -11.74
C THR A 38 5.46 3.98 -12.16
N ASP A 39 5.90 4.92 -11.34
CA ASP A 39 5.68 6.34 -11.59
C ASP A 39 6.84 7.14 -11.04
N ASP A 40 7.05 8.35 -11.57
CA ASP A 40 8.13 9.20 -11.10
C ASP A 40 7.55 10.50 -10.54
N LYS A 41 6.24 10.57 -10.47
CA LYS A 41 5.57 11.76 -9.95
C LYS A 41 5.06 11.53 -8.54
N ILE A 42 5.37 10.37 -7.97
CA ILE A 42 4.92 10.04 -6.63
C ILE A 42 6.10 9.96 -5.68
N CYS A 43 5.94 10.53 -4.49
CA CYS A 43 7.02 10.50 -3.51
C CYS A 43 8.29 11.09 -4.12
N ASP A 44 8.28 12.40 -4.30
CA ASP A 44 9.42 13.11 -4.89
C ASP A 44 10.71 12.83 -4.13
N ALA A 45 11.71 12.36 -4.87
CA ALA A 45 13.03 12.07 -4.32
C ALA A 45 14.09 12.49 -5.32
N ASP A 46 15.33 12.03 -5.16
CA ASP A 46 16.36 12.40 -6.12
C ASP A 46 15.92 11.93 -7.50
N PRO A 47 16.14 12.73 -8.52
CA PRO A 47 15.70 12.39 -9.90
C PRO A 47 16.21 11.04 -10.40
N PHE A 48 17.43 10.69 -10.03
CA PHE A 48 18.01 9.42 -10.48
C PHE A 48 17.20 8.25 -9.93
N GLN A 49 16.67 8.39 -8.73
CA GLN A 49 15.87 7.32 -8.13
C GLN A 49 14.41 7.47 -8.55
N MET A 50 14.16 8.39 -9.48
CA MET A 50 12.80 8.62 -9.98
C MET A 50 12.74 8.42 -11.49
N GLU A 51 13.90 8.20 -12.10
CA GLU A 51 13.96 8.03 -13.55
C GLU A 51 13.19 6.80 -14.00
N ASN A 52 13.41 5.65 -13.37
CA ASN A 52 12.74 4.42 -13.76
C ASN A 52 11.32 4.32 -13.20
N VAL A 53 10.35 4.31 -14.10
CA VAL A 53 8.95 4.19 -13.71
C VAL A 53 8.43 2.79 -14.05
N GLN A 54 9.29 1.79 -13.93
CA GLN A 54 8.89 0.43 -14.26
C GLN A 54 9.45 -0.59 -13.28
N CYS A 55 8.75 -0.79 -12.16
CA CYS A 55 9.15 -1.76 -11.15
C CYS A 55 7.90 -2.31 -10.48
N TYR A 56 7.71 -3.63 -10.54
CA TYR A 56 6.53 -4.22 -9.93
C TYR A 56 6.89 -5.41 -9.04
N LEU A 57 6.05 -5.67 -8.04
CA LEU A 57 6.27 -6.79 -7.12
C LEU A 57 4.93 -7.44 -6.78
N PRO A 58 4.57 -8.48 -7.48
CA PRO A 58 3.28 -9.20 -7.26
C PRO A 58 3.07 -9.61 -5.80
N ASP A 59 4.08 -10.22 -5.20
CA ASP A 59 3.97 -10.70 -3.82
C ASP A 59 3.60 -9.60 -2.83
N ALA A 60 3.91 -8.35 -3.17
CA ALA A 60 3.58 -7.26 -2.26
C ALA A 60 2.10 -7.27 -1.88
N PHE A 61 1.26 -7.76 -2.80
CA PHE A 61 -0.17 -7.84 -2.55
C PHE A 61 -0.51 -8.82 -1.43
N LYS A 62 0.17 -9.98 -1.43
CA LYS A 62 -0.10 -11.00 -0.42
C LYS A 62 0.28 -10.49 0.97
N ILE A 63 1.42 -9.80 1.06
CA ILE A 63 1.89 -9.30 2.34
C ILE A 63 0.90 -8.32 2.98
N MET A 64 0.45 -7.34 2.21
CA MET A 64 -0.48 -6.36 2.73
C MET A 64 -1.82 -7.01 3.06
N SER A 65 -2.21 -7.98 2.25
CA SER A 65 -3.46 -8.68 2.45
C SER A 65 -3.50 -9.37 3.81
N GLN A 66 -2.42 -10.05 4.15
CA GLN A 66 -2.32 -10.74 5.44
C GLN A 66 -2.32 -9.76 6.61
N ARG A 67 -1.72 -8.59 6.39
CA ARG A 67 -1.61 -7.57 7.44
C ARG A 67 -2.86 -6.71 7.65
N CYS A 68 -3.64 -6.44 6.60
CA CYS A 68 -4.82 -5.57 6.77
C CYS A 68 -6.14 -6.33 6.64
N ASN A 69 -6.13 -7.50 6.03
CA ASN A 69 -7.36 -8.25 5.86
C ASN A 69 -8.04 -8.56 7.19
N ASN A 70 -9.35 -8.33 7.21
CA ASN A 70 -10.17 -8.60 8.39
C ASN A 70 -9.79 -7.71 9.58
N ARG A 71 -9.00 -6.68 9.34
CA ARG A 71 -8.62 -5.77 10.42
C ARG A 71 -9.19 -4.39 10.16
N THR A 72 -9.55 -3.71 11.23
CA THR A 72 -10.11 -2.37 11.12
C THR A 72 -9.02 -1.38 10.72
N GLN A 73 -7.80 -1.66 11.16
CA GLN A 73 -6.67 -0.80 10.83
C GLN A 73 -5.37 -1.60 10.82
N CYS A 74 -4.37 -1.10 10.11
CA CYS A 74 -3.08 -1.79 10.02
C CYS A 74 -1.94 -0.82 9.72
N VAL A 75 -0.79 -1.08 10.34
CA VAL A 75 0.39 -0.25 10.12
C VAL A 75 1.49 -1.09 9.49
N VAL A 76 2.11 -0.57 8.43
CA VAL A 76 3.15 -1.31 7.73
C VAL A 76 4.26 -0.39 7.21
N VAL A 77 5.51 -0.86 7.31
CA VAL A 77 6.64 -0.07 6.81
C VAL A 77 6.75 -0.25 5.32
N ALA A 78 6.63 0.85 4.59
CA ALA A 78 6.71 0.79 3.15
C ALA A 78 8.10 0.37 2.70
N GLY A 79 8.80 -0.41 3.53
CA GLY A 79 10.14 -0.87 3.17
C GLY A 79 10.78 -1.67 4.30
N SER A 80 11.97 -2.18 4.03
CA SER A 80 12.72 -2.97 5.01
C SER A 80 12.44 -4.45 4.84
N ASP A 81 12.62 -5.21 5.91
CA ASP A 81 12.40 -6.65 5.89
C ASP A 81 10.94 -6.97 5.57
N ALA A 82 10.09 -5.94 5.61
CA ALA A 82 8.67 -6.15 5.34
C ALA A 82 8.40 -6.28 3.84
N PHE A 83 9.32 -5.82 3.00
CA PHE A 83 9.14 -5.93 1.56
C PHE A 83 10.43 -6.38 0.87
N PRO A 84 10.37 -7.39 0.04
CA PRO A 84 11.56 -7.88 -0.71
C PRO A 84 12.30 -6.74 -1.39
N ASP A 85 13.04 -7.05 -2.45
CA ASP A 85 13.79 -6.03 -3.17
C ASP A 85 13.67 -6.25 -4.68
N PRO A 86 12.66 -5.67 -5.30
CA PRO A 86 12.41 -5.83 -6.76
C PRO A 86 13.22 -4.88 -7.62
N CYS A 87 13.53 -3.69 -7.10
CA CYS A 87 14.29 -2.71 -7.87
C CYS A 87 15.16 -1.85 -6.95
N PRO A 88 16.14 -2.43 -6.31
CA PRO A 88 17.04 -1.69 -5.39
C PRO A 88 17.72 -0.52 -6.11
N GLY A 89 17.75 0.64 -5.45
CA GLY A 89 18.37 1.83 -6.04
C GLY A 89 17.35 2.87 -6.51
N THR A 90 16.07 2.48 -6.62
CA THR A 90 15.04 3.45 -7.04
C THR A 90 14.17 3.81 -5.85
N TYR A 91 13.56 5.00 -5.85
CA TYR A 91 12.70 5.38 -4.73
C TYR A 91 11.31 4.85 -5.00
N LYS A 92 11.05 3.71 -4.40
CA LYS A 92 9.80 3.01 -4.56
C LYS A 92 8.62 3.69 -3.85
N TYR A 93 7.58 2.89 -3.72
CA TYR A 93 6.37 3.29 -3.02
C TYR A 93 5.45 2.09 -2.84
N LEU A 94 4.46 2.26 -2.00
CA LEU A 94 3.50 1.20 -1.77
C LEU A 94 2.11 1.75 -1.95
N GLU A 95 1.34 1.13 -2.83
CA GLU A 95 -0.02 1.55 -3.08
C GLU A 95 -0.95 0.41 -2.74
N VAL A 96 -1.93 0.66 -1.87
CA VAL A 96 -2.85 -0.40 -1.48
C VAL A 96 -4.30 0.03 -1.64
N GLN A 97 -5.04 -0.74 -2.41
CA GLN A 97 -6.45 -0.44 -2.64
C GLN A 97 -7.29 -1.50 -1.93
N TYR A 98 -8.25 -1.03 -1.14
CA TYR A 98 -9.10 -1.95 -0.38
C TYR A 98 -10.46 -1.33 -0.08
N ASP A 99 -11.33 -2.15 0.49
CA ASP A 99 -12.68 -1.69 0.84
C ASP A 99 -12.97 -2.00 2.31
N CYS A 100 -13.97 -1.33 2.85
CA CYS A 100 -14.35 -1.54 4.24
C CYS A 100 -15.72 -2.22 4.33
N VAL A 101 -15.75 -3.40 4.94
CA VAL A 101 -16.99 -4.14 5.09
C VAL A 101 -17.20 -4.52 6.57
N PRO A 102 -18.42 -4.76 6.98
CA PRO A 102 -18.71 -5.13 8.40
C PRO A 102 -17.94 -6.35 8.87
N TYR A 103 -17.50 -6.31 10.12
CA TYR A 103 -16.77 -7.42 10.70
C TYR A 103 -17.73 -8.57 11.03
N LYS A 104 -18.86 -8.22 11.65
CA LYS A 104 -19.86 -9.21 12.01
C LYS A 104 -20.98 -9.27 10.96
N VAL A 105 -21.98 -10.10 11.21
CA VAL A 105 -23.10 -10.24 10.28
C VAL A 105 -24.20 -9.22 10.60
N GLU A 106 -24.82 -8.69 9.55
CA GLU A 106 -25.89 -7.71 9.71
C GLU A 106 -25.42 -6.53 10.55
N GLY A 1 -20.91 11.05 2.21
CA GLY A 1 -20.47 10.28 3.42
C GLY A 1 -18.96 10.38 3.57
N LEU A 2 -18.42 9.69 4.56
CA LEU A 2 -16.99 9.71 4.81
C LEU A 2 -16.22 9.34 3.53
N PRO A 3 -16.66 8.31 2.84
CA PRO A 3 -15.99 7.85 1.58
C PRO A 3 -15.90 8.93 0.51
N PHE A 4 -14.85 8.85 -0.29
CA PHE A 4 -14.64 9.79 -1.38
C PHE A 4 -15.43 9.39 -2.62
N GLY A 5 -16.09 8.23 -2.53
CA GLY A 5 -16.89 7.73 -3.64
C GLY A 5 -16.03 7.07 -4.71
N LEU A 6 -14.95 6.42 -4.28
CA LEU A 6 -14.05 5.76 -5.21
C LEU A 6 -13.18 4.73 -4.48
N MET A 7 -13.80 3.95 -3.59
CA MET A 7 -13.06 2.94 -2.84
C MET A 7 -12.00 3.63 -1.98
N ARG A 8 -11.44 2.90 -1.02
CA ARG A 8 -10.41 3.46 -0.16
C ARG A 8 -9.03 3.10 -0.69
N ARG A 9 -8.10 4.07 -0.65
CA ARG A 9 -6.75 3.81 -1.14
C ARG A 9 -5.72 4.62 -0.37
N GLU A 10 -4.58 3.97 -0.07
CA GLU A 10 -3.51 4.64 0.64
C GLU A 10 -2.17 4.38 -0.05
N LEU A 11 -1.31 5.38 0.01
CA LEU A 11 0.01 5.29 -0.60
C LEU A 11 1.03 5.94 0.32
N ALA A 12 2.18 5.32 0.48
CA ALA A 12 3.20 5.87 1.36
C ALA A 12 4.59 5.70 0.76
N CYS A 13 5.43 6.69 1.01
CA CYS A 13 6.80 6.68 0.48
C CYS A 13 7.59 5.54 1.11
N GLU A 14 8.28 4.78 0.26
CA GLU A 14 9.05 3.63 0.69
C GLU A 14 9.84 3.90 1.97
N GLY A 15 9.77 2.94 2.89
CA GLY A 15 10.51 3.02 4.14
C GLY A 15 9.75 3.69 5.26
N TYR A 16 8.53 4.15 5.01
CA TYR A 16 7.75 4.81 6.04
C TYR A 16 6.49 4.02 6.36
N PRO A 17 6.08 4.03 7.61
CA PRO A 17 4.86 3.31 8.05
C PRO A 17 3.59 3.89 7.42
N ILE A 18 2.70 3.01 6.99
CA ILE A 18 1.44 3.43 6.40
C ILE A 18 0.30 3.00 7.31
N GLU A 19 -0.81 3.72 7.29
CA GLU A 19 -1.91 3.37 8.17
C GLU A 19 -3.21 3.23 7.40
N LEU A 20 -3.86 2.09 7.58
CA LEU A 20 -5.14 1.83 6.94
C LEU A 20 -6.22 1.76 8.01
N ARG A 21 -7.41 2.26 7.73
CA ARG A 21 -8.47 2.23 8.72
C ARG A 21 -9.85 2.16 8.09
N CYS A 22 -10.68 1.28 8.63
CA CYS A 22 -12.05 1.14 8.14
C CYS A 22 -13.01 1.86 9.09
N PRO A 23 -14.02 2.49 8.56
CA PRO A 23 -15.02 3.25 9.36
C PRO A 23 -15.82 2.34 10.29
N GLY A 24 -16.38 2.93 11.34
CA GLY A 24 -17.20 2.19 12.29
C GLY A 24 -16.56 0.87 12.70
N SER A 25 -17.31 -0.20 12.50
CA SER A 25 -16.85 -1.53 12.86
C SER A 25 -16.58 -2.37 11.61
N ASP A 26 -16.33 -1.71 10.49
CA ASP A 26 -16.04 -2.41 9.25
C ASP A 26 -14.60 -2.90 9.29
N VAL A 27 -14.24 -3.77 8.35
CA VAL A 27 -12.88 -4.29 8.31
C VAL A 27 -12.26 -4.09 6.93
N ILE A 28 -10.96 -3.84 6.94
CA ILE A 28 -10.21 -3.61 5.72
C ILE A 28 -10.06 -4.89 4.89
N MET A 29 -10.24 -4.77 3.59
CA MET A 29 -10.08 -5.91 2.69
C MET A 29 -9.25 -5.49 1.49
N VAL A 30 -7.98 -5.86 1.55
CA VAL A 30 -7.05 -5.53 0.49
C VAL A 30 -7.47 -6.20 -0.83
N GLU A 31 -7.63 -5.38 -1.86
CA GLU A 31 -8.04 -5.90 -3.17
C GLU A 31 -6.81 -6.02 -4.05
N ASN A 32 -6.01 -4.95 -4.10
CA ASN A 32 -4.81 -4.94 -4.91
C ASN A 32 -3.77 -3.96 -4.35
N ALA A 33 -2.49 -4.24 -4.61
CA ALA A 33 -1.42 -3.39 -4.11
C ALA A 33 -0.10 -3.77 -4.76
N ASN A 34 0.84 -2.83 -4.77
CA ASN A 34 2.16 -3.09 -5.37
C ASN A 34 3.26 -2.30 -4.68
N TYR A 35 4.45 -2.87 -4.65
CA TYR A 35 5.62 -2.23 -4.06
C TYR A 35 6.68 -2.04 -5.15
N GLY A 36 7.10 -0.81 -5.39
CA GLY A 36 8.06 -0.55 -6.47
C GLY A 36 7.94 0.89 -6.94
N ARG A 37 8.03 1.10 -8.26
CA ARG A 37 7.90 2.44 -8.82
C ARG A 37 7.31 2.40 -10.22
N THR A 38 6.14 3.01 -10.37
CA THR A 38 5.47 3.05 -11.66
C THR A 38 5.21 4.50 -12.06
N ASP A 39 5.68 5.43 -11.24
CA ASP A 39 5.51 6.84 -11.50
C ASP A 39 6.71 7.61 -10.95
N ASP A 40 6.97 8.78 -11.51
CA ASP A 40 8.08 9.60 -11.04
C ASP A 40 7.54 10.87 -10.39
N LYS A 41 6.22 10.92 -10.25
CA LYS A 41 5.58 12.08 -9.66
C LYS A 41 5.12 11.79 -8.24
N ILE A 42 5.48 10.64 -7.71
CA ILE A 42 5.07 10.27 -6.36
C ILE A 42 6.28 10.19 -5.44
N CYS A 43 6.14 10.75 -4.25
CA CYS A 43 7.24 10.74 -3.29
C CYS A 43 8.50 11.24 -3.98
N ASP A 44 8.61 12.55 -4.09
CA ASP A 44 9.76 13.17 -4.76
C ASP A 44 11.08 12.79 -4.08
N ALA A 45 12.00 12.27 -4.89
CA ALA A 45 13.32 11.90 -4.42
C ALA A 45 14.36 12.28 -5.48
N ASP A 46 15.56 11.73 -5.41
CA ASP A 46 16.56 12.06 -6.42
C ASP A 46 16.09 11.57 -7.79
N PRO A 47 16.29 12.36 -8.82
CA PRO A 47 15.85 11.99 -10.19
C PRO A 47 16.39 10.64 -10.62
N PHE A 48 17.59 10.31 -10.17
CA PHE A 48 18.20 9.04 -10.52
C PHE A 48 17.39 7.88 -9.97
N GLN A 49 16.81 8.06 -8.79
CA GLN A 49 16.01 7.01 -8.21
C GLN A 49 14.58 7.10 -8.74
N MET A 50 14.27 8.19 -9.42
CA MET A 50 12.93 8.38 -9.95
C MET A 50 12.87 8.13 -11.46
N GLU A 51 14.02 7.84 -12.08
CA GLU A 51 14.05 7.61 -13.53
C GLU A 51 13.25 6.38 -13.96
N ASN A 52 13.44 5.25 -13.29
CA ASN A 52 12.73 4.04 -13.67
C ASN A 52 11.28 4.05 -13.18
N VAL A 53 10.36 4.09 -14.13
CA VAL A 53 8.94 4.09 -13.80
C VAL A 53 8.30 2.74 -14.15
N GLN A 54 9.11 1.69 -14.09
CA GLN A 54 8.64 0.34 -14.40
C GLN A 54 9.20 -0.68 -13.41
N CYS A 55 8.57 -0.81 -12.25
CA CYS A 55 9.03 -1.77 -11.24
C CYS A 55 7.82 -2.29 -10.48
N TYR A 56 7.59 -3.59 -10.53
CA TYR A 56 6.44 -4.19 -9.83
C TYR A 56 6.86 -5.38 -8.98
N LEU A 57 6.06 -5.65 -7.96
CA LEU A 57 6.31 -6.78 -7.06
C LEU A 57 4.98 -7.41 -6.65
N PRO A 58 4.59 -8.47 -7.31
CA PRO A 58 3.30 -9.16 -7.01
C PRO A 58 3.16 -9.57 -5.55
N ASP A 59 4.20 -10.18 -4.99
CA ASP A 59 4.15 -10.63 -3.59
C ASP A 59 3.80 -9.49 -2.62
N ALA A 60 4.06 -8.26 -3.03
CA ALA A 60 3.75 -7.14 -2.15
C ALA A 60 2.28 -7.15 -1.74
N PHE A 61 1.42 -7.57 -2.68
CA PHE A 61 -0.02 -7.65 -2.43
C PHE A 61 -0.38 -8.67 -1.36
N LYS A 62 0.22 -9.86 -1.45
CA LYS A 62 -0.07 -10.92 -0.49
C LYS A 62 0.39 -10.53 0.92
N ILE A 63 1.54 -9.88 1.00
CA ILE A 63 2.07 -9.48 2.30
C ILE A 63 1.12 -8.54 3.03
N MET A 64 0.70 -7.46 2.37
CA MET A 64 -0.18 -6.50 3.02
C MET A 64 -1.56 -7.10 3.26
N SER A 65 -2.00 -7.94 2.35
CA SER A 65 -3.31 -8.55 2.48
C SER A 65 -3.40 -9.31 3.80
N GLN A 66 -2.34 -10.04 4.12
CA GLN A 66 -2.28 -10.77 5.37
C GLN A 66 -2.21 -9.82 6.57
N ARG A 67 -1.51 -8.71 6.37
CA ARG A 67 -1.32 -7.73 7.43
C ARG A 67 -2.57 -6.87 7.71
N CYS A 68 -3.37 -6.56 6.68
CA CYS A 68 -4.55 -5.71 6.89
C CYS A 68 -5.90 -6.41 6.66
N ASN A 69 -5.92 -7.54 5.96
CA ASN A 69 -7.19 -8.21 5.68
C ASN A 69 -7.96 -8.57 6.96
N ASN A 70 -9.27 -8.34 6.95
CA ASN A 70 -10.13 -8.65 8.08
C ASN A 70 -9.82 -7.80 9.30
N ARG A 71 -9.03 -6.75 9.11
CA ARG A 71 -8.70 -5.88 10.22
C ARG A 71 -9.29 -4.50 10.01
N THR A 72 -9.69 -3.87 11.10
CA THR A 72 -10.27 -2.55 11.04
C THR A 72 -9.19 -1.53 10.70
N GLN A 73 -7.98 -1.80 11.17
CA GLN A 73 -6.84 -0.92 10.91
C GLN A 73 -5.55 -1.72 10.87
N CYS A 74 -4.56 -1.18 10.17
CA CYS A 74 -3.27 -1.86 10.08
C CYS A 74 -2.14 -0.88 9.81
N VAL A 75 -0.96 -1.22 10.30
CA VAL A 75 0.22 -0.38 10.10
C VAL A 75 1.36 -1.20 9.52
N VAL A 76 1.99 -0.70 8.47
CA VAL A 76 3.09 -1.43 7.85
C VAL A 76 4.17 -0.49 7.34
N VAL A 77 5.42 -0.88 7.51
CA VAL A 77 6.55 -0.10 7.03
C VAL A 77 6.70 -0.32 5.53
N ALA A 78 6.57 0.75 4.76
CA ALA A 78 6.65 0.64 3.32
C ALA A 78 8.07 0.36 2.82
N GLY A 79 8.81 -0.52 3.49
CA GLY A 79 10.16 -0.81 3.05
C GLY A 79 10.83 -1.83 3.97
N SER A 80 11.96 -1.44 4.52
CA SER A 80 12.71 -2.31 5.43
C SER A 80 12.52 -3.78 5.06
N ASP A 81 12.81 -4.65 6.03
CA ASP A 81 12.68 -6.08 5.85
C ASP A 81 11.21 -6.46 5.64
N ALA A 82 10.34 -5.49 5.82
CA ALA A 82 8.91 -5.73 5.67
C ALA A 82 8.49 -5.77 4.19
N PHE A 83 9.39 -5.37 3.29
CA PHE A 83 9.10 -5.43 1.86
C PHE A 83 10.34 -5.84 1.08
N PRO A 84 10.25 -6.86 0.27
CA PRO A 84 11.41 -7.35 -0.54
C PRO A 84 12.11 -6.23 -1.30
N ASP A 85 12.86 -6.62 -2.33
CA ASP A 85 13.60 -5.65 -3.14
C ASP A 85 13.51 -6.02 -4.62
N PRO A 86 12.54 -5.50 -5.32
CA PRO A 86 12.35 -5.79 -6.77
C PRO A 86 13.25 -4.97 -7.69
N CYS A 87 13.45 -3.70 -7.34
CA CYS A 87 14.27 -2.82 -8.16
C CYS A 87 15.24 -1.98 -7.33
N PRO A 88 16.27 -2.57 -6.79
CA PRO A 88 17.26 -1.84 -5.98
C PRO A 88 17.88 -0.70 -6.79
N GLY A 89 17.97 0.49 -6.19
CA GLY A 89 18.55 1.64 -6.88
C GLY A 89 17.50 2.70 -7.23
N THR A 90 16.22 2.34 -7.13
CA THR A 90 15.14 3.29 -7.43
C THR A 90 14.31 3.55 -6.17
N TYR A 91 13.78 4.77 -6.01
CA TYR A 91 12.96 5.06 -4.83
C TYR A 91 11.52 4.64 -5.10
N LYS A 92 11.19 3.46 -4.60
CA LYS A 92 9.87 2.88 -4.80
C LYS A 92 8.76 3.57 -4.01
N TYR A 93 7.74 2.76 -3.72
CA TYR A 93 6.60 3.17 -2.93
C TYR A 93 5.66 2.01 -2.72
N LEU A 94 4.61 2.25 -1.95
CA LEU A 94 3.63 1.22 -1.69
C LEU A 94 2.22 1.78 -1.86
N GLU A 95 1.44 1.11 -2.69
CA GLU A 95 0.07 1.55 -2.94
C GLU A 95 -0.88 0.41 -2.64
N VAL A 96 -1.91 0.68 -1.83
CA VAL A 96 -2.86 -0.36 -1.49
C VAL A 96 -4.30 0.08 -1.65
N GLN A 97 -5.05 -0.68 -2.44
CA GLN A 97 -6.45 -0.39 -2.67
C GLN A 97 -7.30 -1.42 -1.94
N TYR A 98 -8.26 -0.94 -1.16
CA TYR A 98 -9.10 -1.83 -0.40
C TYR A 98 -10.47 -1.22 -0.12
N ASP A 99 -11.37 -2.07 0.37
CA ASP A 99 -12.72 -1.63 0.69
C ASP A 99 -13.05 -2.01 2.14
N CYS A 100 -14.07 -1.39 2.69
CA CYS A 100 -14.46 -1.69 4.07
C CYS A 100 -15.82 -2.37 4.12
N VAL A 101 -15.84 -3.61 4.61
CA VAL A 101 -17.10 -4.37 4.70
C VAL A 101 -17.37 -4.79 6.14
N PRO A 102 -18.60 -5.05 6.49
CA PRO A 102 -18.97 -5.47 7.88
C PRO A 102 -18.19 -6.70 8.34
N TYR A 103 -17.90 -6.75 9.64
CA TYR A 103 -17.17 -7.87 10.21
C TYR A 103 -18.07 -9.10 10.35
N LYS A 104 -19.32 -8.96 9.91
CA LYS A 104 -20.27 -10.06 9.97
C LYS A 104 -21.18 -10.04 8.74
N VAL A 105 -22.28 -10.80 8.80
CA VAL A 105 -23.22 -10.87 7.68
C VAL A 105 -24.30 -9.79 7.80
N GLU A 106 -24.67 -9.21 6.67
CA GLU A 106 -25.71 -8.17 6.69
C GLU A 106 -25.38 -7.09 7.70
N GLY A 1 -6.79 10.51 5.84
CA GLY A 1 -7.55 10.73 4.58
C GLY A 1 -9.02 10.40 4.80
N LEU A 2 -9.89 11.31 4.40
CA LEU A 2 -11.32 11.09 4.54
C LEU A 2 -11.84 10.32 3.34
N PRO A 3 -12.86 9.52 3.52
CA PRO A 3 -13.44 8.72 2.42
C PRO A 3 -13.73 9.57 1.18
N PHE A 4 -13.05 9.24 0.08
CA PHE A 4 -13.22 9.99 -1.17
C PHE A 4 -14.48 9.54 -1.90
N GLY A 5 -15.15 8.53 -1.36
CA GLY A 5 -16.37 8.01 -1.99
C GLY A 5 -16.02 7.18 -3.22
N LEU A 6 -14.85 6.57 -3.20
CA LEU A 6 -14.39 5.73 -4.32
C LEU A 6 -13.30 4.78 -3.83
N MET A 7 -13.71 3.68 -3.21
CA MET A 7 -12.76 2.70 -2.69
C MET A 7 -11.71 3.37 -1.81
N ARG A 8 -11.16 2.61 -0.87
CA ARG A 8 -10.13 3.14 0.01
C ARG A 8 -8.76 2.94 -0.61
N ARG A 9 -7.92 3.96 -0.55
CA ARG A 9 -6.58 3.84 -1.12
C ARG A 9 -5.56 4.70 -0.39
N GLU A 10 -4.45 4.07 -0.08
CA GLU A 10 -3.35 4.75 0.60
C GLU A 10 -2.05 4.47 -0.13
N LEU A 11 -1.16 5.44 -0.15
CA LEU A 11 0.12 5.30 -0.80
C LEU A 11 1.20 5.91 0.07
N ALA A 12 2.34 5.23 0.19
CA ALA A 12 3.42 5.73 1.05
C ALA A 12 4.80 5.49 0.43
N CYS A 13 5.70 6.44 0.67
CA CYS A 13 7.06 6.35 0.16
C CYS A 13 7.82 5.21 0.84
N GLU A 14 8.47 4.38 0.02
CA GLU A 14 9.19 3.23 0.56
C GLU A 14 10.00 3.56 1.82
N GLY A 15 9.95 2.63 2.77
CA GLY A 15 10.68 2.75 4.02
C GLY A 15 9.92 3.47 5.11
N TYR A 16 8.71 3.96 4.80
CA TYR A 16 7.92 4.67 5.80
C TYR A 16 6.71 3.85 6.20
N PRO A 17 6.16 4.10 7.35
CA PRO A 17 4.95 3.37 7.82
C PRO A 17 3.68 3.91 7.18
N ILE A 18 2.79 3.00 6.82
CA ILE A 18 1.52 3.38 6.21
C ILE A 18 0.39 2.92 7.13
N GLU A 19 -0.70 3.68 7.17
CA GLU A 19 -1.79 3.33 8.04
C GLU A 19 -3.12 3.22 7.30
N LEU A 20 -3.78 2.10 7.49
CA LEU A 20 -5.08 1.86 6.90
C LEU A 20 -6.09 1.77 8.02
N ARG A 21 -7.28 2.30 7.81
CA ARG A 21 -8.29 2.26 8.84
C ARG A 21 -9.68 2.17 8.25
N CYS A 22 -10.49 1.26 8.78
CA CYS A 22 -11.84 1.12 8.30
C CYS A 22 -12.80 1.82 9.25
N PRO A 23 -13.78 2.51 8.71
CA PRO A 23 -14.77 3.26 9.53
C PRO A 23 -15.73 2.33 10.26
N GLY A 24 -16.39 2.86 11.29
CA GLY A 24 -17.34 2.06 12.07
C GLY A 24 -16.72 0.77 12.54
N SER A 25 -17.46 -0.33 12.38
CA SER A 25 -16.97 -1.64 12.79
C SER A 25 -16.65 -2.48 11.56
N ASP A 26 -16.30 -1.81 10.47
CA ASP A 26 -15.95 -2.49 9.23
C ASP A 26 -14.49 -2.97 9.29
N VAL A 27 -14.10 -3.84 8.37
CA VAL A 27 -12.72 -4.34 8.36
C VAL A 27 -12.07 -4.16 6.99
N ILE A 28 -10.77 -3.95 7.01
CA ILE A 28 -10.00 -3.75 5.78
C ILE A 28 -9.90 -5.04 4.96
N MET A 29 -10.12 -4.89 3.65
CA MET A 29 -10.05 -6.00 2.73
C MET A 29 -9.25 -5.58 1.50
N VAL A 30 -7.98 -5.94 1.51
CA VAL A 30 -7.06 -5.58 0.43
C VAL A 30 -7.45 -6.25 -0.88
N GLU A 31 -7.57 -5.44 -1.93
CA GLU A 31 -7.93 -5.95 -3.26
C GLU A 31 -6.69 -6.02 -4.13
N ASN A 32 -5.93 -4.94 -4.15
CA ASN A 32 -4.72 -4.91 -4.97
C ASN A 32 -3.70 -3.97 -4.36
N ALA A 33 -2.43 -4.27 -4.61
CA ALA A 33 -1.36 -3.45 -4.07
C ALA A 33 -0.04 -3.85 -4.73
N ASN A 34 0.90 -2.92 -4.77
CA ASN A 34 2.20 -3.18 -5.38
C ASN A 34 3.31 -2.38 -4.70
N TYR A 35 4.49 -2.98 -4.64
CA TYR A 35 5.66 -2.33 -4.06
C TYR A 35 6.70 -2.12 -5.16
N GLY A 36 7.11 -0.88 -5.40
CA GLY A 36 8.05 -0.64 -6.50
C GLY A 36 7.96 0.82 -6.96
N ARG A 37 8.03 1.00 -8.28
CA ARG A 37 7.93 2.32 -8.86
C ARG A 37 7.44 2.26 -10.31
N THR A 38 6.27 2.85 -10.54
CA THR A 38 5.69 2.88 -11.89
C THR A 38 5.44 4.33 -12.31
N ASP A 39 5.94 5.26 -11.50
CA ASP A 39 5.78 6.68 -11.78
C ASP A 39 6.96 7.46 -11.22
N ASP A 40 7.19 8.65 -11.76
CA ASP A 40 8.27 9.50 -11.27
C ASP A 40 7.74 10.77 -10.64
N LYS A 41 6.42 10.86 -10.52
CA LYS A 41 5.81 12.05 -9.92
C LYS A 41 5.28 11.77 -8.52
N ILE A 42 5.55 10.57 -7.99
CA ILE A 42 5.06 10.22 -6.66
C ILE A 42 6.23 10.04 -5.71
N CYS A 43 6.06 10.53 -4.49
CA CYS A 43 7.13 10.42 -3.50
C CYS A 43 8.39 11.06 -4.06
N ASP A 44 8.28 12.36 -4.31
CA ASP A 44 9.39 13.12 -4.87
C ASP A 44 10.70 12.84 -4.16
N ALA A 45 11.65 12.33 -4.93
CA ALA A 45 12.98 12.03 -4.43
C ALA A 45 14.01 12.51 -5.44
N ASP A 46 15.23 12.03 -5.35
CA ASP A 46 16.27 12.44 -6.30
C ASP A 46 15.90 11.97 -7.71
N PRO A 47 16.24 12.75 -8.70
CA PRO A 47 15.93 12.43 -10.12
C PRO A 47 16.36 11.02 -10.50
N PHE A 48 17.51 10.60 -9.98
CA PHE A 48 18.05 9.28 -10.28
C PHE A 48 17.17 8.17 -9.75
N GLN A 49 16.56 8.40 -8.60
CA GLN A 49 15.68 7.40 -8.01
C GLN A 49 14.30 7.54 -8.63
N MET A 50 14.16 8.59 -9.43
CA MET A 50 12.93 8.87 -10.14
C MET A 50 13.19 8.73 -11.65
N GLU A 51 13.97 7.71 -12.00
CA GLU A 51 14.28 7.43 -13.40
C GLU A 51 13.44 6.28 -13.93
N ASN A 52 13.59 5.12 -13.29
CA ASN A 52 12.86 3.93 -13.71
C ASN A 52 11.42 3.97 -13.24
N VAL A 53 10.50 3.93 -14.20
CA VAL A 53 9.08 3.95 -13.88
C VAL A 53 8.43 2.61 -14.18
N GLN A 54 9.21 1.54 -14.12
CA GLN A 54 8.69 0.21 -14.41
C GLN A 54 9.28 -0.84 -13.48
N CYS A 55 8.71 -0.95 -12.30
CA CYS A 55 9.15 -1.94 -11.32
C CYS A 55 7.93 -2.41 -10.53
N TYR A 56 7.63 -3.70 -10.59
CA TYR A 56 6.48 -4.23 -9.87
C TYR A 56 6.90 -5.35 -8.94
N LEU A 57 6.08 -5.58 -7.91
CA LEU A 57 6.35 -6.66 -6.96
C LEU A 57 5.01 -7.28 -6.56
N PRO A 58 4.53 -8.20 -7.35
CA PRO A 58 3.22 -8.89 -7.13
C PRO A 58 2.97 -9.32 -5.68
N ASP A 59 3.97 -9.95 -5.06
CA ASP A 59 3.83 -10.43 -3.68
C ASP A 59 3.38 -9.32 -2.73
N ALA A 60 3.69 -8.08 -3.07
CA ALA A 60 3.33 -6.97 -2.21
C ALA A 60 1.83 -6.99 -1.87
N PHE A 61 1.02 -7.48 -2.80
CA PHE A 61 -0.43 -7.56 -2.59
C PHE A 61 -0.78 -8.55 -1.48
N LYS A 62 -0.16 -9.73 -1.53
CA LYS A 62 -0.43 -10.77 -0.56
C LYS A 62 0.06 -10.36 0.84
N ILE A 63 1.25 -9.75 0.88
CA ILE A 63 1.82 -9.33 2.15
C ILE A 63 0.89 -8.38 2.91
N MET A 64 0.40 -7.36 2.22
CA MET A 64 -0.50 -6.41 2.87
C MET A 64 -1.84 -7.03 3.18
N SER A 65 -2.29 -7.96 2.34
CA SER A 65 -3.56 -8.60 2.57
C SER A 65 -3.55 -9.33 3.90
N GLN A 66 -2.47 -10.06 4.17
CA GLN A 66 -2.35 -10.79 5.43
C GLN A 66 -2.30 -9.84 6.63
N ARG A 67 -1.64 -8.73 6.43
CA ARG A 67 -1.48 -7.74 7.48
C ARG A 67 -2.73 -6.87 7.73
N CYS A 68 -3.51 -6.60 6.68
CA CYS A 68 -4.68 -5.74 6.85
C CYS A 68 -6.02 -6.48 6.64
N ASN A 69 -5.97 -7.69 6.08
CA ASN A 69 -7.21 -8.42 5.85
C ASN A 69 -7.94 -8.72 7.16
N ASN A 70 -9.23 -8.41 7.19
CA ASN A 70 -10.07 -8.67 8.36
C ASN A 70 -9.71 -7.80 9.56
N ARG A 71 -8.92 -6.74 9.34
CA ARG A 71 -8.57 -5.86 10.44
C ARG A 71 -9.18 -4.48 10.21
N THR A 72 -9.58 -3.83 11.30
CA THR A 72 -10.17 -2.51 11.21
C THR A 72 -9.10 -1.50 10.82
N GLN A 73 -7.88 -1.77 11.26
CA GLN A 73 -6.75 -0.90 10.94
C GLN A 73 -5.46 -1.73 10.84
N CYS A 74 -4.50 -1.21 10.09
CA CYS A 74 -3.24 -1.92 9.94
C CYS A 74 -2.11 -0.96 9.60
N VAL A 75 -0.97 -1.15 10.25
CA VAL A 75 0.20 -0.31 10.02
C VAL A 75 1.37 -1.17 9.58
N VAL A 76 2.03 -0.77 8.49
CA VAL A 76 3.15 -1.53 7.97
C VAL A 76 4.23 -0.62 7.39
N VAL A 77 5.48 -1.04 7.54
CA VAL A 77 6.57 -0.26 6.96
C VAL A 77 6.62 -0.53 5.47
N ALA A 78 6.41 0.52 4.70
CA ALA A 78 6.39 0.40 3.25
C ALA A 78 7.77 0.09 2.69
N GLY A 79 8.53 -0.74 3.37
CA GLY A 79 9.86 -1.08 2.89
C GLY A 79 10.57 -2.04 3.83
N SER A 80 11.77 -1.65 4.25
CA SER A 80 12.56 -2.48 5.15
C SER A 80 12.23 -3.95 4.96
N ASP A 81 12.37 -4.71 6.03
CA ASP A 81 12.11 -6.15 6.01
C ASP A 81 10.65 -6.46 5.68
N ALA A 82 9.80 -5.43 5.70
CA ALA A 82 8.38 -5.65 5.44
C ALA A 82 8.13 -5.88 3.95
N PHE A 83 9.08 -5.49 3.11
CA PHE A 83 8.91 -5.69 1.67
C PHE A 83 10.24 -6.09 1.01
N PRO A 84 10.23 -7.16 0.24
CA PRO A 84 11.45 -7.66 -0.48
C PRO A 84 12.23 -6.53 -1.16
N ASP A 85 13.04 -6.91 -2.15
CA ASP A 85 13.84 -5.92 -2.89
C ASP A 85 13.85 -6.24 -4.38
N PRO A 86 12.91 -5.68 -5.11
CA PRO A 86 12.79 -5.91 -6.58
C PRO A 86 13.77 -5.07 -7.41
N CYS A 87 13.79 -3.77 -7.15
CA CYS A 87 14.68 -2.86 -7.90
C CYS A 87 15.38 -1.89 -6.96
N PRO A 88 16.45 -2.32 -6.35
CA PRO A 88 17.24 -1.47 -5.42
C PRO A 88 17.84 -0.26 -6.13
N GLY A 89 17.90 0.88 -5.44
CA GLY A 89 18.47 2.08 -6.02
C GLY A 89 17.42 3.08 -6.53
N THR A 90 16.15 2.69 -6.48
CA THR A 90 15.06 3.58 -6.92
C THR A 90 14.18 3.92 -5.71
N TYR A 91 13.60 5.11 -5.68
CA TYR A 91 12.74 5.47 -4.55
C TYR A 91 11.33 4.97 -4.88
N LYS A 92 11.03 3.81 -4.34
CA LYS A 92 9.77 3.15 -4.59
C LYS A 92 8.59 3.81 -3.86
N TYR A 93 7.54 3.03 -3.81
CA TYR A 93 6.33 3.40 -3.12
C TYR A 93 5.46 2.18 -2.93
N LEU A 94 4.48 2.28 -2.08
CA LEU A 94 3.58 1.19 -1.85
C LEU A 94 2.16 1.68 -2.05
N GLU A 95 1.45 1.06 -2.97
CA GLU A 95 0.08 1.44 -3.25
C GLU A 95 -0.85 0.33 -2.84
N VAL A 96 -1.84 0.65 -2.03
CA VAL A 96 -2.78 -0.37 -1.58
C VAL A 96 -4.22 0.09 -1.71
N GLN A 97 -4.98 -0.67 -2.49
CA GLN A 97 -6.39 -0.39 -2.70
C GLN A 97 -7.23 -1.41 -1.96
N TYR A 98 -8.17 -0.93 -1.15
CA TYR A 98 -8.99 -1.84 -0.37
C TYR A 98 -10.35 -1.23 -0.04
N ASP A 99 -11.23 -2.04 0.51
CA ASP A 99 -12.57 -1.58 0.89
C ASP A 99 -12.87 -1.95 2.34
N CYS A 100 -13.89 -1.32 2.89
CA CYS A 100 -14.27 -1.59 4.27
C CYS A 100 -15.65 -2.25 4.34
N VAL A 101 -15.69 -3.45 4.90
CA VAL A 101 -16.95 -4.18 5.01
C VAL A 101 -17.30 -4.41 6.48
N PRO A 102 -18.56 -4.50 6.81
CA PRO A 102 -19.00 -4.73 8.22
C PRO A 102 -18.38 -6.00 8.81
N TYR A 103 -18.05 -5.96 10.10
CA TYR A 103 -17.49 -7.15 10.76
C TYR A 103 -18.64 -8.09 11.11
N LYS A 104 -18.39 -9.39 11.04
CA LYS A 104 -19.44 -10.38 11.34
C LYS A 104 -19.24 -11.01 12.72
N VAL A 105 -20.11 -10.66 13.68
CA VAL A 105 -20.03 -11.23 15.03
C VAL A 105 -20.92 -12.46 15.16
N GLU A 106 -20.36 -13.51 15.74
CA GLU A 106 -21.12 -14.75 15.94
C GLU A 106 -21.61 -15.31 14.61
N GLY A 1 -13.63 17.46 -4.42
CA GLY A 1 -13.23 16.87 -5.73
C GLY A 1 -13.64 15.40 -5.80
N LEU A 2 -12.93 14.56 -5.05
CA LEU A 2 -13.23 13.13 -5.06
C LEU A 2 -13.19 12.58 -6.48
N PRO A 3 -12.03 12.55 -7.06
CA PRO A 3 -11.83 12.05 -8.46
C PRO A 3 -12.28 10.61 -8.61
N PHE A 4 -12.92 10.06 -7.58
CA PHE A 4 -13.39 8.70 -7.64
C PHE A 4 -14.65 8.52 -6.79
N GLY A 5 -14.50 8.64 -5.48
CA GLY A 5 -15.63 8.49 -4.57
C GLY A 5 -16.02 7.02 -4.47
N LEU A 6 -15.02 6.14 -4.49
CA LEU A 6 -15.26 4.71 -4.39
C LEU A 6 -13.98 3.98 -4.00
N MET A 7 -14.07 3.17 -2.95
CA MET A 7 -12.93 2.40 -2.46
C MET A 7 -11.92 3.30 -1.75
N ARG A 8 -11.30 2.76 -0.72
CA ARG A 8 -10.31 3.48 0.04
C ARG A 8 -8.93 3.22 -0.55
N ARG A 9 -8.04 4.21 -0.49
CA ARG A 9 -6.70 4.03 -1.01
C ARG A 9 -5.67 4.84 -0.24
N GLU A 10 -4.54 4.20 0.02
CA GLU A 10 -3.46 4.84 0.74
C GLU A 10 -2.13 4.59 0.06
N LEU A 11 -1.25 5.57 0.14
CA LEU A 11 0.07 5.45 -0.46
C LEU A 11 1.11 6.10 0.45
N ALA A 12 2.29 5.50 0.51
CA ALA A 12 3.35 6.03 1.35
C ALA A 12 4.73 5.77 0.73
N CYS A 13 5.64 6.71 0.94
CA CYS A 13 6.98 6.59 0.38
C CYS A 13 7.77 5.49 1.09
N GLU A 14 8.46 4.69 0.28
CA GLU A 14 9.25 3.58 0.81
C GLU A 14 10.07 3.99 2.03
N GLY A 15 10.11 3.10 3.01
CA GLY A 15 10.88 3.32 4.23
C GLY A 15 10.05 3.88 5.39
N TYR A 16 8.83 4.34 5.13
CA TYR A 16 8.00 4.89 6.20
C TYR A 16 6.73 4.06 6.37
N PRO A 17 6.15 4.04 7.54
CA PRO A 17 4.90 3.28 7.79
C PRO A 17 3.66 3.89 7.16
N ILE A 18 2.77 3.01 6.73
CA ILE A 18 1.51 3.42 6.12
C ILE A 18 0.39 2.98 7.04
N GLU A 19 -0.71 3.72 7.05
CA GLU A 19 -1.82 3.36 7.94
C GLU A 19 -3.13 3.23 7.19
N LEU A 20 -3.79 2.11 7.42
CA LEU A 20 -5.09 1.84 6.82
C LEU A 20 -6.12 1.75 7.93
N ARG A 21 -7.30 2.32 7.71
CA ARG A 21 -8.34 2.26 8.73
C ARG A 21 -9.73 2.14 8.11
N CYS A 22 -10.53 1.25 8.67
CA CYS A 22 -11.89 1.07 8.20
C CYS A 22 -12.85 1.79 9.13
N PRO A 23 -13.85 2.42 8.60
CA PRO A 23 -14.83 3.17 9.43
C PRO A 23 -15.69 2.21 10.26
N GLY A 24 -16.24 2.72 11.35
CA GLY A 24 -17.11 1.92 12.20
C GLY A 24 -16.46 0.60 12.62
N SER A 25 -17.28 -0.45 12.57
CA SER A 25 -16.84 -1.80 12.94
C SER A 25 -16.54 -2.61 11.68
N ASP A 26 -16.26 -1.92 10.60
CA ASP A 26 -15.94 -2.58 9.34
C ASP A 26 -14.48 -3.04 9.36
N VAL A 27 -14.11 -3.89 8.43
CA VAL A 27 -12.74 -4.38 8.39
C VAL A 27 -12.12 -4.18 7.01
N ILE A 28 -10.82 -3.97 7.01
CA ILE A 28 -10.08 -3.74 5.77
C ILE A 28 -9.95 -5.01 4.94
N MET A 29 -10.13 -4.87 3.63
CA MET A 29 -10.01 -5.99 2.71
C MET A 29 -9.19 -5.55 1.50
N VAL A 30 -7.92 -5.95 1.51
CA VAL A 30 -6.99 -5.59 0.43
C VAL A 30 -7.42 -6.20 -0.90
N GLU A 31 -7.57 -5.34 -1.91
CA GLU A 31 -7.94 -5.82 -3.24
C GLU A 31 -6.70 -5.89 -4.09
N ASN A 32 -5.92 -4.79 -4.08
CA ASN A 32 -4.70 -4.73 -4.87
C ASN A 32 -3.69 -3.81 -4.20
N ALA A 33 -2.42 -4.13 -4.41
CA ALA A 33 -1.35 -3.33 -3.84
C ALA A 33 -0.02 -3.71 -4.48
N ASN A 34 0.91 -2.78 -4.53
CA ASN A 34 2.21 -3.06 -5.13
C ASN A 34 3.31 -2.24 -4.46
N TYR A 35 4.51 -2.81 -4.42
CA TYR A 35 5.67 -2.14 -3.86
C TYR A 35 6.71 -2.01 -4.97
N GLY A 36 7.14 -0.77 -5.25
CA GLY A 36 8.08 -0.54 -6.34
C GLY A 36 7.95 0.89 -6.86
N ARG A 37 7.97 1.04 -8.18
CA ARG A 37 7.86 2.36 -8.79
C ARG A 37 7.29 2.29 -10.20
N THR A 38 6.12 2.87 -10.40
CA THR A 38 5.48 2.88 -11.71
C THR A 38 5.22 4.31 -12.16
N ASP A 39 5.73 5.26 -11.38
CA ASP A 39 5.58 6.67 -11.69
C ASP A 39 6.78 7.45 -11.16
N ASP A 40 7.03 8.63 -11.74
CA ASP A 40 8.15 9.45 -11.27
C ASP A 40 7.62 10.73 -10.64
N LYS A 41 6.30 10.82 -10.51
CA LYS A 41 5.67 12.01 -9.93
C LYS A 41 5.23 11.76 -8.49
N ILE A 42 5.46 10.55 -7.98
CA ILE A 42 5.06 10.21 -6.62
C ILE A 42 6.29 10.00 -5.75
N CYS A 43 6.25 10.50 -4.54
CA CYS A 43 7.38 10.35 -3.63
C CYS A 43 8.61 11.02 -4.23
N ASP A 44 8.48 12.32 -4.49
CA ASP A 44 9.57 13.10 -5.08
C ASP A 44 10.91 12.77 -4.46
N ALA A 45 11.68 11.90 -5.12
CA ALA A 45 13.00 11.53 -4.64
C ALA A 45 14.04 12.00 -5.65
N ASP A 46 15.31 11.64 -5.42
CA ASP A 46 16.35 12.07 -6.35
C ASP A 46 15.99 11.63 -7.76
N PRO A 47 16.25 12.45 -8.74
CA PRO A 47 15.92 12.14 -10.15
C PRO A 47 16.42 10.78 -10.57
N PHE A 48 17.61 10.42 -10.09
CA PHE A 48 18.20 9.13 -10.42
C PHE A 48 17.38 7.98 -9.83
N GLN A 49 16.80 8.19 -8.66
CA GLN A 49 15.97 7.16 -8.04
C GLN A 49 14.56 7.26 -8.59
N MET A 50 14.33 8.29 -9.39
CA MET A 50 13.02 8.53 -9.98
C MET A 50 12.99 8.21 -11.49
N GLU A 51 14.14 7.90 -12.07
CA GLU A 51 14.20 7.63 -13.51
C GLU A 51 13.35 6.41 -13.90
N ASN A 52 13.49 5.31 -13.20
CA ASN A 52 12.74 4.09 -13.54
C ASN A 52 11.29 4.11 -13.04
N VAL A 53 10.35 4.11 -13.98
CA VAL A 53 8.93 4.07 -13.65
C VAL A 53 8.34 2.71 -13.99
N GLN A 54 9.16 1.67 -13.92
CA GLN A 54 8.71 0.32 -14.22
C GLN A 54 9.30 -0.69 -13.24
N CYS A 55 8.67 -0.83 -12.09
CA CYS A 55 9.12 -1.79 -11.08
C CYS A 55 7.91 -2.34 -10.35
N TYR A 56 7.75 -3.66 -10.34
CA TYR A 56 6.61 -4.26 -9.69
C TYR A 56 7.01 -5.44 -8.80
N LEU A 57 6.15 -5.75 -7.82
CA LEU A 57 6.36 -6.87 -6.91
C LEU A 57 5.00 -7.47 -6.56
N PRO A 58 4.51 -8.33 -7.40
CA PRO A 58 3.17 -8.96 -7.23
C PRO A 58 2.91 -9.47 -5.81
N ASP A 59 3.88 -10.14 -5.22
CA ASP A 59 3.70 -10.70 -3.88
C ASP A 59 3.38 -9.62 -2.85
N ALA A 60 3.80 -8.39 -3.13
CA ALA A 60 3.56 -7.29 -2.20
C ALA A 60 2.09 -7.23 -1.79
N PHE A 61 1.21 -7.59 -2.72
CA PHE A 61 -0.23 -7.58 -2.44
C PHE A 61 -0.60 -8.59 -1.34
N LYS A 62 0.02 -9.76 -1.39
CA LYS A 62 -0.29 -10.78 -0.40
C LYS A 62 0.16 -10.32 0.99
N ILE A 63 1.31 -9.66 1.03
CA ILE A 63 1.83 -9.17 2.30
C ILE A 63 0.84 -8.25 3.00
N MET A 64 0.39 -7.23 2.28
CA MET A 64 -0.57 -6.29 2.86
C MET A 64 -1.90 -6.97 3.13
N SER A 65 -2.25 -7.90 2.26
CA SER A 65 -3.50 -8.62 2.40
C SER A 65 -3.58 -9.35 3.74
N GLN A 66 -2.52 -10.08 4.05
CA GLN A 66 -2.47 -10.82 5.30
C GLN A 66 -2.39 -9.87 6.50
N ARG A 67 -1.66 -8.79 6.31
CA ARG A 67 -1.45 -7.81 7.37
C ARG A 67 -2.70 -6.97 7.67
N CYS A 68 -3.50 -6.65 6.65
CA CYS A 68 -4.68 -5.81 6.88
C CYS A 68 -6.00 -6.54 6.67
N ASN A 69 -6.00 -7.70 6.03
CA ASN A 69 -7.26 -8.39 5.78
C ASN A 69 -7.98 -8.69 7.09
N ASN A 70 -9.27 -8.38 7.13
CA ASN A 70 -10.10 -8.62 8.30
C ASN A 70 -9.73 -7.74 9.48
N ARG A 71 -8.93 -6.71 9.26
CA ARG A 71 -8.56 -5.80 10.34
C ARG A 71 -9.20 -4.43 10.12
N THR A 72 -9.61 -3.82 11.22
CA THR A 72 -10.22 -2.50 11.16
C THR A 72 -9.16 -1.46 10.79
N GLN A 73 -7.94 -1.72 11.25
CA GLN A 73 -6.82 -0.84 10.97
C GLN A 73 -5.54 -1.63 10.92
N CYS A 74 -4.58 -1.18 10.11
CA CYS A 74 -3.30 -1.87 10.00
C CYS A 74 -2.18 -0.91 9.60
N VAL A 75 -1.02 -1.08 10.22
CA VAL A 75 0.12 -0.24 9.91
C VAL A 75 1.24 -1.10 9.34
N VAL A 76 1.82 -0.66 8.22
CA VAL A 76 2.90 -1.43 7.60
C VAL A 76 4.00 -0.52 7.08
N VAL A 77 5.23 -1.01 7.09
CA VAL A 77 6.34 -0.24 6.58
C VAL A 77 6.45 -0.47 5.09
N ALA A 78 6.29 0.59 4.33
CA ALA A 78 6.34 0.49 2.88
C ALA A 78 7.76 0.19 2.40
N GLY A 79 8.50 -0.62 3.17
CA GLY A 79 9.87 -0.97 2.78
C GLY A 79 10.51 -1.93 3.79
N SER A 80 11.66 -1.55 4.33
CA SER A 80 12.37 -2.37 5.30
C SER A 80 12.10 -3.86 5.07
N ASP A 81 12.28 -4.67 6.11
CA ASP A 81 12.06 -6.11 6.03
C ASP A 81 10.62 -6.42 5.65
N ALA A 82 9.78 -5.38 5.66
CA ALA A 82 8.37 -5.56 5.36
C ALA A 82 8.15 -5.80 3.86
N PHE A 83 9.11 -5.44 3.02
CA PHE A 83 8.96 -5.66 1.58
C PHE A 83 10.29 -6.10 0.96
N PRO A 84 10.27 -7.14 0.13
CA PRO A 84 11.51 -7.66 -0.54
C PRO A 84 12.31 -6.56 -1.23
N ASP A 85 13.13 -6.96 -2.21
CA ASP A 85 13.96 -6.01 -2.96
C ASP A 85 13.88 -6.33 -4.45
N PRO A 86 12.91 -5.78 -5.13
CA PRO A 86 12.70 -6.02 -6.58
C PRO A 86 13.54 -5.12 -7.49
N CYS A 87 13.63 -3.84 -7.15
CA CYS A 87 14.41 -2.91 -7.95
C CYS A 87 15.27 -2.00 -7.08
N PRO A 88 16.44 -2.44 -6.71
CA PRO A 88 17.36 -1.64 -5.85
C PRO A 88 17.96 -0.46 -6.62
N GLY A 89 18.01 0.71 -5.97
CA GLY A 89 18.57 1.89 -6.61
C GLY A 89 17.48 2.90 -7.02
N THR A 90 16.22 2.56 -6.77
CA THR A 90 15.12 3.45 -7.11
C THR A 90 14.29 3.76 -5.85
N TYR A 91 13.75 4.98 -5.76
CA TYR A 91 12.91 5.33 -4.61
C TYR A 91 11.50 4.87 -4.90
N LYS A 92 11.17 3.71 -4.34
CA LYS A 92 9.87 3.09 -4.57
C LYS A 92 8.72 3.79 -3.82
N TYR A 93 7.66 3.01 -3.71
CA TYR A 93 6.47 3.40 -2.98
C TYR A 93 5.54 2.23 -2.82
N LEU A 94 4.53 2.38 -1.99
CA LEU A 94 3.56 1.32 -1.79
C LEU A 94 2.17 1.90 -1.91
N GLU A 95 1.38 1.29 -2.78
CA GLU A 95 0.02 1.73 -3.00
C GLU A 95 -0.93 0.60 -2.65
N VAL A 96 -1.93 0.88 -1.83
CA VAL A 96 -2.87 -0.15 -1.45
C VAL A 96 -4.31 0.29 -1.63
N GLN A 97 -5.03 -0.46 -2.44
CA GLN A 97 -6.45 -0.18 -2.68
C GLN A 97 -7.26 -1.25 -1.99
N TYR A 98 -8.20 -0.84 -1.15
CA TYR A 98 -8.99 -1.80 -0.40
C TYR A 98 -10.37 -1.26 -0.05
N ASP A 99 -11.26 -2.16 0.36
CA ASP A 99 -12.61 -1.77 0.73
C ASP A 99 -12.88 -2.16 2.17
N CYS A 100 -13.87 -1.51 2.78
CA CYS A 100 -14.22 -1.82 4.15
C CYS A 100 -15.57 -2.51 4.20
N VAL A 101 -15.58 -3.74 4.69
CA VAL A 101 -16.81 -4.50 4.77
C VAL A 101 -17.15 -4.79 6.23
N PRO A 102 -18.41 -4.95 6.52
CA PRO A 102 -18.85 -5.25 7.91
C PRO A 102 -18.17 -6.52 8.43
N TYR A 103 -17.92 -6.57 9.73
CA TYR A 103 -17.25 -7.72 10.33
C TYR A 103 -18.19 -8.93 10.40
N LYS A 104 -19.45 -8.73 10.04
CA LYS A 104 -20.41 -9.82 10.07
C LYS A 104 -20.57 -10.44 8.68
N VAL A 105 -20.50 -11.77 8.60
CA VAL A 105 -20.65 -12.45 7.32
C VAL A 105 -22.13 -12.74 7.07
N GLU A 106 -22.57 -12.51 5.83
CA GLU A 106 -23.97 -12.75 5.51
C GLU A 106 -24.87 -12.19 6.60
N GLY A 1 -9.18 10.19 4.50
CA GLY A 1 -8.00 10.83 3.86
C GLY A 1 -8.27 10.99 2.37
N LEU A 2 -8.99 12.05 2.02
CA LEU A 2 -9.30 12.32 0.62
C LEU A 2 -10.15 11.19 0.03
N PRO A 3 -11.34 11.00 0.55
CA PRO A 3 -12.25 9.93 0.06
C PRO A 3 -12.80 10.25 -1.32
N PHE A 4 -12.66 9.29 -2.22
CA PHE A 4 -13.11 9.43 -3.59
C PHE A 4 -14.60 9.10 -3.71
N GLY A 5 -15.16 8.53 -2.65
CA GLY A 5 -16.57 8.15 -2.65
C GLY A 5 -16.75 6.78 -3.31
N LEU A 6 -15.63 6.12 -3.55
CA LEU A 6 -15.62 4.80 -4.17
C LEU A 6 -14.26 4.16 -3.98
N MET A 7 -14.20 3.08 -3.21
CA MET A 7 -12.93 2.40 -2.97
C MET A 7 -11.93 3.36 -2.35
N ARG A 8 -11.26 2.91 -1.30
CA ARG A 8 -10.26 3.72 -0.62
C ARG A 8 -8.85 3.34 -1.06
N ARG A 9 -7.91 4.27 -0.94
CA ARG A 9 -6.54 3.99 -1.32
C ARG A 9 -5.54 4.80 -0.52
N GLU A 10 -4.44 4.16 -0.16
CA GLU A 10 -3.36 4.83 0.56
C GLU A 10 -2.03 4.51 -0.08
N LEU A 11 -1.13 5.48 -0.07
CA LEU A 11 0.18 5.29 -0.66
C LEU A 11 1.23 5.92 0.25
N ALA A 12 2.37 5.26 0.42
CA ALA A 12 3.41 5.80 1.30
C ALA A 12 4.78 5.60 0.69
N CYS A 13 5.67 6.57 0.93
CA CYS A 13 7.03 6.51 0.40
C CYS A 13 7.85 5.43 1.08
N GLU A 14 8.60 4.70 0.27
CA GLU A 14 9.44 3.61 0.75
C GLU A 14 10.19 3.94 2.03
N GLY A 15 10.13 3.02 2.98
CA GLY A 15 10.85 3.17 4.24
C GLY A 15 10.02 3.81 5.35
N TYR A 16 8.80 4.26 5.06
CA TYR A 16 7.99 4.87 6.11
C TYR A 16 6.73 4.06 6.37
N PRO A 17 6.18 4.16 7.55
CA PRO A 17 4.96 3.41 7.94
C PRO A 17 3.69 3.92 7.25
N ILE A 18 2.82 2.99 6.90
CA ILE A 18 1.55 3.33 6.26
C ILE A 18 0.43 2.93 7.20
N GLU A 19 -0.69 3.64 7.17
CA GLU A 19 -1.79 3.32 8.07
C GLU A 19 -3.13 3.25 7.36
N LEU A 20 -3.82 2.13 7.53
CA LEU A 20 -5.13 1.93 6.92
C LEU A 20 -6.18 1.87 8.02
N ARG A 21 -7.36 2.41 7.76
CA ARG A 21 -8.41 2.38 8.77
C ARG A 21 -9.80 2.35 8.13
N CYS A 22 -10.63 1.43 8.61
CA CYS A 22 -11.99 1.31 8.10
C CYS A 22 -12.97 1.99 9.05
N PRO A 23 -13.95 2.66 8.52
CA PRO A 23 -14.96 3.41 9.34
C PRO A 23 -15.84 2.47 10.17
N GLY A 24 -16.53 3.05 11.16
CA GLY A 24 -17.42 2.30 12.01
C GLY A 24 -16.74 1.07 12.61
N SER A 25 -17.31 -0.09 12.33
CA SER A 25 -16.76 -1.35 12.82
C SER A 25 -16.46 -2.28 11.66
N ASP A 26 -16.21 -1.68 10.50
CA ASP A 26 -15.91 -2.44 9.29
C ASP A 26 -14.47 -2.93 9.33
N VAL A 27 -14.12 -3.81 8.41
CA VAL A 27 -12.77 -4.33 8.36
C VAL A 27 -12.17 -4.15 6.96
N ILE A 28 -10.87 -3.88 6.93
CA ILE A 28 -10.17 -3.66 5.68
C ILE A 28 -10.06 -4.93 4.85
N MET A 29 -10.25 -4.80 3.55
CA MET A 29 -10.12 -5.92 2.64
C MET A 29 -9.28 -5.50 1.45
N VAL A 30 -8.02 -5.92 1.47
CA VAL A 30 -7.08 -5.56 0.41
C VAL A 30 -7.48 -6.19 -0.91
N GLU A 31 -7.61 -5.34 -1.92
CA GLU A 31 -7.98 -5.80 -3.25
C GLU A 31 -6.73 -5.88 -4.13
N ASN A 32 -5.95 -4.81 -4.13
CA ASN A 32 -4.73 -4.76 -4.95
C ASN A 32 -3.69 -3.86 -4.29
N ALA A 33 -2.42 -4.19 -4.48
CA ALA A 33 -1.34 -3.40 -3.91
C ALA A 33 0.01 -3.77 -4.52
N ASN A 34 0.96 -2.84 -4.48
CA ASN A 34 2.28 -3.09 -5.06
C ASN A 34 3.36 -2.27 -4.36
N TYR A 35 4.58 -2.82 -4.37
CA TYR A 35 5.75 -2.14 -3.80
C TYR A 35 6.77 -2.00 -4.92
N GLY A 36 7.20 -0.78 -5.20
CA GLY A 36 8.12 -0.58 -6.31
C GLY A 36 7.99 0.85 -6.83
N ARG A 37 8.06 1.00 -8.15
CA ARG A 37 7.94 2.33 -8.75
C ARG A 37 7.36 2.22 -10.15
N THR A 38 6.17 2.77 -10.33
CA THR A 38 5.50 2.75 -11.62
C THR A 38 5.24 4.15 -12.09
N ASP A 39 5.75 5.10 -11.33
CA ASP A 39 5.58 6.51 -11.65
C ASP A 39 6.84 7.28 -11.27
N ASP A 40 6.75 8.59 -11.33
CA ASP A 40 7.89 9.42 -10.98
C ASP A 40 7.44 10.72 -10.33
N LYS A 41 6.12 10.90 -10.24
CA LYS A 41 5.57 12.09 -9.63
C LYS A 41 5.04 11.79 -8.24
N ILE A 42 5.33 10.61 -7.73
CA ILE A 42 4.87 10.24 -6.40
C ILE A 42 6.06 10.11 -5.46
N CYS A 43 5.91 10.65 -4.26
CA CYS A 43 6.99 10.59 -3.29
C CYS A 43 8.24 11.18 -3.93
N ASP A 44 8.22 12.49 -4.11
CA ASP A 44 9.33 13.22 -4.74
C ASP A 44 10.66 12.88 -4.07
N ALA A 45 11.57 12.32 -4.87
CA ALA A 45 12.91 11.95 -4.39
C ALA A 45 13.94 12.32 -5.45
N ASP A 46 15.15 11.78 -5.35
CA ASP A 46 16.16 12.09 -6.35
C ASP A 46 15.67 11.63 -7.72
N PRO A 47 15.85 12.42 -8.73
CA PRO A 47 15.39 12.07 -10.10
C PRO A 47 15.98 10.76 -10.59
N PHE A 48 17.22 10.50 -10.19
CA PHE A 48 17.90 9.28 -10.60
C PHE A 48 17.15 8.05 -10.08
N GLN A 49 16.58 8.18 -8.89
CA GLN A 49 15.82 7.09 -8.32
C GLN A 49 14.40 7.08 -8.87
N MET A 50 13.98 8.20 -9.44
CA MET A 50 12.63 8.28 -10.01
C MET A 50 12.63 8.08 -11.53
N GLU A 51 13.81 7.84 -12.12
CA GLU A 51 13.89 7.67 -13.57
C GLU A 51 13.14 6.42 -14.05
N ASN A 52 13.41 5.27 -13.45
CA ASN A 52 12.74 4.03 -13.88
C ASN A 52 11.33 3.94 -13.30
N VAL A 53 10.34 4.06 -14.17
CA VAL A 53 8.94 3.99 -13.74
C VAL A 53 8.32 2.65 -14.08
N GLN A 54 9.13 1.60 -14.03
CA GLN A 54 8.65 0.25 -14.32
C GLN A 54 9.24 -0.74 -13.34
N CYS A 55 8.61 -0.86 -12.17
CA CYS A 55 9.08 -1.81 -11.16
C CYS A 55 7.89 -2.33 -10.36
N TYR A 56 7.70 -3.65 -10.37
CA TYR A 56 6.57 -4.25 -9.66
C TYR A 56 7.01 -5.39 -8.76
N LEU A 57 6.20 -5.68 -7.74
CA LEU A 57 6.48 -6.78 -6.82
C LEU A 57 5.17 -7.44 -6.40
N PRO A 58 4.71 -8.39 -7.17
CA PRO A 58 3.43 -9.10 -6.90
C PRO A 58 3.27 -9.53 -5.44
N ASP A 59 4.30 -10.14 -4.86
CA ASP A 59 4.21 -10.60 -3.48
C ASP A 59 3.77 -9.50 -2.52
N ALA A 60 4.11 -8.26 -2.82
CA ALA A 60 3.72 -7.15 -1.95
C ALA A 60 2.22 -7.18 -1.68
N PHE A 61 1.45 -7.66 -2.65
CA PHE A 61 0.00 -7.76 -2.51
C PHE A 61 -0.38 -8.73 -1.40
N LYS A 62 0.34 -9.86 -1.34
CA LYS A 62 0.07 -10.88 -0.32
C LYS A 62 0.43 -10.37 1.07
N ILE A 63 1.54 -9.64 1.16
CA ILE A 63 2.00 -9.12 2.44
C ILE A 63 0.98 -8.19 3.08
N MET A 64 0.50 -7.24 2.30
CA MET A 64 -0.46 -6.27 2.81
C MET A 64 -1.81 -6.91 3.09
N SER A 65 -2.22 -7.82 2.22
CA SER A 65 -3.50 -8.47 2.40
C SER A 65 -3.53 -9.23 3.70
N GLN A 66 -2.46 -9.95 3.98
CA GLN A 66 -2.34 -10.70 5.22
C GLN A 66 -2.32 -9.77 6.44
N ARG A 67 -1.67 -8.64 6.26
CA ARG A 67 -1.54 -7.66 7.34
C ARG A 67 -2.79 -6.81 7.56
N CYS A 68 -3.55 -6.53 6.50
CA CYS A 68 -4.73 -5.67 6.65
C CYS A 68 -6.06 -6.42 6.47
N ASN A 69 -6.02 -7.64 5.94
CA ASN A 69 -7.26 -8.37 5.72
C ASN A 69 -7.99 -8.72 7.02
N ASN A 70 -9.28 -8.42 7.04
CA ASN A 70 -10.14 -8.72 8.20
C ASN A 70 -9.77 -7.88 9.42
N ARG A 71 -8.98 -6.82 9.23
CA ARG A 71 -8.60 -5.95 10.33
C ARG A 71 -9.21 -4.57 10.13
N THR A 72 -9.58 -3.93 11.24
CA THR A 72 -10.16 -2.60 11.16
C THR A 72 -9.08 -1.60 10.74
N GLN A 73 -7.85 -1.89 11.14
CA GLN A 73 -6.72 -1.03 10.81
C GLN A 73 -5.41 -1.84 10.75
N CYS A 74 -4.43 -1.30 10.03
CA CYS A 74 -3.14 -1.97 9.90
C CYS A 74 -2.01 -0.98 9.59
N VAL A 75 -0.87 -1.16 10.23
CA VAL A 75 0.28 -0.30 9.99
C VAL A 75 1.50 -1.12 9.55
N VAL A 76 2.12 -0.70 8.46
CA VAL A 76 3.28 -1.42 7.93
C VAL A 76 4.33 -0.47 7.35
N VAL A 77 5.60 -0.86 7.49
CA VAL A 77 6.68 -0.06 6.95
C VAL A 77 6.78 -0.32 5.45
N ALA A 78 6.60 0.73 4.67
CA ALA A 78 6.64 0.61 3.23
C ALA A 78 8.02 0.23 2.73
N GLY A 79 8.72 -0.64 3.44
CA GLY A 79 10.05 -1.05 3.01
C GLY A 79 10.69 -2.05 3.96
N SER A 80 12.00 -1.91 4.15
CA SER A 80 12.75 -2.80 5.04
C SER A 80 12.41 -4.27 4.76
N ASP A 81 12.54 -5.08 5.80
CA ASP A 81 12.28 -6.52 5.71
C ASP A 81 10.82 -6.82 5.39
N ALA A 82 9.97 -5.80 5.43
CA ALA A 82 8.56 -6.03 5.19
C ALA A 82 8.28 -6.20 3.70
N PHE A 83 9.23 -5.84 2.85
CA PHE A 83 9.04 -5.99 1.41
C PHE A 83 10.34 -6.40 0.73
N PRO A 84 10.34 -7.44 -0.07
CA PRO A 84 11.55 -7.91 -0.80
C PRO A 84 12.29 -6.75 -1.48
N ASP A 85 13.07 -7.06 -2.51
CA ASP A 85 13.82 -6.03 -3.22
C ASP A 85 13.76 -6.24 -4.72
N PRO A 86 12.80 -5.62 -5.37
CA PRO A 86 12.61 -5.73 -6.84
C PRO A 86 13.48 -4.76 -7.64
N CYS A 87 13.58 -3.52 -7.19
CA CYS A 87 14.38 -2.52 -7.90
C CYS A 87 15.25 -1.67 -6.95
N PRO A 88 16.31 -2.24 -6.44
CA PRO A 88 17.22 -1.51 -5.53
C PRO A 88 17.89 -0.34 -6.26
N GLY A 89 17.94 0.82 -5.61
CA GLY A 89 18.55 2.01 -6.21
C GLY A 89 17.48 2.98 -6.72
N THR A 90 16.20 2.58 -6.67
CA THR A 90 15.11 3.43 -7.11
C THR A 90 14.23 3.77 -5.90
N TYR A 91 13.63 4.97 -5.87
CA TYR A 91 12.78 5.32 -4.74
C TYR A 91 11.38 4.80 -5.01
N LYS A 92 11.11 3.63 -4.48
CA LYS A 92 9.84 2.97 -4.67
C LYS A 92 8.69 3.64 -3.91
N TYR A 93 7.69 2.83 -3.69
CA TYR A 93 6.52 3.22 -2.92
C TYR A 93 5.60 2.05 -2.74
N LEU A 94 4.57 2.24 -1.93
CA LEU A 94 3.61 1.20 -1.69
C LEU A 94 2.21 1.77 -1.87
N GLU A 95 1.45 1.17 -2.77
CA GLU A 95 0.10 1.62 -3.02
C GLU A 95 -0.86 0.50 -2.70
N VAL A 96 -1.89 0.78 -1.92
CA VAL A 96 -2.83 -0.26 -1.54
C VAL A 96 -4.28 0.18 -1.68
N GLN A 97 -5.05 -0.58 -2.45
CA GLN A 97 -6.46 -0.28 -2.66
C GLN A 97 -7.31 -1.32 -1.93
N TYR A 98 -8.29 -0.86 -1.16
CA TYR A 98 -9.14 -1.77 -0.39
C TYR A 98 -10.51 -1.17 -0.10
N ASP A 99 -11.38 -2.00 0.48
CA ASP A 99 -12.72 -1.56 0.84
C ASP A 99 -13.04 -1.97 2.27
N CYS A 100 -14.06 -1.35 2.84
CA CYS A 100 -14.44 -1.67 4.21
C CYS A 100 -15.80 -2.37 4.24
N VAL A 101 -15.81 -3.61 4.72
CA VAL A 101 -17.04 -4.39 4.80
C VAL A 101 -17.36 -4.78 6.24
N PRO A 102 -18.61 -5.04 6.55
CA PRO A 102 -19.03 -5.45 7.92
C PRO A 102 -18.25 -6.67 8.41
N TYR A 103 -18.05 -6.75 9.71
CA TYR A 103 -17.32 -7.88 10.28
C TYR A 103 -18.16 -9.16 10.25
N LYS A 104 -19.44 -9.03 9.93
CA LYS A 104 -20.32 -10.19 9.85
C LYS A 104 -20.53 -10.57 8.37
N VAL A 105 -20.37 -11.87 8.05
CA VAL A 105 -20.54 -12.33 6.67
C VAL A 105 -21.94 -12.92 6.44
N GLU A 106 -22.52 -12.60 5.29
CA GLU A 106 -23.84 -13.11 4.94
C GLU A 106 -24.89 -12.61 5.92
N GLY A 1 -13.01 14.32 7.14
CA GLY A 1 -14.22 14.92 6.51
C GLY A 1 -14.64 14.09 5.29
N LEU A 2 -15.00 12.83 5.53
CA LEU A 2 -15.43 11.97 4.43
C LEU A 2 -14.35 11.89 3.34
N PRO A 3 -13.59 10.83 3.30
CA PRO A 3 -12.52 10.65 2.26
C PRO A 3 -13.07 10.83 0.84
N PHE A 4 -12.74 9.90 -0.04
CA PHE A 4 -13.24 9.96 -1.40
C PHE A 4 -14.68 9.47 -1.43
N GLY A 5 -15.06 8.78 -0.36
CA GLY A 5 -16.41 8.26 -0.23
C GLY A 5 -16.60 7.03 -1.13
N LEU A 6 -15.49 6.49 -1.62
CA LEU A 6 -15.54 5.31 -2.47
C LEU A 6 -14.18 4.62 -2.51
N MET A 7 -14.14 3.39 -2.04
CA MET A 7 -12.88 2.63 -2.04
C MET A 7 -11.79 3.38 -1.27
N ARG A 8 -11.16 2.69 -0.34
CA ARG A 8 -10.09 3.29 0.46
C ARG A 8 -8.74 3.09 -0.23
N ARG A 9 -7.91 4.13 -0.23
CA ARG A 9 -6.59 4.04 -0.85
C ARG A 9 -5.54 4.84 -0.07
N GLU A 10 -4.42 4.19 0.16
CA GLU A 10 -3.31 4.83 0.87
C GLU A 10 -2.01 4.57 0.12
N LEU A 11 -1.13 5.54 0.14
CA LEU A 11 0.15 5.41 -0.55
C LEU A 11 1.24 6.11 0.24
N ALA A 12 2.38 5.43 0.43
CA ALA A 12 3.47 6.02 1.21
C ALA A 12 4.83 5.73 0.58
N CYS A 13 5.77 6.64 0.80
CA CYS A 13 7.12 6.50 0.26
C CYS A 13 7.83 5.32 0.93
N GLU A 14 8.46 4.48 0.10
CA GLU A 14 9.15 3.31 0.61
C GLU A 14 9.95 3.60 1.87
N GLY A 15 9.94 2.65 2.80
CA GLY A 15 10.71 2.78 4.04
C GLY A 15 9.92 3.47 5.15
N TYR A 16 8.72 3.96 4.87
CA TYR A 16 7.94 4.65 5.89
C TYR A 16 6.66 3.90 6.19
N PRO A 17 6.15 4.04 7.37
CA PRO A 17 4.88 3.40 7.79
C PRO A 17 3.65 3.95 7.06
N ILE A 18 2.78 3.03 6.67
CA ILE A 18 1.54 3.39 6.00
C ILE A 18 0.40 2.87 6.86
N GLU A 19 -0.65 3.65 7.02
CA GLU A 19 -1.76 3.21 7.86
C GLU A 19 -3.08 3.18 7.11
N LEU A 20 -3.78 2.06 7.25
CA LEU A 20 -5.07 1.87 6.63
C LEU A 20 -6.12 1.90 7.73
N ARG A 21 -7.30 2.43 7.45
CA ARG A 21 -8.33 2.49 8.47
C ARG A 21 -9.74 2.40 7.89
N CYS A 22 -10.55 1.54 8.47
CA CYS A 22 -11.93 1.38 8.01
C CYS A 22 -12.88 2.15 8.94
N PRO A 23 -13.95 2.67 8.39
CA PRO A 23 -14.96 3.42 9.19
C PRO A 23 -15.89 2.48 9.96
N GLY A 24 -16.53 3.00 11.01
CA GLY A 24 -17.47 2.21 11.82
C GLY A 24 -16.87 0.89 12.31
N SER A 25 -17.65 -0.17 12.23
CA SER A 25 -17.22 -1.49 12.67
C SER A 25 -16.84 -2.36 11.47
N ASP A 26 -16.49 -1.71 10.37
CA ASP A 26 -16.10 -2.43 9.17
C ASP A 26 -14.67 -2.94 9.29
N VAL A 27 -14.29 -3.84 8.40
CA VAL A 27 -12.93 -4.36 8.41
C VAL A 27 -12.31 -4.20 7.03
N ILE A 28 -11.02 -3.90 7.03
CA ILE A 28 -10.28 -3.69 5.80
C ILE A 28 -10.12 -4.97 5.00
N MET A 29 -10.28 -4.85 3.68
CA MET A 29 -10.12 -6.00 2.81
C MET A 29 -9.30 -5.60 1.59
N VAL A 30 -8.02 -5.96 1.64
CA VAL A 30 -7.08 -5.63 0.58
C VAL A 30 -7.50 -6.25 -0.75
N GLU A 31 -7.63 -5.38 -1.76
CA GLU A 31 -8.00 -5.83 -3.09
C GLU A 31 -6.78 -5.86 -3.98
N ASN A 32 -6.04 -4.76 -4.00
CA ASN A 32 -4.84 -4.68 -4.81
C ASN A 32 -3.80 -3.77 -4.14
N ALA A 33 -2.54 -4.14 -4.33
CA ALA A 33 -1.44 -3.37 -3.77
C ALA A 33 -0.14 -3.81 -4.39
N ASN A 34 0.83 -2.91 -4.38
CA ASN A 34 2.12 -3.22 -4.98
C ASN A 34 3.23 -2.40 -4.34
N TYR A 35 4.45 -2.94 -4.40
CA TYR A 35 5.62 -2.26 -3.86
C TYR A 35 6.61 -2.05 -5.01
N GLY A 36 6.99 -0.80 -5.29
CA GLY A 36 7.88 -0.55 -6.41
C GLY A 36 7.77 0.88 -6.89
N ARG A 37 7.81 1.06 -8.21
CA ARG A 37 7.71 2.39 -8.81
C ARG A 37 7.23 2.30 -10.25
N THR A 38 6.05 2.87 -10.49
CA THR A 38 5.48 2.87 -11.82
C THR A 38 5.18 4.31 -12.25
N ASP A 39 5.66 5.24 -11.44
CA ASP A 39 5.48 6.67 -11.71
C ASP A 39 6.69 7.43 -11.19
N ASP A 40 6.91 8.61 -11.74
CA ASP A 40 8.03 9.44 -11.32
C ASP A 40 7.54 10.71 -10.64
N LYS A 41 6.22 10.87 -10.54
CA LYS A 41 5.65 12.05 -9.91
C LYS A 41 5.16 11.75 -8.50
N ILE A 42 5.45 10.55 -8.01
CA ILE A 42 5.02 10.16 -6.67
C ILE A 42 6.23 10.04 -5.75
N CYS A 43 6.09 10.58 -4.55
CA CYS A 43 7.18 10.54 -3.57
C CYS A 43 8.41 11.25 -4.11
N ASP A 44 8.26 12.54 -4.39
CA ASP A 44 9.34 13.34 -4.94
C ASP A 44 10.68 13.02 -4.26
N ALA A 45 11.52 12.29 -4.98
CA ALA A 45 12.84 11.89 -4.48
C ALA A 45 13.90 12.37 -5.46
N ASP A 46 15.12 11.85 -5.36
CA ASP A 46 16.17 12.26 -6.28
C ASP A 46 15.80 11.82 -7.70
N PRO A 47 16.14 12.60 -8.68
CA PRO A 47 15.81 12.30 -10.10
C PRO A 47 16.31 10.93 -10.54
N PHE A 48 17.50 10.55 -10.07
CA PHE A 48 18.08 9.27 -10.42
C PHE A 48 17.22 8.12 -9.91
N GLN A 49 16.58 8.33 -8.77
CA GLN A 49 15.72 7.31 -8.20
C GLN A 49 14.33 7.41 -8.81
N MET A 50 14.10 8.51 -9.52
CA MET A 50 12.80 8.73 -10.16
C MET A 50 12.88 8.40 -11.65
N GLU A 51 14.08 8.06 -12.13
CA GLU A 51 14.27 7.76 -13.54
C GLU A 51 13.43 6.57 -13.99
N ASN A 52 13.61 5.43 -13.35
CA ASN A 52 12.89 4.21 -13.73
C ASN A 52 11.45 4.19 -13.21
N VAL A 53 10.50 4.16 -14.15
CA VAL A 53 9.08 4.14 -13.82
C VAL A 53 8.45 2.79 -14.13
N GLN A 54 9.25 1.73 -14.06
CA GLN A 54 8.73 0.40 -14.34
C GLN A 54 9.34 -0.63 -13.39
N CYS A 55 8.71 -0.79 -12.23
CA CYS A 55 9.16 -1.75 -11.22
C CYS A 55 7.94 -2.33 -10.52
N TYR A 56 7.75 -3.64 -10.59
CA TYR A 56 6.59 -4.26 -9.94
C TYR A 56 6.98 -5.42 -9.03
N LEU A 57 6.13 -5.72 -8.05
CA LEU A 57 6.36 -6.81 -7.14
C LEU A 57 5.03 -7.42 -6.68
N PRO A 58 4.55 -8.42 -7.37
CA PRO A 58 3.26 -9.08 -7.02
C PRO A 58 3.17 -9.48 -5.54
N ASP A 59 4.23 -10.10 -5.04
CA ASP A 59 4.26 -10.58 -3.65
C ASP A 59 3.84 -9.49 -2.66
N ALA A 60 4.12 -8.24 -2.98
CA ALA A 60 3.77 -7.15 -2.08
C ALA A 60 2.28 -7.24 -1.70
N PHE A 61 1.48 -7.73 -2.63
CA PHE A 61 0.04 -7.88 -2.41
C PHE A 61 -0.27 -8.89 -1.30
N LYS A 62 0.37 -10.05 -1.37
CA LYS A 62 0.12 -11.11 -0.40
C LYS A 62 0.54 -10.69 1.00
N ILE A 63 1.68 -10.02 1.09
CA ILE A 63 2.20 -9.58 2.38
C ILE A 63 1.23 -8.64 3.09
N MET A 64 0.74 -7.62 2.39
CA MET A 64 -0.18 -6.68 3.01
C MET A 64 -1.53 -7.33 3.30
N SER A 65 -1.93 -8.26 2.44
CA SER A 65 -3.21 -8.94 2.61
C SER A 65 -3.25 -9.66 3.96
N GLN A 66 -2.18 -10.38 4.24
CA GLN A 66 -2.06 -11.10 5.50
C GLN A 66 -1.99 -10.13 6.68
N ARG A 67 -1.28 -9.04 6.46
CA ARG A 67 -1.07 -8.04 7.50
C ARG A 67 -2.29 -7.17 7.81
N CYS A 68 -3.08 -6.81 6.80
CA CYS A 68 -4.21 -5.91 7.04
C CYS A 68 -5.60 -6.53 6.84
N ASN A 69 -5.72 -7.60 6.07
CA ASN A 69 -7.04 -8.19 5.82
C ASN A 69 -7.76 -8.53 7.11
N ASN A 70 -9.08 -8.27 7.11
CA ASN A 70 -9.94 -8.54 8.26
C ASN A 70 -9.65 -7.61 9.44
N ARG A 71 -8.89 -6.55 9.20
CA ARG A 71 -8.59 -5.59 10.27
C ARG A 71 -9.24 -4.24 10.01
N THR A 72 -9.68 -3.59 11.09
CA THR A 72 -10.30 -2.28 10.98
C THR A 72 -9.22 -1.26 10.62
N GLN A 73 -8.00 -1.56 11.05
CA GLN A 73 -6.86 -0.70 10.76
C GLN A 73 -5.61 -1.56 10.61
N CYS A 74 -4.63 -1.04 9.88
CA CYS A 74 -3.41 -1.79 9.63
C CYS A 74 -2.22 -0.85 9.49
N VAL A 75 -1.08 -1.29 9.99
CA VAL A 75 0.13 -0.49 9.91
C VAL A 75 1.29 -1.31 9.38
N VAL A 76 1.92 -0.82 8.32
CA VAL A 76 3.06 -1.53 7.73
C VAL A 76 4.13 -0.57 7.24
N VAL A 77 5.38 -1.00 7.38
CA VAL A 77 6.49 -0.17 6.92
C VAL A 77 6.64 -0.34 5.41
N ALA A 78 6.55 0.77 4.70
CA ALA A 78 6.66 0.74 3.26
C ALA A 78 8.06 0.34 2.82
N GLY A 79 8.75 -0.41 3.67
CA GLY A 79 10.10 -0.86 3.33
C GLY A 79 10.67 -1.73 4.43
N SER A 80 11.83 -2.32 4.16
CA SER A 80 12.50 -3.18 5.13
C SER A 80 12.17 -4.64 4.85
N ASP A 81 12.30 -5.47 5.87
CA ASP A 81 12.03 -6.90 5.74
C ASP A 81 10.57 -7.15 5.45
N ALA A 82 9.74 -6.11 5.57
CA ALA A 82 8.33 -6.28 5.32
C ALA A 82 8.07 -6.37 3.82
N PHE A 83 9.01 -5.86 3.02
CA PHE A 83 8.86 -5.92 1.57
C PHE A 83 10.19 -6.28 0.89
N PRO A 84 10.20 -7.31 0.08
CA PRO A 84 11.43 -7.75 -0.64
C PRO A 84 12.19 -6.58 -1.29
N ASP A 85 12.97 -6.88 -2.33
CA ASP A 85 13.73 -5.86 -3.03
C ASP A 85 13.66 -6.08 -4.54
N PRO A 86 12.71 -5.47 -5.19
CA PRO A 86 12.51 -5.63 -6.66
C PRO A 86 13.57 -4.88 -7.48
N CYS A 87 13.72 -3.58 -7.23
CA CYS A 87 14.68 -2.80 -7.99
C CYS A 87 15.48 -1.84 -7.08
N PRO A 88 16.59 -2.30 -6.55
CA PRO A 88 17.47 -1.46 -5.68
C PRO A 88 18.00 -0.24 -6.42
N GLY A 89 18.08 0.90 -5.72
CA GLY A 89 18.59 2.11 -6.34
C GLY A 89 17.48 3.04 -6.84
N THR A 90 16.23 2.70 -6.57
CA THR A 90 15.12 3.54 -7.00
C THR A 90 14.23 3.85 -5.79
N TYR A 91 13.63 5.05 -5.76
CA TYR A 91 12.77 5.40 -4.63
C TYR A 91 11.36 4.93 -4.91
N LYS A 92 11.05 3.77 -4.36
CA LYS A 92 9.76 3.14 -4.57
C LYS A 92 8.64 3.73 -3.72
N TYR A 93 7.61 2.91 -3.58
CA TYR A 93 6.46 3.24 -2.78
C TYR A 93 5.54 2.05 -2.66
N LEU A 94 4.51 2.23 -1.88
CA LEU A 94 3.54 1.19 -1.68
C LEU A 94 2.16 1.78 -1.84
N GLU A 95 1.39 1.20 -2.74
CA GLU A 95 0.04 1.69 -2.97
C GLU A 95 -0.94 0.60 -2.63
N VAL A 96 -1.95 0.92 -1.84
CA VAL A 96 -2.90 -0.11 -1.46
C VAL A 96 -4.35 0.35 -1.57
N GLN A 97 -5.11 -0.41 -2.36
CA GLN A 97 -6.51 -0.13 -2.57
C GLN A 97 -7.34 -1.23 -1.90
N TYR A 98 -8.29 -0.82 -1.08
CA TYR A 98 -9.12 -1.79 -0.36
C TYR A 98 -10.49 -1.24 -0.04
N ASP A 99 -11.37 -2.12 0.40
CA ASP A 99 -12.73 -1.72 0.75
C ASP A 99 -13.02 -2.02 2.21
N CYS A 100 -14.04 -1.36 2.76
CA CYS A 100 -14.41 -1.59 4.15
C CYS A 100 -15.78 -2.26 4.20
N VAL A 101 -15.86 -3.38 4.93
CA VAL A 101 -17.12 -4.11 5.02
C VAL A 101 -17.44 -4.49 6.46
N PRO A 102 -18.70 -4.70 6.77
CA PRO A 102 -19.12 -5.10 8.14
C PRO A 102 -18.42 -6.37 8.61
N TYR A 103 -18.18 -6.47 9.91
CA TYR A 103 -17.53 -7.64 10.49
C TYR A 103 -18.49 -8.83 10.48
N LYS A 104 -18.55 -9.57 11.58
CA LYS A 104 -19.46 -10.71 11.68
C LYS A 104 -20.76 -10.24 12.31
N VAL A 105 -20.71 -9.95 13.61
CA VAL A 105 -21.88 -9.48 14.31
C VAL A 105 -21.93 -7.96 14.26
N GLU A 106 -23.07 -7.42 13.85
CA GLU A 106 -23.21 -5.97 13.75
C GLU A 106 -22.12 -5.39 12.84
N GLY A 1 -20.60 -0.38 3.75
CA GLY A 1 -20.16 -1.78 3.56
C GLY A 1 -19.67 -1.97 2.14
N LEU A 2 -20.56 -1.77 1.17
CA LEU A 2 -20.20 -1.91 -0.23
C LEU A 2 -19.36 -0.71 -0.66
N PRO A 3 -18.60 -0.86 -1.72
CA PRO A 3 -17.75 0.23 -2.23
C PRO A 3 -18.56 1.48 -2.51
N PHE A 4 -18.04 2.63 -2.11
CA PHE A 4 -18.74 3.88 -2.33
C PHE A 4 -18.64 4.26 -3.80
N GLY A 5 -18.20 3.29 -4.60
CA GLY A 5 -18.03 3.51 -6.04
C GLY A 5 -16.80 4.36 -6.27
N LEU A 6 -15.79 4.13 -5.44
CA LEU A 6 -14.55 4.87 -5.52
C LEU A 6 -13.42 4.07 -4.87
N MET A 7 -13.78 3.26 -3.87
CA MET A 7 -12.80 2.43 -3.18
C MET A 7 -11.79 3.31 -2.46
N ARG A 8 -11.18 2.77 -1.43
CA ARG A 8 -10.18 3.51 -0.68
C ARG A 8 -8.79 3.22 -1.21
N ARG A 9 -7.90 4.20 -1.11
CA ARG A 9 -6.55 4.01 -1.60
C ARG A 9 -5.57 4.84 -0.78
N GLU A 10 -4.49 4.19 -0.38
CA GLU A 10 -3.45 4.84 0.39
C GLU A 10 -2.09 4.58 -0.25
N LEU A 11 -1.20 5.54 -0.15
CA LEU A 11 0.12 5.40 -0.73
C LEU A 11 1.17 6.03 0.18
N ALA A 12 2.32 5.37 0.33
CA ALA A 12 3.37 5.91 1.21
C ALA A 12 4.75 5.71 0.63
N CYS A 13 5.63 6.68 0.90
CA CYS A 13 7.00 6.63 0.43
C CYS A 13 7.76 5.51 1.12
N GLU A 14 8.43 4.69 0.32
CA GLU A 14 9.18 3.56 0.87
C GLU A 14 10.01 3.98 2.09
N GLY A 15 10.08 3.06 3.06
CA GLY A 15 10.88 3.28 4.26
C GLY A 15 10.08 3.89 5.41
N TYR A 16 8.88 4.39 5.15
CA TYR A 16 8.07 4.99 6.21
C TYR A 16 6.80 4.18 6.43
N PRO A 17 6.29 4.17 7.63
CA PRO A 17 5.06 3.42 7.98
C PRO A 17 3.81 3.99 7.32
N ILE A 18 2.92 3.09 6.94
CA ILE A 18 1.65 3.46 6.33
C ILE A 18 0.52 3.04 7.25
N GLU A 19 -0.58 3.77 7.22
CA GLU A 19 -1.69 3.44 8.11
C GLU A 19 -3.01 3.34 7.37
N LEU A 20 -3.71 2.23 7.60
CA LEU A 20 -5.01 2.00 7.00
C LEU A 20 -6.06 1.94 8.10
N ARG A 21 -7.25 2.47 7.82
CA ARG A 21 -8.30 2.44 8.83
C ARG A 21 -9.68 2.37 8.19
N CYS A 22 -10.49 1.43 8.63
CA CYS A 22 -11.84 1.29 8.10
C CYS A 22 -12.82 1.99 9.04
N PRO A 23 -13.85 2.57 8.49
CA PRO A 23 -14.87 3.31 9.29
C PRO A 23 -15.72 2.41 10.16
N GLY A 24 -16.32 2.97 11.19
CA GLY A 24 -17.20 2.23 12.09
C GLY A 24 -16.55 0.93 12.57
N SER A 25 -17.31 -0.15 12.45
CA SER A 25 -16.85 -1.47 12.88
C SER A 25 -16.53 -2.36 11.67
N ASP A 26 -16.27 -1.74 10.53
CA ASP A 26 -15.94 -2.49 9.33
C ASP A 26 -14.49 -2.97 9.38
N VAL A 27 -14.13 -3.84 8.46
CA VAL A 27 -12.77 -4.35 8.41
C VAL A 27 -12.19 -4.19 7.01
N ILE A 28 -10.89 -3.97 6.95
CA ILE A 28 -10.19 -3.78 5.69
C ILE A 28 -10.14 -5.06 4.88
N MET A 29 -10.39 -4.93 3.59
CA MET A 29 -10.30 -6.07 2.69
C MET A 29 -9.46 -5.66 1.49
N VAL A 30 -8.21 -6.06 1.54
CA VAL A 30 -7.27 -5.71 0.49
C VAL A 30 -7.66 -6.32 -0.85
N GLU A 31 -7.77 -5.48 -1.86
CA GLU A 31 -8.13 -5.92 -3.20
C GLU A 31 -6.88 -6.00 -4.07
N ASN A 32 -6.11 -4.91 -4.08
CA ASN A 32 -4.89 -4.88 -4.88
C ASN A 32 -3.87 -3.96 -4.23
N ALA A 33 -2.60 -4.29 -4.42
CA ALA A 33 -1.52 -3.50 -3.84
C ALA A 33 -0.20 -3.87 -4.51
N ASN A 34 0.73 -2.93 -4.54
CA ASN A 34 2.02 -3.18 -5.16
C ASN A 34 3.13 -2.35 -4.50
N TYR A 35 4.33 -2.90 -4.51
CA TYR A 35 5.49 -2.24 -3.94
C TYR A 35 6.51 -2.03 -5.05
N GLY A 36 6.92 -0.78 -5.29
CA GLY A 36 7.85 -0.52 -6.37
C GLY A 36 7.74 0.93 -6.83
N ARG A 37 7.83 1.11 -8.14
CA ARG A 37 7.74 2.44 -8.72
C ARG A 37 7.23 2.36 -10.16
N THR A 38 6.05 2.94 -10.37
CA THR A 38 5.45 2.95 -11.70
C THR A 38 5.22 4.39 -12.14
N ASP A 39 5.73 5.31 -11.33
CA ASP A 39 5.57 6.73 -11.61
C ASP A 39 6.77 7.49 -11.04
N ASP A 40 7.04 8.68 -11.60
CA ASP A 40 8.15 9.49 -11.13
C ASP A 40 7.63 10.78 -10.48
N LYS A 41 6.30 10.89 -10.38
CA LYS A 41 5.69 12.07 -9.79
C LYS A 41 5.17 11.82 -8.38
N ILE A 42 5.48 10.64 -7.83
CA ILE A 42 5.02 10.28 -6.50
C ILE A 42 6.20 10.16 -5.54
N CYS A 43 6.02 10.69 -4.33
CA CYS A 43 7.09 10.64 -3.34
C CYS A 43 8.34 11.27 -3.95
N ASP A 44 8.29 12.58 -4.15
CA ASP A 44 9.40 13.29 -4.76
C ASP A 44 10.74 12.90 -4.13
N ALA A 45 11.61 12.37 -4.96
CA ALA A 45 12.95 11.97 -4.55
C ALA A 45 13.96 12.40 -5.60
N ASP A 46 15.16 11.86 -5.54
CA ASP A 46 16.18 12.23 -6.52
C ASP A 46 15.82 11.72 -7.92
N PRO A 47 16.12 12.48 -8.93
CA PRO A 47 15.83 12.10 -10.34
C PRO A 47 16.35 10.70 -10.67
N PHE A 48 17.51 10.36 -10.11
CA PHE A 48 18.12 9.06 -10.37
C PHE A 48 17.29 7.91 -9.82
N GLN A 49 16.74 8.07 -8.62
CA GLN A 49 15.93 7.00 -8.04
C GLN A 49 14.49 7.15 -8.52
N MET A 50 14.24 8.21 -9.30
CA MET A 50 12.90 8.47 -9.83
C MET A 50 12.85 8.25 -11.35
N GLU A 51 14.00 7.99 -11.97
CA GLU A 51 14.02 7.80 -13.42
C GLU A 51 13.26 6.56 -13.85
N ASN A 52 13.47 5.44 -13.16
CA ASN A 52 12.81 4.20 -13.54
C ASN A 52 11.35 4.19 -13.10
N VAL A 53 10.44 4.14 -14.07
CA VAL A 53 9.01 4.10 -13.76
C VAL A 53 8.42 2.72 -14.07
N GLN A 54 9.23 1.69 -13.93
CA GLN A 54 8.79 0.33 -14.18
C GLN A 54 9.39 -0.63 -13.17
N CYS A 55 8.73 -0.77 -12.03
CA CYS A 55 9.19 -1.69 -10.98
C CYS A 55 7.97 -2.27 -10.29
N TYR A 56 7.82 -3.60 -10.32
CA TYR A 56 6.66 -4.22 -9.70
C TYR A 56 7.05 -5.41 -8.82
N LEU A 57 6.19 -5.70 -7.84
CA LEU A 57 6.42 -6.82 -6.94
C LEU A 57 5.07 -7.47 -6.60
N PRO A 58 4.65 -8.41 -7.41
CA PRO A 58 3.33 -9.11 -7.23
C PRO A 58 3.07 -9.56 -5.80
N ASP A 59 4.06 -10.22 -5.21
CA ASP A 59 3.93 -10.73 -3.86
C ASP A 59 3.61 -9.63 -2.85
N ALA A 60 3.91 -8.39 -3.21
CA ALA A 60 3.65 -7.28 -2.31
C ALA A 60 2.20 -7.28 -1.85
N PHE A 61 1.30 -7.67 -2.76
CA PHE A 61 -0.12 -7.72 -2.46
C PHE A 61 -0.44 -8.76 -1.38
N LYS A 62 0.22 -9.91 -1.43
CA LYS A 62 -0.05 -10.97 -0.47
C LYS A 62 0.35 -10.51 0.94
N ILE A 63 1.47 -9.82 1.04
CA ILE A 63 1.95 -9.31 2.33
C ILE A 63 0.94 -8.37 2.98
N MET A 64 0.46 -7.41 2.20
CA MET A 64 -0.48 -6.42 2.72
C MET A 64 -1.83 -7.06 3.04
N SER A 65 -2.26 -7.97 2.19
CA SER A 65 -3.54 -8.62 2.39
C SER A 65 -3.56 -9.37 3.71
N GLN A 66 -2.49 -10.09 4.01
CA GLN A 66 -2.39 -10.83 5.27
C GLN A 66 -2.35 -9.91 6.48
N ARG A 67 -1.66 -8.79 6.32
CA ARG A 67 -1.49 -7.82 7.40
C ARG A 67 -2.73 -6.97 7.68
N CYS A 68 -3.51 -6.66 6.64
CA CYS A 68 -4.68 -5.80 6.85
C CYS A 68 -6.03 -6.50 6.63
N ASN A 69 -6.04 -7.66 5.98
CA ASN A 69 -7.31 -8.35 5.73
C ASN A 69 -8.04 -8.68 7.03
N ASN A 70 -9.36 -8.45 7.02
CA ASN A 70 -10.21 -8.76 8.16
C ASN A 70 -9.89 -7.88 9.38
N ARG A 71 -9.15 -6.81 9.18
CA ARG A 71 -8.82 -5.94 10.31
C ARG A 71 -9.34 -4.53 10.10
N THR A 72 -9.67 -3.87 11.21
CA THR A 72 -10.19 -2.52 11.17
C THR A 72 -9.08 -1.54 10.79
N GLN A 73 -7.86 -1.85 11.20
CA GLN A 73 -6.72 -0.98 10.89
C GLN A 73 -5.41 -1.77 10.88
N CYS A 74 -4.42 -1.25 10.18
CA CYS A 74 -3.12 -1.91 10.10
C CYS A 74 -2.01 -0.90 9.80
N VAL A 75 -0.80 -1.21 10.29
CA VAL A 75 0.35 -0.34 10.07
C VAL A 75 1.54 -1.17 9.56
N VAL A 76 2.15 -0.74 8.47
CA VAL A 76 3.28 -1.48 7.90
C VAL A 76 4.34 -0.54 7.31
N VAL A 77 5.60 -0.94 7.48
CA VAL A 77 6.68 -0.14 6.91
C VAL A 77 6.77 -0.45 5.43
N ALA A 78 6.56 0.57 4.62
CA ALA A 78 6.58 0.39 3.18
C ALA A 78 8.00 0.18 2.66
N GLY A 79 8.77 -0.66 3.35
CA GLY A 79 10.14 -0.93 2.91
C GLY A 79 10.84 -1.89 3.85
N SER A 80 12.01 -1.50 4.31
CA SER A 80 12.79 -2.34 5.22
C SER A 80 12.52 -3.82 4.96
N ASP A 81 12.71 -4.64 5.99
CA ASP A 81 12.51 -6.07 5.89
C ASP A 81 11.05 -6.42 5.62
N ALA A 82 10.17 -5.43 5.70
CA ALA A 82 8.77 -5.69 5.47
C ALA A 82 8.47 -5.81 3.99
N PHE A 83 9.42 -5.42 3.14
CA PHE A 83 9.22 -5.54 1.69
C PHE A 83 10.51 -6.01 1.01
N PRO A 84 10.43 -7.06 0.23
CA PRO A 84 11.61 -7.60 -0.51
C PRO A 84 12.32 -6.50 -1.30
N ASP A 85 13.05 -6.89 -2.35
CA ASP A 85 13.77 -5.92 -3.18
C ASP A 85 13.60 -6.25 -4.66
N PRO A 86 12.57 -5.71 -5.28
CA PRO A 86 12.28 -5.96 -6.72
C PRO A 86 13.17 -5.13 -7.65
N CYS A 87 13.64 -3.98 -7.17
CA CYS A 87 14.49 -3.12 -7.98
C CYS A 87 15.31 -2.18 -7.08
N PRO A 88 16.54 -2.54 -6.79
CA PRO A 88 17.42 -1.72 -5.90
C PRO A 88 17.97 -0.47 -6.59
N GLY A 89 18.01 0.64 -5.86
CA GLY A 89 18.53 1.89 -6.40
C GLY A 89 17.43 2.83 -6.89
N THR A 90 16.17 2.43 -6.77
CA THR A 90 15.04 3.26 -7.18
C THR A 90 14.19 3.56 -5.96
N TYR A 91 13.60 4.74 -5.91
CA TYR A 91 12.76 5.08 -4.77
C TYR A 91 11.34 4.63 -5.04
N LYS A 92 11.03 3.48 -4.49
CA LYS A 92 9.73 2.86 -4.68
C LYS A 92 8.59 3.57 -3.93
N TYR A 93 7.56 2.78 -3.70
CA TYR A 93 6.39 3.20 -2.94
C TYR A 93 5.46 2.03 -2.75
N LEU A 94 4.44 2.23 -1.96
CA LEU A 94 3.48 1.19 -1.72
C LEU A 94 2.08 1.75 -1.92
N GLU A 95 1.33 1.14 -2.83
CA GLU A 95 -0.01 1.58 -3.09
C GLU A 95 -0.97 0.45 -2.75
N VAL A 96 -1.98 0.76 -1.95
CA VAL A 96 -2.92 -0.27 -1.55
C VAL A 96 -4.35 0.21 -1.67
N GLN A 97 -5.13 -0.54 -2.45
CA GLN A 97 -6.53 -0.22 -2.65
C GLN A 97 -7.38 -1.29 -1.97
N TYR A 98 -8.34 -0.86 -1.17
CA TYR A 98 -9.18 -1.81 -0.44
C TYR A 98 -10.53 -1.22 -0.07
N ASP A 99 -11.40 -2.07 0.47
CA ASP A 99 -12.72 -1.63 0.89
C ASP A 99 -12.98 -2.03 2.34
N CYS A 100 -13.99 -1.40 2.93
CA CYS A 100 -14.35 -1.67 4.32
C CYS A 100 -15.73 -2.32 4.40
N VAL A 101 -15.78 -3.61 4.73
CA VAL A 101 -17.07 -4.30 4.82
C VAL A 101 -17.36 -4.70 6.27
N PRO A 102 -18.58 -5.11 6.57
CA PRO A 102 -18.96 -5.51 7.95
C PRO A 102 -18.19 -6.72 8.44
N TYR A 103 -17.90 -6.74 9.72
CA TYR A 103 -17.19 -7.85 10.31
C TYR A 103 -18.13 -9.04 10.46
N LYS A 104 -19.35 -8.86 9.96
CA LYS A 104 -20.35 -9.91 10.02
C LYS A 104 -20.26 -10.75 8.75
N VAL A 105 -20.02 -12.05 8.91
CA VAL A 105 -19.88 -12.94 7.76
C VAL A 105 -21.22 -13.51 7.33
N GLU A 106 -21.41 -13.60 6.01
CA GLU A 106 -22.64 -14.11 5.44
C GLU A 106 -23.81 -13.17 5.69
N GLY A 1 -23.19 -1.17 3.86
CA GLY A 1 -22.47 -2.46 3.91
C GLY A 1 -21.87 -2.78 2.56
N LEU A 2 -22.10 -1.89 1.59
CA LEU A 2 -21.59 -2.07 0.24
C LEU A 2 -20.62 -0.95 -0.12
N PRO A 3 -19.87 -1.12 -1.18
CA PRO A 3 -18.87 -0.10 -1.62
C PRO A 3 -19.46 1.29 -1.83
N PHE A 4 -18.73 2.32 -1.42
CA PHE A 4 -19.19 3.69 -1.57
C PHE A 4 -18.96 4.15 -3.01
N GLY A 5 -18.43 3.23 -3.82
CA GLY A 5 -18.17 3.53 -5.23
C GLY A 5 -16.97 4.45 -5.40
N LEU A 6 -15.91 4.19 -4.64
CA LEU A 6 -14.72 5.03 -4.74
C LEU A 6 -13.48 4.27 -4.23
N MET A 7 -13.71 3.21 -3.46
CA MET A 7 -12.61 2.42 -2.93
C MET A 7 -11.63 3.30 -2.16
N ARG A 8 -11.07 2.75 -1.08
CA ARG A 8 -10.09 3.47 -0.29
C ARG A 8 -8.70 3.17 -0.82
N ARG A 9 -7.81 4.15 -0.75
CA ARG A 9 -6.45 3.94 -1.24
C ARG A 9 -5.44 4.74 -0.42
N GLU A 10 -4.34 4.08 -0.10
CA GLU A 10 -3.27 4.70 0.64
C GLU A 10 -1.97 4.48 -0.08
N LEU A 11 -1.12 5.48 -0.06
CA LEU A 11 0.16 5.40 -0.73
C LEU A 11 1.23 6.04 0.14
N ALA A 12 2.38 5.38 0.27
CA ALA A 12 3.45 5.93 1.09
C ALA A 12 4.83 5.64 0.49
N CYS A 13 5.76 6.56 0.72
CA CYS A 13 7.10 6.44 0.19
C CYS A 13 7.89 5.32 0.88
N GLU A 14 8.57 4.52 0.07
CA GLU A 14 9.34 3.39 0.59
C GLU A 14 10.12 3.74 1.86
N GLY A 15 10.10 2.82 2.82
CA GLY A 15 10.83 2.98 4.07
C GLY A 15 10.02 3.65 5.17
N TYR A 16 8.79 4.10 4.88
CA TYR A 16 7.99 4.75 5.91
C TYR A 16 6.73 3.94 6.16
N PRO A 17 6.20 4.00 7.34
CA PRO A 17 4.97 3.26 7.73
C PRO A 17 3.70 3.84 7.12
N ILE A 18 2.80 2.94 6.72
CA ILE A 18 1.53 3.35 6.13
C ILE A 18 0.40 2.85 7.03
N GLU A 19 -0.68 3.61 7.09
CA GLU A 19 -1.78 3.22 7.96
C GLU A 19 -3.12 3.17 7.21
N LEU A 20 -3.81 2.05 7.38
CA LEU A 20 -5.10 1.86 6.76
C LEU A 20 -6.14 1.76 7.87
N ARG A 21 -7.32 2.32 7.65
CA ARG A 21 -8.36 2.26 8.66
C ARG A 21 -9.74 2.22 8.04
N CYS A 22 -10.58 1.34 8.57
CA CYS A 22 -11.95 1.22 8.09
C CYS A 22 -12.90 1.92 9.05
N PRO A 23 -13.88 2.61 8.54
CA PRO A 23 -14.86 3.35 9.36
C PRO A 23 -15.78 2.40 10.14
N GLY A 24 -16.39 2.91 11.20
CA GLY A 24 -17.33 2.11 11.99
C GLY A 24 -16.70 0.78 12.43
N SER A 25 -17.51 -0.27 12.34
CA SER A 25 -17.06 -1.61 12.73
C SER A 25 -16.70 -2.43 11.49
N ASP A 26 -16.34 -1.76 10.42
CA ASP A 26 -15.97 -2.46 9.20
C ASP A 26 -14.54 -2.96 9.30
N VAL A 27 -14.18 -3.88 8.42
CA VAL A 27 -12.85 -4.45 8.41
C VAL A 27 -12.23 -4.27 7.04
N ILE A 28 -10.93 -3.95 7.01
CA ILE A 28 -10.23 -3.73 5.76
C ILE A 28 -10.12 -5.01 4.95
N MET A 29 -10.32 -4.89 3.63
CA MET A 29 -10.19 -6.04 2.73
C MET A 29 -9.38 -5.63 1.53
N VAL A 30 -8.10 -5.97 1.58
CA VAL A 30 -7.17 -5.64 0.51
C VAL A 30 -7.56 -6.35 -0.79
N GLU A 31 -7.71 -5.56 -1.86
CA GLU A 31 -8.05 -6.12 -3.16
C GLU A 31 -6.82 -6.13 -4.04
N ASN A 32 -6.09 -5.02 -4.03
CA ASN A 32 -4.89 -4.91 -4.84
C ASN A 32 -3.87 -3.96 -4.19
N ALA A 33 -2.59 -4.26 -4.40
CA ALA A 33 -1.51 -3.44 -3.84
C ALA A 33 -0.18 -3.84 -4.46
N ASN A 34 0.76 -2.90 -4.53
CA ASN A 34 2.07 -3.20 -5.13
C ASN A 34 3.18 -2.36 -4.48
N TYR A 35 4.39 -2.93 -4.48
CA TYR A 35 5.56 -2.27 -3.95
C TYR A 35 6.57 -2.09 -5.09
N GLY A 36 6.98 -0.86 -5.36
CA GLY A 36 7.90 -0.63 -6.46
C GLY A 36 7.80 0.80 -6.95
N ARG A 37 7.83 0.96 -8.28
CA ARG A 37 7.74 2.28 -8.88
C ARG A 37 7.27 2.20 -10.31
N THR A 38 6.12 2.81 -10.55
CA THR A 38 5.54 2.82 -11.88
C THR A 38 5.32 4.25 -12.33
N ASP A 39 5.87 5.18 -11.57
CA ASP A 39 5.71 6.58 -11.89
C ASP A 39 6.95 7.37 -11.45
N ASP A 40 6.86 8.69 -11.53
CA ASP A 40 7.99 9.55 -11.15
C ASP A 40 7.50 10.84 -10.53
N LYS A 41 6.17 10.98 -10.45
CA LYS A 41 5.57 12.17 -9.87
C LYS A 41 5.04 11.91 -8.48
N ILE A 42 5.33 10.73 -7.93
CA ILE A 42 4.86 10.39 -6.59
C ILE A 42 6.06 10.15 -5.67
N CYS A 43 5.95 10.63 -4.44
CA CYS A 43 7.05 10.48 -3.50
C CYS A 43 8.30 11.14 -4.05
N ASP A 44 8.19 12.44 -4.31
CA ASP A 44 9.29 13.22 -4.87
C ASP A 44 10.62 12.92 -4.19
N ALA A 45 11.57 12.46 -4.98
CA ALA A 45 12.91 12.15 -4.49
C ALA A 45 13.93 12.58 -5.55
N ASP A 46 15.19 12.19 -5.37
CA ASP A 46 16.20 12.55 -6.35
C ASP A 46 15.82 11.93 -7.68
N PRO A 47 15.96 12.66 -8.77
CA PRO A 47 15.60 12.17 -10.12
C PRO A 47 16.18 10.80 -10.44
N PHE A 48 17.37 10.50 -9.93
CA PHE A 48 18.00 9.21 -10.18
C PHE A 48 17.18 8.08 -9.58
N GLN A 49 16.59 8.35 -8.43
CA GLN A 49 15.80 7.33 -7.77
C GLN A 49 14.35 7.42 -8.23
N MET A 50 14.09 8.23 -9.26
CA MET A 50 12.75 8.37 -9.82
C MET A 50 12.80 8.09 -11.32
N GLU A 51 14.00 7.82 -11.84
CA GLU A 51 14.18 7.57 -13.26
C GLU A 51 13.39 6.34 -13.74
N ASN A 52 13.59 5.20 -13.09
CA ASN A 52 12.90 3.99 -13.51
C ASN A 52 11.44 3.99 -13.06
N VAL A 53 10.54 3.97 -14.04
CA VAL A 53 9.11 3.96 -13.76
C VAL A 53 8.51 2.61 -14.11
N GLN A 54 9.33 1.57 -14.03
CA GLN A 54 8.86 0.23 -14.34
C GLN A 54 9.43 -0.75 -13.34
N CYS A 55 8.75 -0.91 -12.20
CA CYS A 55 9.17 -1.82 -11.16
C CYS A 55 7.94 -2.39 -10.46
N TYR A 56 7.75 -3.71 -10.53
CA TYR A 56 6.60 -4.32 -9.89
C TYR A 56 6.99 -5.49 -9.01
N LEU A 57 6.15 -5.78 -8.02
CA LEU A 57 6.39 -6.88 -7.10
C LEU A 57 5.04 -7.47 -6.68
N PRO A 58 4.56 -8.44 -7.39
CA PRO A 58 3.24 -9.08 -7.09
C PRO A 58 3.06 -9.47 -5.62
N ASP A 59 4.09 -10.06 -5.03
CA ASP A 59 4.02 -10.50 -3.64
C ASP A 59 3.64 -9.36 -2.70
N ALA A 60 3.95 -8.13 -3.05
CA ALA A 60 3.62 -7.02 -2.18
C ALA A 60 2.15 -7.07 -1.77
N PHE A 61 1.31 -7.55 -2.68
CA PHE A 61 -0.10 -7.67 -2.40
C PHE A 61 -0.39 -8.69 -1.31
N LYS A 62 0.29 -9.83 -1.35
CA LYS A 62 0.06 -10.87 -0.36
C LYS A 62 0.45 -10.38 1.03
N ILE A 63 1.58 -9.68 1.13
CA ILE A 63 2.03 -9.18 2.42
C ILE A 63 0.99 -8.23 3.04
N MET A 64 0.52 -7.27 2.26
CA MET A 64 -0.46 -6.32 2.77
C MET A 64 -1.79 -7.01 3.04
N SER A 65 -2.13 -7.97 2.19
CA SER A 65 -3.37 -8.70 2.36
C SER A 65 -3.43 -9.40 3.72
N GLN A 66 -2.34 -10.06 4.08
CA GLN A 66 -2.26 -10.77 5.36
C GLN A 66 -2.30 -9.79 6.53
N ARG A 67 -1.70 -8.64 6.33
CA ARG A 67 -1.60 -7.62 7.38
C ARG A 67 -2.85 -6.76 7.61
N CYS A 68 -3.63 -6.47 6.57
CA CYS A 68 -4.80 -5.60 6.75
C CYS A 68 -6.15 -6.32 6.58
N ASN A 69 -6.15 -7.49 5.98
CA ASN A 69 -7.40 -8.22 5.75
C ASN A 69 -8.13 -8.55 7.07
N ASN A 70 -9.45 -8.29 7.07
CA ASN A 70 -10.30 -8.56 8.25
C ASN A 70 -9.93 -7.68 9.44
N ARG A 71 -9.13 -6.65 9.23
CA ARG A 71 -8.74 -5.77 10.34
C ARG A 71 -9.32 -4.37 10.16
N THR A 72 -9.67 -3.75 11.27
CA THR A 72 -10.22 -2.40 11.24
C THR A 72 -9.12 -1.41 10.86
N GLN A 73 -7.89 -1.75 11.24
CA GLN A 73 -6.75 -0.90 10.93
C GLN A 73 -5.45 -1.72 10.85
N CYS A 74 -4.45 -1.17 10.16
CA CYS A 74 -3.17 -1.86 10.03
C CYS A 74 -2.03 -0.88 9.74
N VAL A 75 -0.86 -1.16 10.31
CA VAL A 75 0.31 -0.33 10.10
C VAL A 75 1.44 -1.19 9.51
N VAL A 76 2.01 -0.76 8.40
CA VAL A 76 3.08 -1.52 7.77
C VAL A 76 4.16 -0.62 7.18
N VAL A 77 5.41 -1.09 7.23
CA VAL A 77 6.52 -0.31 6.70
C VAL A 77 6.68 -0.53 5.21
N ALA A 78 6.57 0.55 4.46
CA ALA A 78 6.70 0.48 3.02
C ALA A 78 8.14 0.17 2.63
N GLY A 79 8.86 -0.54 3.50
CA GLY A 79 10.25 -0.88 3.21
C GLY A 79 10.87 -1.69 4.34
N SER A 80 12.13 -2.07 4.16
CA SER A 80 12.83 -2.85 5.18
C SER A 80 12.61 -4.34 4.94
N ASP A 81 12.80 -5.14 5.98
CA ASP A 81 12.61 -6.58 5.90
C ASP A 81 11.16 -6.92 5.60
N ALA A 82 10.30 -5.92 5.67
CA ALA A 82 8.87 -6.13 5.45
C ALA A 82 8.54 -6.21 3.95
N PHE A 83 9.46 -5.79 3.10
CA PHE A 83 9.21 -5.84 1.66
C PHE A 83 10.48 -6.25 0.90
N PRO A 84 10.37 -7.21 0.01
CA PRO A 84 11.53 -7.70 -0.80
C PRO A 84 12.31 -6.58 -1.46
N ASP A 85 13.11 -6.94 -2.47
CA ASP A 85 13.91 -5.96 -3.19
C ASP A 85 13.87 -6.25 -4.69
N PRO A 86 12.95 -5.64 -5.39
CA PRO A 86 12.77 -5.82 -6.86
C PRO A 86 13.65 -4.89 -7.70
N CYS A 87 13.71 -3.62 -7.32
CA CYS A 87 14.54 -2.65 -8.07
C CYS A 87 15.34 -1.78 -7.11
N PRO A 88 16.43 -2.28 -6.58
CA PRO A 88 17.29 -1.50 -5.64
C PRO A 88 17.87 -0.25 -6.29
N GLY A 89 17.92 0.86 -5.55
CA GLY A 89 18.48 2.10 -6.07
C GLY A 89 17.41 3.08 -6.58
N THR A 90 16.15 2.69 -6.53
CA THR A 90 15.06 3.56 -6.98
C THR A 90 14.19 3.92 -5.78
N TYR A 91 13.60 5.12 -5.77
CA TYR A 91 12.74 5.48 -4.65
C TYR A 91 11.35 4.98 -4.94
N LYS A 92 11.05 3.82 -4.40
CA LYS A 92 9.78 3.17 -4.62
C LYS A 92 8.61 3.78 -3.83
N TYR A 93 7.55 2.98 -3.78
CA TYR A 93 6.36 3.32 -3.03
C TYR A 93 5.47 2.11 -2.89
N LEU A 94 4.46 2.25 -2.05
CA LEU A 94 3.53 1.16 -1.83
C LEU A 94 2.12 1.73 -1.94
N GLU A 95 1.34 1.12 -2.82
CA GLU A 95 -0.03 1.55 -3.03
C GLU A 95 -0.96 0.41 -2.68
N VAL A 96 -1.95 0.69 -1.85
CA VAL A 96 -2.89 -0.35 -1.45
C VAL A 96 -4.32 0.12 -1.58
N GLN A 97 -5.11 -0.62 -2.34
CA GLN A 97 -6.51 -0.29 -2.53
C GLN A 97 -7.35 -1.35 -1.83
N TYR A 98 -8.28 -0.91 -0.99
CA TYR A 98 -9.11 -1.85 -0.24
C TYR A 98 -10.48 -1.27 0.07
N ASP A 99 -11.40 -2.15 0.44
CA ASP A 99 -12.76 -1.74 0.78
C ASP A 99 -13.05 -2.04 2.23
N CYS A 100 -14.03 -1.35 2.80
CA CYS A 100 -14.39 -1.55 4.19
C CYS A 100 -15.75 -2.24 4.28
N VAL A 101 -15.81 -3.35 5.00
CA VAL A 101 -17.06 -4.08 5.15
C VAL A 101 -17.31 -4.42 6.62
N PRO A 102 -18.56 -4.50 7.03
CA PRO A 102 -18.91 -4.84 8.44
C PRO A 102 -18.25 -6.13 8.90
N TYR A 103 -17.90 -6.17 10.18
CA TYR A 103 -17.25 -7.34 10.75
C TYR A 103 -18.29 -8.42 11.06
N LYS A 104 -19.30 -8.55 10.20
CA LYS A 104 -20.34 -9.56 10.42
C LYS A 104 -20.08 -10.79 9.56
N VAL A 105 -19.71 -11.89 10.20
CA VAL A 105 -19.45 -13.13 9.48
C VAL A 105 -20.67 -14.04 9.55
N GLU A 106 -21.10 -14.55 8.39
CA GLU A 106 -22.26 -15.42 8.34
C GLU A 106 -23.51 -14.71 8.85
N GLY A 1 -11.06 14.98 4.03
CA GLY A 1 -11.99 13.91 3.58
C GLY A 1 -11.80 13.65 2.09
N LEU A 2 -12.15 14.64 1.27
CA LEU A 2 -12.03 14.50 -0.18
C LEU A 2 -12.22 13.05 -0.59
N PRO A 3 -13.37 12.51 -0.31
CA PRO A 3 -13.70 11.10 -0.65
C PRO A 3 -13.62 10.80 -2.14
N PHE A 4 -13.18 9.59 -2.46
CA PHE A 4 -13.05 9.16 -3.85
C PHE A 4 -14.41 8.71 -4.38
N GLY A 5 -15.20 8.11 -3.49
CA GLY A 5 -16.51 7.62 -3.87
C GLY A 5 -16.39 6.23 -4.48
N LEU A 6 -15.15 5.72 -4.53
CA LEU A 6 -14.91 4.39 -5.08
C LEU A 6 -13.59 3.83 -4.60
N MET A 7 -13.67 2.76 -3.80
CA MET A 7 -12.47 2.11 -3.30
C MET A 7 -11.54 3.10 -2.63
N ARG A 8 -10.93 2.64 -1.55
CA ARG A 8 -9.97 3.44 -0.81
C ARG A 8 -8.58 3.19 -1.37
N ARG A 9 -7.72 4.19 -1.29
CA ARG A 9 -6.36 4.03 -1.81
C ARG A 9 -5.36 4.72 -0.90
N GLU A 10 -4.25 4.04 -0.67
CA GLU A 10 -3.20 4.60 0.17
C GLU A 10 -1.84 4.38 -0.48
N LEU A 11 -0.96 5.36 -0.36
CA LEU A 11 0.35 5.25 -0.95
C LEU A 11 1.39 5.83 -0.01
N ALA A 12 2.50 5.12 0.19
CA ALA A 12 3.53 5.63 1.10
C ALA A 12 4.93 5.45 0.52
N CYS A 13 5.78 6.43 0.82
CA CYS A 13 7.15 6.43 0.36
C CYS A 13 7.98 5.38 1.08
N GLU A 14 8.71 4.59 0.30
CA GLU A 14 9.54 3.54 0.86
C GLU A 14 10.30 3.99 2.09
N GLY A 15 10.31 3.13 3.10
CA GLY A 15 11.03 3.38 4.33
C GLY A 15 10.18 3.97 5.45
N TYR A 16 8.94 4.38 5.18
CA TYR A 16 8.10 4.96 6.22
C TYR A 16 6.86 4.11 6.44
N PRO A 17 6.28 4.20 7.61
CA PRO A 17 5.06 3.41 7.95
C PRO A 17 3.79 3.95 7.27
N ILE A 18 2.91 3.03 6.88
CA ILE A 18 1.64 3.37 6.26
C ILE A 18 0.52 2.92 7.17
N GLU A 19 -0.57 3.65 7.22
CA GLU A 19 -1.67 3.27 8.10
C GLU A 19 -3.01 3.27 7.37
N LEU A 20 -3.72 2.15 7.53
CA LEU A 20 -5.03 1.99 6.91
C LEU A 20 -6.10 1.91 7.99
N ARG A 21 -7.30 2.43 7.73
CA ARG A 21 -8.36 2.39 8.74
C ARG A 21 -9.75 2.33 8.11
N CYS A 22 -10.58 1.46 8.67
CA CYS A 22 -11.95 1.30 8.19
C CYS A 22 -12.95 1.96 9.15
N PRO A 23 -13.95 2.63 8.62
CA PRO A 23 -14.98 3.32 9.44
C PRO A 23 -15.81 2.35 10.28
N GLY A 24 -16.38 2.85 11.38
CA GLY A 24 -17.23 2.04 12.24
C GLY A 24 -16.58 0.73 12.65
N SER A 25 -17.34 -0.36 12.52
CA SER A 25 -16.87 -1.69 12.87
C SER A 25 -16.52 -2.47 11.61
N ASP A 26 -16.19 -1.74 10.56
CA ASP A 26 -15.81 -2.33 9.29
C ASP A 26 -14.35 -2.76 9.34
N VAL A 27 -13.96 -3.64 8.42
CA VAL A 27 -12.59 -4.10 8.37
C VAL A 27 -12.06 -3.99 6.95
N ILE A 28 -10.76 -3.70 6.83
CA ILE A 28 -10.14 -3.54 5.53
C ILE A 28 -10.11 -4.86 4.75
N MET A 29 -10.41 -4.76 3.47
CA MET A 29 -10.37 -5.92 2.60
C MET A 29 -9.57 -5.55 1.36
N VAL A 30 -8.29 -5.94 1.39
CA VAL A 30 -7.38 -5.62 0.31
C VAL A 30 -7.77 -6.32 -0.99
N GLU A 31 -7.91 -5.51 -2.04
CA GLU A 31 -8.26 -6.05 -3.35
C GLU A 31 -7.00 -6.11 -4.21
N ASN A 32 -6.22 -5.03 -4.18
CA ASN A 32 -4.99 -4.97 -4.96
C ASN A 32 -3.97 -4.05 -4.30
N ALA A 33 -2.70 -4.35 -4.50
CA ALA A 33 -1.61 -3.56 -3.92
C ALA A 33 -0.27 -3.97 -4.54
N ASN A 34 0.68 -3.05 -4.58
CA ASN A 34 2.01 -3.35 -5.17
C ASN A 34 3.11 -2.53 -4.51
N TYR A 35 4.33 -3.09 -4.51
CA TYR A 35 5.48 -2.40 -3.95
C TYR A 35 6.55 -2.22 -5.03
N GLY A 36 7.00 -0.99 -5.24
CA GLY A 36 7.97 -0.73 -6.28
C GLY A 36 7.86 0.73 -6.73
N ARG A 37 7.93 0.93 -8.05
CA ARG A 37 7.81 2.26 -8.62
C ARG A 37 7.34 2.19 -10.06
N THR A 38 6.18 2.78 -10.34
CA THR A 38 5.61 2.76 -11.68
C THR A 38 5.35 4.19 -12.15
N ASP A 39 5.88 5.15 -11.40
CA ASP A 39 5.69 6.56 -11.73
C ASP A 39 6.95 7.34 -11.36
N ASP A 40 6.87 8.67 -11.41
CA ASP A 40 8.02 9.51 -11.08
C ASP A 40 7.58 10.81 -10.42
N LYS A 41 6.26 11.01 -10.33
CA LYS A 41 5.72 12.23 -9.70
C LYS A 41 5.21 11.95 -8.28
N ILE A 42 5.43 10.73 -7.78
CA ILE A 42 4.96 10.37 -6.44
C ILE A 42 6.13 10.22 -5.48
N CYS A 43 5.95 10.71 -4.26
CA CYS A 43 7.01 10.66 -3.25
C CYS A 43 8.18 11.51 -3.70
N ASP A 44 7.88 12.49 -4.54
CA ASP A 44 8.90 13.41 -5.09
C ASP A 44 10.28 13.16 -4.51
N ALA A 45 11.04 12.26 -5.14
CA ALA A 45 12.40 11.97 -4.68
C ALA A 45 13.41 12.42 -5.73
N ASP A 46 14.66 11.99 -5.57
CA ASP A 46 15.69 12.36 -6.53
C ASP A 46 15.34 11.81 -7.91
N PRO A 47 15.69 12.53 -8.94
CA PRO A 47 15.41 12.11 -10.33
C PRO A 47 16.04 10.78 -10.68
N PHE A 48 17.26 10.55 -10.19
CA PHE A 48 17.95 9.30 -10.49
C PHE A 48 17.18 8.13 -9.89
N GLN A 49 16.65 8.32 -8.68
CA GLN A 49 15.87 7.26 -8.05
C GLN A 49 14.42 7.33 -8.54
N MET A 50 14.09 8.40 -9.24
CA MET A 50 12.72 8.56 -9.74
C MET A 50 12.63 8.42 -11.25
N GLU A 51 13.78 8.24 -11.91
CA GLU A 51 13.77 8.11 -13.37
C GLU A 51 13.04 6.84 -13.82
N ASN A 52 13.32 5.69 -13.17
CA ASN A 52 12.68 4.43 -13.56
C ASN A 52 11.25 4.30 -13.07
N VAL A 53 10.32 4.14 -14.00
CA VAL A 53 8.91 4.01 -13.68
C VAL A 53 8.38 2.61 -13.99
N GLN A 54 9.23 1.60 -13.87
CA GLN A 54 8.80 0.25 -14.16
C GLN A 54 9.40 -0.76 -13.17
N CYS A 55 8.72 -0.93 -12.04
CA CYS A 55 9.14 -1.87 -11.01
C CYS A 55 7.91 -2.40 -10.26
N TYR A 56 7.67 -3.70 -10.35
CA TYR A 56 6.51 -4.30 -9.69
C TYR A 56 6.92 -5.48 -8.82
N LEU A 57 6.08 -5.79 -7.84
CA LEU A 57 6.32 -6.91 -6.94
C LEU A 57 5.00 -7.54 -6.53
N PRO A 58 4.50 -8.46 -7.31
CA PRO A 58 3.20 -9.14 -7.01
C PRO A 58 3.01 -9.53 -5.55
N ASP A 59 4.03 -10.14 -4.95
CA ASP A 59 3.93 -10.61 -3.56
C ASP A 59 3.52 -9.49 -2.60
N ALA A 60 3.83 -8.25 -2.93
CA ALA A 60 3.49 -7.14 -2.07
C ALA A 60 2.00 -7.18 -1.68
N PHE A 61 1.17 -7.67 -2.60
CA PHE A 61 -0.27 -7.77 -2.37
C PHE A 61 -0.61 -8.78 -1.27
N LYS A 62 0.02 -9.95 -1.34
CA LYS A 62 -0.24 -11.00 -0.36
C LYS A 62 0.20 -10.54 1.04
N ILE A 63 1.35 -9.87 1.09
CA ILE A 63 1.89 -9.40 2.37
C ILE A 63 0.92 -8.43 3.07
N MET A 64 0.42 -7.44 2.35
CA MET A 64 -0.49 -6.48 2.95
C MET A 64 -1.86 -7.09 3.20
N SER A 65 -2.30 -7.97 2.32
CA SER A 65 -3.59 -8.60 2.48
C SER A 65 -3.64 -9.33 3.80
N GLN A 66 -2.56 -10.04 4.13
CA GLN A 66 -2.48 -10.77 5.38
C GLN A 66 -2.48 -9.80 6.57
N ARG A 67 -1.84 -8.65 6.37
CA ARG A 67 -1.72 -7.66 7.44
C ARG A 67 -2.98 -6.80 7.64
N CYS A 68 -3.73 -6.52 6.57
CA CYS A 68 -4.90 -5.64 6.71
C CYS A 68 -6.26 -6.34 6.52
N ASN A 69 -6.30 -7.49 5.85
CA ASN A 69 -7.57 -8.17 5.63
C ASN A 69 -8.25 -8.54 6.95
N ASN A 70 -9.56 -8.27 7.01
CA ASN A 70 -10.38 -8.57 8.19
C ASN A 70 -9.97 -7.76 9.42
N ARG A 71 -9.17 -6.71 9.23
CA ARG A 71 -8.76 -5.88 10.35
C ARG A 71 -9.30 -4.45 10.17
N THR A 72 -9.60 -3.81 11.29
CA THR A 72 -10.11 -2.44 11.24
C THR A 72 -9.01 -1.47 10.84
N GLN A 73 -7.78 -1.78 11.24
CA GLN A 73 -6.63 -0.92 10.90
C GLN A 73 -5.35 -1.73 10.87
N CYS A 74 -4.36 -1.23 10.13
CA CYS A 74 -3.08 -1.93 10.02
C CYS A 74 -1.95 -0.97 9.68
N VAL A 75 -0.76 -1.26 10.19
CA VAL A 75 0.40 -0.41 9.91
C VAL A 75 1.55 -1.24 9.36
N VAL A 76 2.16 -0.76 8.27
CA VAL A 76 3.28 -1.47 7.64
C VAL A 76 4.33 -0.52 7.09
N VAL A 77 5.61 -0.89 7.28
CA VAL A 77 6.71 -0.09 6.77
C VAL A 77 6.84 -0.31 5.28
N ALA A 78 6.68 0.76 4.52
CA ALA A 78 6.76 0.67 3.07
C ALA A 78 8.17 0.26 2.63
N GLY A 79 8.86 -0.49 3.48
CA GLY A 79 10.22 -0.94 3.15
C GLY A 79 10.84 -1.75 4.29
N SER A 80 12.10 -2.16 4.12
CA SER A 80 12.79 -2.94 5.15
C SER A 80 12.58 -4.44 4.91
N ASP A 81 12.84 -5.23 5.94
CA ASP A 81 12.69 -6.68 5.86
C ASP A 81 11.23 -7.07 5.60
N ALA A 82 10.33 -6.09 5.69
CA ALA A 82 8.92 -6.39 5.47
C ALA A 82 8.62 -6.44 3.96
N PHE A 83 9.54 -5.92 3.14
CA PHE A 83 9.32 -5.94 1.70
C PHE A 83 10.58 -6.36 0.95
N PRO A 84 10.47 -7.36 0.12
CA PRO A 84 11.61 -7.84 -0.70
C PRO A 84 12.31 -6.70 -1.42
N ASP A 85 13.04 -7.02 -2.49
CA ASP A 85 13.75 -6.00 -3.25
C ASP A 85 13.62 -6.26 -4.76
N PRO A 86 12.64 -5.65 -5.39
CA PRO A 86 12.40 -5.82 -6.85
C PRO A 86 13.21 -4.83 -7.70
N CYS A 87 13.80 -3.82 -7.05
CA CYS A 87 14.60 -2.83 -7.77
C CYS A 87 15.40 -1.94 -6.81
N PRO A 88 16.62 -2.30 -6.51
CA PRO A 88 17.50 -1.52 -5.59
C PRO A 88 18.10 -0.27 -6.26
N GLY A 89 18.04 0.88 -5.57
CA GLY A 89 18.60 2.13 -6.11
C GLY A 89 17.53 3.07 -6.67
N THR A 90 16.27 2.78 -6.39
CA THR A 90 15.16 3.60 -6.85
C THR A 90 14.27 3.96 -5.65
N TYR A 91 13.68 5.16 -5.63
CA TYR A 91 12.82 5.50 -4.50
C TYR A 91 11.45 4.92 -4.77
N LYS A 92 11.22 3.77 -4.17
CA LYS A 92 9.98 3.05 -4.35
C LYS A 92 8.81 3.62 -3.55
N TYR A 93 7.78 2.82 -3.51
CA TYR A 93 6.58 3.13 -2.76
C TYR A 93 5.68 1.93 -2.64
N LEU A 94 4.63 2.10 -1.87
CA LEU A 94 3.68 1.04 -1.65
C LEU A 94 2.28 1.58 -1.91
N GLU A 95 1.61 0.99 -2.89
CA GLU A 95 0.26 1.42 -3.24
C GLU A 95 -0.75 0.33 -2.92
N VAL A 96 -1.83 0.71 -2.26
CA VAL A 96 -2.86 -0.25 -1.90
C VAL A 96 -4.23 0.27 -2.28
N GLN A 97 -5.13 -0.66 -2.59
CA GLN A 97 -6.50 -0.32 -2.94
C GLN A 97 -7.40 -1.32 -2.21
N TYR A 98 -8.39 -0.83 -1.47
CA TYR A 98 -9.23 -1.75 -0.71
C TYR A 98 -10.58 -1.15 -0.34
N ASP A 99 -11.43 -1.99 0.24
CA ASP A 99 -12.76 -1.56 0.67
C ASP A 99 -13.00 -1.89 2.14
N CYS A 100 -13.93 -1.17 2.76
CA CYS A 100 -14.25 -1.42 4.15
C CYS A 100 -15.59 -2.14 4.28
N VAL A 101 -15.58 -3.29 4.95
CA VAL A 101 -16.81 -4.07 5.13
C VAL A 101 -17.00 -4.47 6.60
N PRO A 102 -18.21 -4.75 7.02
CA PRO A 102 -18.49 -5.15 8.44
C PRO A 102 -17.72 -6.38 8.88
N TYR A 103 -17.30 -6.37 10.15
CA TYR A 103 -16.56 -7.50 10.69
C TYR A 103 -17.49 -8.68 11.01
N LYS A 104 -18.79 -8.47 10.82
CA LYS A 104 -19.75 -9.53 11.11
C LYS A 104 -20.83 -9.61 10.04
N VAL A 105 -21.00 -10.82 9.50
CA VAL A 105 -22.00 -11.06 8.45
C VAL A 105 -23.31 -11.55 9.04
N GLU A 106 -24.41 -10.95 8.62
CA GLU A 106 -25.74 -11.34 9.09
C GLU A 106 -25.84 -11.15 10.60
N GLY A 1 -8.82 14.16 2.78
CA GLY A 1 -8.67 12.89 2.00
C GLY A 1 -9.51 12.97 0.73
N LEU A 2 -10.62 13.70 0.81
CA LEU A 2 -11.51 13.84 -0.34
C LEU A 2 -11.98 12.47 -0.81
N PRO A 3 -12.60 11.73 0.04
CA PRO A 3 -13.12 10.36 -0.29
C PRO A 3 -14.24 10.43 -1.33
N PHE A 4 -14.13 9.62 -2.37
CA PHE A 4 -15.14 9.60 -3.43
C PHE A 4 -16.32 8.73 -3.01
N GLY A 5 -16.18 8.09 -1.85
CA GLY A 5 -17.24 7.23 -1.32
C GLY A 5 -17.25 5.86 -1.99
N LEU A 6 -16.08 5.41 -2.42
CA LEU A 6 -15.98 4.10 -3.08
C LEU A 6 -14.54 3.60 -3.05
N MET A 7 -14.31 2.52 -2.31
CA MET A 7 -12.98 1.95 -2.21
C MET A 7 -11.98 2.95 -1.66
N ARG A 8 -11.30 2.55 -0.59
CA ARG A 8 -10.30 3.39 0.04
C ARG A 8 -8.94 3.17 -0.62
N ARG A 9 -8.10 4.18 -0.64
CA ARG A 9 -6.77 4.03 -1.25
C ARG A 9 -5.73 4.79 -0.45
N GLU A 10 -4.58 4.16 -0.25
CA GLU A 10 -3.48 4.77 0.49
C GLU A 10 -2.16 4.49 -0.21
N LEU A 11 -1.27 5.47 -0.15
CA LEU A 11 0.04 5.34 -0.77
C LEU A 11 1.12 5.93 0.15
N ALA A 12 2.26 5.27 0.27
CA ALA A 12 3.32 5.77 1.13
C ALA A 12 4.70 5.57 0.50
N CYS A 13 5.59 6.54 0.71
CA CYS A 13 6.93 6.48 0.17
C CYS A 13 7.75 5.44 0.91
N GLU A 14 8.49 4.64 0.15
CA GLU A 14 9.29 3.57 0.74
C GLU A 14 10.07 4.03 1.97
N GLY A 15 10.07 3.17 2.99
CA GLY A 15 10.80 3.43 4.22
C GLY A 15 9.97 4.04 5.34
N TYR A 16 8.74 4.50 5.06
CA TYR A 16 7.92 5.09 6.11
C TYR A 16 6.65 4.27 6.31
N PRO A 17 6.12 4.26 7.50
CA PRO A 17 4.88 3.49 7.83
C PRO A 17 3.64 4.05 7.17
N ILE A 18 2.74 3.13 6.82
CA ILE A 18 1.47 3.49 6.20
C ILE A 18 0.35 3.09 7.17
N GLU A 19 -0.71 3.88 7.21
CA GLU A 19 -1.80 3.57 8.13
C GLU A 19 -3.11 3.38 7.39
N LEU A 20 -3.77 2.26 7.64
CA LEU A 20 -5.05 1.97 7.03
C LEU A 20 -6.11 1.85 8.12
N ARG A 21 -7.29 2.38 7.88
CA ARG A 21 -8.34 2.31 8.90
C ARG A 21 -9.73 2.23 8.27
N CYS A 22 -10.56 1.36 8.82
CA CYS A 22 -11.92 1.20 8.35
C CYS A 22 -12.90 1.89 9.29
N PRO A 23 -13.88 2.57 8.75
CA PRO A 23 -14.90 3.29 9.57
C PRO A 23 -15.79 2.33 10.37
N GLY A 24 -16.37 2.83 11.46
CA GLY A 24 -17.26 2.03 12.28
C GLY A 24 -16.62 0.70 12.69
N SER A 25 -17.40 -0.36 12.57
CA SER A 25 -16.92 -1.70 12.91
C SER A 25 -16.60 -2.49 11.64
N ASP A 26 -16.28 -1.77 10.57
CA ASP A 26 -15.94 -2.40 9.30
C ASP A 26 -14.50 -2.90 9.34
N VAL A 27 -14.15 -3.80 8.43
CA VAL A 27 -12.79 -4.32 8.39
C VAL A 27 -12.20 -4.15 6.99
N ILE A 28 -10.91 -3.88 6.94
CA ILE A 28 -10.22 -3.68 5.68
C ILE A 28 -10.15 -4.98 4.89
N MET A 29 -10.38 -4.89 3.59
CA MET A 29 -10.28 -6.07 2.74
C MET A 29 -9.44 -5.70 1.52
N VAL A 30 -8.18 -6.09 1.60
CA VAL A 30 -7.22 -5.78 0.55
C VAL A 30 -7.63 -6.40 -0.78
N GLU A 31 -7.77 -5.55 -1.81
CA GLU A 31 -8.14 -6.03 -3.14
C GLU A 31 -6.88 -6.15 -3.99
N ASN A 32 -6.09 -5.08 -4.01
CA ASN A 32 -4.86 -5.07 -4.79
C ASN A 32 -3.87 -4.10 -4.17
N ALA A 33 -2.59 -4.35 -4.41
CA ALA A 33 -1.54 -3.50 -3.89
C ALA A 33 -0.21 -3.85 -4.52
N ASN A 34 0.73 -2.90 -4.52
CA ASN A 34 2.04 -3.15 -5.13
C ASN A 34 3.15 -2.35 -4.44
N TYR A 35 4.37 -2.87 -4.51
CA TYR A 35 5.54 -2.22 -3.93
C TYR A 35 6.58 -2.02 -5.03
N GLY A 36 6.98 -0.77 -5.28
CA GLY A 36 7.94 -0.53 -6.37
C GLY A 36 7.85 0.90 -6.86
N ARG A 37 7.94 1.08 -8.17
CA ARG A 37 7.87 2.40 -8.78
C ARG A 37 7.39 2.32 -10.22
N THR A 38 6.24 2.92 -10.50
CA THR A 38 5.67 2.91 -11.83
C THR A 38 5.41 4.33 -12.29
N ASP A 39 5.93 5.29 -11.52
CA ASP A 39 5.76 6.69 -11.85
C ASP A 39 6.99 7.49 -11.45
N ASP A 40 6.90 8.80 -11.61
CA ASP A 40 7.99 9.69 -11.23
C ASP A 40 7.43 10.96 -10.62
N LYS A 41 6.11 11.00 -10.49
CA LYS A 41 5.45 12.17 -9.94
C LYS A 41 4.92 11.88 -8.52
N ILE A 42 5.24 10.71 -7.98
CA ILE A 42 4.78 10.34 -6.64
C ILE A 42 5.98 10.15 -5.73
N CYS A 43 5.89 10.65 -4.51
CA CYS A 43 6.99 10.50 -3.57
C CYS A 43 8.27 11.03 -4.19
N ASP A 44 8.38 12.36 -4.25
CA ASP A 44 9.55 12.99 -4.85
C ASP A 44 10.85 12.49 -4.23
N ALA A 45 11.74 12.01 -5.09
CA ALA A 45 13.05 11.52 -4.66
C ALA A 45 14.12 11.98 -5.65
N ASP A 46 15.36 11.57 -5.43
CA ASP A 46 16.43 11.97 -6.35
C ASP A 46 16.13 11.50 -7.76
N PRO A 47 16.54 12.24 -8.74
CA PRO A 47 16.27 11.90 -10.16
C PRO A 47 16.73 10.48 -10.48
N PHE A 48 17.87 10.10 -9.92
CA PHE A 48 18.42 8.77 -10.16
C PHE A 48 17.46 7.71 -9.66
N GLN A 49 16.73 8.01 -8.60
CA GLN A 49 15.78 7.06 -8.04
C GLN A 49 14.40 7.26 -8.68
N MET A 50 14.27 8.32 -9.48
CA MET A 50 12.99 8.62 -10.13
C MET A 50 13.01 8.34 -11.62
N GLU A 51 14.18 8.07 -12.18
CA GLU A 51 14.27 7.83 -13.62
C GLU A 51 13.49 6.60 -14.05
N ASN A 52 13.67 5.48 -13.36
CA ASN A 52 12.97 4.25 -13.74
C ASN A 52 11.53 4.20 -13.22
N VAL A 53 10.58 4.18 -14.15
CA VAL A 53 9.17 4.10 -13.79
C VAL A 53 8.60 2.71 -14.07
N GLN A 54 9.45 1.70 -13.91
CA GLN A 54 9.03 0.33 -14.15
C GLN A 54 9.63 -0.63 -13.13
N CYS A 55 8.94 -0.79 -12.00
CA CYS A 55 9.37 -1.70 -10.94
C CYS A 55 8.12 -2.29 -10.30
N TYR A 56 7.94 -3.61 -10.36
CA TYR A 56 6.75 -4.24 -9.81
C TYR A 56 7.12 -5.40 -8.88
N LEU A 57 6.22 -5.71 -7.94
CA LEU A 57 6.45 -6.80 -6.99
C LEU A 57 5.11 -7.46 -6.64
N PRO A 58 4.70 -8.44 -7.39
CA PRO A 58 3.40 -9.15 -7.19
C PRO A 58 3.09 -9.53 -5.74
N ASP A 59 4.05 -10.11 -5.05
CA ASP A 59 3.84 -10.56 -3.67
C ASP A 59 3.47 -9.40 -2.75
N ALA A 60 3.66 -8.18 -3.19
CA ALA A 60 3.33 -7.02 -2.37
C ALA A 60 1.88 -7.13 -1.88
N PHE A 61 1.03 -7.65 -2.74
CA PHE A 61 -0.39 -7.82 -2.44
C PHE A 61 -0.61 -8.81 -1.29
N LYS A 62 0.10 -9.94 -1.32
CA LYS A 62 -0.06 -10.96 -0.30
C LYS A 62 0.32 -10.42 1.07
N ILE A 63 1.42 -9.67 1.13
CA ILE A 63 1.88 -9.09 2.40
C ILE A 63 0.83 -8.17 3.00
N MET A 64 0.32 -7.24 2.19
CA MET A 64 -0.68 -6.31 2.68
C MET A 64 -1.98 -7.03 2.99
N SER A 65 -2.28 -8.04 2.20
CA SER A 65 -3.49 -8.82 2.40
C SER A 65 -3.49 -9.49 3.77
N GLN A 66 -2.39 -10.14 4.12
CA GLN A 66 -2.30 -10.80 5.43
C GLN A 66 -2.29 -9.78 6.57
N ARG A 67 -1.61 -8.66 6.33
CA ARG A 67 -1.47 -7.62 7.35
C ARG A 67 -2.75 -6.78 7.56
N CYS A 68 -3.54 -6.54 6.51
CA CYS A 68 -4.72 -5.69 6.67
C CYS A 68 -6.07 -6.42 6.51
N ASN A 69 -6.07 -7.61 5.93
CA ASN A 69 -7.34 -8.32 5.73
C ASN A 69 -8.06 -8.60 7.05
N ASN A 70 -9.38 -8.41 7.05
CA ASN A 70 -10.21 -8.69 8.20
C ASN A 70 -9.86 -7.82 9.41
N ARG A 71 -9.07 -6.78 9.19
CA ARG A 71 -8.71 -5.90 10.29
C ARG A 71 -9.26 -4.51 10.05
N THR A 72 -9.63 -3.85 11.13
CA THR A 72 -10.16 -2.51 11.06
C THR A 72 -9.05 -1.53 10.73
N GLN A 73 -7.83 -1.87 11.14
CA GLN A 73 -6.68 -1.01 10.88
C GLN A 73 -5.39 -1.83 10.80
N CYS A 74 -4.41 -1.31 10.06
CA CYS A 74 -3.14 -1.99 9.93
C CYS A 74 -2.03 -0.99 9.62
N VAL A 75 -0.86 -1.23 10.20
CA VAL A 75 0.29 -0.36 9.98
C VAL A 75 1.43 -1.16 9.35
N VAL A 76 1.98 -0.66 8.26
CA VAL A 76 3.05 -1.38 7.58
C VAL A 76 4.15 -0.44 7.09
N VAL A 77 5.40 -0.88 7.20
CA VAL A 77 6.51 -0.06 6.73
C VAL A 77 6.64 -0.23 5.22
N ALA A 78 6.51 0.88 4.50
CA ALA A 78 6.58 0.81 3.05
C ALA A 78 7.97 0.39 2.60
N GLY A 79 8.66 -0.38 3.41
CA GLY A 79 9.99 -0.84 3.07
C GLY A 79 10.62 -1.64 4.19
N SER A 80 11.86 -2.04 4.01
CA SER A 80 12.57 -2.81 5.01
C SER A 80 12.36 -4.30 4.80
N ASP A 81 12.57 -5.06 5.86
CA ASP A 81 12.43 -6.51 5.82
C ASP A 81 10.98 -6.89 5.49
N ALA A 82 10.10 -5.90 5.50
CA ALA A 82 8.68 -6.16 5.24
C ALA A 82 8.41 -6.29 3.74
N PHE A 83 9.33 -5.80 2.91
CA PHE A 83 9.16 -5.89 1.46
C PHE A 83 10.49 -6.22 0.78
N PRO A 84 10.53 -7.21 -0.08
CA PRO A 84 11.79 -7.60 -0.79
C PRO A 84 12.48 -6.39 -1.44
N ASP A 85 13.24 -6.67 -2.50
CA ASP A 85 13.93 -5.62 -3.24
C ASP A 85 13.88 -5.90 -4.73
N PRO A 86 12.89 -5.40 -5.42
CA PRO A 86 12.72 -5.61 -6.88
C PRO A 86 13.58 -4.67 -7.72
N CYS A 87 13.86 -3.47 -7.19
CA CYS A 87 14.67 -2.51 -7.93
C CYS A 87 15.54 -1.68 -7.00
N PRO A 88 16.62 -2.25 -6.53
CA PRO A 88 17.56 -1.53 -5.63
C PRO A 88 18.08 -0.24 -6.25
N GLY A 89 18.03 0.84 -5.48
CA GLY A 89 18.52 2.12 -5.98
C GLY A 89 17.39 3.02 -6.50
N THR A 90 16.13 2.58 -6.37
CA THR A 90 15.01 3.40 -6.84
C THR A 90 14.12 3.76 -5.64
N TYR A 91 13.52 4.95 -5.64
CA TYR A 91 12.65 5.32 -4.54
C TYR A 91 11.25 4.83 -4.84
N LYS A 92 10.96 3.68 -4.27
CA LYS A 92 9.68 3.02 -4.49
C LYS A 92 8.53 3.64 -3.70
N TYR A 93 7.50 2.84 -3.58
CA TYR A 93 6.31 3.17 -2.82
C TYR A 93 5.40 1.97 -2.69
N LEU A 94 4.37 2.13 -1.89
CA LEU A 94 3.40 1.06 -1.71
C LEU A 94 2.01 1.64 -1.91
N GLU A 95 1.27 1.05 -2.82
CA GLU A 95 -0.07 1.51 -3.11
C GLU A 95 -1.06 0.41 -2.77
N VAL A 96 -2.08 0.74 -2.00
CA VAL A 96 -3.04 -0.29 -1.59
C VAL A 96 -4.48 0.13 -1.79
N GLN A 97 -5.20 -0.63 -2.60
CA GLN A 97 -6.61 -0.37 -2.87
C GLN A 97 -7.43 -1.43 -2.15
N TYR A 98 -8.36 -1.00 -1.30
CA TYR A 98 -9.16 -1.95 -0.55
C TYR A 98 -10.51 -1.36 -0.15
N ASP A 99 -11.36 -2.18 0.46
CA ASP A 99 -12.69 -1.73 0.87
C ASP A 99 -12.94 -2.07 2.34
N CYS A 100 -13.90 -1.37 2.95
CA CYS A 100 -14.24 -1.60 4.34
C CYS A 100 -15.62 -2.28 4.44
N VAL A 101 -15.63 -3.52 4.94
CA VAL A 101 -16.89 -4.25 5.07
C VAL A 101 -17.19 -4.52 6.54
N PRO A 102 -18.44 -4.71 6.89
CA PRO A 102 -18.82 -4.99 8.31
C PRO A 102 -18.13 -6.22 8.87
N TYR A 103 -17.75 -6.17 10.15
CA TYR A 103 -17.09 -7.30 10.79
C TYR A 103 -18.12 -8.36 11.19
N LYS A 104 -18.22 -8.62 12.49
CA LYS A 104 -19.17 -9.61 12.98
C LYS A 104 -19.68 -9.22 14.36
N VAL A 105 -20.76 -8.43 14.38
CA VAL A 105 -21.34 -7.99 15.65
C VAL A 105 -22.86 -7.78 15.52
N GLU A 106 -23.62 -8.54 16.29
CA GLU A 106 -25.08 -8.43 16.25
C GLU A 106 -25.59 -8.54 14.82
N GLY A 1 -6.87 13.06 1.70
CA GLY A 1 -7.47 11.78 2.18
C GLY A 1 -8.98 11.92 2.24
N LEU A 2 -9.56 12.49 1.19
CA LEU A 2 -11.00 12.67 1.11
C LEU A 2 -11.54 11.98 -0.14
N PRO A 3 -11.55 10.67 -0.14
CA PRO A 3 -12.04 9.87 -1.29
C PRO A 3 -13.39 10.37 -1.80
N PHE A 4 -13.69 10.03 -3.05
CA PHE A 4 -14.94 10.44 -3.66
C PHE A 4 -16.08 9.55 -3.18
N GLY A 5 -15.77 8.70 -2.21
CA GLY A 5 -16.76 7.78 -1.65
C GLY A 5 -16.88 6.53 -2.52
N LEU A 6 -15.73 6.01 -2.93
CA LEU A 6 -15.69 4.80 -3.75
C LEU A 6 -14.34 4.12 -3.62
N MET A 7 -14.28 3.07 -2.82
CA MET A 7 -13.04 2.33 -2.61
C MET A 7 -11.97 3.22 -1.98
N ARG A 8 -11.29 2.67 -0.98
CA ARG A 8 -10.23 3.39 -0.27
C ARG A 8 -8.88 3.13 -0.92
N ARG A 9 -8.01 4.13 -0.87
CA ARG A 9 -6.67 3.97 -1.43
C ARG A 9 -5.63 4.75 -0.66
N GLU A 10 -4.50 4.11 -0.43
CA GLU A 10 -3.40 4.74 0.29
C GLU A 10 -2.08 4.49 -0.41
N LEU A 11 -1.19 5.47 -0.32
CA LEU A 11 0.12 5.35 -0.93
C LEU A 11 1.15 6.02 -0.03
N ALA A 12 2.26 5.34 0.20
CA ALA A 12 3.30 5.89 1.05
C ALA A 12 4.69 5.62 0.48
N CYS A 13 5.61 6.54 0.75
CA CYS A 13 6.98 6.45 0.24
C CYS A 13 7.75 5.34 0.92
N GLU A 14 8.44 4.53 0.10
CA GLU A 14 9.21 3.42 0.63
C GLU A 14 10.04 3.79 1.85
N GLY A 15 10.07 2.89 2.83
CA GLY A 15 10.85 3.09 4.04
C GLY A 15 10.07 3.72 5.19
N TYR A 16 8.86 4.20 4.94
CA TYR A 16 8.08 4.82 6.00
C TYR A 16 6.79 4.03 6.24
N PRO A 17 6.30 4.05 7.45
CA PRO A 17 5.04 3.33 7.81
C PRO A 17 3.81 3.90 7.11
N ILE A 18 2.95 2.99 6.66
CA ILE A 18 1.70 3.39 6.01
C ILE A 18 0.55 2.95 6.90
N GLU A 19 -0.52 3.73 6.94
CA GLU A 19 -1.64 3.38 7.82
C GLU A 19 -2.95 3.27 7.06
N LEU A 20 -3.64 2.15 7.27
CA LEU A 20 -4.93 1.90 6.65
C LEU A 20 -6.00 1.85 7.72
N ARG A 21 -7.19 2.38 7.46
CA ARG A 21 -8.23 2.37 8.48
C ARG A 21 -9.64 2.36 7.89
N CYS A 22 -10.51 1.53 8.48
CA CYS A 22 -11.89 1.43 8.03
C CYS A 22 -12.83 2.20 8.97
N PRO A 23 -13.91 2.71 8.45
CA PRO A 23 -14.91 3.50 9.25
C PRO A 23 -15.72 2.62 10.19
N GLY A 24 -16.31 3.24 11.22
CA GLY A 24 -17.15 2.51 12.17
C GLY A 24 -16.46 1.28 12.73
N SER A 25 -17.06 0.12 12.46
CA SER A 25 -16.53 -1.14 12.93
C SER A 25 -16.35 -2.10 11.76
N ASP A 26 -16.19 -1.53 10.58
CA ASP A 26 -15.97 -2.33 9.39
C ASP A 26 -14.53 -2.84 9.39
N VAL A 27 -14.21 -3.73 8.47
CA VAL A 27 -12.84 -4.25 8.41
C VAL A 27 -12.26 -4.05 7.01
N ILE A 28 -10.94 -3.87 6.96
CA ILE A 28 -10.26 -3.65 5.70
C ILE A 28 -10.16 -4.95 4.88
N MET A 29 -10.37 -4.84 3.57
CA MET A 29 -10.26 -6.01 2.71
C MET A 29 -9.42 -5.64 1.49
N VAL A 30 -8.15 -6.03 1.53
CA VAL A 30 -7.23 -5.73 0.45
C VAL A 30 -7.68 -6.40 -0.83
N GLU A 31 -7.85 -5.61 -1.87
CA GLU A 31 -8.23 -6.14 -3.17
C GLU A 31 -7.00 -6.18 -4.05
N ASN A 32 -6.25 -5.07 -4.03
CA ASN A 32 -5.04 -4.99 -4.85
C ASN A 32 -4.01 -4.08 -4.20
N ALA A 33 -2.74 -4.38 -4.43
CA ALA A 33 -1.64 -3.60 -3.86
C ALA A 33 -0.32 -3.99 -4.53
N ASN A 34 0.63 -3.05 -4.58
CA ASN A 34 1.91 -3.33 -5.21
C ASN A 34 3.04 -2.52 -4.55
N TYR A 35 4.25 -3.09 -4.57
CA TYR A 35 5.43 -2.45 -4.00
C TYR A 35 6.48 -2.27 -5.09
N GLY A 36 6.91 -1.04 -5.34
CA GLY A 36 7.88 -0.78 -6.41
C GLY A 36 7.76 0.67 -6.86
N ARG A 37 7.80 0.88 -8.17
CA ARG A 37 7.67 2.23 -8.73
C ARG A 37 7.14 2.19 -10.17
N THR A 38 5.99 2.84 -10.36
CA THR A 38 5.36 2.89 -11.68
C THR A 38 5.15 4.35 -12.08
N ASP A 39 5.69 5.25 -11.27
CA ASP A 39 5.56 6.68 -11.53
C ASP A 39 6.80 7.41 -11.01
N ASP A 40 7.08 8.57 -11.60
CA ASP A 40 8.23 9.36 -11.17
C ASP A 40 7.77 10.66 -10.50
N LYS A 41 6.45 10.80 -10.36
CA LYS A 41 5.88 12.00 -9.77
C LYS A 41 5.30 11.74 -8.39
N ILE A 42 5.54 10.56 -7.85
CA ILE A 42 5.03 10.20 -6.53
C ILE A 42 6.20 10.08 -5.56
N CYS A 43 6.05 10.60 -4.36
CA CYS A 43 7.14 10.52 -3.39
C CYS A 43 8.41 11.10 -4.00
N ASP A 44 8.43 12.41 -4.12
CA ASP A 44 9.56 13.13 -4.72
C ASP A 44 10.90 12.78 -4.06
N ALA A 45 11.81 12.24 -4.87
CA ALA A 45 13.15 11.89 -4.41
C ALA A 45 14.16 12.34 -5.47
N ASP A 46 15.39 11.85 -5.38
CA ASP A 46 16.38 12.22 -6.38
C ASP A 46 15.93 11.69 -7.73
N PRO A 47 16.07 12.47 -8.78
CA PRO A 47 15.63 12.04 -10.15
C PRO A 47 16.24 10.70 -10.55
N PHE A 48 17.45 10.43 -10.07
CA PHE A 48 18.13 9.18 -10.40
C PHE A 48 17.34 7.99 -9.86
N GLN A 49 16.82 8.11 -8.65
CA GLN A 49 16.06 7.02 -8.04
C GLN A 49 14.57 7.18 -8.32
N MET A 50 14.21 8.26 -9.00
CA MET A 50 12.80 8.51 -9.33
C MET A 50 12.58 8.49 -10.84
N GLU A 51 13.66 8.34 -11.61
CA GLU A 51 13.53 8.32 -13.06
C GLU A 51 12.84 7.07 -13.56
N ASN A 52 13.13 5.91 -12.95
CA ASN A 52 12.52 4.67 -13.40
C ASN A 52 11.07 4.56 -12.95
N VAL A 53 10.19 4.36 -13.92
CA VAL A 53 8.76 4.24 -13.64
C VAL A 53 8.25 2.85 -14.01
N GLN A 54 9.11 1.85 -13.93
CA GLN A 54 8.70 0.48 -14.27
C GLN A 54 9.29 -0.53 -13.30
N CYS A 55 8.60 -0.74 -12.18
CA CYS A 55 9.04 -1.69 -11.18
C CYS A 55 7.82 -2.32 -10.50
N TYR A 56 7.72 -3.64 -10.51
CA TYR A 56 6.57 -4.30 -9.90
C TYR A 56 7.01 -5.48 -9.03
N LEU A 57 6.15 -5.83 -8.07
CA LEU A 57 6.40 -6.94 -7.15
C LEU A 57 5.08 -7.60 -6.76
N PRO A 58 4.69 -8.65 -7.44
CA PRO A 58 3.41 -9.36 -7.15
C PRO A 58 3.24 -9.78 -5.68
N ASP A 59 4.28 -10.39 -5.11
CA ASP A 59 4.19 -10.85 -3.72
C ASP A 59 3.78 -9.73 -2.77
N ALA A 60 3.98 -8.50 -3.18
CA ALA A 60 3.63 -7.37 -2.33
C ALA A 60 2.16 -7.42 -1.91
N PHE A 61 1.29 -7.90 -2.80
CA PHE A 61 -0.13 -8.00 -2.50
C PHE A 61 -0.42 -9.00 -1.39
N LYS A 62 0.27 -10.13 -1.39
CA LYS A 62 0.03 -11.14 -0.36
C LYS A 62 0.42 -10.61 1.01
N ILE A 63 1.52 -9.85 1.05
CA ILE A 63 1.99 -9.28 2.31
C ILE A 63 0.96 -8.35 2.93
N MET A 64 0.47 -7.40 2.14
CA MET A 64 -0.51 -6.44 2.65
C MET A 64 -1.84 -7.13 2.94
N SER A 65 -2.18 -8.12 2.13
CA SER A 65 -3.42 -8.84 2.33
C SER A 65 -3.44 -9.54 3.69
N GLN A 66 -2.35 -10.22 4.00
CA GLN A 66 -2.23 -10.92 5.27
C GLN A 66 -2.17 -9.93 6.45
N ARG A 67 -1.51 -8.79 6.21
CA ARG A 67 -1.33 -7.79 7.26
C ARG A 67 -2.57 -6.91 7.53
N CYS A 68 -3.37 -6.59 6.51
CA CYS A 68 -4.53 -5.70 6.75
C CYS A 68 -5.89 -6.39 6.58
N ASN A 69 -5.93 -7.55 5.95
CA ASN A 69 -7.21 -8.22 5.74
C ASN A 69 -7.92 -8.54 7.06
N ASN A 70 -9.23 -8.33 7.07
CA ASN A 70 -10.05 -8.62 8.25
C ASN A 70 -9.71 -7.72 9.43
N ARG A 71 -8.94 -6.66 9.20
CA ARG A 71 -8.58 -5.75 10.28
C ARG A 71 -9.15 -4.36 10.03
N THR A 72 -9.48 -3.68 11.11
CA THR A 72 -10.01 -2.33 11.02
C THR A 72 -8.90 -1.36 10.64
N GLN A 73 -7.68 -1.67 11.08
CA GLN A 73 -6.53 -0.82 10.77
C GLN A 73 -5.23 -1.63 10.77
N CYS A 74 -4.24 -1.13 10.06
CA CYS A 74 -2.93 -1.80 9.99
C CYS A 74 -1.82 -0.82 9.66
N VAL A 75 -0.64 -1.03 10.24
CA VAL A 75 0.50 -0.17 9.98
C VAL A 75 1.70 -1.00 9.55
N VAL A 76 2.28 -0.67 8.40
CA VAL A 76 3.43 -1.42 7.92
C VAL A 76 4.48 -0.51 7.28
N VAL A 77 5.75 -0.84 7.50
CA VAL A 77 6.83 -0.06 6.93
C VAL A 77 6.88 -0.30 5.43
N ALA A 78 6.72 0.77 4.67
CA ALA A 78 6.72 0.66 3.22
C ALA A 78 8.08 0.25 2.67
N GLY A 79 8.77 -0.66 3.35
CA GLY A 79 10.07 -1.08 2.85
C GLY A 79 10.74 -2.09 3.78
N SER A 80 11.93 -1.73 4.25
CA SER A 80 12.68 -2.59 5.14
C SER A 80 12.37 -4.06 4.88
N ASP A 81 12.58 -4.88 5.90
CA ASP A 81 12.32 -6.31 5.83
C ASP A 81 10.84 -6.60 5.62
N ALA A 82 10.02 -5.57 5.77
CA ALA A 82 8.58 -5.75 5.61
C ALA A 82 8.21 -5.90 4.14
N PHE A 83 9.13 -5.55 3.24
CA PHE A 83 8.86 -5.68 1.82
C PHE A 83 10.15 -6.08 1.08
N PRO A 84 10.10 -7.11 0.27
CA PRO A 84 11.30 -7.58 -0.49
C PRO A 84 12.07 -6.44 -1.17
N ASP A 85 12.86 -6.80 -2.19
CA ASP A 85 13.65 -5.82 -2.91
C ASP A 85 13.62 -6.09 -4.42
N PRO A 86 12.69 -5.53 -5.12
CA PRO A 86 12.54 -5.71 -6.60
C PRO A 86 13.48 -4.82 -7.41
N CYS A 87 13.47 -3.51 -7.15
CA CYS A 87 14.32 -2.59 -7.89
C CYS A 87 15.18 -1.75 -6.95
N PRO A 88 16.23 -2.32 -6.42
CA PRO A 88 17.14 -1.60 -5.49
C PRO A 88 17.82 -0.43 -6.19
N GLY A 89 17.80 0.75 -5.56
CA GLY A 89 18.42 1.93 -6.14
C GLY A 89 17.40 2.96 -6.61
N THR A 90 16.12 2.58 -6.64
CA THR A 90 15.07 3.49 -7.06
C THR A 90 14.20 3.84 -5.85
N TYR A 91 13.63 5.05 -5.81
CA TYR A 91 12.80 5.42 -4.67
C TYR A 91 11.40 4.91 -4.91
N LYS A 92 11.13 3.75 -4.32
CA LYS A 92 9.85 3.06 -4.47
C LYS A 92 8.68 3.72 -3.74
N TYR A 93 7.61 2.95 -3.72
CA TYR A 93 6.39 3.31 -3.03
C TYR A 93 5.50 2.10 -2.86
N LEU A 94 4.50 2.24 -2.00
CA LEU A 94 3.57 1.16 -1.76
C LEU A 94 2.17 1.67 -1.95
N GLU A 95 1.43 1.04 -2.84
CA GLU A 95 0.06 1.46 -3.09
C GLU A 95 -0.88 0.31 -2.80
N VAL A 96 -1.88 0.58 -1.96
CA VAL A 96 -2.83 -0.45 -1.59
C VAL A 96 -4.27 0.06 -1.68
N GLN A 97 -5.10 -0.68 -2.41
CA GLN A 97 -6.50 -0.32 -2.55
C GLN A 97 -7.37 -1.38 -1.88
N TYR A 98 -8.32 -0.94 -1.06
CA TYR A 98 -9.17 -1.89 -0.35
C TYR A 98 -10.53 -1.28 -0.01
N ASP A 99 -11.44 -2.15 0.44
CA ASP A 99 -12.77 -1.71 0.83
C ASP A 99 -13.07 -2.10 2.27
N CYS A 100 -14.07 -1.45 2.85
CA CYS A 100 -14.47 -1.74 4.21
C CYS A 100 -15.80 -2.45 4.21
N VAL A 101 -15.90 -3.54 4.96
CA VAL A 101 -17.13 -4.30 5.02
C VAL A 101 -17.43 -4.72 6.45
N PRO A 102 -18.66 -5.09 6.75
CA PRO A 102 -19.05 -5.50 8.13
C PRO A 102 -18.33 -6.74 8.61
N TYR A 103 -18.00 -6.76 9.90
CA TYR A 103 -17.32 -7.91 10.49
C TYR A 103 -18.31 -9.02 10.79
N LYS A 104 -18.05 -10.20 10.25
CA LYS A 104 -18.94 -11.33 10.47
C LYS A 104 -18.30 -12.34 11.42
N VAL A 105 -19.10 -12.84 12.36
CA VAL A 105 -18.60 -13.81 13.33
C VAL A 105 -18.79 -15.22 12.78
N GLU A 106 -17.79 -16.07 12.98
CA GLU A 106 -17.88 -17.44 12.50
C GLU A 106 -18.02 -17.49 10.98
N GLY A 1 -8.41 5.23 5.36
CA GLY A 1 -9.82 5.45 4.96
C GLY A 1 -9.87 6.42 3.78
N LEU A 2 -9.93 7.70 4.10
CA LEU A 2 -9.98 8.73 3.06
C LEU A 2 -11.06 8.40 2.04
N PRO A 3 -12.25 8.87 2.25
CA PRO A 3 -13.38 8.62 1.30
C PRO A 3 -13.02 9.08 -0.12
N PHE A 4 -13.51 8.35 -1.11
CA PHE A 4 -13.24 8.71 -2.50
C PHE A 4 -14.43 8.30 -3.36
N GLY A 5 -15.50 7.89 -2.69
CA GLY A 5 -16.71 7.49 -3.38
C GLY A 5 -16.49 6.21 -4.19
N LEU A 6 -15.25 5.78 -4.27
CA LEU A 6 -14.93 4.56 -5.02
C LEU A 6 -13.61 3.95 -4.55
N MET A 7 -13.71 2.88 -3.77
CA MET A 7 -12.53 2.19 -3.27
C MET A 7 -11.64 3.11 -2.46
N ARG A 8 -11.14 2.57 -1.35
CA ARG A 8 -10.22 3.30 -0.51
C ARG A 8 -8.81 3.04 -1.01
N ARG A 9 -7.94 4.04 -0.93
CA ARG A 9 -6.58 3.83 -1.42
C ARG A 9 -5.58 4.63 -0.59
N GLU A 10 -4.45 3.99 -0.33
CA GLU A 10 -3.40 4.62 0.45
C GLU A 10 -2.05 4.43 -0.23
N LEU A 11 -1.21 5.44 -0.16
CA LEU A 11 0.10 5.36 -0.78
C LEU A 11 1.12 6.05 0.12
N ALA A 12 2.29 5.44 0.28
CA ALA A 12 3.32 6.03 1.13
C ALA A 12 4.72 5.79 0.57
N CYS A 13 5.61 6.74 0.84
CA CYS A 13 6.98 6.64 0.36
C CYS A 13 7.72 5.51 1.07
N GLU A 14 8.38 4.68 0.27
CA GLU A 14 9.12 3.54 0.80
C GLU A 14 9.97 3.90 2.02
N GLY A 15 10.02 2.97 2.97
CA GLY A 15 10.80 3.16 4.18
C GLY A 15 10.02 3.85 5.29
N TYR A 16 8.82 4.33 4.99
CA TYR A 16 8.03 5.01 6.01
C TYR A 16 6.74 4.24 6.28
N PRO A 17 6.33 4.16 7.51
CA PRO A 17 5.10 3.42 7.90
C PRO A 17 3.83 3.99 7.28
N ILE A 18 2.93 3.08 6.90
CA ILE A 18 1.65 3.48 6.33
C ILE A 18 0.54 2.93 7.20
N GLU A 19 -0.54 3.69 7.31
CA GLU A 19 -1.65 3.27 8.16
C GLU A 19 -2.96 3.21 7.40
N LEU A 20 -3.66 2.10 7.56
CA LEU A 20 -4.95 1.89 6.91
C LEU A 20 -6.02 1.83 7.99
N ARG A 21 -7.20 2.39 7.72
CA ARG A 21 -8.25 2.37 8.73
C ARG A 21 -9.65 2.34 8.11
N CYS A 22 -10.50 1.48 8.66
CA CYS A 22 -11.87 1.37 8.16
C CYS A 22 -12.84 2.10 9.08
N PRO A 23 -13.90 2.63 8.52
CA PRO A 23 -14.93 3.38 9.29
C PRO A 23 -15.82 2.46 10.13
N GLY A 24 -16.44 3.01 11.17
CA GLY A 24 -17.34 2.24 12.01
C GLY A 24 -16.69 0.97 12.53
N SER A 25 -17.38 -0.15 12.33
CA SER A 25 -16.88 -1.45 12.77
C SER A 25 -16.58 -2.34 11.57
N ASP A 26 -16.32 -1.71 10.43
CA ASP A 26 -16.01 -2.44 9.21
C ASP A 26 -14.57 -2.94 9.25
N VAL A 27 -14.22 -3.83 8.32
CA VAL A 27 -12.86 -4.35 8.27
C VAL A 27 -12.27 -4.17 6.87
N ILE A 28 -10.96 -3.97 6.81
CA ILE A 28 -10.27 -3.76 5.55
C ILE A 28 -10.15 -5.05 4.74
N MET A 29 -10.34 -4.93 3.43
CA MET A 29 -10.20 -6.07 2.54
C MET A 29 -9.33 -5.66 1.36
N VAL A 30 -8.07 -6.08 1.43
CA VAL A 30 -7.10 -5.76 0.39
C VAL A 30 -7.49 -6.38 -0.95
N GLU A 31 -7.63 -5.52 -1.96
CA GLU A 31 -7.99 -5.99 -3.30
C GLU A 31 -6.74 -6.02 -4.15
N ASN A 32 -6.02 -4.91 -4.16
CA ASN A 32 -4.81 -4.81 -4.95
C ASN A 32 -3.79 -3.93 -4.25
N ALA A 33 -2.53 -4.30 -4.40
CA ALA A 33 -1.46 -3.55 -3.77
C ALA A 33 -0.12 -3.97 -4.37
N ASN A 34 0.82 -3.04 -4.44
CA ASN A 34 2.13 -3.36 -4.98
C ASN A 34 3.22 -2.49 -4.36
N TYR A 35 4.44 -3.00 -4.41
CA TYR A 35 5.60 -2.30 -3.89
C TYR A 35 6.58 -2.08 -5.03
N GLY A 36 6.95 -0.83 -5.31
CA GLY A 36 7.85 -0.58 -6.43
C GLY A 36 7.74 0.86 -6.90
N ARG A 37 7.85 1.04 -8.21
CA ARG A 37 7.76 2.37 -8.80
C ARG A 37 7.20 2.32 -10.21
N THR A 38 6.04 2.92 -10.38
CA THR A 38 5.38 2.97 -11.68
C THR A 38 5.12 4.41 -12.07
N ASP A 39 5.59 5.32 -11.22
CA ASP A 39 5.42 6.74 -11.46
C ASP A 39 6.63 7.52 -10.95
N ASP A 40 6.88 8.67 -11.56
CA ASP A 40 8.00 9.51 -11.16
C ASP A 40 7.49 10.80 -10.52
N LYS A 41 6.18 10.94 -10.44
CA LYS A 41 5.58 12.14 -9.86
C LYS A 41 5.10 11.88 -8.44
N ILE A 42 5.30 10.67 -7.93
CA ILE A 42 4.86 10.34 -6.58
C ILE A 42 6.06 10.16 -5.66
N CYS A 43 5.94 10.68 -4.44
CA CYS A 43 7.03 10.56 -3.49
C CYS A 43 8.30 11.16 -4.07
N ASP A 44 8.31 12.47 -4.20
CA ASP A 44 9.46 13.18 -4.77
C ASP A 44 10.76 12.83 -4.04
N ALA A 45 11.71 12.29 -4.79
CA ALA A 45 13.02 11.92 -4.26
C ALA A 45 14.10 12.27 -5.29
N ASP A 46 15.31 11.71 -5.17
CA ASP A 46 16.36 12.03 -6.13
C ASP A 46 15.94 11.57 -7.52
N PRO A 47 16.30 12.32 -8.53
CA PRO A 47 15.95 11.99 -9.93
C PRO A 47 16.43 10.61 -10.38
N PHE A 48 17.62 10.21 -9.95
CA PHE A 48 18.16 8.91 -10.35
C PHE A 48 17.29 7.77 -9.80
N GLN A 49 16.66 8.00 -8.67
CA GLN A 49 15.81 6.98 -8.08
C GLN A 49 14.39 7.10 -8.63
N MET A 50 14.12 8.23 -9.30
CA MET A 50 12.79 8.46 -9.85
C MET A 50 12.74 8.24 -11.37
N GLU A 51 13.90 7.97 -11.98
CA GLU A 51 13.92 7.78 -13.44
C GLU A 51 13.15 6.54 -13.88
N ASN A 52 13.37 5.41 -13.21
CA ASN A 52 12.70 4.17 -13.60
C ASN A 52 11.26 4.12 -13.08
N VAL A 53 10.31 4.19 -14.02
CA VAL A 53 8.90 4.14 -13.66
C VAL A 53 8.31 2.77 -13.96
N GLN A 54 9.13 1.72 -13.85
CA GLN A 54 8.64 0.38 -14.14
C GLN A 54 9.23 -0.68 -13.20
N CYS A 55 8.57 -0.86 -12.06
CA CYS A 55 8.98 -1.87 -11.08
C CYS A 55 7.75 -2.38 -10.34
N TYR A 56 7.47 -3.68 -10.42
CA TYR A 56 6.30 -4.25 -9.76
C TYR A 56 6.68 -5.47 -8.92
N LEU A 57 5.97 -5.66 -7.81
CA LEU A 57 6.21 -6.80 -6.93
C LEU A 57 4.87 -7.37 -6.47
N PRO A 58 4.34 -8.34 -7.18
CA PRO A 58 3.03 -8.96 -6.84
C PRO A 58 2.91 -9.39 -5.38
N ASP A 59 3.95 -10.06 -4.88
CA ASP A 59 3.91 -10.54 -3.50
C ASP A 59 3.59 -9.42 -2.53
N ALA A 60 3.99 -8.19 -2.86
CA ALA A 60 3.71 -7.08 -1.98
C ALA A 60 2.22 -7.03 -1.64
N PHE A 61 1.38 -7.40 -2.60
CA PHE A 61 -0.06 -7.43 -2.38
C PHE A 61 -0.41 -8.49 -1.33
N LYS A 62 0.20 -9.66 -1.45
CA LYS A 62 -0.08 -10.74 -0.52
C LYS A 62 0.36 -10.36 0.89
N ILE A 63 1.52 -9.72 0.99
CA ILE A 63 2.04 -9.32 2.30
C ILE A 63 1.08 -8.35 3.00
N MET A 64 0.64 -7.32 2.27
CA MET A 64 -0.27 -6.34 2.84
C MET A 64 -1.61 -6.97 3.12
N SER A 65 -2.02 -7.88 2.25
CA SER A 65 -3.31 -8.54 2.40
C SER A 65 -3.39 -9.31 3.71
N GLN A 66 -2.34 -10.04 4.03
CA GLN A 66 -2.29 -10.81 5.27
C GLN A 66 -2.27 -9.88 6.48
N ARG A 67 -1.59 -8.76 6.31
CA ARG A 67 -1.42 -7.78 7.37
C ARG A 67 -2.66 -6.91 7.66
N CYS A 68 -3.44 -6.58 6.64
CA CYS A 68 -4.61 -5.72 6.87
C CYS A 68 -5.95 -6.44 6.66
N ASN A 69 -5.94 -7.62 6.05
CA ASN A 69 -7.20 -8.33 5.82
C ASN A 69 -7.92 -8.67 7.12
N ASN A 70 -9.23 -8.43 7.12
CA ASN A 70 -10.08 -8.72 8.27
C ASN A 70 -9.75 -7.84 9.48
N ARG A 71 -8.95 -6.79 9.28
CA ARG A 71 -8.61 -5.89 10.37
C ARG A 71 -9.17 -4.50 10.11
N THR A 72 -9.53 -3.80 11.18
CA THR A 72 -10.06 -2.46 11.05
C THR A 72 -8.95 -1.48 10.72
N GLN A 73 -7.75 -1.78 11.19
CA GLN A 73 -6.60 -0.92 10.92
C GLN A 73 -5.30 -1.73 10.93
N CYS A 74 -4.31 -1.24 10.20
CA CYS A 74 -3.02 -1.93 10.12
C CYS A 74 -1.90 -0.95 9.79
N VAL A 75 -0.75 -1.11 10.43
CA VAL A 75 0.39 -0.23 10.17
C VAL A 75 1.57 -1.05 9.68
N VAL A 76 2.10 -0.69 8.51
CA VAL A 76 3.22 -1.42 7.94
C VAL A 76 4.27 -0.50 7.32
N VAL A 77 5.51 -0.95 7.31
CA VAL A 77 6.58 -0.17 6.72
C VAL A 77 6.61 -0.42 5.23
N ALA A 78 6.36 0.63 4.47
CA ALA A 78 6.35 0.51 3.02
C ALA A 78 7.73 0.21 2.47
N GLY A 79 8.47 -0.66 3.15
CA GLY A 79 9.83 -1.00 2.69
C GLY A 79 10.54 -1.97 3.62
N SER A 80 11.77 -1.63 3.97
CA SER A 80 12.61 -2.45 4.83
C SER A 80 12.34 -3.94 4.65
N ASP A 81 12.55 -4.70 5.73
CA ASP A 81 12.36 -6.15 5.72
C ASP A 81 10.91 -6.53 5.48
N ALA A 82 10.02 -5.56 5.55
CA ALA A 82 8.60 -5.84 5.34
C ALA A 82 8.29 -5.95 3.85
N PHE A 83 9.23 -5.54 3.00
CA PHE A 83 9.04 -5.62 1.56
C PHE A 83 10.34 -6.00 0.85
N PRO A 84 10.34 -7.05 0.08
CA PRO A 84 11.55 -7.53 -0.66
C PRO A 84 12.30 -6.41 -1.38
N ASP A 85 13.11 -6.81 -2.37
CA ASP A 85 13.90 -5.87 -3.16
C ASP A 85 13.84 -6.24 -4.64
N PRO A 86 12.83 -5.76 -5.33
CA PRO A 86 12.64 -6.05 -6.78
C PRO A 86 13.52 -5.19 -7.68
N CYS A 87 13.76 -3.94 -7.26
CA CYS A 87 14.58 -3.03 -8.05
C CYS A 87 15.39 -2.12 -7.12
N PRO A 88 16.57 -2.54 -6.75
CA PRO A 88 17.46 -1.75 -5.85
C PRO A 88 18.00 -0.48 -6.50
N GLY A 89 18.03 0.61 -5.74
CA GLY A 89 18.55 1.89 -6.24
C GLY A 89 17.45 2.78 -6.79
N THR A 90 16.20 2.47 -6.46
CA THR A 90 15.07 3.28 -6.93
C THR A 90 14.20 3.64 -5.74
N TYR A 91 13.61 4.85 -5.74
CA TYR A 91 12.76 5.22 -4.63
C TYR A 91 11.34 4.78 -4.95
N LYS A 92 11.00 3.63 -4.40
CA LYS A 92 9.70 3.02 -4.64
C LYS A 92 8.57 3.72 -3.89
N TYR A 93 7.56 2.93 -3.64
CA TYR A 93 6.39 3.31 -2.89
C TYR A 93 5.50 2.12 -2.71
N LEU A 94 4.48 2.28 -1.90
CA LEU A 94 3.54 1.21 -1.67
C LEU A 94 2.15 1.75 -1.93
N GLU A 95 1.47 1.13 -2.88
CA GLU A 95 0.11 1.55 -3.24
C GLU A 95 -0.84 0.45 -2.86
N VAL A 96 -1.86 0.77 -2.07
CA VAL A 96 -2.80 -0.25 -1.65
C VAL A 96 -4.25 0.22 -1.75
N GLN A 97 -5.05 -0.55 -2.49
CA GLN A 97 -6.45 -0.24 -2.65
C GLN A 97 -7.29 -1.32 -1.98
N TYR A 98 -8.24 -0.89 -1.16
CA TYR A 98 -9.08 -1.85 -0.44
C TYR A 98 -10.43 -1.24 -0.10
N ASP A 99 -11.31 -2.08 0.44
CA ASP A 99 -12.63 -1.62 0.83
C ASP A 99 -12.93 -2.02 2.27
N CYS A 100 -13.91 -1.35 2.87
CA CYS A 100 -14.29 -1.64 4.24
C CYS A 100 -15.65 -2.33 4.29
N VAL A 101 -15.67 -3.56 4.79
CA VAL A 101 -16.91 -4.31 4.86
C VAL A 101 -17.20 -4.77 6.28
N PRO A 102 -18.43 -5.06 6.61
CA PRO A 102 -18.82 -5.51 7.99
C PRO A 102 -18.08 -6.78 8.44
N TYR A 103 -17.79 -6.84 9.74
CA TYR A 103 -17.11 -8.01 10.30
C TYR A 103 -18.07 -9.19 10.42
N LYS A 104 -19.35 -8.87 10.64
CA LYS A 104 -20.37 -9.91 10.78
C LYS A 104 -21.06 -10.16 9.45
N VAL A 105 -22.36 -10.44 9.50
CA VAL A 105 -23.13 -10.70 8.28
C VAL A 105 -24.57 -10.21 8.43
N GLU A 106 -24.99 -9.35 7.52
CA GLU A 106 -26.36 -8.83 7.54
C GLU A 106 -26.67 -8.21 8.90
N GLY A 1 -17.23 10.05 9.51
CA GLY A 1 -17.03 9.16 8.34
C GLY A 1 -17.09 10.00 7.06
N LEU A 2 -15.95 10.10 6.37
CA LEU A 2 -15.91 10.89 5.14
C LEU A 2 -15.32 10.10 3.97
N PRO A 3 -15.99 9.06 3.58
CA PRO A 3 -15.54 8.21 2.43
C PRO A 3 -15.55 9.00 1.12
N PHE A 4 -14.61 8.70 0.22
CA PHE A 4 -14.55 9.42 -1.05
C PHE A 4 -15.60 8.86 -2.01
N GLY A 5 -16.15 7.70 -1.67
CA GLY A 5 -17.18 7.07 -2.48
C GLY A 5 -16.62 6.31 -3.68
N LEU A 6 -15.36 5.87 -3.59
CA LEU A 6 -14.76 5.12 -4.70
C LEU A 6 -13.55 4.33 -4.22
N MET A 7 -13.80 3.20 -3.56
CA MET A 7 -12.71 2.36 -3.07
C MET A 7 -11.73 3.18 -2.24
N ARG A 8 -11.15 2.56 -1.23
CA ARG A 8 -10.18 3.26 -0.40
C ARG A 8 -8.78 3.08 -0.98
N ARG A 9 -7.95 4.10 -0.85
CA ARG A 9 -6.59 4.01 -1.37
C ARG A 9 -5.60 4.82 -0.54
N GLU A 10 -4.50 4.17 -0.22
CA GLU A 10 -3.43 4.80 0.55
C GLU A 10 -2.10 4.52 -0.12
N LEU A 11 -1.20 5.48 -0.05
CA LEU A 11 0.10 5.34 -0.66
C LEU A 11 1.17 5.95 0.24
N ALA A 12 2.34 5.32 0.33
CA ALA A 12 3.39 5.84 1.20
C ALA A 12 4.78 5.71 0.59
N CYS A 13 5.63 6.69 0.90
CA CYS A 13 7.00 6.69 0.40
C CYS A 13 7.79 5.54 1.02
N GLU A 14 8.47 4.77 0.17
CA GLU A 14 9.23 3.61 0.65
C GLU A 14 9.97 3.90 1.96
N GLY A 15 9.89 2.94 2.88
CA GLY A 15 10.59 3.03 4.15
C GLY A 15 9.81 3.74 5.24
N TYR A 16 8.59 4.20 4.97
CA TYR A 16 7.83 4.90 6.00
C TYR A 16 6.54 4.14 6.32
N PRO A 17 6.10 4.22 7.55
CA PRO A 17 4.85 3.54 7.99
C PRO A 17 3.60 4.05 7.29
N ILE A 18 2.75 3.09 6.92
CA ILE A 18 1.48 3.39 6.25
C ILE A 18 0.35 2.90 7.14
N GLU A 19 -0.75 3.62 7.18
CA GLU A 19 -1.86 3.20 8.05
C GLU A 19 -3.20 3.20 7.33
N LEU A 20 -3.88 2.06 7.40
CA LEU A 20 -5.19 1.91 6.80
C LEU A 20 -6.24 1.86 7.92
N ARG A 21 -7.41 2.42 7.68
CA ARG A 21 -8.45 2.40 8.70
C ARG A 21 -9.85 2.38 8.09
N CYS A 22 -10.65 1.41 8.51
CA CYS A 22 -12.03 1.28 8.03
C CYS A 22 -12.98 1.97 9.00
N PRO A 23 -13.98 2.63 8.49
CA PRO A 23 -14.97 3.34 9.35
C PRO A 23 -15.81 2.38 10.19
N GLY A 24 -16.39 2.89 11.28
CA GLY A 24 -17.25 2.07 12.15
C GLY A 24 -16.58 0.77 12.58
N SER A 25 -17.36 -0.31 12.50
CA SER A 25 -16.88 -1.63 12.88
C SER A 25 -16.57 -2.48 11.65
N ASP A 26 -16.33 -1.81 10.53
CA ASP A 26 -16.01 -2.51 9.30
C ASP A 26 -14.57 -3.01 9.34
N VAL A 27 -14.22 -3.90 8.41
CA VAL A 27 -12.87 -4.44 8.38
C VAL A 27 -12.24 -4.26 7.00
N ILE A 28 -10.94 -4.02 6.96
CA ILE A 28 -10.24 -3.81 5.70
C ILE A 28 -10.12 -5.10 4.89
N MET A 29 -10.36 -4.99 3.59
CA MET A 29 -10.25 -6.12 2.69
C MET A 29 -9.40 -5.71 1.49
N VAL A 30 -8.13 -6.09 1.55
CA VAL A 30 -7.19 -5.73 0.49
C VAL A 30 -7.62 -6.38 -0.82
N GLU A 31 -7.80 -5.55 -1.83
CA GLU A 31 -8.18 -6.05 -3.14
C GLU A 31 -6.92 -6.11 -4.00
N ASN A 32 -6.15 -5.04 -3.95
CA ASN A 32 -4.93 -4.96 -4.74
C ASN A 32 -3.90 -4.03 -4.09
N ALA A 33 -2.63 -4.37 -4.30
CA ALA A 33 -1.53 -3.58 -3.75
C ALA A 33 -0.22 -3.97 -4.44
N ASN A 34 0.73 -3.03 -4.49
CA ASN A 34 2.01 -3.30 -5.14
C ASN A 34 3.14 -2.50 -4.49
N TYR A 35 4.37 -3.02 -4.59
CA TYR A 35 5.54 -2.35 -4.03
C TYR A 35 6.58 -2.19 -5.13
N GLY A 36 7.05 -0.97 -5.36
CA GLY A 36 7.99 -0.73 -6.43
C GLY A 36 7.91 0.72 -6.88
N ARG A 37 7.95 0.92 -8.18
CA ARG A 37 7.86 2.26 -8.75
C ARG A 37 7.32 2.21 -10.17
N THR A 38 6.14 2.80 -10.36
CA THR A 38 5.52 2.83 -11.69
C THR A 38 5.32 4.27 -12.12
N ASP A 39 5.89 5.19 -11.36
CA ASP A 39 5.79 6.60 -11.66
C ASP A 39 7.09 7.30 -11.33
N ASP A 40 7.05 8.62 -11.31
CA ASP A 40 8.24 9.40 -10.99
C ASP A 40 7.81 10.73 -10.37
N LYS A 41 6.51 10.96 -10.35
CA LYS A 41 5.98 12.19 -9.76
C LYS A 41 5.52 11.94 -8.32
N ILE A 42 5.88 10.78 -7.78
CA ILE A 42 5.50 10.44 -6.41
C ILE A 42 6.74 10.32 -5.54
N CYS A 43 6.63 10.85 -4.32
CA CYS A 43 7.75 10.82 -3.38
C CYS A 43 8.99 11.47 -3.99
N ASP A 44 8.92 12.79 -4.16
CA ASP A 44 10.03 13.53 -4.74
C ASP A 44 11.35 13.19 -4.04
N ALA A 45 12.25 12.62 -4.81
CA ALA A 45 13.57 12.27 -4.32
C ALA A 45 14.56 12.54 -5.44
N ASP A 46 15.77 11.99 -5.34
CA ASP A 46 16.73 12.20 -6.40
C ASP A 46 16.15 11.63 -7.71
N PRO A 47 16.21 12.37 -8.79
CA PRO A 47 15.65 11.92 -10.10
C PRO A 47 16.22 10.60 -10.60
N PHE A 48 17.45 10.27 -10.20
CA PHE A 48 18.07 9.02 -10.63
C PHE A 48 17.28 7.85 -10.08
N GLN A 49 16.67 8.05 -8.93
CA GLN A 49 15.88 6.99 -8.30
C GLN A 49 14.44 7.04 -8.79
N MET A 50 14.12 8.06 -9.58
CA MET A 50 12.77 8.20 -10.11
C MET A 50 12.76 7.95 -11.62
N GLU A 51 13.94 7.69 -12.19
CA GLU A 51 14.06 7.45 -13.63
C GLU A 51 13.24 6.24 -14.08
N ASN A 52 13.42 5.10 -13.44
CA ASN A 52 12.70 3.89 -13.83
C ASN A 52 11.27 3.90 -13.29
N VAL A 53 10.28 4.12 -14.17
CA VAL A 53 8.89 4.14 -13.74
C VAL A 53 8.20 2.83 -14.08
N GLN A 54 8.98 1.76 -14.05
CA GLN A 54 8.48 0.43 -14.34
C GLN A 54 9.09 -0.57 -13.37
N CYS A 55 8.47 -0.72 -12.21
CA CYS A 55 8.96 -1.65 -11.20
C CYS A 55 7.77 -2.18 -10.39
N TYR A 56 7.50 -3.48 -10.49
CA TYR A 56 6.38 -4.08 -9.78
C TYR A 56 6.84 -5.23 -8.88
N LEU A 57 6.05 -5.52 -7.84
CA LEU A 57 6.35 -6.63 -6.93
C LEU A 57 5.02 -7.29 -6.53
N PRO A 58 4.53 -8.17 -7.36
CA PRO A 58 3.22 -8.87 -7.13
C PRO A 58 3.03 -9.39 -5.71
N ASP A 59 4.04 -10.04 -5.15
CA ASP A 59 3.92 -10.61 -3.81
C ASP A 59 3.53 -9.54 -2.78
N ALA A 60 3.87 -8.30 -3.05
CA ALA A 60 3.56 -7.22 -2.11
C ALA A 60 2.09 -7.23 -1.70
N PHE A 61 1.21 -7.59 -2.64
CA PHE A 61 -0.22 -7.64 -2.36
C PHE A 61 -0.58 -8.68 -1.30
N LYS A 62 0.07 -9.83 -1.37
CA LYS A 62 -0.21 -10.90 -0.41
C LYS A 62 0.25 -10.51 0.99
N ILE A 63 1.39 -9.84 1.07
CA ILE A 63 1.94 -9.42 2.35
C ILE A 63 0.99 -8.47 3.10
N MET A 64 0.55 -7.41 2.43
CA MET A 64 -0.34 -6.45 3.09
C MET A 64 -1.70 -7.07 3.32
N SER A 65 -2.11 -7.94 2.42
CA SER A 65 -3.39 -8.59 2.54
C SER A 65 -3.46 -9.37 3.84
N GLN A 66 -2.39 -10.08 4.16
CA GLN A 66 -2.33 -10.84 5.41
C GLN A 66 -2.33 -9.89 6.60
N ARG A 67 -1.65 -8.75 6.42
CA ARG A 67 -1.52 -7.76 7.47
C ARG A 67 -2.78 -6.90 7.67
N CYS A 68 -3.51 -6.60 6.61
CA CYS A 68 -4.69 -5.73 6.75
C CYS A 68 -6.03 -6.46 6.54
N ASN A 69 -6.02 -7.65 5.94
CA ASN A 69 -7.27 -8.37 5.70
C ASN A 69 -7.99 -8.69 7.01
N ASN A 70 -9.30 -8.41 7.03
CA ASN A 70 -10.13 -8.70 8.20
C ASN A 70 -9.78 -7.86 9.42
N ARG A 71 -8.98 -6.82 9.22
CA ARG A 71 -8.64 -5.95 10.34
C ARG A 71 -9.24 -4.57 10.13
N THR A 72 -9.60 -3.93 11.22
CA THR A 72 -10.18 -2.61 11.16
C THR A 72 -9.11 -1.60 10.76
N GLN A 73 -7.87 -1.87 11.18
CA GLN A 73 -6.75 -1.01 10.85
C GLN A 73 -5.43 -1.77 10.88
N CYS A 74 -4.45 -1.25 10.15
CA CYS A 74 -3.15 -1.90 10.10
C CYS A 74 -2.04 -0.88 9.80
N VAL A 75 -0.89 -1.07 10.43
CA VAL A 75 0.24 -0.18 10.23
C VAL A 75 1.45 -1.01 9.81
N VAL A 76 2.07 -0.65 8.69
CA VAL A 76 3.22 -1.40 8.20
C VAL A 76 4.26 -0.49 7.56
N VAL A 77 5.53 -0.85 7.71
CA VAL A 77 6.59 -0.05 7.11
C VAL A 77 6.66 -0.34 5.63
N ALA A 78 6.46 0.70 4.84
CA ALA A 78 6.48 0.57 3.39
C ALA A 78 7.88 0.33 2.85
N GLY A 79 8.65 -0.54 3.50
CA GLY A 79 10.00 -0.83 3.02
C GLY A 79 10.69 -1.88 3.89
N SER A 80 11.88 -1.54 4.37
CA SER A 80 12.66 -2.42 5.23
C SER A 80 12.38 -3.90 4.94
N ASP A 81 12.60 -4.74 5.95
CA ASP A 81 12.42 -6.18 5.83
C ASP A 81 10.95 -6.53 5.57
N ALA A 82 10.07 -5.56 5.72
CA ALA A 82 8.65 -5.82 5.52
C ALA A 82 8.31 -5.90 4.03
N PHE A 83 9.23 -5.46 3.18
CA PHE A 83 9.00 -5.53 1.74
C PHE A 83 10.30 -5.87 0.99
N PRO A 84 10.29 -6.90 0.16
CA PRO A 84 11.49 -7.31 -0.62
C PRO A 84 12.14 -6.14 -1.35
N ASP A 85 12.88 -6.45 -2.41
CA ASP A 85 13.55 -5.43 -3.20
C ASP A 85 13.43 -5.75 -4.69
N PRO A 86 12.44 -5.21 -5.36
CA PRO A 86 12.20 -5.47 -6.80
C PRO A 86 13.15 -4.70 -7.72
N CYS A 87 13.45 -3.46 -7.35
CA CYS A 87 14.34 -2.63 -8.15
C CYS A 87 15.27 -1.80 -7.27
N PRO A 88 16.32 -2.42 -6.76
CA PRO A 88 17.30 -1.73 -5.88
C PRO A 88 17.88 -0.49 -6.56
N GLY A 89 17.94 0.63 -5.84
CA GLY A 89 18.50 1.86 -6.39
C GLY A 89 17.42 2.87 -6.82
N THR A 90 16.16 2.44 -6.85
CA THR A 90 15.08 3.33 -7.24
C THR A 90 14.28 3.72 -6.00
N TYR A 91 13.73 4.93 -5.96
CA TYR A 91 12.95 5.32 -4.79
C TYR A 91 11.54 4.81 -4.97
N LYS A 92 11.29 3.67 -4.35
CA LYS A 92 10.00 3.00 -4.46
C LYS A 92 8.85 3.67 -3.70
N TYR A 93 7.77 2.92 -3.70
CA TYR A 93 6.55 3.27 -2.99
C TYR A 93 5.64 2.08 -2.86
N LEU A 94 4.62 2.21 -2.03
CA LEU A 94 3.68 1.14 -1.84
C LEU A 94 2.28 1.68 -2.01
N GLU A 95 1.56 1.09 -2.95
CA GLU A 95 0.21 1.51 -3.22
C GLU A 95 -0.77 0.39 -2.89
N VAL A 96 -1.82 0.74 -2.19
CA VAL A 96 -2.80 -0.25 -1.78
C VAL A 96 -4.21 0.24 -2.05
N GLN A 97 -5.10 -0.67 -2.43
CA GLN A 97 -6.49 -0.34 -2.68
C GLN A 97 -7.35 -1.37 -1.97
N TYR A 98 -8.33 -0.92 -1.20
CA TYR A 98 -9.16 -1.87 -0.47
C TYR A 98 -10.53 -1.28 -0.14
N ASP A 99 -11.41 -2.14 0.37
CA ASP A 99 -12.75 -1.72 0.75
C ASP A 99 -13.05 -2.09 2.19
N CYS A 100 -14.06 -1.45 2.77
CA CYS A 100 -14.46 -1.73 4.14
C CYS A 100 -15.78 -2.48 4.16
N VAL A 101 -15.80 -3.64 4.83
CA VAL A 101 -17.02 -4.45 4.91
C VAL A 101 -17.31 -4.85 6.36
N PRO A 102 -18.53 -5.18 6.69
CA PRO A 102 -18.91 -5.61 8.06
C PRO A 102 -18.14 -6.84 8.50
N TYR A 103 -17.87 -6.96 9.79
CA TYR A 103 -17.17 -8.11 10.32
C TYR A 103 -18.11 -9.30 10.35
N LYS A 104 -19.34 -9.07 9.88
CA LYS A 104 -20.37 -10.11 9.85
C LYS A 104 -20.43 -10.81 8.50
N VAL A 105 -20.50 -12.13 8.55
CA VAL A 105 -20.57 -12.94 7.34
C VAL A 105 -22.02 -13.15 6.92
N GLU A 106 -22.33 -12.82 5.66
CA GLU A 106 -23.69 -12.98 5.14
C GLU A 106 -24.68 -12.24 6.03
N GLY A 1 -21.41 4.39 2.43
CA GLY A 1 -20.60 5.50 3.02
C GLY A 1 -20.20 6.48 1.91
N LEU A 2 -19.53 5.96 0.89
CA LEU A 2 -19.09 6.79 -0.23
C LEU A 2 -18.06 7.83 0.22
N PRO A 3 -16.89 7.39 0.63
CA PRO A 3 -15.80 8.31 1.07
C PRO A 3 -15.28 9.16 -0.09
N PHE A 4 -14.19 8.71 -0.71
CA PHE A 4 -13.60 9.45 -1.84
C PHE A 4 -14.38 9.18 -3.12
N GLY A 5 -15.33 8.26 -3.06
CA GLY A 5 -16.13 7.92 -4.24
C GLY A 5 -15.38 6.95 -5.14
N LEU A 6 -14.36 6.29 -4.58
CA LEU A 6 -13.56 5.35 -5.34
C LEU A 6 -12.79 4.42 -4.40
N MET A 7 -13.52 3.61 -3.63
CA MET A 7 -12.87 2.69 -2.70
C MET A 7 -11.82 3.45 -1.90
N ARG A 8 -11.25 2.78 -0.91
CA ARG A 8 -10.22 3.40 -0.09
C ARG A 8 -8.85 3.11 -0.66
N ARG A 9 -7.95 4.08 -0.58
CA ARG A 9 -6.60 3.89 -1.10
C ARG A 9 -5.58 4.66 -0.27
N GLU A 10 -4.48 3.99 0.03
CA GLU A 10 -3.40 4.60 0.80
C GLU A 10 -2.08 4.34 0.11
N LEU A 11 -1.19 5.32 0.16
CA LEU A 11 0.11 5.19 -0.46
C LEU A 11 1.17 5.79 0.46
N ALA A 12 2.33 5.15 0.55
CA ALA A 12 3.38 5.67 1.42
C ALA A 12 4.75 5.52 0.78
N CYS A 13 5.60 6.52 1.01
CA CYS A 13 6.95 6.52 0.45
C CYS A 13 7.77 5.40 1.07
N GLU A 14 8.48 4.67 0.22
CA GLU A 14 9.29 3.55 0.67
C GLU A 14 10.08 3.86 1.94
N GLY A 15 10.03 2.92 2.88
CA GLY A 15 10.77 3.05 4.12
C GLY A 15 9.96 3.70 5.24
N TYR A 16 8.75 4.16 4.95
CA TYR A 16 7.93 4.80 5.98
C TYR A 16 6.65 4.01 6.21
N PRO A 17 6.14 4.06 7.41
CA PRO A 17 4.87 3.35 7.78
C PRO A 17 3.63 3.87 7.07
N ILE A 18 2.76 2.95 6.70
CA ILE A 18 1.50 3.29 6.05
C ILE A 18 0.36 2.84 6.96
N GLU A 19 -0.75 3.59 6.97
CA GLU A 19 -1.85 3.24 7.85
C GLU A 19 -3.17 3.14 7.10
N LEU A 20 -3.85 2.03 7.32
CA LEU A 20 -5.15 1.78 6.71
C LEU A 20 -6.21 1.78 7.81
N ARG A 21 -7.37 2.33 7.54
CA ARG A 21 -8.41 2.35 8.58
C ARG A 21 -9.81 2.30 7.97
N CYS A 22 -10.64 1.43 8.51
CA CYS A 22 -12.01 1.29 8.05
C CYS A 22 -12.96 1.99 9.01
N PRO A 23 -13.99 2.61 8.49
CA PRO A 23 -14.99 3.35 9.33
C PRO A 23 -15.89 2.41 10.13
N GLY A 24 -16.53 2.96 11.16
CA GLY A 24 -17.44 2.20 11.99
C GLY A 24 -16.80 0.90 12.50
N SER A 25 -17.49 -0.21 12.26
CA SER A 25 -16.99 -1.51 12.70
C SER A 25 -16.65 -2.37 11.48
N ASP A 26 -16.34 -1.73 10.37
CA ASP A 26 -15.99 -2.45 9.16
C ASP A 26 -14.56 -2.95 9.26
N VAL A 27 -14.19 -3.84 8.36
CA VAL A 27 -12.83 -4.37 8.35
C VAL A 27 -12.23 -4.23 6.95
N ILE A 28 -10.93 -3.96 6.93
CA ILE A 28 -10.22 -3.76 5.69
C ILE A 28 -10.07 -5.06 4.89
N MET A 29 -10.24 -4.96 3.58
CA MET A 29 -10.08 -6.11 2.70
C MET A 29 -9.22 -5.69 1.51
N VAL A 30 -7.96 -6.10 1.55
CA VAL A 30 -7.00 -5.75 0.51
C VAL A 30 -7.41 -6.38 -0.83
N GLU A 31 -7.52 -5.54 -1.86
CA GLU A 31 -7.89 -6.02 -3.18
C GLU A 31 -6.66 -6.07 -4.08
N ASN A 32 -5.92 -4.96 -4.13
CA ASN A 32 -4.73 -4.91 -4.96
C ASN A 32 -3.70 -3.98 -4.35
N ALA A 33 -2.43 -4.34 -4.52
CA ALA A 33 -1.35 -3.54 -3.98
C ALA A 33 -0.02 -3.97 -4.59
N ASN A 34 0.95 -3.05 -4.58
CA ASN A 34 2.27 -3.35 -5.13
C ASN A 34 3.36 -2.53 -4.47
N TYR A 35 4.58 -3.06 -4.51
CA TYR A 35 5.73 -2.37 -3.94
C TYR A 35 6.77 -2.20 -5.07
N GLY A 36 7.17 -0.96 -5.33
CA GLY A 36 8.11 -0.72 -6.43
C GLY A 36 7.99 0.72 -6.91
N ARG A 37 8.12 0.91 -8.23
CA ARG A 37 8.00 2.25 -8.80
C ARG A 37 7.49 2.20 -10.25
N THR A 38 6.34 2.83 -10.46
CA THR A 38 5.73 2.88 -11.79
C THR A 38 5.41 4.33 -12.14
N ASP A 39 5.84 5.24 -11.27
CA ASP A 39 5.61 6.66 -11.46
C ASP A 39 6.81 7.44 -10.94
N ASP A 40 7.06 8.61 -11.51
CA ASP A 40 8.19 9.42 -11.07
C ASP A 40 7.70 10.71 -10.40
N LYS A 41 6.38 10.82 -10.28
CA LYS A 41 5.78 12.01 -9.69
C LYS A 41 5.32 11.77 -8.26
N ILE A 42 5.67 10.62 -7.70
CA ILE A 42 5.26 10.29 -6.34
C ILE A 42 6.48 10.25 -5.40
N CYS A 43 6.31 10.84 -4.22
CA CYS A 43 7.41 10.88 -3.26
C CYS A 43 8.63 11.52 -3.91
N ASP A 44 8.56 12.83 -4.13
CA ASP A 44 9.65 13.55 -4.79
C ASP A 44 11.02 13.23 -4.17
N ALA A 45 11.80 12.43 -4.90
CA ALA A 45 13.13 12.06 -4.46
C ALA A 45 14.14 12.49 -5.51
N ASP A 46 15.37 12.00 -5.40
CA ASP A 46 16.38 12.33 -6.38
C ASP A 46 15.96 11.82 -7.76
N PRO A 47 16.21 12.56 -8.80
CA PRO A 47 15.82 12.16 -10.17
C PRO A 47 16.36 10.78 -10.55
N PHE A 48 17.55 10.46 -10.04
CA PHE A 48 18.18 9.18 -10.37
C PHE A 48 17.36 8.00 -9.85
N GLN A 49 16.82 8.12 -8.65
CA GLN A 49 16.03 7.05 -8.07
C GLN A 49 14.55 7.20 -8.46
N MET A 50 14.23 8.32 -9.10
CA MET A 50 12.85 8.58 -9.53
C MET A 50 12.72 8.42 -11.05
N GLU A 51 13.85 8.19 -11.72
CA GLU A 51 13.87 8.08 -13.18
C GLU A 51 13.13 6.86 -13.71
N ASN A 52 13.37 5.69 -13.12
CA ASN A 52 12.72 4.48 -13.60
C ASN A 52 11.27 4.37 -13.12
N VAL A 53 10.35 4.26 -14.08
CA VAL A 53 8.93 4.15 -13.77
C VAL A 53 8.40 2.76 -14.12
N GLN A 54 9.26 1.75 -13.99
CA GLN A 54 8.87 0.38 -14.31
C GLN A 54 9.43 -0.62 -13.30
N CYS A 55 8.71 -0.81 -12.20
CA CYS A 55 9.13 -1.77 -11.17
C CYS A 55 7.89 -2.31 -10.44
N TYR A 56 7.71 -3.63 -10.47
CA TYR A 56 6.54 -4.24 -9.82
C TYR A 56 6.94 -5.43 -8.95
N LEU A 57 6.08 -5.74 -7.97
CA LEU A 57 6.30 -6.87 -7.07
C LEU A 57 4.97 -7.45 -6.65
N PRO A 58 4.44 -8.37 -7.41
CA PRO A 58 3.11 -9.00 -7.11
C PRO A 58 2.98 -9.47 -5.67
N ASP A 59 4.00 -10.16 -5.16
CA ASP A 59 3.95 -10.69 -3.80
C ASP A 59 3.65 -9.60 -2.77
N ALA A 60 3.96 -8.35 -3.10
CA ALA A 60 3.71 -7.26 -2.18
C ALA A 60 2.24 -7.25 -1.74
N PHE A 61 1.35 -7.64 -2.66
CA PHE A 61 -0.08 -7.68 -2.38
C PHE A 61 -0.42 -8.71 -1.30
N LYS A 62 0.23 -9.87 -1.37
CA LYS A 62 -0.04 -10.92 -0.39
C LYS A 62 0.39 -10.48 1.01
N ILE A 63 1.53 -9.80 1.09
CA ILE A 63 2.05 -9.33 2.37
C ILE A 63 1.08 -8.36 3.06
N MET A 64 0.62 -7.36 2.31
CA MET A 64 -0.30 -6.39 2.86
C MET A 64 -1.65 -7.04 3.18
N SER A 65 -2.03 -8.00 2.35
CA SER A 65 -3.28 -8.70 2.53
C SER A 65 -3.35 -9.39 3.89
N GLN A 66 -2.27 -10.06 4.25
CA GLN A 66 -2.19 -10.76 5.53
C GLN A 66 -2.20 -9.77 6.69
N ARG A 67 -1.53 -8.64 6.47
CA ARG A 67 -1.39 -7.61 7.49
C ARG A 67 -2.66 -6.79 7.76
N CYS A 68 -3.46 -6.52 6.72
CA CYS A 68 -4.65 -5.69 6.92
C CYS A 68 -5.97 -6.44 6.73
N ASN A 69 -5.94 -7.64 6.17
CA ASN A 69 -7.18 -8.38 5.95
C ASN A 69 -7.90 -8.65 7.28
N ASN A 70 -9.21 -8.40 7.27
CA ASN A 70 -10.05 -8.63 8.44
C ASN A 70 -9.74 -7.71 9.62
N ARG A 71 -8.98 -6.65 9.36
CA ARG A 71 -8.66 -5.71 10.44
C ARG A 71 -9.30 -4.35 10.18
N THR A 72 -9.71 -3.69 11.25
CA THR A 72 -10.33 -2.38 11.14
C THR A 72 -9.27 -1.38 10.70
N GLN A 73 -8.04 -1.65 11.13
CA GLN A 73 -6.91 -0.81 10.79
C GLN A 73 -5.63 -1.64 10.71
N CYS A 74 -4.65 -1.16 9.96
CA CYS A 74 -3.39 -1.87 9.82
C CYS A 74 -2.25 -0.92 9.48
N VAL A 75 -1.15 -1.05 10.23
CA VAL A 75 0.02 -0.20 9.99
C VAL A 75 1.19 -1.06 9.51
N VAL A 76 1.85 -0.61 8.44
CA VAL A 76 2.97 -1.37 7.88
C VAL A 76 4.09 -0.48 7.35
N VAL A 77 5.32 -0.97 7.40
CA VAL A 77 6.44 -0.19 6.87
C VAL A 77 6.53 -0.42 5.37
N ALA A 78 6.36 0.65 4.62
CA ALA A 78 6.38 0.56 3.18
C ALA A 78 7.79 0.27 2.65
N GLY A 79 8.55 -0.55 3.37
CA GLY A 79 9.90 -0.86 2.90
C GLY A 79 10.62 -1.84 3.82
N SER A 80 11.82 -1.46 4.25
CA SER A 80 12.63 -2.31 5.12
C SER A 80 12.37 -3.79 4.85
N ASP A 81 12.58 -4.61 5.86
CA ASP A 81 12.38 -6.06 5.76
C ASP A 81 10.93 -6.39 5.48
N ALA A 82 10.06 -5.39 5.55
CA ALA A 82 8.64 -5.61 5.32
C ALA A 82 8.35 -5.78 3.82
N PHE A 83 9.32 -5.40 2.97
CA PHE A 83 9.13 -5.54 1.52
C PHE A 83 10.44 -5.98 0.85
N PRO A 84 10.41 -7.05 0.08
CA PRO A 84 11.62 -7.56 -0.64
C PRO A 84 12.33 -6.45 -1.42
N ASP A 85 13.06 -6.84 -2.48
CA ASP A 85 13.77 -5.85 -3.29
C ASP A 85 13.63 -6.18 -4.79
N PRO A 86 12.59 -5.68 -5.41
CA PRO A 86 12.31 -5.92 -6.86
C PRO A 86 13.03 -4.95 -7.81
N CYS A 87 13.45 -3.80 -7.29
CA CYS A 87 14.14 -2.81 -8.13
C CYS A 87 15.06 -1.94 -7.28
N PRO A 88 16.17 -2.48 -6.84
CA PRO A 88 17.14 -1.73 -5.99
C PRO A 88 17.75 -0.54 -6.74
N GLY A 89 17.81 0.60 -6.06
CA GLY A 89 18.38 1.80 -6.65
C GLY A 89 17.32 2.81 -7.07
N THR A 90 16.03 2.41 -7.08
CA THR A 90 14.98 3.34 -7.45
C THR A 90 14.13 3.63 -6.22
N TYR A 91 13.56 4.82 -6.13
CA TYR A 91 12.74 5.15 -4.97
C TYR A 91 11.35 4.58 -5.16
N LYS A 92 11.12 3.44 -4.55
CA LYS A 92 9.86 2.74 -4.67
C LYS A 92 8.71 3.45 -3.92
N TYR A 93 7.69 2.66 -3.68
CA TYR A 93 6.52 3.08 -2.92
C TYR A 93 5.57 1.92 -2.76
N LEU A 94 4.53 2.11 -1.95
CA LEU A 94 3.56 1.06 -1.74
C LEU A 94 2.16 1.63 -1.93
N GLU A 95 1.42 1.03 -2.84
CA GLU A 95 0.06 1.45 -3.11
C GLU A 95 -0.88 0.31 -2.77
N VAL A 96 -1.86 0.58 -1.92
CA VAL A 96 -2.80 -0.48 -1.54
C VAL A 96 -4.24 -0.04 -1.65
N GLN A 97 -5.04 -0.80 -2.41
CA GLN A 97 -6.45 -0.50 -2.57
C GLN A 97 -7.28 -1.54 -1.84
N TYR A 98 -8.23 -1.08 -1.05
CA TYR A 98 -9.07 -1.99 -0.28
C TYR A 98 -10.44 -1.41 -0.02
N ASP A 99 -11.32 -2.23 0.53
CA ASP A 99 -12.67 -1.79 0.81
C ASP A 99 -13.01 -2.09 2.27
N CYS A 100 -14.03 -1.42 2.80
CA CYS A 100 -14.42 -1.64 4.18
C CYS A 100 -15.79 -2.31 4.25
N VAL A 101 -15.83 -3.49 4.88
CA VAL A 101 -17.08 -4.20 5.02
C VAL A 101 -17.38 -4.44 6.50
N PRO A 102 -18.65 -4.49 6.88
CA PRO A 102 -19.03 -4.71 8.30
C PRO A 102 -18.39 -5.97 8.88
N TYR A 103 -18.03 -5.91 10.15
CA TYR A 103 -17.42 -7.06 10.82
C TYR A 103 -18.49 -8.03 11.29
N LYS A 104 -19.75 -7.59 11.27
CA LYS A 104 -20.85 -8.42 11.72
C LYS A 104 -21.57 -9.07 10.52
N VAL A 105 -21.87 -10.36 10.65
CA VAL A 105 -22.55 -11.09 9.58
C VAL A 105 -23.38 -12.23 10.17
N GLU A 106 -24.68 -12.22 9.94
CA GLU A 106 -25.54 -13.27 10.46
C GLU A 106 -25.28 -13.49 11.95
#